data_9NUZ
#
_entry.id   9NUZ
#
_cell.length_a   1.00
_cell.length_b   1.00
_cell.length_c   1.00
_cell.angle_alpha   90.00
_cell.angle_beta   90.00
_cell.angle_gamma   90.00
#
_symmetry.space_group_name_H-M   'P 1'
#
loop_
_entity.id
_entity.type
_entity.pdbx_description
1 polymer 'Vesicular-fusion protein SEC18'
2 non-polymer 'MAGNESIUM ION'
3 non-polymer "ADENOSINE-5'-DIPHOSPHATE"
4 non-polymer "ADENOSINE-5'-TRIPHOSPHATE"
5 water water
#
_entity_poly.entity_id   1
_entity_poly.type   'polypeptide(L)'
_entity_poly.pdbx_seq_one_letter_code
;GAHMFKIPGFGKAAANHTPPDMTNMDTRTRHLKVSNCPNNSYALANVAAVSPNDFPNNIYIIIDNLFVFTTRHSNDIPPG
TIGFNGNQRTWGGWSLNQDVQAKAFDLFKYSGKQSYLGSIDIDISFRARGKAVSTVFDQDELAKQFVRCYESQIFSPTQY
LIMEFQGHFFDLKIRNVQAIDLGDIEPTSAVATGIETKGILTKQTQINFFKGRDGLVNLKSSNSLRPRSNAVIRPDFKFE
DLGVGGLDKEFTKIFRRAFASRIFPPSVIEKLGISHVKGLLLYGPPGTGKTLIARKIGTMLNAKEPKIVNGPEILSKYVG
SSEENIRNLFKDAEAEYRAKGEESSLHIIIFDELDSVFKQRGSRGDGTGVGDNVVNQLLAKMDGVDQLNNILVIGMTNRK
DLIDSALLRPGRFEVQVEIHLPDEKGRLQIFDIQTKKMRENNMMSDDVNLAELAALTKNFSGAEIEGLVKSASSFAINKT
VNIGKGATKLNTKDIAKLKVTREDFLNALNDVTPAFGISEEDLKTCVEGGMMLYSERVNSILKNGARYVRQVRESDKSRL
VSLLIHGPAGSGKTALAAEIALKSGFPFIRLISPNELSGMSESAKIAYIDNTFRDAYKSPLNILVIDSLETLVDWVPIGP
RFSNNILQMLKVALKRKPPQDRRLLIMTTTSAYSVLQQMDILSCFDNEIAVPNMTNLDELNNVMIESNFLDDAGRVKVIN
ELSRSCPNFNVGIKKTLTNIETARHDEDPVNELVELMTQSA
;
_entity_poly.pdbx_strand_id   A,B,C,D,E,F,G
#
loop_
_chem_comp.id
_chem_comp.type
_chem_comp.name
_chem_comp.formula
ADP non-polymer ADENOSINE-5'-DIPHOSPHATE 'C10 H15 N5 O10 P2'
ATP non-polymer ADENOSINE-5'-TRIPHOSPHATE 'C10 H16 N5 O13 P3'
MG non-polymer 'MAGNESIUM ION' 'Mg 2'
#
# COMPACT_ATOMS: atom_id res chain seq x y z
N LEU A 242 6.83 -53.32 31.85
CA LEU A 242 5.54 -52.75 31.50
C LEU A 242 5.42 -52.78 29.97
N GLY A 243 6.35 -52.13 29.28
CA GLY A 243 6.25 -52.08 27.84
C GLY A 243 7.12 -51.05 27.14
N VAL A 244 7.67 -50.09 27.88
CA VAL A 244 8.47 -49.01 27.30
C VAL A 244 9.91 -49.20 27.77
N GLY A 245 10.84 -48.89 26.88
CA GLY A 245 12.25 -49.06 27.15
C GLY A 245 13.01 -47.77 26.91
N GLY A 246 14.18 -47.67 27.54
CA GLY A 246 14.89 -46.42 27.51
C GLY A 246 14.37 -45.47 28.58
N LEU A 247 13.36 -44.68 28.23
CA LEU A 247 12.71 -43.78 29.17
C LEU A 247 12.45 -44.51 30.49
N ASP A 248 13.33 -44.32 31.46
CA ASP A 248 13.21 -44.92 32.79
C ASP A 248 13.35 -43.91 33.91
N LYS A 249 14.42 -43.10 33.87
CA LYS A 249 14.60 -42.05 34.87
C LYS A 249 13.58 -40.94 34.69
N GLU A 250 12.93 -40.88 33.53
CA GLU A 250 11.96 -39.85 33.20
C GLU A 250 10.53 -40.32 33.47
N PHE A 251 10.38 -41.53 33.99
CA PHE A 251 9.09 -42.08 34.40
C PHE A 251 8.95 -42.09 35.91
N THR A 252 10.02 -42.41 36.64
CA THR A 252 10.00 -42.21 38.09
C THR A 252 9.58 -40.79 38.43
N LYS A 253 10.17 -39.81 37.73
CA LYS A 253 9.95 -38.42 38.09
C LYS A 253 8.54 -38.00 37.76
N ILE A 254 7.98 -38.52 36.67
CA ILE A 254 6.59 -38.22 36.35
C ILE A 254 5.67 -38.83 37.39
N PHE A 255 5.91 -40.10 37.73
CA PHE A 255 5.00 -40.79 38.65
C PHE A 255 5.04 -40.17 40.03
N ARG A 256 6.21 -39.69 40.45
CA ARG A 256 6.35 -39.08 41.77
C ARG A 256 5.47 -37.85 41.93
N ARG A 257 5.29 -37.08 40.87
CA ARG A 257 4.60 -35.79 40.97
C ARG A 257 3.16 -35.83 40.46
N ALA A 258 2.93 -36.38 39.27
CA ALA A 258 1.62 -36.22 38.64
C ALA A 258 0.59 -37.24 39.12
N PHE A 259 1.03 -38.41 39.62
CA PHE A 259 0.10 -39.51 39.89
C PHE A 259 0.17 -40.06 41.29
N ALA A 260 1.29 -39.92 42.02
CA ALA A 260 1.44 -40.62 43.28
C ALA A 260 0.34 -40.27 44.27
N SER A 261 -0.20 -39.05 44.20
CA SER A 261 -1.22 -38.63 45.15
C SER A 261 -2.56 -39.32 44.91
N ARG A 262 -2.83 -39.79 43.70
CA ARG A 262 -4.13 -40.39 43.40
C ARG A 262 -4.29 -41.77 44.03
N ILE A 263 -3.20 -42.42 44.43
CA ILE A 263 -3.29 -43.76 45.00
C ILE A 263 -3.91 -43.71 46.38
N PHE A 264 -3.51 -42.74 47.19
CA PHE A 264 -3.85 -42.73 48.61
C PHE A 264 -5.35 -42.54 48.81
N PRO A 265 -5.89 -42.98 49.96
CA PRO A 265 -7.28 -42.71 50.26
C PRO A 265 -7.53 -41.23 50.45
N PRO A 266 -8.70 -40.72 50.11
CA PRO A 266 -8.92 -39.26 50.17
C PRO A 266 -8.76 -38.69 51.57
N SER A 267 -8.98 -39.50 52.60
CA SER A 267 -8.88 -39.00 53.97
C SER A 267 -7.52 -38.39 54.24
N VAL A 268 -6.44 -39.12 53.93
CA VAL A 268 -5.11 -38.64 54.27
C VAL A 268 -4.76 -37.40 53.46
N ILE A 269 -5.17 -37.36 52.18
CA ILE A 269 -4.86 -36.19 51.37
C ILE A 269 -5.56 -34.96 51.93
N GLU A 270 -6.84 -35.11 52.30
CA GLU A 270 -7.52 -34.00 52.97
C GLU A 270 -6.84 -33.67 54.28
N LYS A 271 -6.27 -34.68 54.93
CA LYS A 271 -5.71 -34.58 56.27
C LYS A 271 -4.38 -33.83 56.28
N LEU A 272 -3.68 -33.80 55.15
CA LEU A 272 -2.48 -32.97 55.01
C LEU A 272 -2.82 -31.55 54.59
N GLY A 273 -3.80 -31.37 53.71
CA GLY A 273 -4.18 -30.05 53.24
C GLY A 273 -3.47 -29.61 51.98
N ILE A 274 -3.38 -30.50 50.99
CA ILE A 274 -2.77 -30.19 49.70
C ILE A 274 -3.78 -30.52 48.60
N SER A 275 -3.42 -30.18 47.37
CA SER A 275 -4.31 -30.31 46.23
C SER A 275 -3.58 -31.00 45.08
N HIS A 276 -4.35 -31.74 44.27
CA HIS A 276 -3.78 -32.50 43.18
C HIS A 276 -3.35 -31.59 42.03
N VAL A 277 -2.38 -32.05 41.26
CA VAL A 277 -1.86 -31.30 40.11
C VAL A 277 -2.71 -31.61 38.88
N LYS A 278 -3.00 -30.57 38.09
CA LYS A 278 -3.93 -30.66 36.97
C LYS A 278 -3.27 -30.43 35.61
N GLY A 279 -1.95 -30.34 35.53
CA GLY A 279 -1.29 -30.16 34.25
C GLY A 279 0.09 -30.75 34.16
N LEU A 280 0.42 -31.31 33.00
CA LEU A 280 1.73 -31.92 32.76
C LEU A 280 2.08 -31.75 31.29
N LEU A 281 3.30 -31.32 31.01
CA LEU A 281 3.75 -30.99 29.66
C LEU A 281 4.97 -31.83 29.31
N LEU A 282 4.91 -32.48 28.15
CA LEU A 282 6.01 -33.30 27.62
C LEU A 282 6.49 -32.70 26.32
N TYR A 283 7.81 -32.57 26.17
CA TYR A 283 8.36 -32.02 24.92
C TYR A 283 9.57 -32.81 24.44
N GLY A 284 9.67 -32.96 23.12
CA GLY A 284 10.74 -33.71 22.50
C GLY A 284 10.44 -34.01 21.05
N PRO A 285 11.43 -34.52 20.32
CA PRO A 285 11.26 -34.74 18.88
C PRO A 285 10.26 -35.85 18.59
N PRO A 286 9.71 -35.90 17.38
CA PRO A 286 8.59 -36.80 17.11
C PRO A 286 9.06 -38.24 16.90
N GLY A 287 8.11 -39.16 17.11
CA GLY A 287 8.40 -40.57 16.96
C GLY A 287 9.27 -41.15 18.06
N THR A 288 9.29 -40.53 19.23
CA THR A 288 10.20 -40.94 20.30
C THR A 288 9.52 -41.57 21.49
N GLY A 289 8.18 -41.56 21.57
CA GLY A 289 7.48 -42.37 22.55
C GLY A 289 6.65 -41.66 23.61
N LYS A 290 6.10 -40.48 23.28
CA LYS A 290 5.38 -39.69 24.28
C LYS A 290 3.97 -40.22 24.53
N THR A 291 3.18 -40.37 23.46
CA THR A 291 1.81 -40.87 23.63
C THR A 291 1.82 -42.28 24.22
N LEU A 292 2.88 -43.04 23.96
CA LEU A 292 2.96 -44.39 24.52
C LEU A 292 2.96 -44.33 26.04
N ILE A 293 3.83 -43.48 26.61
CA ILE A 293 3.91 -43.39 28.06
C ILE A 293 2.60 -42.84 28.60
N ALA A 294 2.00 -41.90 27.85
CA ALA A 294 0.70 -41.37 28.27
C ALA A 294 -0.30 -42.50 28.45
N ARG A 295 -0.40 -43.38 27.45
CA ARG A 295 -1.37 -44.47 27.54
C ARG A 295 -1.00 -45.45 28.63
N LYS A 296 0.29 -45.77 28.77
CA LYS A 296 0.66 -46.86 29.67
C LYS A 296 0.47 -46.47 31.13
N ILE A 297 0.68 -45.20 31.49
CA ILE A 297 0.49 -44.82 32.89
C ILE A 297 -0.98 -44.97 33.30
N GLY A 298 -1.90 -44.79 32.35
CA GLY A 298 -3.32 -44.91 32.68
C GLY A 298 -3.74 -46.30 33.10
N THR A 299 -3.13 -47.34 32.53
CA THR A 299 -3.61 -48.71 32.76
C THR A 299 -3.27 -49.22 34.16
N MET A 300 -2.25 -48.64 34.81
CA MET A 300 -2.01 -48.99 36.22
C MET A 300 -3.14 -48.47 37.11
N LEU A 301 -3.62 -47.24 36.86
CA LEU A 301 -4.64 -46.64 37.71
C LEU A 301 -6.05 -47.08 37.34
N ASN A 302 -6.22 -47.84 36.27
CA ASN A 302 -7.54 -48.31 35.84
C ASN A 302 -8.49 -47.14 35.59
N ALA A 303 -7.95 -46.05 35.05
CA ALA A 303 -8.78 -44.94 34.59
C ALA A 303 -9.47 -45.31 33.28
N LYS A 304 -10.41 -44.47 32.88
CA LYS A 304 -11.07 -44.64 31.59
C LYS A 304 -10.06 -44.41 30.46
N GLU A 305 -10.36 -44.99 29.31
CA GLU A 305 -9.47 -44.83 28.16
C GLU A 305 -9.30 -43.34 27.85
N PRO A 306 -8.07 -42.86 27.72
CA PRO A 306 -7.87 -41.42 27.49
C PRO A 306 -8.54 -40.94 26.21
N LYS A 307 -9.21 -39.79 26.31
CA LYS A 307 -9.69 -39.10 25.13
C LYS A 307 -8.53 -38.34 24.50
N ILE A 308 -8.59 -38.20 23.17
CA ILE A 308 -7.54 -37.51 22.43
C ILE A 308 -8.18 -36.42 21.57
N VAL A 309 -7.48 -35.30 21.44
CA VAL A 309 -7.90 -34.20 20.58
C VAL A 309 -6.67 -33.66 19.87
N ASN A 310 -6.83 -33.28 18.60
CA ASN A 310 -5.72 -32.84 17.77
C ASN A 310 -5.93 -31.37 17.42
N GLY A 311 -4.89 -30.56 17.61
CA GLY A 311 -5.03 -29.12 17.57
C GLY A 311 -5.58 -28.58 16.26
N PRO A 312 -4.82 -28.76 15.18
CA PRO A 312 -5.32 -28.29 13.86
C PRO A 312 -6.69 -28.86 13.49
N GLU A 313 -7.05 -30.06 13.96
CA GLU A 313 -8.41 -30.52 13.74
C GLU A 313 -9.42 -29.51 14.29
N ILE A 314 -9.25 -29.14 15.55
CA ILE A 314 -10.19 -28.20 16.17
C ILE A 314 -10.11 -26.84 15.51
N LEU A 315 -8.91 -26.44 15.07
CA LEU A 315 -8.75 -25.10 14.52
C LEU A 315 -9.30 -24.98 13.10
N SER A 316 -9.30 -26.07 12.33
CA SER A 316 -9.71 -25.97 10.93
C SER A 316 -11.22 -26.03 10.75
N LYS A 317 -11.96 -26.53 11.73
CA LYS A 317 -13.40 -26.57 11.65
C LYS A 317 -13.99 -25.15 11.63
N TYR A 318 -15.24 -25.05 11.21
CA TYR A 318 -15.91 -23.76 11.16
C TYR A 318 -15.98 -23.16 12.56
N VAL A 319 -16.16 -21.83 12.60
CA VAL A 319 -16.03 -21.08 13.85
C VAL A 319 -17.05 -21.55 14.88
N GLY A 320 -18.31 -21.68 14.48
CA GLY A 320 -19.36 -22.00 15.42
C GLY A 320 -19.16 -23.38 16.04
N SER A 321 -18.89 -24.37 15.18
CA SER A 321 -18.65 -25.71 15.70
C SER A 321 -17.39 -25.74 16.54
N SER A 322 -16.38 -24.93 16.18
CA SER A 322 -15.18 -24.88 17.00
C SER A 322 -15.49 -24.40 18.41
N GLU A 323 -16.33 -23.37 18.53
CA GLU A 323 -16.71 -22.88 19.86
C GLU A 323 -17.56 -23.89 20.60
N GLU A 324 -18.46 -24.58 19.90
CA GLU A 324 -19.35 -25.53 20.56
C GLU A 324 -18.63 -26.82 20.97
N ASN A 325 -17.64 -27.27 20.20
CA ASN A 325 -17.15 -28.64 20.32
C ASN A 325 -16.35 -28.84 21.60
N ILE A 326 -15.63 -27.82 22.08
CA ILE A 326 -14.82 -27.97 23.28
C ILE A 326 -15.69 -28.46 24.44
N ARG A 327 -16.90 -27.90 24.57
CA ARG A 327 -17.74 -28.22 25.71
C ARG A 327 -18.15 -29.70 25.72
N ASN A 328 -18.15 -30.36 24.56
CA ASN A 328 -18.52 -31.76 24.50
C ASN A 328 -17.42 -32.67 25.03
N LEU A 329 -16.18 -32.20 25.03
CA LEU A 329 -15.06 -33.04 25.41
C LEU A 329 -15.12 -33.44 26.87
N PHE A 330 -15.52 -32.52 27.75
CA PHE A 330 -15.56 -32.74 29.19
C PHE A 330 -16.87 -33.31 29.71
N LYS A 331 -17.85 -33.58 28.83
CA LYS A 331 -19.21 -33.89 29.27
C LYS A 331 -19.26 -35.05 30.26
N ASP A 332 -18.66 -36.19 29.90
CA ASP A 332 -18.70 -37.36 30.77
C ASP A 332 -18.09 -37.06 32.13
N ALA A 333 -16.99 -36.30 32.12
CA ALA A 333 -16.32 -35.98 33.37
C ALA A 333 -17.22 -35.14 34.25
N GLU A 334 -17.96 -34.19 33.65
CA GLU A 334 -18.89 -33.41 34.45
C GLU A 334 -19.95 -34.31 35.03
N ALA A 335 -20.43 -35.27 34.24
CA ALA A 335 -21.51 -36.13 34.70
C ALA A 335 -21.12 -36.87 35.97
N GLU A 336 -19.98 -37.58 35.91
CA GLU A 336 -19.64 -38.45 37.05
C GLU A 336 -19.40 -37.65 38.33
N TYR A 337 -19.01 -36.37 38.22
CA TYR A 337 -18.73 -35.58 39.42
C TYR A 337 -20.01 -35.35 40.21
N ARG A 338 -21.07 -34.88 39.54
CA ARG A 338 -22.38 -34.82 40.18
C ARG A 338 -22.79 -36.20 40.67
N ALA A 339 -22.48 -37.24 39.89
CA ALA A 339 -22.98 -38.57 40.23
C ALA A 339 -22.47 -39.02 41.59
N LYS A 340 -21.18 -38.86 41.84
CA LYS A 340 -20.55 -39.52 42.99
C LYS A 340 -19.70 -38.63 43.89
N GLY A 341 -19.32 -37.42 43.48
CA GLY A 341 -18.51 -36.55 44.31
C GLY A 341 -17.07 -36.98 44.38
N GLU A 342 -16.45 -36.80 45.55
CA GLU A 342 -15.00 -36.93 45.65
C GLU A 342 -14.51 -38.33 45.31
N GLU A 343 -15.38 -39.34 45.36
CA GLU A 343 -14.99 -40.73 45.19
C GLU A 343 -14.99 -41.17 43.74
N SER A 344 -15.06 -40.23 42.80
CA SER A 344 -15.08 -40.58 41.38
C SER A 344 -13.72 -41.12 40.93
N SER A 345 -13.71 -41.73 39.75
CA SER A 345 -12.48 -42.21 39.13
C SER A 345 -11.82 -41.08 38.34
N LEU A 346 -10.59 -41.34 37.89
CA LEU A 346 -9.79 -40.32 37.23
C LEU A 346 -10.11 -40.29 35.74
N HIS A 347 -10.14 -39.09 35.17
CA HIS A 347 -10.42 -38.88 33.76
C HIS A 347 -9.24 -38.14 33.14
N ILE A 348 -8.71 -38.64 32.03
CA ILE A 348 -7.45 -38.17 31.49
C ILE A 348 -7.65 -37.76 30.04
N ILE A 349 -7.21 -36.54 29.70
CA ILE A 349 -7.45 -35.93 28.40
C ILE A 349 -6.10 -35.56 27.81
N ILE A 350 -5.88 -35.93 26.55
CA ILE A 350 -4.61 -35.70 25.87
C ILE A 350 -4.81 -34.65 24.79
N PHE A 351 -3.86 -33.73 24.70
CA PHE A 351 -3.92 -32.59 23.78
C PHE A 351 -2.64 -32.58 22.96
N ASP A 352 -2.77 -32.66 21.64
CA ASP A 352 -1.63 -32.86 20.77
C ASP A 352 -1.41 -31.64 19.90
N GLU A 353 -0.16 -31.43 19.51
CA GLU A 353 0.23 -30.29 18.67
C GLU A 353 -0.26 -28.98 19.27
N LEU A 354 0.04 -28.78 20.56
CA LEU A 354 -0.50 -27.63 21.28
C LEU A 354 -0.05 -26.33 20.64
N ASP A 355 1.24 -26.25 20.29
CA ASP A 355 1.82 -24.98 19.86
C ASP A 355 1.06 -24.39 18.67
N SER A 356 0.37 -25.22 17.89
CA SER A 356 -0.32 -24.71 16.71
C SER A 356 -1.27 -23.59 17.07
N VAL A 357 -1.89 -23.65 18.25
CA VAL A 357 -2.88 -22.63 18.61
C VAL A 357 -2.21 -21.27 18.76
N PHE A 358 -0.98 -21.24 19.28
CA PHE A 358 -0.29 -19.98 19.50
C PHE A 358 0.42 -19.46 18.25
N LYS A 359 0.63 -20.31 17.24
CA LYS A 359 1.42 -19.95 16.06
C LYS A 359 0.58 -19.12 15.08
N GLN A 360 0.24 -17.90 15.52
CA GLN A 360 -0.47 -16.96 14.65
C GLN A 360 -0.35 -15.55 15.21
N GLY A 371 -8.24 -19.13 17.71
CA GLY A 371 -7.11 -19.49 18.55
C GLY A 371 -7.33 -19.16 20.02
N ASP A 372 -7.84 -17.96 20.28
CA ASP A 372 -7.97 -17.49 21.66
C ASP A 372 -9.12 -18.19 22.38
N ASN A 373 -10.19 -18.53 21.66
CA ASN A 373 -11.39 -19.05 22.30
C ASN A 373 -11.11 -20.39 22.98
N VAL A 374 -10.41 -21.28 22.28
CA VAL A 374 -10.14 -22.61 22.84
C VAL A 374 -9.26 -22.47 24.08
N VAL A 375 -8.24 -21.63 24.02
CA VAL A 375 -7.32 -21.49 25.14
C VAL A 375 -8.07 -20.96 26.37
N ASN A 376 -8.89 -19.93 26.17
CA ASN A 376 -9.60 -19.33 27.29
C ASN A 376 -10.57 -20.33 27.91
N GLN A 377 -11.38 -20.98 27.07
CA GLN A 377 -12.31 -21.97 27.58
C GLN A 377 -11.58 -23.10 28.30
N LEU A 378 -10.38 -23.44 27.83
CA LEU A 378 -9.65 -24.55 28.44
C LEU A 378 -9.15 -24.19 29.82
N LEU A 379 -8.56 -23.00 29.97
CA LEU A 379 -8.09 -22.59 31.29
C LEU A 379 -9.24 -22.39 32.27
N ALA A 380 -10.40 -21.96 31.78
CA ALA A 380 -11.54 -21.78 32.67
C ALA A 380 -11.88 -23.06 33.42
N LYS A 381 -11.74 -24.21 32.76
CA LYS A 381 -12.22 -25.47 33.32
C LYS A 381 -11.32 -26.07 34.38
N MET A 382 -10.06 -25.60 34.50
CA MET A 382 -9.16 -26.13 35.51
C MET A 382 -8.64 -25.08 36.48
N ASP A 383 -8.93 -23.79 36.27
CA ASP A 383 -8.42 -22.78 37.19
C ASP A 383 -9.49 -21.95 37.88
N GLY A 384 -10.66 -21.76 37.26
CA GLY A 384 -11.60 -20.73 37.66
C GLY A 384 -12.55 -21.17 38.75
N VAL A 385 -13.71 -20.48 38.79
CA VAL A 385 -14.74 -20.79 39.77
C VAL A 385 -15.54 -22.02 39.38
N ASP A 386 -15.50 -22.43 38.11
CA ASP A 386 -16.14 -23.66 37.65
C ASP A 386 -15.17 -24.84 37.70
N GLN A 387 -14.20 -24.79 38.61
CA GLN A 387 -13.14 -25.79 38.67
C GLN A 387 -13.72 -27.19 38.80
N LEU A 388 -13.18 -28.11 38.03
CA LEU A 388 -13.60 -29.51 37.99
C LEU A 388 -12.43 -30.37 38.45
N ASN A 389 -12.69 -31.28 39.40
CA ASN A 389 -11.63 -31.89 40.20
C ASN A 389 -11.34 -33.34 39.83
N ASN A 390 -11.84 -33.83 38.70
CA ASN A 390 -11.61 -35.21 38.27
C ASN A 390 -10.64 -35.35 37.11
N ILE A 391 -10.20 -34.25 36.50
CA ILE A 391 -9.51 -34.33 35.22
C ILE A 391 -8.01 -34.11 35.37
N LEU A 392 -7.28 -34.58 34.37
CA LEU A 392 -5.85 -34.34 34.20
C LEU A 392 -5.63 -34.08 32.73
N VAL A 393 -4.86 -33.05 32.39
CA VAL A 393 -4.63 -32.65 31.02
C VAL A 393 -3.16 -32.83 30.70
N ILE A 394 -2.87 -33.49 29.58
CA ILE A 394 -1.51 -33.68 29.09
C ILE A 394 -1.36 -32.88 27.81
N GLY A 395 -0.30 -32.08 27.72
CA GLY A 395 0.01 -31.33 26.52
C GLY A 395 1.28 -31.87 25.89
N MET A 396 1.34 -31.81 24.55
CA MET A 396 2.42 -32.44 23.80
C MET A 396 2.86 -31.50 22.69
N THR A 397 4.15 -31.16 22.66
CA THR A 397 4.64 -30.14 21.74
C THR A 397 6.08 -30.42 21.38
N ASN A 398 6.47 -30.01 20.18
CA ASN A 398 7.82 -30.19 19.68
C ASN A 398 8.66 -28.93 19.81
N ARG A 399 8.06 -27.81 20.20
CA ARG A 399 8.76 -26.53 20.33
C ARG A 399 8.22 -25.82 21.56
N LYS A 400 9.00 -25.79 22.63
CA LYS A 400 8.57 -25.15 23.87
C LYS A 400 8.67 -23.63 23.81
N ASP A 401 9.58 -23.10 22.99
CA ASP A 401 9.84 -21.67 22.97
C ASP A 401 8.64 -20.84 22.53
N LEU A 402 7.65 -21.45 21.88
CA LEU A 402 6.49 -20.72 21.39
C LEU A 402 5.37 -20.60 22.41
N ILE A 403 5.26 -21.54 23.35
CA ILE A 403 4.16 -21.50 24.31
C ILE A 403 4.33 -20.29 25.23
N ASP A 404 3.23 -19.58 25.45
CA ASP A 404 3.29 -18.33 26.20
C ASP A 404 3.55 -18.62 27.69
N SER A 405 4.23 -17.68 28.35
CA SER A 405 4.62 -17.85 29.75
C SER A 405 3.43 -17.84 30.71
N ALA A 406 2.28 -17.37 30.25
CA ALA A 406 1.12 -17.31 31.14
C ALA A 406 0.67 -18.70 31.52
N LEU A 407 0.90 -19.67 30.64
CA LEU A 407 0.36 -20.99 30.88
C LEU A 407 1.22 -21.72 31.89
N LEU A 408 2.51 -21.34 32.02
CA LEU A 408 3.40 -22.16 32.82
C LEU A 408 3.33 -21.89 34.31
N ARG A 409 2.69 -20.81 34.75
CA ARG A 409 2.72 -20.43 36.15
C ARG A 409 1.92 -21.43 37.00
N PRO A 410 2.15 -21.45 38.32
CA PRO A 410 1.53 -22.47 39.16
C PRO A 410 0.01 -22.45 39.07
N GLY A 411 -0.58 -23.63 39.21
CA GLY A 411 -2.00 -23.82 38.95
C GLY A 411 -2.34 -24.17 37.52
N ARG A 412 -1.39 -23.99 36.58
CA ARG A 412 -1.58 -24.36 35.19
C ARG A 412 -0.30 -25.02 34.71
N PHE A 413 -0.39 -26.26 34.23
CA PHE A 413 0.78 -26.94 33.68
C PHE A 413 2.01 -26.73 34.57
N GLU A 414 1.98 -27.27 35.78
CA GLU A 414 3.05 -27.00 36.73
C GLU A 414 4.31 -27.81 36.42
N VAL A 415 4.18 -28.99 35.81
CA VAL A 415 5.28 -29.94 35.69
C VAL A 415 5.60 -30.13 34.21
N GLN A 416 6.88 -30.07 33.88
CA GLN A 416 7.39 -30.11 32.51
C GLN A 416 8.50 -31.16 32.42
N VAL A 417 8.47 -31.97 31.36
CA VAL A 417 9.45 -33.03 31.20
C VAL A 417 9.89 -33.11 29.74
N GLU A 418 11.13 -33.58 29.54
CA GLU A 418 11.76 -33.66 28.23
C GLU A 418 12.12 -35.10 27.90
N ILE A 419 11.90 -35.47 26.64
CA ILE A 419 12.20 -36.80 26.13
C ILE A 419 13.35 -36.70 25.14
N HIS A 420 14.27 -37.65 25.21
CA HIS A 420 15.50 -37.62 24.42
C HIS A 420 15.52 -38.80 23.44
N LEU A 421 16.35 -38.67 22.41
CA LEU A 421 16.64 -39.81 21.56
C LEU A 421 17.43 -40.84 22.35
N PRO A 422 17.17 -42.13 22.14
CA PRO A 422 17.83 -43.15 22.96
C PRO A 422 19.32 -43.28 22.66
N ASP A 423 20.04 -43.77 23.67
CA ASP A 423 21.43 -44.13 23.55
C ASP A 423 21.49 -45.63 23.31
N GLU A 424 22.70 -46.20 23.32
CA GLU A 424 22.93 -47.55 22.82
C GLU A 424 22.12 -48.59 23.61
N LYS A 425 22.19 -48.50 24.95
CA LYS A 425 21.44 -49.44 25.77
C LYS A 425 19.93 -49.35 25.52
N GLY A 426 19.43 -48.14 25.30
CA GLY A 426 18.01 -47.99 25.01
C GLY A 426 17.61 -48.76 23.77
N ARG A 427 18.45 -48.70 22.72
CA ARG A 427 18.12 -49.42 21.49
C ARG A 427 18.16 -50.91 21.74
N LEU A 428 19.11 -51.36 22.57
CA LEU A 428 19.14 -52.78 22.88
C LEU A 428 17.85 -53.23 23.55
N GLN A 429 17.24 -52.35 24.36
CA GLN A 429 15.99 -52.72 25.02
C GLN A 429 14.80 -52.70 24.06
N ILE A 430 14.76 -51.67 23.21
CA ILE A 430 13.64 -51.53 22.27
C ILE A 430 13.58 -52.73 21.32
N PHE A 431 14.74 -53.26 20.92
CA PHE A 431 14.70 -54.43 20.05
C PHE A 431 14.00 -55.62 20.70
N ASP A 432 14.28 -55.87 21.98
CA ASP A 432 13.61 -56.95 22.68
C ASP A 432 12.10 -56.73 22.72
N ILE A 433 11.70 -55.50 23.05
CA ILE A 433 10.26 -55.25 23.16
C ILE A 433 9.59 -55.50 21.82
N GLN A 434 10.26 -55.15 20.72
CA GLN A 434 9.61 -55.30 19.42
C GLN A 434 9.63 -56.76 18.91
N THR A 435 10.68 -57.54 19.20
CA THR A 435 10.81 -58.89 18.65
C THR A 435 10.32 -60.00 19.58
N LYS A 436 9.74 -59.65 20.73
CA LYS A 436 9.28 -60.67 21.68
C LYS A 436 8.41 -61.74 21.03
N LYS A 437 7.39 -61.34 20.25
CA LYS A 437 6.41 -62.32 19.78
C LYS A 437 6.99 -63.25 18.74
N MET A 438 7.93 -62.78 17.90
CA MET A 438 8.63 -63.72 17.04
C MET A 438 9.42 -64.71 17.88
N ARG A 439 10.13 -64.21 18.89
CA ARG A 439 11.01 -65.10 19.65
C ARG A 439 10.21 -66.17 20.37
N GLU A 440 9.00 -65.85 20.83
CA GLU A 440 8.24 -66.79 21.64
C GLU A 440 7.47 -67.83 20.82
N ASN A 441 7.48 -67.73 19.49
CA ASN A 441 6.80 -68.71 18.64
C ASN A 441 7.76 -69.45 17.72
N ASN A 442 9.06 -69.39 17.98
CA ASN A 442 10.06 -70.15 17.24
C ASN A 442 10.06 -69.78 15.76
N MET A 443 9.95 -68.49 15.47
CA MET A 443 9.97 -67.97 14.11
C MET A 443 11.18 -67.09 13.83
N MET A 444 12.23 -67.20 14.65
CA MET A 444 13.40 -66.37 14.46
C MET A 444 14.65 -67.22 14.60
N SER A 445 15.63 -66.97 13.72
CA SER A 445 16.75 -67.87 13.56
C SER A 445 17.73 -67.71 14.73
N ASP A 446 18.75 -68.57 14.74
CA ASP A 446 19.73 -68.60 15.81
C ASP A 446 20.99 -67.78 15.52
N ASP A 447 21.08 -67.19 14.33
CA ASP A 447 22.25 -66.38 13.99
C ASP A 447 22.05 -64.89 14.25
N VAL A 448 20.83 -64.47 14.55
CA VAL A 448 20.55 -63.05 14.79
C VAL A 448 21.07 -62.67 16.18
N ASN A 449 22.03 -61.76 16.22
CA ASN A 449 22.58 -61.23 17.47
C ASN A 449 22.20 -59.77 17.58
N LEU A 450 21.40 -59.44 18.60
CA LEU A 450 20.82 -58.11 18.72
C LEU A 450 21.80 -57.03 19.17
N ALA A 451 22.90 -57.39 19.83
CA ALA A 451 23.90 -56.40 20.22
C ALA A 451 24.52 -55.74 19.00
N GLU A 452 24.63 -56.50 17.91
CA GLU A 452 25.23 -55.94 16.70
C GLU A 452 24.25 -54.98 16.07
N LEU A 453 22.98 -55.38 15.97
CA LEU A 453 22.00 -54.46 15.44
C LEU A 453 21.98 -53.19 16.28
N ALA A 454 22.10 -53.35 17.60
CA ALA A 454 22.11 -52.17 18.47
C ALA A 454 23.26 -51.26 18.10
N ALA A 455 24.40 -51.84 17.69
CA ALA A 455 25.55 -51.01 17.37
C ALA A 455 25.52 -50.43 15.97
N LEU A 456 24.79 -51.04 15.03
CA LEU A 456 24.69 -50.49 13.68
C LEU A 456 23.76 -49.27 13.61
N THR A 457 22.60 -49.34 14.24
CA THR A 457 21.59 -48.28 14.13
C THR A 457 21.93 -47.14 15.08
N LYS A 458 22.45 -46.04 14.54
CA LYS A 458 23.21 -45.10 15.37
C LYS A 458 22.34 -43.95 15.89
N ASN A 459 21.54 -43.32 15.03
CA ASN A 459 20.63 -42.26 15.48
C ASN A 459 19.17 -42.61 15.21
N PHE A 460 18.81 -43.88 15.33
CA PHE A 460 17.42 -44.28 15.11
C PHE A 460 16.57 -43.88 16.31
N SER A 461 15.34 -43.46 16.05
CA SER A 461 14.33 -43.38 17.09
C SER A 461 13.56 -44.71 17.11
N GLY A 462 12.52 -44.78 17.96
CA GLY A 462 11.79 -46.03 18.12
C GLY A 462 11.01 -46.44 16.87
N ALA A 463 10.36 -45.48 16.23
CA ALA A 463 9.50 -45.79 15.09
C ALA A 463 10.31 -46.41 13.94
N GLU A 464 11.54 -45.94 13.74
CA GLU A 464 12.37 -46.52 12.70
C GLU A 464 12.74 -47.97 13.02
N ILE A 465 13.00 -48.28 14.29
CA ILE A 465 13.29 -49.67 14.65
C ILE A 465 12.09 -50.57 14.38
N GLU A 466 10.88 -50.09 14.70
CA GLU A 466 9.69 -50.88 14.37
C GLU A 466 9.56 -51.10 12.86
N GLY A 467 9.78 -50.04 12.08
CA GLY A 467 9.72 -50.21 10.63
C GLY A 467 10.77 -51.17 10.11
N LEU A 468 11.94 -51.18 10.73
CA LEU A 468 13.02 -52.07 10.31
C LEU A 468 12.60 -53.52 10.49
N VAL A 469 11.98 -53.82 11.62
CA VAL A 469 11.49 -55.18 11.84
C VAL A 469 10.45 -55.56 10.80
N LYS A 470 9.54 -54.63 10.48
CA LYS A 470 8.51 -54.95 9.49
C LYS A 470 9.10 -55.24 8.11
N SER A 471 10.12 -54.46 7.70
CA SER A 471 10.74 -54.68 6.40
C SER A 471 11.46 -56.02 6.35
N ALA A 472 12.17 -56.36 7.43
CA ALA A 472 12.82 -57.67 7.44
C ALA A 472 11.80 -58.78 7.31
N SER A 473 10.66 -58.67 8.00
CA SER A 473 9.62 -59.69 7.84
C SER A 473 9.13 -59.76 6.39
N SER A 474 9.08 -58.61 5.71
CA SER A 474 8.59 -58.58 4.33
C SER A 474 9.47 -59.44 3.43
N PHE A 475 10.80 -59.33 3.58
CA PHE A 475 11.68 -60.19 2.80
C PHE A 475 11.36 -61.67 3.01
N ALA A 476 11.28 -62.11 4.26
CA ALA A 476 11.08 -63.54 4.52
C ALA A 476 9.78 -64.03 3.91
N ILE A 477 8.72 -63.22 3.97
CA ILE A 477 7.45 -63.66 3.42
C ILE A 477 7.50 -63.74 1.90
N ASN A 478 8.05 -62.72 1.25
CA ASN A 478 8.03 -62.71 -0.23
C ASN A 478 8.81 -63.88 -0.82
N LYS A 479 9.81 -64.41 -0.12
CA LYS A 479 10.66 -65.45 -0.68
C LYS A 479 9.92 -66.74 -1.01
N THR A 480 8.67 -66.89 -0.55
CA THR A 480 7.89 -68.11 -0.80
C THR A 480 6.74 -67.89 -1.77
N VAL A 481 6.09 -66.72 -1.72
CA VAL A 481 4.87 -66.52 -2.49
C VAL A 481 5.15 -66.70 -3.98
N ASN A 482 4.15 -67.22 -4.70
CA ASN A 482 4.23 -67.39 -6.15
C ASN A 482 5.48 -68.16 -6.55
N ASN A 491 -0.53 -69.07 0.61
CA ASN A 491 -0.69 -69.23 -0.83
C ASN A 491 0.06 -70.46 -1.35
N THR A 492 0.85 -71.07 -0.48
CA THR A 492 1.61 -72.25 -0.86
C THR A 492 1.87 -73.08 0.39
N LYS A 493 0.90 -73.93 0.75
CA LYS A 493 1.03 -74.82 1.91
C LYS A 493 2.51 -75.16 2.08
N ASP A 494 3.13 -74.61 3.12
CA ASP A 494 4.56 -74.73 3.35
C ASP A 494 5.03 -73.62 4.28
N ILE A 495 4.13 -72.70 4.64
CA ILE A 495 4.42 -71.69 5.66
C ILE A 495 4.58 -72.36 7.01
N ALA A 496 5.54 -73.27 7.11
CA ALA A 496 5.86 -74.04 8.30
C ALA A 496 7.26 -73.75 8.79
N LYS A 497 8.21 -73.61 7.87
CA LYS A 497 9.59 -73.27 8.18
C LYS A 497 9.87 -71.82 7.82
N LEU A 498 8.92 -70.94 8.11
CA LEU A 498 9.17 -69.51 7.94
C LEU A 498 10.14 -69.11 9.05
N LYS A 499 11.29 -68.58 8.67
CA LYS A 499 12.29 -68.21 9.67
C LYS A 499 13.07 -67.00 9.18
N VAL A 500 13.01 -65.91 9.94
CA VAL A 500 13.80 -64.72 9.59
C VAL A 500 15.27 -64.99 9.87
N THR A 501 16.13 -64.22 9.20
CA THR A 501 17.55 -64.52 9.17
C THR A 501 18.32 -63.21 9.12
N ARG A 502 19.61 -63.30 9.47
CA ARG A 502 20.46 -62.11 9.58
C ARG A 502 20.52 -61.34 8.26
N GLU A 503 20.65 -62.07 7.15
CA GLU A 503 20.73 -61.44 5.85
C GLU A 503 19.56 -60.50 5.61
N ASP A 504 18.37 -60.86 6.08
CA ASP A 504 17.21 -60.00 5.88
C ASP A 504 17.37 -58.66 6.57
N PHE A 505 17.85 -58.66 7.83
CA PHE A 505 18.10 -57.41 8.53
C PHE A 505 19.14 -56.57 7.81
N LEU A 506 20.23 -57.21 7.38
CA LEU A 506 21.26 -56.44 6.70
C LEU A 506 20.71 -55.82 5.43
N ASN A 507 19.83 -56.54 4.74
CA ASN A 507 19.24 -55.96 3.53
C ASN A 507 18.23 -54.87 3.90
N ALA A 508 17.56 -55.01 5.05
CA ALA A 508 16.57 -54.02 5.47
C ALA A 508 17.21 -52.68 5.76
N LEU A 509 18.47 -52.69 6.21
CA LEU A 509 19.15 -51.41 6.47
C LEU A 509 19.21 -50.50 5.25
N ASN A 510 19.16 -51.05 4.03
CA ASN A 510 19.20 -50.24 2.82
C ASN A 510 17.85 -49.65 2.43
N ASP A 511 16.78 -49.96 3.17
CA ASP A 511 15.43 -49.54 2.83
C ASP A 511 14.83 -48.52 3.78
N VAL A 512 15.29 -48.46 5.03
CA VAL A 512 14.82 -47.47 5.99
C VAL A 512 15.94 -46.46 6.20
N THR A 513 15.66 -45.20 5.86
CA THR A 513 16.64 -44.14 6.02
C THR A 513 16.19 -43.18 7.11
N PRO A 514 17.00 -42.91 8.12
CA PRO A 514 16.54 -42.14 9.27
C PRO A 514 16.72 -40.65 9.10
N ALA A 515 15.82 -39.90 9.72
CA ALA A 515 16.11 -38.50 10.01
C ALA A 515 17.22 -38.41 11.04
N PHE A 516 17.99 -37.32 10.99
CA PHE A 516 19.23 -37.22 11.76
C PHE A 516 20.29 -38.21 11.30
N GLY A 517 20.32 -38.51 10.00
CA GLY A 517 21.32 -39.35 9.41
C GLY A 517 22.33 -38.58 8.57
N ILE A 518 22.95 -39.30 7.63
CA ILE A 518 23.97 -38.74 6.75
C ILE A 518 23.36 -38.54 5.37
N SER A 519 23.47 -37.32 4.84
CA SER A 519 22.99 -37.01 3.49
C SER A 519 24.07 -37.44 2.48
N GLU A 520 24.16 -38.75 2.28
CA GLU A 520 25.32 -39.33 1.63
C GLU A 520 25.42 -38.89 0.17
N GLU A 521 24.30 -38.95 -0.56
CA GLU A 521 24.37 -38.78 -2.01
C GLU A 521 24.86 -37.40 -2.39
N ASP A 522 24.39 -36.37 -1.69
CA ASP A 522 24.74 -34.99 -2.05
C ASP A 522 26.23 -34.74 -1.85
N LEU A 523 26.78 -35.19 -0.72
CA LEU A 523 28.21 -35.01 -0.50
C LEU A 523 29.03 -35.85 -1.47
N LYS A 524 28.65 -37.11 -1.64
CA LYS A 524 29.48 -38.05 -2.38
C LYS A 524 29.47 -37.76 -3.88
N THR A 525 28.31 -37.83 -4.51
CA THR A 525 28.27 -37.75 -5.97
C THR A 525 28.59 -36.35 -6.47
N CYS A 526 27.82 -35.35 -6.03
CA CYS A 526 27.89 -34.03 -6.64
C CYS A 526 29.26 -33.39 -6.47
N VAL A 527 29.85 -33.52 -5.28
CA VAL A 527 30.97 -32.68 -4.85
C VAL A 527 32.33 -33.31 -5.11
N GLU A 528 32.40 -34.61 -5.38
CA GLU A 528 33.68 -35.32 -5.46
C GLU A 528 33.72 -36.21 -6.68
N GLY A 529 34.48 -35.80 -7.70
CA GLY A 529 34.70 -36.60 -8.88
C GLY A 529 36.16 -36.78 -9.20
N GLY A 530 36.96 -36.99 -8.16
CA GLY A 530 38.40 -37.18 -8.25
C GLY A 530 39.04 -36.69 -6.97
N MET A 531 40.20 -37.29 -6.65
CA MET A 531 41.02 -36.78 -5.55
C MET A 531 42.42 -37.36 -5.70
N MET A 532 43.41 -36.51 -5.98
CA MET A 532 44.74 -36.95 -6.32
C MET A 532 45.78 -36.00 -5.73
N LEU A 533 46.78 -36.58 -5.07
CA LEU A 533 47.65 -35.86 -4.14
C LEU A 533 48.87 -35.35 -4.91
N TYR A 534 48.71 -34.21 -5.57
CA TYR A 534 49.68 -33.71 -6.52
C TYR A 534 50.74 -32.78 -5.92
N SER A 535 50.75 -32.58 -4.60
CA SER A 535 51.74 -31.69 -4.00
C SER A 535 51.71 -31.85 -2.48
N GLU A 536 52.67 -31.20 -1.82
CA GLU A 536 52.79 -31.28 -0.36
C GLU A 536 51.72 -30.48 0.37
N ARG A 537 51.31 -29.34 -0.19
CA ARG A 537 50.30 -28.51 0.44
C ARG A 537 48.99 -29.27 0.66
N VAL A 538 48.64 -30.15 -0.28
CA VAL A 538 47.41 -30.91 -0.16
C VAL A 538 47.50 -31.90 1.01
N ASN A 539 48.64 -32.58 1.14
CA ASN A 539 48.86 -33.45 2.29
C ASN A 539 48.69 -32.67 3.58
N SER A 540 49.28 -31.46 3.64
CA SER A 540 49.20 -30.67 4.85
C SER A 540 47.77 -30.32 5.22
N ILE A 541 46.96 -29.94 4.22
CA ILE A 541 45.59 -29.55 4.49
C ILE A 541 44.78 -30.73 5.03
N LEU A 542 44.93 -31.90 4.40
CA LEU A 542 44.17 -33.06 4.85
C LEU A 542 44.56 -33.46 6.28
N LYS A 543 45.86 -33.39 6.61
CA LYS A 543 46.28 -33.74 7.96
C LYS A 543 45.71 -32.78 9.00
N ASN A 544 45.69 -31.47 8.68
CA ASN A 544 45.08 -30.52 9.61
C ASN A 544 43.61 -30.83 9.86
N GLY A 545 42.86 -31.16 8.81
CA GLY A 545 41.46 -31.48 9.02
C GLY A 545 41.26 -32.67 9.94
N ALA A 546 42.04 -33.73 9.74
CA ALA A 546 41.90 -34.90 10.61
C ALA A 546 42.18 -34.52 12.06
N ARG A 547 43.19 -33.68 12.28
CA ARG A 547 43.49 -33.19 13.62
C ARG A 547 42.27 -32.55 14.27
N TYR A 548 41.63 -31.62 13.55
CA TYR A 548 40.50 -30.92 14.16
C TYR A 548 39.38 -31.88 14.51
N VAL A 549 39.14 -32.86 13.64
CA VAL A 549 38.05 -33.81 13.91
C VAL A 549 38.31 -34.52 15.24
N ARG A 550 39.55 -34.99 15.41
CA ARG A 550 39.82 -35.73 16.64
C ARG A 550 39.81 -34.80 17.84
N GLN A 551 40.13 -33.52 17.65
CA GLN A 551 40.00 -32.59 18.76
C GLN A 551 38.55 -32.52 19.23
N VAL A 552 37.62 -32.38 18.28
CA VAL A 552 36.22 -32.23 18.67
C VAL A 552 35.68 -33.50 19.31
N ARG A 553 36.25 -34.66 19.03
CA ARG A 553 35.67 -35.91 19.52
C ARG A 553 36.14 -36.36 20.90
N GLU A 554 37.28 -35.87 21.39
CA GLU A 554 37.85 -36.32 22.66
C GLU A 554 38.27 -35.17 23.56
N SER A 555 37.44 -34.14 23.67
CA SER A 555 37.70 -33.04 24.59
C SER A 555 36.40 -32.45 25.11
N ASP A 556 36.48 -31.84 26.30
CA ASP A 556 35.35 -31.23 26.97
C ASP A 556 35.36 -29.71 26.92
N LYS A 557 36.51 -29.09 26.64
CA LYS A 557 36.61 -27.65 26.63
C LYS A 557 36.16 -27.09 25.28
N SER A 558 36.32 -27.86 24.22
CA SER A 558 35.98 -27.44 22.85
C SER A 558 34.67 -28.08 22.43
N ARG A 559 33.58 -27.32 22.54
CA ARG A 559 32.26 -27.78 22.12
C ARG A 559 31.75 -27.02 20.89
N LEU A 560 32.53 -26.08 20.37
CA LEU A 560 32.18 -25.39 19.13
C LEU A 560 33.46 -24.98 18.43
N VAL A 561 33.62 -25.39 17.17
CA VAL A 561 34.76 -25.01 16.35
C VAL A 561 34.26 -24.59 14.97
N SER A 562 34.84 -23.52 14.43
CA SER A 562 34.48 -23.01 13.11
C SER A 562 35.74 -22.65 12.34
N LEU A 563 35.72 -22.92 11.03
CA LEU A 563 36.88 -22.76 10.16
C LEU A 563 36.48 -21.98 8.91
N LEU A 564 37.43 -21.27 8.31
CA LEU A 564 37.22 -20.62 7.02
C LEU A 564 38.27 -21.11 6.03
N ILE A 565 37.81 -21.67 4.91
CA ILE A 565 38.65 -22.13 3.81
C ILE A 565 38.49 -21.16 2.64
N HIS A 566 39.58 -20.54 2.20
CA HIS A 566 39.50 -19.51 1.18
C HIS A 566 40.64 -19.64 0.17
N GLY A 567 40.38 -19.11 -1.03
CA GLY A 567 41.32 -19.14 -2.13
C GLY A 567 40.66 -18.71 -3.44
N PRO A 568 41.44 -18.66 -4.52
CA PRO A 568 40.88 -18.18 -5.80
C PRO A 568 39.79 -19.10 -6.32
N ALA A 569 39.06 -18.60 -7.31
CA ALA A 569 38.03 -19.40 -7.96
C ALA A 569 38.67 -20.55 -8.73
N GLY A 570 38.14 -21.76 -8.55
CA GLY A 570 38.67 -22.92 -9.22
C GLY A 570 39.79 -23.62 -8.48
N SER A 571 40.01 -23.31 -7.21
CA SER A 571 41.18 -23.83 -6.50
C SER A 571 40.99 -25.22 -5.91
N GLY A 572 39.77 -25.61 -5.54
CA GLY A 572 39.53 -26.93 -4.95
C GLY A 572 38.70 -26.99 -3.67
N LYS A 573 38.33 -25.82 -3.17
CA LYS A 573 37.73 -25.63 -1.84
C LYS A 573 36.66 -26.65 -1.46
N THR A 574 35.57 -26.65 -2.25
CA THR A 574 34.38 -27.43 -1.94
C THR A 574 34.61 -28.93 -2.01
N ALA A 575 35.69 -29.40 -2.64
CA ALA A 575 35.92 -30.84 -2.66
C ALA A 575 36.84 -31.27 -1.54
N LEU A 576 37.55 -30.29 -0.95
CA LEU A 576 38.33 -30.57 0.25
C LEU A 576 37.41 -30.67 1.45
N ALA A 577 36.51 -29.69 1.62
CA ALA A 577 35.64 -29.77 2.78
C ALA A 577 34.94 -31.13 2.81
N ALA A 578 34.29 -31.49 1.70
CA ALA A 578 33.59 -32.77 1.63
C ALA A 578 34.52 -33.94 1.93
N GLU A 579 35.76 -33.90 1.41
CA GLU A 579 36.65 -35.03 1.64
C GLU A 579 36.92 -35.17 3.12
N ILE A 580 37.07 -34.04 3.82
CA ILE A 580 37.29 -34.08 5.26
C ILE A 580 36.06 -34.63 5.96
N ALA A 581 34.87 -34.34 5.44
CA ALA A 581 33.65 -34.74 6.14
C ALA A 581 33.43 -36.25 6.06
N LEU A 582 33.54 -36.83 4.87
CA LEU A 582 33.20 -38.25 4.73
C LEU A 582 34.09 -39.17 5.57
N LYS A 583 35.38 -38.84 5.68
CA LYS A 583 36.31 -39.64 6.49
C LYS A 583 36.09 -39.51 8.00
N SER A 584 35.24 -38.59 8.46
CA SER A 584 35.14 -38.31 9.89
C SER A 584 34.43 -39.43 10.64
N GLY A 585 33.41 -40.04 10.04
CA GLY A 585 32.66 -41.07 10.72
C GLY A 585 31.63 -40.59 11.71
N PHE A 586 31.27 -39.31 11.68
CA PHE A 586 30.25 -38.80 12.58
C PHE A 586 28.87 -39.33 12.16
N PRO A 587 27.90 -39.34 13.09
CA PRO A 587 26.55 -39.80 12.72
C PRO A 587 25.76 -38.80 11.89
N PHE A 588 25.92 -37.51 12.13
CA PHE A 588 25.04 -36.46 11.60
C PHE A 588 25.87 -35.52 10.74
N ILE A 589 25.48 -35.37 9.48
CA ILE A 589 26.18 -34.45 8.57
C ILE A 589 25.17 -33.80 7.64
N ARG A 590 25.26 -32.48 7.51
CA ARG A 590 24.38 -31.78 6.57
C ARG A 590 25.12 -30.60 5.95
N LEU A 591 24.63 -30.13 4.80
CA LEU A 591 25.20 -28.94 4.19
C LEU A 591 24.13 -28.00 3.67
N ILE A 592 24.47 -26.71 3.68
CA ILE A 592 23.63 -25.64 3.16
C ILE A 592 24.34 -25.04 1.96
N SER A 593 23.66 -25.02 0.81
CA SER A 593 24.24 -24.51 -0.42
C SER A 593 23.18 -23.77 -1.22
N PRO A 594 23.56 -22.99 -2.23
CA PRO A 594 22.55 -22.27 -3.02
C PRO A 594 21.52 -23.17 -3.68
N ASN A 595 21.86 -24.42 -3.96
CA ASN A 595 20.95 -25.31 -4.67
C ASN A 595 19.67 -25.54 -3.88
N GLU A 596 19.79 -25.69 -2.56
CA GLU A 596 18.62 -25.97 -1.74
C GLU A 596 17.71 -24.76 -1.61
N LEU A 597 18.27 -23.55 -1.73
CA LEU A 597 17.53 -22.32 -1.49
C LEU A 597 16.99 -21.67 -2.76
N SER A 598 17.10 -22.35 -3.90
CA SER A 598 16.69 -21.72 -5.16
C SER A 598 15.16 -21.60 -5.22
N GLY A 599 14.70 -20.42 -5.65
CA GLY A 599 13.28 -20.21 -5.88
C GLY A 599 12.46 -19.80 -4.69
N MET A 600 13.08 -19.53 -3.54
CA MET A 600 12.36 -19.20 -2.33
C MET A 600 12.25 -17.69 -2.15
N SER A 601 11.25 -17.30 -1.36
CA SER A 601 11.16 -15.92 -0.89
C SER A 601 12.12 -15.75 0.30
N GLU A 602 12.37 -14.49 0.66
CA GLU A 602 13.36 -14.21 1.71
C GLU A 602 12.97 -14.82 3.04
N SER A 603 11.70 -14.70 3.41
CA SER A 603 11.21 -15.27 4.67
C SER A 603 11.39 -16.79 4.68
N ALA A 604 11.11 -17.44 3.55
CA ALA A 604 11.28 -18.89 3.48
C ALA A 604 12.73 -19.27 3.72
N LYS A 605 13.66 -18.51 3.14
CA LYS A 605 15.07 -18.81 3.30
C LYS A 605 15.47 -18.73 4.78
N ILE A 606 15.03 -17.66 5.46
CA ILE A 606 15.38 -17.52 6.87
C ILE A 606 14.84 -18.70 7.67
N ALA A 607 13.59 -19.09 7.39
CA ALA A 607 13.00 -20.22 8.12
C ALA A 607 13.78 -21.50 7.90
N TYR A 608 14.23 -21.73 6.66
CA TYR A 608 14.95 -22.96 6.34
C TYR A 608 16.27 -23.04 7.10
N ILE A 609 17.01 -21.93 7.12
CA ILE A 609 18.31 -21.94 7.80
C ILE A 609 18.10 -22.21 9.28
N ASP A 610 17.11 -21.54 9.87
CA ASP A 610 16.91 -21.67 11.31
C ASP A 610 16.50 -23.10 11.66
N ASN A 611 15.65 -23.72 10.84
CA ASN A 611 15.25 -25.10 11.12
C ASN A 611 16.44 -26.04 11.05
N THR A 612 17.34 -25.84 10.09
CA THR A 612 18.51 -26.71 10.03
C THR A 612 19.32 -26.62 11.31
N PHE A 613 19.62 -25.39 11.75
CA PHE A 613 20.42 -25.27 12.97
C PHE A 613 19.69 -25.87 14.17
N ARG A 614 18.36 -25.77 14.22
CA ARG A 614 17.64 -26.41 15.32
C ARG A 614 17.83 -27.92 15.29
N ASP A 615 17.71 -28.52 14.10
CA ASP A 615 17.83 -29.98 14.01
C ASP A 615 19.23 -30.45 14.37
N ALA A 616 20.22 -29.58 14.28
CA ALA A 616 21.58 -29.99 14.64
C ALA A 616 21.79 -30.21 16.14
N TYR A 617 20.97 -29.60 17.00
CA TYR A 617 21.19 -29.58 18.45
C TYR A 617 20.57 -30.76 19.19
N LYS A 618 20.38 -31.91 18.53
CA LYS A 618 19.71 -33.06 19.15
C LYS A 618 20.47 -34.36 18.92
N SER A 619 21.79 -34.29 18.73
CA SER A 619 22.59 -35.49 18.64
C SER A 619 23.95 -35.22 19.26
N PRO A 620 24.66 -36.26 19.72
CA PRO A 620 25.94 -36.04 20.40
C PRO A 620 26.98 -35.34 19.53
N LEU A 621 27.04 -35.68 18.25
CA LEU A 621 28.07 -35.18 17.34
C LEU A 621 27.39 -34.74 16.04
N ASN A 622 27.90 -33.68 15.43
CA ASN A 622 27.26 -33.08 14.26
C ASN A 622 28.31 -32.36 13.40
N ILE A 623 28.10 -32.38 12.09
CA ILE A 623 28.90 -31.60 11.15
C ILE A 623 27.99 -30.80 10.23
N LEU A 624 28.34 -29.53 10.02
CA LEU A 624 27.64 -28.69 9.06
C LEU A 624 28.64 -28.06 8.09
N VAL A 625 28.25 -28.03 6.82
CA VAL A 625 29.05 -27.42 5.76
C VAL A 625 28.25 -26.31 5.12
N ILE A 626 28.79 -25.10 5.08
CA ILE A 626 28.13 -23.95 4.46
C ILE A 626 28.97 -23.52 3.25
N ASP A 627 28.38 -23.62 2.07
CA ASP A 627 29.13 -23.46 0.83
C ASP A 627 28.76 -22.16 0.15
N SER A 628 29.79 -21.42 -0.29
CA SER A 628 29.63 -20.19 -1.07
C SER A 628 28.82 -19.15 -0.31
N LEU A 629 29.44 -18.63 0.75
CA LEU A 629 28.73 -17.75 1.67
C LEU A 629 28.22 -16.51 0.94
N GLU A 630 29.03 -15.93 0.07
CA GLU A 630 28.64 -14.66 -0.55
C GLU A 630 27.46 -14.80 -1.49
N THR A 631 27.22 -16.00 -2.03
CA THR A 631 26.07 -16.20 -2.90
C THR A 631 24.77 -16.35 -2.13
N LEU A 632 24.84 -16.79 -0.88
CA LEU A 632 23.63 -16.89 -0.06
C LEU A 632 23.05 -15.51 0.23
N VAL A 633 23.89 -14.47 0.27
CA VAL A 633 23.45 -13.13 0.63
C VAL A 633 23.15 -12.27 -0.59
N ASP A 634 23.38 -12.78 -1.81
CA ASP A 634 22.96 -12.12 -3.05
C ASP A 634 23.79 -10.88 -3.35
N TRP A 635 25.11 -11.03 -3.26
CA TRP A 635 26.01 -9.89 -3.45
C TRP A 635 26.21 -9.61 -4.93
N VAL A 636 26.09 -8.34 -5.32
CA VAL A 636 26.43 -7.87 -6.66
C VAL A 636 27.12 -6.51 -6.56
N PRO A 637 28.35 -6.36 -7.05
CA PRO A 637 29.14 -5.17 -6.71
C PRO A 637 28.80 -3.91 -7.49
N ILE A 638 27.82 -3.93 -8.40
CA ILE A 638 27.49 -2.71 -9.13
C ILE A 638 26.84 -1.69 -8.20
N GLY A 639 26.01 -2.15 -7.27
CA GLY A 639 25.29 -1.27 -6.37
C GLY A 639 26.18 -0.57 -5.38
N PRO A 640 26.68 -1.32 -4.39
CA PRO A 640 26.48 -2.76 -4.17
C PRO A 640 25.10 -3.09 -3.62
N ARG A 641 24.64 -4.32 -3.84
CA ARG A 641 23.36 -4.78 -3.32
C ARG A 641 23.56 -6.10 -2.58
N PHE A 642 22.91 -6.23 -1.42
CA PHE A 642 22.95 -7.48 -0.68
C PHE A 642 21.82 -7.47 0.34
N SER A 643 21.49 -8.66 0.86
CA SER A 643 20.41 -8.82 1.81
C SER A 643 20.98 -8.78 3.23
N ASN A 644 20.52 -7.83 4.03
CA ASN A 644 21.10 -7.62 5.36
C ASN A 644 20.53 -8.57 6.41
N ASN A 645 19.25 -8.92 6.28
CA ASN A 645 18.61 -9.78 7.27
C ASN A 645 19.26 -11.15 7.32
N ILE A 646 19.50 -11.75 6.15
CA ILE A 646 20.13 -13.06 6.11
C ILE A 646 21.52 -12.97 6.72
N LEU A 647 22.21 -11.86 6.46
CA LEU A 647 23.56 -11.70 6.99
C LEU A 647 23.53 -11.70 8.52
N GLN A 648 22.56 -11.00 9.10
CA GLN A 648 22.51 -10.95 10.57
C GLN A 648 22.16 -12.31 11.14
N MET A 649 21.24 -13.03 10.48
CA MET A 649 20.92 -14.39 10.92
C MET A 649 22.18 -15.24 10.97
N LEU A 650 22.93 -15.27 9.87
CA LEU A 650 24.12 -16.12 9.83
C LEU A 650 25.15 -15.66 10.84
N LYS A 651 25.25 -14.35 11.06
CA LYS A 651 26.25 -13.84 11.98
C LYS A 651 25.95 -14.26 13.41
N VAL A 652 24.67 -14.31 13.79
CA VAL A 652 24.32 -14.81 15.11
C VAL A 652 24.54 -16.31 15.21
N ALA A 653 24.20 -17.07 14.16
CA ALA A 653 24.19 -18.53 14.29
C ALA A 653 25.59 -19.11 14.47
N LEU A 654 26.62 -18.49 13.89
CA LEU A 654 27.97 -19.06 13.90
C LEU A 654 28.68 -18.95 15.25
N LYS A 655 28.09 -18.29 16.26
CA LYS A 655 28.70 -18.18 17.57
C LYS A 655 27.93 -18.91 18.67
N ARG A 656 26.66 -19.20 18.45
CA ARG A 656 25.85 -19.85 19.47
C ARG A 656 26.36 -21.25 19.75
N LYS A 657 26.37 -21.62 21.03
CA LYS A 657 26.86 -22.94 21.44
C LYS A 657 25.69 -23.86 21.76
N PRO A 658 25.81 -25.15 21.45
CA PRO A 658 24.68 -26.06 21.62
C PRO A 658 24.46 -26.37 23.09
N PRO A 659 23.29 -26.86 23.47
CA PRO A 659 23.00 -27.09 24.88
C PRO A 659 23.49 -28.44 25.38
N GLN A 660 23.68 -28.51 26.69
CA GLN A 660 23.69 -29.76 27.43
C GLN A 660 24.76 -30.73 26.91
N ASP A 661 26.01 -30.26 26.94
CA ASP A 661 27.17 -31.10 26.65
C ASP A 661 27.07 -31.81 25.30
N ARG A 662 26.55 -31.11 24.31
CA ARG A 662 26.62 -31.55 22.92
C ARG A 662 27.63 -30.67 22.17
N ARG A 663 28.00 -31.11 20.97
CA ARG A 663 29.08 -30.45 20.24
C ARG A 663 28.94 -30.63 18.73
N LEU A 664 29.42 -29.65 17.98
CA LEU A 664 29.33 -29.67 16.52
C LEU A 664 30.56 -29.00 15.93
N LEU A 665 30.78 -29.25 14.63
CA LEU A 665 31.85 -28.66 13.86
C LEU A 665 31.27 -28.06 12.59
N ILE A 666 31.77 -26.88 12.23
CA ILE A 666 31.25 -26.09 11.12
C ILE A 666 32.39 -25.77 10.18
N MET A 667 32.12 -25.87 8.88
CA MET A 667 33.08 -25.47 7.84
C MET A 667 32.36 -24.61 6.84
N THR A 668 33.05 -23.59 6.32
CA THR A 668 32.47 -22.67 5.33
C THR A 668 33.51 -22.30 4.28
N THR A 669 33.02 -22.03 3.07
CA THR A 669 33.90 -21.75 1.92
C THR A 669 33.51 -20.45 1.23
N THR A 670 34.51 -19.70 0.78
CA THR A 670 34.30 -18.39 0.16
C THR A 670 35.42 -18.02 -0.80
N SER A 671 35.08 -17.24 -1.83
CA SER A 671 36.02 -16.75 -2.83
C SER A 671 36.18 -15.24 -2.80
N ALA A 672 35.56 -14.54 -1.86
CA ALA A 672 35.50 -13.08 -1.84
C ALA A 672 36.03 -12.52 -0.53
N TYR A 673 37.23 -12.93 -0.14
CA TYR A 673 37.75 -12.62 1.19
C TYR A 673 37.66 -11.13 1.51
N SER A 674 37.98 -10.27 0.54
CA SER A 674 37.95 -8.84 0.80
C SER A 674 36.55 -8.35 1.10
N VAL A 675 35.55 -8.95 0.45
CA VAL A 675 34.17 -8.54 0.68
C VAL A 675 33.81 -8.79 2.15
N LEU A 676 34.16 -9.97 2.66
CA LEU A 676 33.88 -10.24 4.06
C LEU A 676 34.70 -9.32 4.95
N GLN A 677 35.91 -8.97 4.52
CA GLN A 677 36.69 -7.98 5.27
C GLN A 677 35.88 -6.71 5.45
N GLN A 678 35.24 -6.25 4.37
CA GLN A 678 34.45 -5.02 4.44
C GLN A 678 33.18 -5.21 5.27
N MET A 679 32.56 -6.39 5.21
CA MET A 679 31.34 -6.60 5.98
C MET A 679 31.60 -6.71 7.48
N ASP A 680 32.84 -6.92 7.90
CA ASP A 680 33.19 -7.04 9.32
C ASP A 680 32.43 -8.20 9.96
N ILE A 681 32.77 -9.40 9.50
CA ILE A 681 32.31 -10.63 10.14
C ILE A 681 33.46 -11.62 10.26
N LEU A 682 34.70 -11.15 10.16
CA LEU A 682 35.84 -12.04 10.24
C LEU A 682 36.13 -12.51 11.66
N SER A 683 35.48 -11.93 12.67
CA SER A 683 35.71 -12.32 14.05
C SER A 683 34.95 -13.58 14.45
N CYS A 684 34.16 -14.16 13.54
CA CYS A 684 33.39 -15.35 13.85
C CYS A 684 34.21 -16.63 13.78
N PHE A 685 35.30 -16.63 13.02
CA PHE A 685 36.02 -17.85 12.69
C PHE A 685 37.23 -18.03 13.59
N ASP A 686 37.53 -19.28 13.94
CA ASP A 686 38.65 -19.56 14.84
C ASP A 686 39.95 -19.77 14.08
N ASN A 687 39.90 -20.29 12.86
CA ASN A 687 41.12 -20.49 12.08
C ASN A 687 40.80 -20.39 10.60
N GLU A 688 41.85 -20.12 9.82
CA GLU A 688 41.75 -19.80 8.41
C GLU A 688 42.75 -20.64 7.64
N ILE A 689 42.29 -21.20 6.51
CA ILE A 689 43.11 -22.03 5.63
C ILE A 689 43.05 -21.43 4.24
N ALA A 690 44.21 -21.35 3.58
CA ALA A 690 44.33 -20.82 2.23
C ALA A 690 44.70 -21.93 1.26
N VAL A 691 44.03 -21.98 0.12
CA VAL A 691 44.24 -23.01 -0.90
C VAL A 691 44.85 -22.34 -2.13
N PRO A 692 46.07 -22.69 -2.53
CA PRO A 692 46.72 -22.03 -3.68
C PRO A 692 46.51 -22.77 -4.99
N ASN A 693 46.85 -22.08 -6.07
CA ASN A 693 46.78 -22.62 -7.43
C ASN A 693 48.09 -23.33 -7.80
N MET A 694 48.04 -24.02 -8.94
CA MET A 694 49.24 -24.67 -9.46
C MET A 694 50.20 -23.63 -10.03
N THR A 695 51.50 -23.83 -9.79
CA THR A 695 52.48 -22.88 -10.30
C THR A 695 53.80 -23.52 -10.75
N ASN A 696 53.89 -24.85 -10.81
CA ASN A 696 55.11 -25.54 -11.22
C ASN A 696 54.76 -26.57 -12.29
N LEU A 697 55.75 -26.92 -13.12
CA LEU A 697 55.58 -27.97 -14.12
C LEU A 697 55.63 -29.38 -13.56
N ASP A 698 56.31 -29.57 -12.42
CA ASP A 698 56.34 -30.88 -11.76
C ASP A 698 54.95 -31.30 -11.32
N GLU A 699 54.17 -30.35 -10.81
CA GLU A 699 52.82 -30.66 -10.39
C GLU A 699 51.99 -31.12 -11.59
N LEU A 700 52.14 -30.43 -12.73
CA LEU A 700 51.40 -30.82 -13.91
C LEU A 700 51.80 -32.22 -14.37
N ASN A 701 53.09 -32.55 -14.20
CA ASN A 701 53.52 -33.90 -14.55
C ASN A 701 52.79 -34.92 -13.69
N ASN A 702 52.71 -34.65 -12.38
CA ASN A 702 52.01 -35.58 -11.50
C ASN A 702 50.55 -35.75 -11.93
N VAL A 703 49.88 -34.65 -12.25
CA VAL A 703 48.47 -34.73 -12.62
C VAL A 703 48.28 -35.58 -13.87
N MET A 704 49.13 -35.36 -14.88
CA MET A 704 49.01 -36.17 -16.09
C MET A 704 49.27 -37.64 -15.77
N ILE A 705 50.28 -37.93 -14.95
CA ILE A 705 50.57 -39.33 -14.68
C ILE A 705 49.37 -39.98 -14.02
N GLU A 706 48.76 -39.29 -13.06
CA GLU A 706 47.73 -39.92 -12.25
C GLU A 706 46.41 -40.05 -12.99
N SER A 707 46.19 -39.29 -14.07
CA SER A 707 44.93 -39.39 -14.80
C SER A 707 45.03 -40.24 -16.07
N ASN A 708 46.18 -40.85 -16.34
CA ASN A 708 46.36 -41.78 -17.46
C ASN A 708 46.17 -41.08 -18.80
N PHE A 709 46.90 -39.98 -18.99
CA PHE A 709 46.70 -39.16 -20.18
C PHE A 709 47.14 -39.91 -21.45
N LEU A 710 48.41 -40.25 -21.55
CA LEU A 710 48.94 -41.05 -22.64
C LEU A 710 50.35 -41.52 -22.28
N ASP A 711 50.88 -42.43 -23.09
CA ASP A 711 52.13 -43.10 -22.76
C ASP A 711 53.24 -42.08 -22.50
N ASP A 712 54.29 -42.55 -21.83
CA ASP A 712 55.35 -41.66 -21.35
C ASP A 712 56.02 -40.89 -22.48
N ALA A 713 56.23 -41.56 -23.62
CA ALA A 713 56.96 -40.94 -24.72
C ALA A 713 56.33 -39.62 -25.13
N GLY A 714 55.00 -39.56 -25.12
CA GLY A 714 54.32 -38.33 -25.46
C GLY A 714 54.25 -37.38 -24.28
N ARG A 715 54.19 -37.94 -23.07
CA ARG A 715 54.07 -37.12 -21.87
C ARG A 715 55.26 -36.19 -21.69
N VAL A 716 56.47 -36.65 -22.04
CA VAL A 716 57.65 -35.81 -21.87
C VAL A 716 57.60 -34.58 -22.80
N LYS A 717 57.06 -34.75 -24.00
CA LYS A 717 57.12 -33.70 -25.02
C LYS A 717 56.34 -32.46 -24.60
N VAL A 718 55.20 -32.65 -23.92
CA VAL A 718 54.39 -31.51 -23.51
C VAL A 718 55.19 -30.63 -22.56
N ILE A 719 55.86 -31.25 -21.59
CA ILE A 719 56.65 -30.49 -20.64
C ILE A 719 57.77 -29.76 -21.38
N ASN A 720 58.40 -30.45 -22.34
CA ASN A 720 59.44 -29.80 -23.12
C ASN A 720 58.91 -28.51 -23.75
N GLU A 721 57.78 -28.62 -24.47
CA GLU A 721 57.31 -27.45 -25.22
C GLU A 721 56.92 -26.31 -24.28
N LEU A 722 56.23 -26.64 -23.18
CA LEU A 722 55.83 -25.57 -22.25
C LEU A 722 57.05 -24.95 -21.58
N SER A 723 58.15 -25.69 -21.43
CA SER A 723 59.28 -25.16 -20.68
C SER A 723 59.81 -23.86 -21.28
N ARG A 724 59.64 -23.67 -22.58
CA ARG A 724 60.05 -22.43 -23.24
C ARG A 724 58.88 -21.67 -23.85
N SER A 725 57.66 -22.22 -23.82
CA SER A 725 56.53 -21.42 -24.27
C SER A 725 56.11 -20.42 -23.20
N CYS A 726 55.82 -20.89 -21.98
CA CYS A 726 55.31 -20.04 -20.91
C CYS A 726 55.59 -20.70 -19.56
N PRO A 727 56.77 -20.47 -18.97
CA PRO A 727 57.16 -21.22 -17.76
C PRO A 727 56.51 -20.74 -16.48
N ASN A 728 55.74 -19.64 -16.51
CA ASN A 728 55.26 -19.02 -15.28
C ASN A 728 53.74 -19.08 -15.19
N PHE A 729 53.15 -20.24 -15.46
CA PHE A 729 51.71 -20.29 -15.63
C PHE A 729 51.02 -20.35 -14.26
N ASN A 730 49.72 -20.05 -14.27
CA ASN A 730 48.96 -19.93 -13.03
C ASN A 730 47.53 -20.40 -13.33
N VAL A 731 47.23 -21.64 -12.94
CA VAL A 731 45.94 -22.25 -13.27
C VAL A 731 45.47 -23.15 -12.13
N GLY A 732 44.15 -23.19 -11.94
CA GLY A 732 43.54 -24.02 -10.92
C GLY A 732 43.43 -25.46 -11.39
N ILE A 733 42.96 -26.32 -10.48
CA ILE A 733 42.87 -27.75 -10.76
C ILE A 733 41.71 -28.08 -11.68
N LYS A 734 40.57 -27.42 -11.49
CA LYS A 734 39.36 -27.73 -12.27
C LYS A 734 39.58 -27.50 -13.75
N LYS A 735 40.17 -26.37 -14.10
CA LYS A 735 40.38 -26.04 -15.50
C LYS A 735 41.41 -26.97 -16.14
N THR A 736 42.38 -27.43 -15.32
CA THR A 736 43.36 -28.37 -15.83
C THR A 736 42.68 -29.68 -16.17
N LEU A 737 41.80 -30.14 -15.27
CA LEU A 737 41.22 -31.46 -15.50
C LEU A 737 40.13 -31.40 -16.55
N THR A 738 39.76 -30.19 -17.01
CA THR A 738 38.81 -30.08 -18.10
C THR A 738 39.53 -30.00 -19.44
N ASN A 739 40.71 -29.38 -19.45
CA ASN A 739 41.52 -29.32 -20.68
C ASN A 739 42.10 -30.69 -21.03
N ILE A 740 42.54 -31.45 -20.02
CA ILE A 740 43.02 -32.80 -20.30
C ILE A 740 41.96 -33.58 -21.06
N GLU A 741 40.75 -33.62 -20.51
CA GLU A 741 39.70 -34.44 -21.11
C GLU A 741 39.40 -33.94 -22.52
N THR A 742 39.46 -32.61 -22.72
CA THR A 742 39.08 -32.13 -24.05
C THR A 742 40.21 -32.36 -25.03
N ALA A 743 41.38 -32.79 -24.56
CA ALA A 743 42.50 -33.11 -25.45
C ALA A 743 42.63 -34.59 -25.74
N ARG A 744 41.99 -35.46 -24.95
CA ARG A 744 42.08 -36.89 -25.25
C ARG A 744 41.25 -37.29 -26.47
N HIS A 745 40.16 -36.59 -26.76
CA HIS A 745 39.25 -36.92 -27.86
C HIS A 745 39.55 -36.14 -29.13
N ASP A 746 40.77 -35.63 -29.27
CA ASP A 746 41.21 -34.83 -30.40
C ASP A 746 42.16 -35.66 -31.26
N GLU A 747 42.54 -35.09 -32.41
CA GLU A 747 43.39 -35.80 -33.35
C GLU A 747 44.88 -35.57 -33.09
N ASP A 748 45.24 -34.44 -32.51
CA ASP A 748 46.63 -34.12 -32.15
C ASP A 748 46.63 -33.71 -30.69
N PRO A 749 46.62 -34.67 -29.77
CA PRO A 749 46.50 -34.32 -28.34
C PRO A 749 47.57 -33.36 -27.81
N VAL A 750 48.79 -33.46 -28.31
CA VAL A 750 49.89 -32.66 -27.78
C VAL A 750 49.70 -31.18 -28.10
N ASN A 751 49.45 -30.88 -29.37
CA ASN A 751 49.31 -29.48 -29.76
C ASN A 751 48.08 -28.86 -29.12
N GLU A 752 46.97 -29.60 -29.08
CA GLU A 752 45.73 -29.08 -28.53
C GLU A 752 45.93 -28.73 -27.06
N LEU A 753 46.53 -29.64 -26.29
CA LEU A 753 46.75 -29.35 -24.88
C LEU A 753 47.67 -28.16 -24.70
N VAL A 754 48.73 -28.07 -25.51
CA VAL A 754 49.67 -26.96 -25.35
C VAL A 754 48.95 -25.63 -25.58
N GLU A 755 48.14 -25.55 -26.64
CA GLU A 755 47.46 -24.30 -26.96
C GLU A 755 46.48 -23.92 -25.86
N LEU A 756 45.69 -24.89 -25.39
CA LEU A 756 44.71 -24.57 -24.36
C LEU A 756 45.41 -24.09 -23.10
N MET A 757 46.48 -24.78 -22.71
CA MET A 757 47.12 -24.46 -21.44
C MET A 757 47.79 -23.10 -21.51
N THR A 758 48.35 -22.75 -22.68
CA THR A 758 48.92 -21.42 -22.82
C THR A 758 47.84 -20.35 -22.73
N GLN A 759 46.65 -20.61 -23.32
CA GLN A 759 45.57 -19.63 -23.22
C GLN A 759 45.14 -19.43 -21.76
N SER A 760 44.96 -20.51 -21.00
CA SER A 760 44.53 -20.34 -19.61
C SER A 760 45.54 -19.58 -18.77
N ALA A 761 46.83 -19.89 -18.92
CA ALA A 761 47.87 -19.25 -18.09
C ALA A 761 47.84 -17.73 -18.20
N LEU B 242 -7.26 -14.02 60.37
CA LEU B 242 -8.24 -14.31 59.33
C LEU B 242 -7.67 -15.42 58.46
N GLY B 243 -6.58 -15.13 57.76
CA GLY B 243 -6.00 -16.11 56.86
C GLY B 243 -5.04 -15.55 55.81
N VAL B 244 -4.82 -14.25 55.82
CA VAL B 244 -3.87 -13.60 54.93
C VAL B 244 -2.77 -13.01 55.78
N GLY B 245 -1.53 -13.08 55.31
CA GLY B 245 -0.41 -12.59 56.09
C GLY B 245 0.61 -11.85 55.26
N GLY B 246 1.01 -10.68 55.73
CA GLY B 246 1.99 -9.86 55.07
C GLY B 246 1.41 -8.62 54.41
N LEU B 247 0.20 -8.20 54.80
CA LEU B 247 -0.49 -7.09 54.13
C LEU B 247 -1.36 -6.30 55.12
N ASP B 248 -0.88 -6.12 56.35
CA ASP B 248 -1.71 -5.50 57.38
C ASP B 248 -2.03 -4.03 57.07
N LYS B 249 -1.04 -3.24 56.65
CA LYS B 249 -1.26 -1.82 56.43
C LYS B 249 -2.28 -1.57 55.33
N GLU B 250 -2.07 -2.24 54.18
CA GLU B 250 -3.02 -2.11 53.09
C GLU B 250 -4.42 -2.52 53.53
N PHE B 251 -4.51 -3.58 54.35
CA PHE B 251 -5.81 -3.99 54.87
C PHE B 251 -6.48 -2.84 55.59
N THR B 252 -5.78 -2.22 56.55
CA THR B 252 -6.33 -1.06 57.24
C THR B 252 -6.83 -0.02 56.26
N LYS B 253 -5.99 0.36 55.29
CA LYS B 253 -6.38 1.42 54.36
C LYS B 253 -7.64 1.06 53.59
N ILE B 254 -7.71 -0.17 53.07
CA ILE B 254 -8.91 -0.60 52.34
C ILE B 254 -10.15 -0.49 53.23
N PHE B 255 -10.07 -1.08 54.43
CA PHE B 255 -11.26 -1.18 55.26
C PHE B 255 -11.76 0.20 55.69
N ARG B 256 -10.84 1.12 56.00
CA ARG B 256 -11.26 2.46 56.39
C ARG B 256 -12.16 3.13 55.34
N ARG B 257 -11.81 3.02 54.07
CA ARG B 257 -12.47 3.80 53.02
C ARG B 257 -13.61 3.06 52.32
N ALA B 258 -13.44 1.79 51.96
CA ALA B 258 -14.42 1.12 51.11
C ALA B 258 -15.53 0.42 51.86
N PHE B 259 -15.31 0.00 53.11
CA PHE B 259 -16.26 -0.89 53.79
C PHE B 259 -16.78 -0.36 55.11
N ALA B 260 -16.10 0.61 55.73
CA ALA B 260 -16.53 1.07 57.06
C ALA B 260 -17.97 1.58 57.03
N SER B 261 -18.28 2.44 56.06
CA SER B 261 -19.59 3.08 56.03
C SER B 261 -20.74 2.09 55.93
N ARG B 262 -20.50 0.87 55.45
CA ARG B 262 -21.58 -0.09 55.29
C ARG B 262 -22.02 -0.73 56.61
N ILE B 263 -21.21 -0.63 57.65
CA ILE B 263 -21.58 -1.20 58.95
C ILE B 263 -22.71 -0.39 59.59
N PHE B 264 -22.58 0.93 59.61
CA PHE B 264 -23.50 1.77 60.37
C PHE B 264 -24.93 1.65 59.85
N PRO B 265 -25.92 1.89 60.71
CA PRO B 265 -27.31 1.96 60.27
C PRO B 265 -27.51 3.07 59.25
N PRO B 266 -28.38 2.88 58.26
CA PRO B 266 -28.57 3.91 57.24
C PRO B 266 -28.97 5.26 57.80
N SER B 267 -29.63 5.30 58.95
CA SER B 267 -30.04 6.58 59.53
C SER B 267 -28.87 7.55 59.64
N VAL B 268 -27.78 7.12 60.28
CA VAL B 268 -26.65 8.02 60.51
C VAL B 268 -26.00 8.45 59.20
N ILE B 269 -25.83 7.52 58.26
CA ILE B 269 -25.25 7.88 56.95
C ILE B 269 -26.10 8.93 56.26
N GLU B 270 -27.42 8.74 56.26
CA GLU B 270 -28.32 9.77 55.75
C GLU B 270 -28.13 11.07 56.51
N LYS B 271 -27.89 10.95 57.82
CA LYS B 271 -27.90 12.10 58.71
C LYS B 271 -26.66 12.98 58.51
N LEU B 272 -25.55 12.38 58.09
CA LEU B 272 -24.38 13.14 57.70
C LEU B 272 -24.59 13.82 56.36
N GLY B 273 -25.11 13.08 55.38
CA GLY B 273 -25.24 13.57 54.02
C GLY B 273 -24.07 13.20 53.13
N ILE B 274 -23.64 11.94 53.22
CA ILE B 274 -22.52 11.42 52.43
C ILE B 274 -23.03 10.23 51.62
N SER B 275 -22.21 9.79 50.67
CA SER B 275 -22.58 8.70 49.78
C SER B 275 -21.45 7.68 49.68
N HIS B 276 -21.84 6.41 49.61
CA HIS B 276 -20.90 5.30 49.63
C HIS B 276 -20.01 5.27 48.39
N VAL B 277 -18.74 4.91 48.58
CA VAL B 277 -17.83 4.72 47.48
C VAL B 277 -18.17 3.43 46.75
N LYS B 278 -18.08 3.45 45.42
CA LYS B 278 -18.56 2.36 44.58
C LYS B 278 -17.48 1.58 43.85
N GLY B 279 -16.27 2.11 43.72
CA GLY B 279 -15.22 1.40 43.01
C GLY B 279 -13.85 1.42 43.69
N LEU B 280 -13.20 0.26 43.74
CA LEU B 280 -11.89 0.11 44.33
C LEU B 280 -10.96 -0.61 43.35
N LEU B 281 -9.75 -0.07 43.17
CA LEU B 281 -8.77 -0.62 42.24
C LEU B 281 -7.56 -1.15 43.00
N LEU B 282 -7.22 -2.41 42.76
CA LEU B 282 -6.05 -3.07 43.34
C LEU B 282 -5.07 -3.39 42.22
N TYR B 283 -3.80 -3.05 42.42
CA TYR B 283 -2.80 -3.31 41.39
C TYR B 283 -1.47 -3.77 41.98
N GLY B 284 -0.84 -4.72 41.29
CA GLY B 284 0.40 -5.31 41.71
C GLY B 284 0.68 -6.63 40.99
N PRO B 285 1.89 -7.14 41.14
CA PRO B 285 2.32 -8.31 40.36
C PRO B 285 1.44 -9.51 40.61
N PRO B 286 1.43 -10.48 39.69
CA PRO B 286 0.52 -11.62 39.81
C PRO B 286 0.98 -12.62 40.86
N GLY B 287 0.00 -13.38 41.35
CA GLY B 287 0.26 -14.36 42.38
C GLY B 287 0.57 -13.79 43.75
N THR B 288 0.10 -12.58 44.05
CA THR B 288 0.51 -11.90 45.27
C THR B 288 -0.59 -11.76 46.32
N GLY B 289 -1.86 -12.02 45.97
CA GLY B 289 -2.91 -12.08 46.98
C GLY B 289 -4.02 -11.06 46.87
N LYS B 290 -4.42 -10.70 45.65
CA LYS B 290 -5.49 -9.72 45.47
C LYS B 290 -6.89 -10.33 45.60
N THR B 291 -7.18 -11.35 44.79
CA THR B 291 -8.45 -12.04 44.88
C THR B 291 -8.70 -12.57 46.29
N LEU B 292 -7.65 -13.01 46.96
CA LEU B 292 -7.81 -13.51 48.33
C LEU B 292 -8.34 -12.43 49.24
N ILE B 293 -7.77 -11.21 49.14
CA ILE B 293 -8.27 -10.10 49.93
C ILE B 293 -9.75 -9.88 49.66
N ALA B 294 -10.12 -9.76 48.37
CA ALA B 294 -11.53 -9.51 48.05
C ALA B 294 -12.45 -10.54 48.68
N ARG B 295 -12.10 -11.82 48.51
CA ARG B 295 -12.93 -12.89 49.04
C ARG B 295 -13.02 -12.81 50.56
N LYS B 296 -11.87 -12.69 51.23
CA LYS B 296 -11.92 -12.74 52.69
C LYS B 296 -12.69 -11.55 53.24
N ILE B 297 -12.47 -10.35 52.68
CA ILE B 297 -13.20 -9.18 53.15
C ILE B 297 -14.69 -9.42 53.06
N GLY B 298 -15.14 -10.09 51.98
CA GLY B 298 -16.58 -10.29 51.83
C GLY B 298 -17.24 -11.03 52.99
N THR B 299 -16.51 -11.97 53.62
CA THR B 299 -17.07 -12.77 54.72
C THR B 299 -17.38 -11.99 56.00
N MET B 300 -16.59 -10.96 56.33
CA MET B 300 -16.90 -10.14 57.50
C MET B 300 -18.25 -9.44 57.36
N LEU B 301 -18.46 -8.75 56.25
CA LEU B 301 -19.78 -8.17 55.96
C LEU B 301 -20.82 -9.21 55.58
N ASN B 302 -20.40 -10.45 55.30
CA ASN B 302 -21.32 -11.56 55.08
C ASN B 302 -22.25 -11.28 53.90
N ALA B 303 -21.70 -10.63 52.88
CA ALA B 303 -22.42 -10.45 51.62
C ALA B 303 -22.55 -11.78 50.90
N LYS B 304 -23.21 -11.75 49.75
CA LYS B 304 -23.29 -12.91 48.88
C LYS B 304 -21.91 -13.26 48.32
N GLU B 305 -21.73 -14.54 47.99
CA GLU B 305 -20.52 -14.99 47.33
C GLU B 305 -20.24 -14.15 46.07
N PRO B 306 -19.09 -13.50 45.98
CA PRO B 306 -18.84 -12.59 44.85
C PRO B 306 -18.89 -13.30 43.51
N LYS B 307 -19.68 -12.76 42.59
CA LYS B 307 -19.61 -13.14 41.18
C LYS B 307 -18.27 -12.68 40.60
N ILE B 308 -17.79 -13.45 39.63
CA ILE B 308 -16.47 -13.24 39.02
C ILE B 308 -16.61 -13.33 37.51
N VAL B 309 -16.02 -12.36 36.80
CA VAL B 309 -16.08 -12.30 35.35
C VAL B 309 -14.70 -11.95 34.81
N ASN B 310 -14.35 -12.53 33.67
CA ASN B 310 -13.01 -12.41 33.10
C ASN B 310 -13.07 -11.60 31.81
N GLY B 311 -12.14 -10.65 31.67
CA GLY B 311 -12.10 -9.77 30.54
C GLY B 311 -12.06 -10.44 29.18
N PRO B 312 -10.98 -11.18 28.89
CA PRO B 312 -10.90 -11.90 27.61
C PRO B 312 -12.09 -12.81 27.33
N GLU B 313 -12.63 -13.49 28.34
CA GLU B 313 -13.86 -14.23 28.14
C GLU B 313 -14.93 -13.39 27.45
N ILE B 314 -15.26 -12.25 28.06
CA ILE B 314 -16.27 -11.36 27.47
C ILE B 314 -15.87 -10.93 26.07
N LEU B 315 -14.63 -10.48 25.90
CA LEU B 315 -14.22 -9.90 24.62
C LEU B 315 -14.27 -10.93 23.48
N SER B 316 -13.79 -12.14 23.72
CA SER B 316 -13.72 -13.13 22.65
C SER B 316 -15.10 -13.61 22.21
N LYS B 317 -16.09 -13.59 23.09
CA LYS B 317 -17.45 -13.97 22.70
C LYS B 317 -17.91 -13.18 21.49
N TYR B 318 -18.90 -13.72 20.78
CA TYR B 318 -19.47 -13.05 19.61
C TYR B 318 -20.03 -11.68 19.98
N VAL B 319 -20.05 -10.77 19.01
CA VAL B 319 -20.43 -9.38 19.26
C VAL B 319 -21.81 -9.29 19.90
N GLY B 320 -22.81 -9.93 19.27
CA GLY B 320 -24.16 -9.86 19.81
C GLY B 320 -24.29 -10.47 21.19
N SER B 321 -23.74 -11.66 21.38
CA SER B 321 -23.72 -12.28 22.70
C SER B 321 -23.00 -11.40 23.71
N SER B 322 -21.86 -10.83 23.32
CA SER B 322 -21.13 -9.91 24.19
C SER B 322 -22.00 -8.73 24.62
N GLU B 323 -22.69 -8.11 23.67
CA GLU B 323 -23.54 -6.97 24.02
C GLU B 323 -24.69 -7.39 24.92
N GLU B 324 -25.22 -8.60 24.74
CA GLU B 324 -26.31 -9.07 25.61
C GLU B 324 -25.80 -9.44 27.00
N ASN B 325 -24.61 -10.03 27.09
CA ASN B 325 -24.21 -10.76 28.29
C ASN B 325 -24.09 -9.86 29.52
N ILE B 326 -23.72 -8.58 29.33
CA ILE B 326 -23.46 -7.73 30.48
C ILE B 326 -24.73 -7.48 31.28
N ARG B 327 -25.87 -7.30 30.61
CA ARG B 327 -27.13 -7.11 31.32
C ARG B 327 -27.46 -8.29 32.23
N ASN B 328 -26.96 -9.48 31.91
CA ASN B 328 -27.25 -10.65 32.74
C ASN B 328 -26.60 -10.52 34.13
N LEU B 329 -25.39 -10.00 34.19
CA LEU B 329 -24.60 -10.08 35.43
C LEU B 329 -25.28 -9.36 36.59
N PHE B 330 -25.85 -8.17 36.34
CA PHE B 330 -26.46 -7.34 37.38
C PHE B 330 -27.92 -7.69 37.73
N LYS B 331 -28.52 -8.69 37.07
CA LYS B 331 -29.95 -8.97 37.21
C LYS B 331 -30.39 -9.13 38.67
N ASP B 332 -29.77 -10.06 39.40
CA ASP B 332 -30.17 -10.38 40.76
C ASP B 332 -30.16 -9.16 41.67
N ALA B 333 -29.15 -8.30 41.53
CA ALA B 333 -29.09 -7.11 42.38
C ALA B 333 -30.19 -6.13 42.05
N GLU B 334 -30.56 -6.01 40.77
CA GLU B 334 -31.68 -5.15 40.42
C GLU B 334 -32.92 -5.65 41.12
N ALA B 335 -33.12 -6.98 41.05
CA ALA B 335 -34.29 -7.56 41.70
C ALA B 335 -34.29 -7.13 43.16
N GLU B 336 -33.20 -7.46 43.87
CA GLU B 336 -33.21 -7.28 45.31
C GLU B 336 -33.42 -5.81 45.67
N TYR B 337 -32.87 -4.89 44.85
CA TYR B 337 -33.06 -3.46 45.15
C TYR B 337 -34.51 -3.05 45.00
N ARG B 338 -35.21 -3.61 44.01
CA ARG B 338 -36.66 -3.36 43.94
C ARG B 338 -37.42 -3.98 45.09
N ALA B 339 -37.04 -5.19 45.51
CA ALA B 339 -37.77 -5.87 46.57
C ALA B 339 -37.64 -5.15 47.91
N LYS B 340 -36.42 -4.73 48.28
CA LYS B 340 -36.19 -4.28 49.66
C LYS B 340 -35.51 -2.91 49.82
N GLY B 341 -35.17 -2.21 48.74
CA GLY B 341 -34.70 -0.84 48.88
C GLY B 341 -33.41 -0.71 49.67
N GLU B 342 -33.30 0.40 50.39
CA GLU B 342 -32.04 0.77 51.02
C GLU B 342 -31.58 -0.23 52.08
N GLU B 343 -32.45 -1.11 52.56
CA GLU B 343 -32.04 -2.17 53.49
C GLU B 343 -31.40 -3.38 52.83
N SER B 344 -31.28 -3.41 51.50
CA SER B 344 -30.77 -4.61 50.84
C SER B 344 -29.35 -4.94 51.28
N SER B 345 -29.01 -6.23 51.18
CA SER B 345 -27.65 -6.69 51.41
C SER B 345 -26.72 -6.19 50.30
N LEU B 346 -25.42 -6.14 50.63
CA LEU B 346 -24.43 -5.70 49.66
C LEU B 346 -24.19 -6.78 48.60
N HIS B 347 -23.98 -6.34 47.36
CA HIS B 347 -23.57 -7.19 46.25
C HIS B 347 -22.20 -6.76 45.75
N ILE B 348 -21.27 -7.72 45.71
CA ILE B 348 -19.88 -7.45 45.35
C ILE B 348 -19.54 -8.17 44.05
N ILE B 349 -19.04 -7.42 43.08
CA ILE B 349 -18.69 -7.96 41.76
C ILE B 349 -17.21 -7.74 41.52
N ILE B 350 -16.51 -8.78 41.07
CA ILE B 350 -15.07 -8.76 40.84
C ILE B 350 -14.80 -8.82 39.34
N PHE B 351 -14.01 -7.87 38.84
CA PHE B 351 -13.70 -7.76 37.43
C PHE B 351 -12.20 -7.95 37.27
N ASP B 352 -11.81 -8.94 36.46
CA ASP B 352 -10.43 -9.40 36.37
C ASP B 352 -9.78 -9.03 35.04
N GLU B 353 -8.51 -8.64 35.10
CA GLU B 353 -7.72 -8.28 33.92
C GLU B 353 -8.36 -7.14 33.12
N LEU B 354 -8.68 -6.06 33.83
CA LEU B 354 -9.47 -4.98 33.24
C LEU B 354 -8.76 -4.35 32.05
N ASP B 355 -7.44 -4.20 32.14
CA ASP B 355 -6.68 -3.49 31.13
C ASP B 355 -6.92 -4.07 29.74
N SER B 356 -7.23 -5.36 29.65
CA SER B 356 -7.38 -6.01 28.35
C SER B 356 -8.33 -5.23 27.45
N VAL B 357 -9.38 -4.63 28.04
CA VAL B 357 -10.38 -3.96 27.19
C VAL B 357 -9.83 -2.70 26.50
N PHE B 358 -8.81 -2.07 27.05
CA PHE B 358 -8.21 -0.88 26.45
C PHE B 358 -7.03 -1.17 25.53
N LYS B 359 -6.44 -2.37 25.61
CA LYS B 359 -5.24 -2.72 24.85
C LYS B 359 -5.54 -2.99 23.36
N GLN B 360 -6.07 -1.98 22.68
CA GLN B 360 -6.40 -2.09 21.26
C GLN B 360 -6.51 -0.70 20.64
N GLY B 371 -14.90 -3.54 22.73
CA GLY B 371 -14.28 -2.99 23.91
C GLY B 371 -15.06 -1.84 24.51
N ASP B 372 -15.40 -0.87 23.67
CA ASP B 372 -16.07 0.34 24.12
C ASP B 372 -17.44 0.06 24.72
N ASN B 373 -18.20 -0.86 24.12
CA ASN B 373 -19.57 -1.13 24.56
C ASN B 373 -19.63 -1.62 26.01
N VAL B 374 -18.71 -2.52 26.38
CA VAL B 374 -18.68 -3.05 27.73
C VAL B 374 -18.40 -1.95 28.74
N VAL B 375 -17.42 -1.10 28.43
CA VAL B 375 -17.05 -0.03 29.34
C VAL B 375 -18.21 0.96 29.51
N ASN B 376 -18.86 1.31 28.39
CA ASN B 376 -19.99 2.22 28.46
C ASN B 376 -21.09 1.69 29.37
N GLN B 377 -21.51 0.44 29.14
CA GLN B 377 -22.65 -0.07 29.91
C GLN B 377 -22.27 -0.29 31.36
N LEU B 378 -21.00 -0.63 31.63
CA LEU B 378 -20.56 -0.77 33.01
C LEU B 378 -20.62 0.57 33.72
N LEU B 379 -20.11 1.63 33.09
CA LEU B 379 -20.18 2.93 33.73
C LEU B 379 -21.64 3.35 33.92
N ALA B 380 -22.49 3.05 32.94
CA ALA B 380 -23.90 3.43 33.07
C ALA B 380 -24.51 2.84 34.33
N LYS B 381 -24.17 1.60 34.67
CA LYS B 381 -24.77 0.99 35.86
C LYS B 381 -24.31 1.58 37.19
N MET B 382 -23.16 2.24 37.27
CA MET B 382 -22.64 2.74 38.54
C MET B 382 -22.58 4.25 38.68
N ASP B 383 -22.57 5.01 37.59
CA ASP B 383 -22.39 6.45 37.65
C ASP B 383 -23.57 7.24 37.11
N GLY B 384 -24.43 6.66 36.29
CA GLY B 384 -25.46 7.38 35.57
C GLY B 384 -26.76 7.60 36.32
N VAL B 385 -27.84 7.76 35.55
CA VAL B 385 -29.18 7.90 36.10
C VAL B 385 -29.79 6.54 36.46
N ASP B 386 -29.39 5.48 35.77
CA ASP B 386 -29.88 4.13 36.08
C ASP B 386 -29.11 3.49 37.23
N GLN B 387 -28.73 4.28 38.21
CA GLN B 387 -27.73 3.88 39.21
C GLN B 387 -28.31 2.87 40.20
N LEU B 388 -27.49 1.90 40.57
CA LEU B 388 -27.81 0.95 41.64
C LEU B 388 -26.92 1.27 42.84
N ASN B 389 -27.53 1.36 44.02
CA ASN B 389 -26.81 1.65 45.25
C ASN B 389 -26.37 0.38 46.00
N ASN B 390 -26.71 -0.80 45.51
CA ASN B 390 -26.33 -2.04 46.16
C ASN B 390 -24.92 -2.52 45.83
N ILE B 391 -24.32 -2.04 44.74
CA ILE B 391 -23.16 -2.72 44.17
C ILE B 391 -21.85 -2.11 44.68
N LEU B 392 -20.79 -2.93 44.64
CA LEU B 392 -19.41 -2.48 44.71
C LEU B 392 -18.64 -3.26 43.65
N VAL B 393 -17.85 -2.56 42.83
CA VAL B 393 -17.05 -3.17 41.78
C VAL B 393 -15.57 -3.08 42.15
N ILE B 394 -14.89 -4.23 42.14
CA ILE B 394 -13.45 -4.31 42.37
C ILE B 394 -12.76 -4.53 41.03
N GLY B 395 -11.77 -3.71 40.71
CA GLY B 395 -10.92 -3.91 39.54
C GLY B 395 -9.53 -4.40 39.92
N MET B 396 -8.98 -5.29 39.09
CA MET B 396 -7.67 -5.90 39.31
C MET B 396 -6.85 -5.83 38.02
N THR B 397 -5.64 -5.30 38.12
CA THR B 397 -4.82 -5.09 36.92
C THR B 397 -3.34 -5.12 37.30
N ASN B 398 -2.53 -5.61 36.37
CA ASN B 398 -1.07 -5.63 36.51
C ASN B 398 -0.43 -4.36 35.97
N ARG B 399 -1.14 -3.59 35.13
CA ARG B 399 -0.56 -2.49 34.37
C ARG B 399 -1.51 -1.31 34.46
N LYS B 400 -1.22 -0.40 35.38
CA LYS B 400 -2.06 0.78 35.58
C LYS B 400 -2.00 1.74 34.40
N ASP B 401 -0.81 1.92 33.82
CA ASP B 401 -0.60 2.97 32.83
C ASP B 401 -1.58 2.88 31.66
N LEU B 402 -2.11 1.70 31.37
CA LEU B 402 -2.99 1.55 30.21
C LEU B 402 -4.42 2.01 30.48
N ILE B 403 -4.85 2.03 31.75
CA ILE B 403 -6.19 2.51 32.08
C ILE B 403 -6.24 4.02 31.92
N ASP B 404 -7.18 4.49 31.10
CA ASP B 404 -7.26 5.92 30.78
C ASP B 404 -7.79 6.72 31.97
N SER B 405 -7.40 7.99 32.01
CA SER B 405 -7.72 8.88 33.14
C SER B 405 -9.21 9.01 33.38
N ALA B 406 -10.03 8.78 32.37
CA ALA B 406 -11.48 8.96 32.50
C ALA B 406 -12.03 8.13 33.65
N LEU B 407 -11.62 6.87 33.74
CA LEU B 407 -12.25 5.98 34.70
C LEU B 407 -11.85 6.33 36.12
N LEU B 408 -10.80 7.13 36.32
CA LEU B 408 -10.29 7.38 37.66
C LEU B 408 -10.91 8.59 38.35
N ARG B 409 -11.67 9.43 37.63
CA ARG B 409 -12.22 10.64 38.24
C ARG B 409 -13.23 10.29 39.33
N PRO B 410 -13.45 11.21 40.28
CA PRO B 410 -14.37 10.92 41.40
C PRO B 410 -15.75 10.47 40.96
N GLY B 411 -16.31 9.56 41.75
CA GLY B 411 -17.57 8.90 41.46
C GLY B 411 -17.44 7.60 40.70
N ARG B 412 -16.29 7.37 40.07
CA ARG B 412 -15.99 6.11 39.39
C ARG B 412 -15.05 5.29 40.27
N PHE B 413 -13.94 4.75 39.77
CA PHE B 413 -12.97 4.01 40.58
C PHE B 413 -12.13 5.02 41.35
N GLU B 414 -12.65 5.44 42.51
CA GLU B 414 -12.13 6.57 43.25
C GLU B 414 -10.89 6.23 44.09
N VAL B 415 -10.74 4.97 44.52
CA VAL B 415 -9.71 4.60 45.48
C VAL B 415 -8.82 3.52 44.85
N GLN B 416 -7.49 3.71 44.97
CA GLN B 416 -6.47 2.90 44.32
C GLN B 416 -5.45 2.42 45.34
N VAL B 417 -5.12 1.12 45.31
CA VAL B 417 -4.22 0.52 46.30
C VAL B 417 -3.24 -0.40 45.59
N GLU B 418 -2.03 -0.47 46.14
CA GLU B 418 -0.90 -1.19 45.58
C GLU B 418 -0.49 -2.36 46.47
N ILE B 419 -0.21 -3.49 45.85
CA ILE B 419 0.20 -4.71 46.53
C ILE B 419 1.62 -5.08 46.10
N HIS B 420 2.46 -5.47 47.07
CA HIS B 420 3.90 -5.65 46.86
C HIS B 420 4.29 -7.09 47.12
N LEU B 421 5.50 -7.44 46.68
CA LEU B 421 6.10 -8.72 47.03
C LEU B 421 6.53 -8.71 48.50
N PRO B 422 6.33 -9.81 49.23
CA PRO B 422 6.57 -9.78 50.68
C PRO B 422 8.06 -9.70 50.99
N ASP B 423 8.34 -9.24 52.21
CA ASP B 423 9.67 -9.21 52.75
C ASP B 423 9.82 -10.37 53.74
N GLU B 424 10.94 -10.39 54.46
CA GLU B 424 11.34 -11.53 55.29
C GLU B 424 10.24 -11.92 56.28
N LYS B 425 9.73 -10.93 57.01
CA LYS B 425 8.69 -11.19 57.99
C LYS B 425 7.43 -11.75 57.34
N GLY B 426 7.05 -11.20 56.19
CA GLY B 426 5.87 -11.70 55.50
C GLY B 426 5.98 -13.17 55.17
N ARG B 427 7.15 -13.59 54.68
CA ARG B 427 7.31 -15.00 54.33
C ARG B 427 7.25 -15.87 55.57
N LEU B 428 7.80 -15.37 56.68
CA LEU B 428 7.67 -16.13 57.92
C LEU B 428 6.21 -16.35 58.27
N GLN B 429 5.37 -15.33 58.06
CA GLN B 429 3.95 -15.50 58.36
C GLN B 429 3.26 -16.47 57.38
N ILE B 430 3.60 -16.37 56.09
CA ILE B 430 2.91 -17.17 55.08
C ILE B 430 3.18 -18.65 55.31
N PHE B 431 4.41 -19.00 55.71
CA PHE B 431 4.69 -20.42 55.98
C PHE B 431 3.78 -20.94 57.08
N ASP B 432 3.58 -20.14 58.12
CA ASP B 432 2.70 -20.53 59.22
C ASP B 432 1.29 -20.79 58.71
N ILE B 433 0.79 -19.89 57.86
CA ILE B 433 -0.57 -20.05 57.38
C ILE B 433 -0.71 -21.32 56.55
N GLN B 434 0.33 -21.64 55.78
CA GLN B 434 0.21 -22.80 54.90
C GLN B 434 0.40 -24.13 55.62
N THR B 435 1.23 -24.18 56.68
CA THR B 435 1.50 -25.44 57.38
C THR B 435 0.68 -25.63 58.67
N LYS B 436 -0.31 -24.78 58.94
CA LYS B 436 -1.15 -24.95 60.12
C LYS B 436 -1.74 -26.37 60.22
N LYS B 437 -2.42 -26.81 59.15
CA LYS B 437 -3.17 -28.06 59.24
C LYS B 437 -2.27 -29.26 59.28
N MET B 438 -1.03 -29.15 58.79
CA MET B 438 -0.06 -30.21 59.02
C MET B 438 0.34 -30.25 60.48
N ARG B 439 0.77 -29.11 61.03
CA ARG B 439 1.32 -29.14 62.37
C ARG B 439 0.30 -29.65 63.38
N GLU B 440 -0.98 -29.34 63.17
CA GLU B 440 -1.96 -29.66 64.22
C GLU B 440 -2.44 -31.10 64.18
N ASN B 441 -1.98 -31.92 63.22
CA ASN B 441 -2.34 -33.33 63.17
C ASN B 441 -1.16 -34.27 63.38
N ASN B 442 -0.02 -33.75 63.88
CA ASN B 442 1.17 -34.56 64.11
C ASN B 442 1.61 -35.31 62.85
N MET B 443 1.76 -34.57 61.75
CA MET B 443 2.31 -35.11 60.52
C MET B 443 3.56 -34.37 60.05
N MET B 444 4.10 -33.45 60.84
CA MET B 444 5.31 -32.72 60.48
C MET B 444 6.39 -32.97 61.52
N SER B 445 7.59 -33.31 61.05
CA SER B 445 8.68 -33.68 61.92
C SER B 445 9.12 -32.48 62.77
N ASP B 446 9.99 -32.74 63.74
CA ASP B 446 10.47 -31.72 64.65
C ASP B 446 11.75 -31.07 64.17
N ASP B 447 12.31 -31.52 63.05
CA ASP B 447 13.55 -30.93 62.55
C ASP B 447 13.33 -29.65 61.76
N VAL B 448 12.14 -29.45 61.21
CA VAL B 448 11.92 -28.33 60.29
C VAL B 448 11.81 -27.05 61.10
N ASN B 449 12.71 -26.11 60.84
CA ASN B 449 12.75 -24.81 61.51
C ASN B 449 12.39 -23.74 60.50
N LEU B 450 11.29 -23.05 60.73
CA LEU B 450 10.72 -22.18 59.71
C LEU B 450 11.51 -20.90 59.50
N ALA B 451 12.28 -20.47 60.50
CA ALA B 451 13.09 -19.27 60.33
C ALA B 451 14.21 -19.46 59.32
N GLU B 452 14.71 -20.69 59.18
CA GLU B 452 15.73 -20.97 58.16
C GLU B 452 15.12 -20.91 56.77
N LEU B 453 13.96 -21.54 56.60
CA LEU B 453 13.29 -21.52 55.31
C LEU B 453 12.94 -20.10 54.91
N ALA B 454 12.49 -19.29 55.87
CA ALA B 454 12.14 -17.92 55.53
C ALA B 454 13.33 -17.16 54.96
N ALA B 455 14.56 -17.58 55.31
CA ALA B 455 15.75 -16.91 54.81
C ALA B 455 16.29 -17.52 53.52
N LEU B 456 16.02 -18.79 53.26
CA LEU B 456 16.46 -19.38 51.99
C LEU B 456 15.60 -18.89 50.82
N THR B 457 14.29 -18.88 50.99
CA THR B 457 13.36 -18.49 49.94
C THR B 457 13.33 -16.97 49.84
N LYS B 458 14.27 -16.42 49.07
CA LYS B 458 14.65 -15.02 49.20
C LYS B 458 13.77 -14.07 48.39
N ASN B 459 13.17 -14.52 47.28
CA ASN B 459 12.37 -13.60 46.47
C ASN B 459 11.07 -14.23 45.99
N PHE B 460 10.51 -15.13 46.79
CA PHE B 460 9.31 -15.88 46.41
C PHE B 460 8.06 -15.02 46.62
N SER B 461 7.01 -15.32 45.85
CA SER B 461 5.68 -14.82 46.18
C SER B 461 4.90 -15.96 46.85
N GLY B 462 3.62 -15.71 47.15
CA GLY B 462 2.84 -16.68 47.91
C GLY B 462 2.58 -18.00 47.19
N ALA B 463 2.20 -17.92 45.92
CA ALA B 463 1.85 -19.12 45.16
C ALA B 463 3.02 -20.10 45.12
N GLU B 464 4.23 -19.57 44.96
CA GLU B 464 5.39 -20.44 44.96
C GLU B 464 5.52 -21.15 46.29
N ILE B 465 5.18 -20.48 47.40
CA ILE B 465 5.31 -21.14 48.69
C ILE B 465 4.30 -22.29 48.80
N GLU B 466 3.08 -22.09 48.28
CA GLU B 466 2.15 -23.23 48.23
C GLU B 466 2.75 -24.39 47.44
N GLY B 467 3.30 -24.09 46.26
CA GLY B 467 3.86 -25.16 45.45
C GLY B 467 5.02 -25.88 46.12
N LEU B 468 5.83 -25.12 46.86
CA LEU B 468 6.96 -25.70 47.58
C LEU B 468 6.49 -26.71 48.62
N VAL B 469 5.45 -26.34 49.38
CA VAL B 469 4.93 -27.27 50.39
C VAL B 469 4.37 -28.52 49.71
N LYS B 470 3.70 -28.36 48.58
CA LYS B 470 3.15 -29.53 47.88
C LYS B 470 4.24 -30.50 47.42
N SER B 471 5.33 -29.98 46.86
CA SER B 471 6.42 -30.85 46.44
C SER B 471 7.05 -31.57 47.63
N ALA B 472 7.27 -30.83 48.72
CA ALA B 472 7.83 -31.46 49.91
C ALA B 472 6.96 -32.63 50.34
N SER B 473 5.63 -32.46 50.32
CA SER B 473 4.75 -33.56 50.71
C SER B 473 4.93 -34.75 49.77
N SER B 474 5.04 -34.45 48.46
CA SER B 474 5.10 -35.52 47.47
C SER B 474 6.25 -36.47 47.73
N PHE B 475 7.41 -35.95 48.15
CA PHE B 475 8.55 -36.85 48.37
C PHE B 475 8.20 -37.96 49.37
N ALA B 476 7.71 -37.56 50.54
CA ALA B 476 7.44 -38.53 51.59
C ALA B 476 6.30 -39.45 51.18
N ILE B 477 5.32 -38.95 50.42
CA ILE B 477 4.27 -39.84 49.96
C ILE B 477 4.87 -40.91 49.05
N ASN B 478 5.80 -40.51 48.17
CA ASN B 478 6.33 -41.46 47.21
C ASN B 478 7.39 -42.37 47.81
N LYS B 479 7.65 -42.27 49.10
CA LYS B 479 8.61 -43.16 49.76
C LYS B 479 7.92 -44.32 50.50
N THR B 480 6.61 -44.48 50.30
CA THR B 480 5.80 -45.52 50.93
C THR B 480 4.82 -46.13 49.93
N VAL B 481 5.16 -46.10 48.65
CA VAL B 481 4.36 -46.67 47.56
C VAL B 481 5.22 -47.73 46.88
N ASN B 482 4.74 -48.96 46.88
CA ASN B 482 5.47 -50.13 46.38
C ASN B 482 6.65 -50.44 47.31
N ASN B 491 -0.43 -50.65 47.94
CA ASN B 491 0.50 -50.81 49.05
C ASN B 491 -0.05 -49.99 50.22
N THR B 492 0.12 -50.49 51.44
CA THR B 492 -0.42 -49.85 52.63
C THR B 492 0.46 -50.17 53.83
N LYS B 493 -0.15 -50.41 55.01
CA LYS B 493 0.57 -50.73 56.25
C LYS B 493 0.81 -49.48 57.09
N ASP B 494 1.83 -48.70 56.74
CA ASP B 494 2.10 -47.48 57.48
C ASP B 494 0.93 -46.53 57.23
N ILE B 495 1.09 -45.57 56.32
CA ILE B 495 0.05 -44.56 56.08
C ILE B 495 -0.49 -44.19 57.46
N ALA B 496 0.44 -44.14 58.42
CA ALA B 496 0.19 -43.86 59.83
C ALA B 496 1.37 -43.10 60.43
N LYS B 497 2.60 -43.59 60.21
CA LYS B 497 3.83 -42.92 60.66
C LYS B 497 4.42 -42.06 59.54
N LEU B 498 3.58 -41.33 58.82
CA LEU B 498 4.02 -40.43 57.75
C LEU B 498 4.48 -39.10 58.33
N LYS B 499 5.78 -38.82 58.27
CA LYS B 499 6.33 -37.57 58.77
C LYS B 499 7.17 -36.91 57.67
N VAL B 500 7.04 -35.59 57.54
CA VAL B 500 7.78 -34.80 56.56
C VAL B 500 9.02 -34.20 57.22
N THR B 501 10.18 -34.78 56.93
CA THR B 501 11.44 -34.34 57.52
C THR B 501 11.86 -32.99 56.90
N ARG B 502 13.11 -32.61 57.15
CA ARG B 502 13.70 -31.39 56.60
C ARG B 502 14.37 -31.64 55.25
N GLU B 503 14.98 -32.81 55.10
CA GLU B 503 15.60 -33.19 53.84
C GLU B 503 14.65 -33.00 52.66
N ASP B 504 13.36 -33.29 52.87
CA ASP B 504 12.38 -33.12 51.82
C ASP B 504 12.27 -31.67 51.36
N PHE B 505 12.26 -30.71 52.29
CA PHE B 505 12.19 -29.31 51.89
C PHE B 505 13.39 -28.92 51.04
N LEU B 506 14.60 -29.30 51.49
CA LEU B 506 15.78 -28.88 50.77
C LEU B 506 15.83 -29.55 49.40
N ASN B 507 15.30 -30.78 49.29
CA ASN B 507 15.16 -31.37 47.96
C ASN B 507 14.13 -30.62 47.14
N ALA B 508 13.06 -30.15 47.79
CA ALA B 508 12.00 -29.45 47.08
C ALA B 508 12.48 -28.15 46.47
N LEU B 509 13.47 -27.52 47.09
CA LEU B 509 14.00 -26.27 46.53
C LEU B 509 14.50 -26.43 45.10
N ASN B 510 14.91 -27.63 44.72
CA ASN B 510 15.51 -27.86 43.40
C ASN B 510 14.50 -28.17 42.30
N ASP B 511 13.19 -28.13 42.58
CA ASP B 511 12.17 -28.40 41.58
C ASP B 511 11.31 -27.20 41.22
N VAL B 512 11.10 -26.27 42.15
CA VAL B 512 10.30 -25.08 41.92
C VAL B 512 11.24 -23.88 41.79
N THR B 513 11.20 -23.21 40.63
CA THR B 513 12.06 -22.07 40.34
C THR B 513 11.24 -20.79 40.32
N PRO B 514 11.67 -19.72 40.97
CA PRO B 514 10.86 -18.51 41.05
C PRO B 514 11.12 -17.56 39.88
N ALA B 515 10.05 -16.89 39.46
CA ALA B 515 10.22 -15.68 38.67
C ALA B 515 10.79 -14.56 39.55
N PHE B 516 11.54 -13.66 38.92
CA PHE B 516 12.39 -12.71 39.63
C PHE B 516 13.53 -13.44 40.35
N GLY B 517 14.05 -14.49 39.73
CA GLY B 517 15.16 -15.26 40.25
C GLY B 517 16.48 -14.96 39.55
N ILE B 518 17.37 -15.94 39.56
CA ILE B 518 18.67 -15.87 38.91
C ILE B 518 18.66 -16.83 37.73
N SER B 519 19.03 -16.33 36.55
CA SER B 519 19.12 -17.17 35.35
C SER B 519 20.49 -17.83 35.36
N GLU B 520 20.61 -18.86 36.22
CA GLU B 520 21.93 -19.39 36.56
C GLU B 520 22.59 -20.07 35.36
N GLU B 521 21.84 -20.88 34.61
CA GLU B 521 22.47 -21.71 33.59
C GLU B 521 23.11 -20.86 32.49
N ASP B 522 22.41 -19.80 32.05
CA ASP B 522 22.91 -18.98 30.96
C ASP B 522 24.21 -18.29 31.35
N LEU B 523 24.24 -17.65 32.52
CA LEU B 523 25.46 -17.00 32.97
C LEU B 523 26.58 -18.02 33.20
N LYS B 524 26.25 -19.13 33.86
CA LYS B 524 27.27 -20.04 34.35
C LYS B 524 27.89 -20.87 33.23
N THR B 525 27.07 -21.68 32.54
CA THR B 525 27.63 -22.65 31.60
C THR B 525 28.10 -21.96 30.33
N CYS B 526 27.22 -21.19 29.69
CA CYS B 526 27.52 -20.68 28.35
C CYS B 526 28.71 -19.74 28.37
N VAL B 527 28.79 -18.86 29.37
CA VAL B 527 29.63 -17.67 29.29
C VAL B 527 31.01 -17.86 29.92
N GLU B 528 31.21 -18.91 30.73
CA GLU B 528 32.42 -19.02 31.54
C GLU B 528 32.97 -20.45 31.47
N GLY B 529 34.13 -20.61 30.84
CA GLY B 529 34.78 -21.90 30.74
C GLY B 529 36.24 -21.83 31.13
N GLY B 530 36.54 -21.08 32.17
CA GLY B 530 37.89 -20.93 32.70
C GLY B 530 38.02 -19.54 33.31
N MET B 531 38.95 -19.43 34.27
CA MET B 531 39.33 -18.11 34.79
C MET B 531 40.68 -18.21 35.49
N MET B 532 41.70 -17.52 34.95
CA MET B 532 43.06 -17.66 35.44
C MET B 532 43.75 -16.31 35.39
N LEU B 533 44.44 -15.96 36.50
CA LEU B 533 44.91 -14.60 36.75
C LEU B 533 46.35 -14.46 36.25
N TYR B 534 46.47 -14.22 34.94
CA TYR B 534 47.76 -14.21 34.28
C TYR B 534 48.49 -12.86 34.37
N SER B 535 47.87 -11.81 34.88
CA SER B 535 48.54 -10.51 34.94
C SER B 535 47.88 -9.66 36.02
N GLU B 536 48.57 -8.56 36.39
CA GLU B 536 48.09 -7.64 37.41
C GLU B 536 46.83 -6.88 37.01
N ARG B 537 46.69 -6.55 35.73
CA ARG B 537 45.56 -5.76 35.27
C ARG B 537 44.24 -6.49 35.50
N VAL B 538 44.25 -7.82 35.37
CA VAL B 538 43.05 -8.60 35.57
C VAL B 538 42.60 -8.54 37.04
N ASN B 539 43.57 -8.67 37.95
CA ASN B 539 43.25 -8.52 39.37
C ASN B 539 42.62 -7.16 39.64
N SER B 540 43.19 -6.11 39.02
CA SER B 540 42.67 -4.76 39.23
C SER B 540 41.22 -4.64 38.78
N ILE B 541 40.91 -5.23 37.62
CA ILE B 541 39.54 -5.14 37.09
C ILE B 541 38.54 -5.80 38.04
N LEU B 542 38.87 -7.02 38.50
CA LEU B 542 37.95 -7.71 39.40
C LEU B 542 37.74 -6.94 40.70
N LYS B 543 38.82 -6.37 41.24
CA LYS B 543 38.70 -5.61 42.49
C LYS B 543 37.81 -4.38 42.33
N ASN B 544 37.96 -3.66 41.21
CA ASN B 544 37.09 -2.51 40.99
C ASN B 544 35.63 -2.93 40.92
N GLY B 545 35.37 -4.08 40.28
CA GLY B 545 34.00 -4.56 40.24
C GLY B 545 33.41 -4.75 41.62
N ALA B 546 34.17 -5.39 42.52
CA ALA B 546 33.64 -5.58 43.88
C ALA B 546 33.38 -4.26 44.58
N ARG B 547 34.28 -3.29 44.41
CA ARG B 547 34.05 -1.94 44.91
C ARG B 547 32.65 -1.45 44.56
N TYR B 548 32.33 -1.46 43.26
CA TYR B 548 31.07 -0.86 42.82
C TYR B 548 29.89 -1.65 43.36
N VAL B 549 30.04 -2.97 43.44
CA VAL B 549 28.93 -3.79 43.90
C VAL B 549 28.53 -3.37 45.30
N ARG B 550 29.50 -3.30 46.21
CA ARG B 550 29.10 -2.98 47.58
C ARG B 550 28.83 -1.49 47.77
N GLN B 551 29.30 -0.62 46.87
CA GLN B 551 28.78 0.76 46.87
C GLN B 551 27.27 0.78 46.71
N VAL B 552 26.74 0.02 45.74
CA VAL B 552 25.29 0.09 45.49
C VAL B 552 24.47 -0.45 46.65
N ARG B 553 25.01 -1.35 47.46
CA ARG B 553 24.27 -2.06 48.49
C ARG B 553 24.22 -1.34 49.84
N GLU B 554 24.99 -0.28 50.04
CA GLU B 554 25.08 0.38 51.34
C GLU B 554 25.12 1.89 51.22
N SER B 555 24.35 2.44 50.28
CA SER B 555 24.31 3.88 50.09
C SER B 555 22.95 4.28 49.53
N ASP B 556 22.48 5.47 49.95
CA ASP B 556 21.15 5.96 49.60
C ASP B 556 21.20 7.06 48.55
N LYS B 557 22.40 7.53 48.17
CA LYS B 557 22.55 8.51 47.11
C LYS B 557 22.74 7.88 45.74
N SER B 558 23.25 6.65 45.70
CA SER B 558 23.55 5.94 44.46
C SER B 558 22.53 4.81 44.24
N ARG B 559 21.48 5.11 43.46
CA ARG B 559 20.46 4.13 43.15
C ARG B 559 20.45 3.77 41.67
N LEU B 560 21.43 4.26 40.90
CA LEU B 560 21.62 3.84 39.51
C LEU B 560 23.06 4.03 39.11
N VAL B 561 23.75 2.94 38.79
CA VAL B 561 25.13 2.97 38.30
C VAL B 561 25.20 2.22 36.97
N SER B 562 25.90 2.81 35.99
CA SER B 562 26.11 2.19 34.69
C SER B 562 27.58 2.27 34.29
N LEU B 563 28.09 1.20 33.67
CA LEU B 563 29.50 1.05 33.34
C LEU B 563 29.66 0.61 31.90
N LEU B 564 30.81 0.97 31.28
CA LEU B 564 31.14 0.50 29.94
C LEU B 564 32.49 -0.20 29.97
N ILE B 565 32.48 -1.49 29.62
CA ILE B 565 33.69 -2.31 29.48
C ILE B 565 34.02 -2.45 28.00
N HIS B 566 35.22 -2.00 27.60
CA HIS B 566 35.58 -1.97 26.18
C HIS B 566 37.03 -2.42 25.95
N GLY B 567 37.24 -2.97 24.74
CA GLY B 567 38.51 -3.50 24.33
C GLY B 567 38.42 -4.26 23.03
N PRO B 568 39.56 -4.73 22.52
CA PRO B 568 39.58 -5.37 21.20
C PRO B 568 38.84 -6.69 21.19
N ALA B 569 38.54 -7.17 19.99
CA ALA B 569 37.82 -8.44 19.86
C ALA B 569 38.71 -9.58 20.34
N GLY B 570 38.12 -10.52 21.07
CA GLY B 570 38.86 -11.64 21.61
C GLY B 570 39.55 -11.38 22.93
N SER B 571 39.30 -10.22 23.54
CA SER B 571 40.10 -9.78 24.68
C SER B 571 39.65 -10.36 26.00
N GLY B 572 38.36 -10.72 26.15
CA GLY B 572 37.96 -11.35 27.39
C GLY B 572 37.02 -10.48 28.21
N LYS B 573 36.03 -9.85 27.55
CA LYS B 573 35.18 -8.85 28.17
C LYS B 573 33.78 -9.34 28.48
N THR B 574 33.40 -10.54 28.06
CA THR B 574 32.11 -11.13 28.39
C THR B 574 32.19 -12.13 29.54
N ALA B 575 33.35 -12.73 29.77
CA ALA B 575 33.57 -13.59 30.93
C ALA B 575 33.87 -12.81 32.20
N LEU B 576 34.35 -11.57 32.07
CA LEU B 576 34.59 -10.74 33.25
C LEU B 576 33.28 -10.24 33.83
N ALA B 577 32.41 -9.69 32.99
CA ALA B 577 31.16 -9.16 33.52
C ALA B 577 30.44 -10.27 34.28
N ALA B 578 30.25 -11.42 33.62
CA ALA B 578 29.58 -12.53 34.27
C ALA B 578 30.27 -12.88 35.58
N GLU B 579 31.61 -12.86 35.58
CA GLU B 579 32.31 -13.26 36.79
C GLU B 579 31.97 -12.31 37.92
N ILE B 580 31.91 -11.01 37.63
CA ILE B 580 31.54 -10.04 38.65
C ILE B 580 30.11 -10.32 39.13
N ALA B 581 29.23 -10.70 38.20
CA ALA B 581 27.82 -10.82 38.56
C ALA B 581 27.60 -12.00 39.49
N LEU B 582 28.23 -13.14 39.22
CA LEU B 582 27.94 -14.34 40.00
C LEU B 582 28.38 -14.22 41.46
N LYS B 583 29.42 -13.43 41.72
CA LYS B 583 29.95 -13.27 43.08
C LYS B 583 29.17 -12.28 43.95
N SER B 584 28.21 -11.54 43.39
CA SER B 584 27.54 -10.50 44.16
C SER B 584 26.50 -11.08 45.13
N GLY B 585 25.81 -12.14 44.74
CA GLY B 585 24.77 -12.69 45.58
C GLY B 585 23.46 -11.94 45.58
N PHE B 586 23.24 -11.06 44.60
CA PHE B 586 21.97 -10.34 44.54
C PHE B 586 20.85 -11.30 44.19
N PRO B 587 19.61 -11.01 44.59
CA PRO B 587 18.50 -11.93 44.27
C PRO B 587 18.16 -12.01 42.80
N PHE B 588 18.31 -10.91 42.06
CA PHE B 588 17.77 -10.74 40.71
C PHE B 588 18.95 -10.47 39.78
N ILE B 589 19.11 -11.30 38.74
CA ILE B 589 20.14 -11.10 37.72
C ILE B 589 19.61 -11.52 36.37
N ARG B 590 19.85 -10.69 35.35
CA ARG B 590 19.40 -11.08 34.01
C ARG B 590 20.33 -10.47 32.96
N LEU B 591 20.25 -10.99 31.73
CA LEU B 591 21.05 -10.44 30.65
C LEU B 591 20.28 -10.39 29.34
N ILE B 592 20.60 -9.37 28.54
CA ILE B 592 20.05 -9.16 27.21
C ILE B 592 21.19 -9.33 26.20
N SER B 593 21.02 -10.28 25.29
CA SER B 593 22.06 -10.64 24.32
C SER B 593 21.42 -10.96 22.98
N PRO B 594 22.22 -11.02 21.91
CA PRO B 594 21.65 -11.36 20.59
C PRO B 594 20.94 -12.71 20.54
N ASN B 595 21.35 -13.68 21.37
CA ASN B 595 20.74 -15.00 21.33
C ASN B 595 19.26 -14.94 21.66
N GLU B 596 18.85 -14.02 22.53
CA GLU B 596 17.45 -13.93 22.91
C GLU B 596 16.59 -13.35 21.80
N LEU B 597 17.14 -12.41 21.01
CA LEU B 597 16.37 -11.66 20.03
C LEU B 597 16.42 -12.25 18.63
N SER B 598 16.96 -13.45 18.44
CA SER B 598 17.03 -14.02 17.11
C SER B 598 15.63 -14.43 16.62
N GLY B 599 15.35 -14.12 15.35
CA GLY B 599 14.13 -14.56 14.72
C GLY B 599 12.92 -13.68 14.92
N MET B 600 13.07 -12.54 15.58
CA MET B 600 11.94 -11.67 15.91
C MET B 600 11.86 -10.48 14.97
N SER B 601 10.65 -9.91 14.89
CA SER B 601 10.46 -8.68 14.15
C SER B 601 10.84 -7.50 15.04
N GLU B 602 10.97 -6.32 14.43
CA GLU B 602 11.45 -5.14 15.14
C GLU B 602 10.54 -4.76 16.30
N SER B 603 9.23 -4.72 16.04
CA SER B 603 8.28 -4.38 17.09
C SER B 603 8.37 -5.35 18.26
N ALA B 604 8.52 -6.64 17.95
CA ALA B 604 8.62 -7.63 19.02
C ALA B 604 9.87 -7.38 19.86
N LYS B 605 10.97 -7.01 19.20
CA LYS B 605 12.20 -6.74 19.94
C LYS B 605 12.00 -5.59 20.92
N ILE B 606 11.36 -4.51 20.47
CA ILE B 606 11.11 -3.38 21.36
C ILE B 606 10.27 -3.82 22.55
N ALA B 607 9.22 -4.61 22.27
CA ALA B 607 8.37 -5.11 23.35
C ALA B 607 9.16 -5.90 24.38
N TYR B 608 10.09 -6.74 23.92
CA TYR B 608 10.84 -7.60 24.82
C TYR B 608 11.77 -6.82 25.73
N ILE B 609 12.47 -5.83 25.15
CA ILE B 609 13.37 -5.01 25.95
C ILE B 609 12.57 -4.28 27.02
N ASP B 610 11.45 -3.67 26.62
CA ASP B 610 10.70 -2.87 27.57
C ASP B 610 10.13 -3.73 28.69
N ASN B 611 9.65 -4.93 28.37
CA ASN B 611 9.11 -5.80 29.42
C ASN B 611 10.19 -6.20 30.41
N THR B 612 11.40 -6.48 29.93
CA THR B 612 12.47 -6.85 30.87
C THR B 612 12.76 -5.71 31.83
N PHE B 613 12.87 -4.49 31.30
CA PHE B 613 13.15 -3.38 32.21
C PHE B 613 12.02 -3.20 33.22
N ARG B 614 10.76 -3.34 32.79
CA ARG B 614 9.67 -3.20 33.76
C ARG B 614 9.75 -4.27 34.84
N ASP B 615 10.14 -5.49 34.47
CA ASP B 615 10.25 -6.55 35.47
C ASP B 615 11.36 -6.26 36.48
N ALA B 616 12.39 -5.51 36.09
CA ALA B 616 13.47 -5.24 37.04
C ALA B 616 13.09 -4.27 38.16
N TYR B 617 12.00 -3.53 38.05
CA TYR B 617 11.63 -2.48 38.99
C TYR B 617 10.75 -2.95 40.15
N LYS B 618 10.79 -4.23 40.51
CA LYS B 618 9.91 -4.77 41.54
C LYS B 618 10.66 -5.57 42.60
N SER B 619 11.98 -5.47 42.66
CA SER B 619 12.80 -6.15 43.65
C SER B 619 13.76 -5.16 44.29
N PRO B 620 14.11 -5.37 45.57
CA PRO B 620 15.02 -4.42 46.23
C PRO B 620 16.37 -4.23 45.54
N LEU B 621 16.97 -5.29 45.00
CA LEU B 621 18.27 -5.24 44.35
C LEU B 621 18.23 -5.99 43.03
N ASN B 622 18.97 -5.49 42.04
CA ASN B 622 18.87 -6.00 40.68
C ASN B 622 20.19 -5.81 39.94
N ILE B 623 20.52 -6.74 39.05
CA ILE B 623 21.62 -6.57 38.10
C ILE B 623 21.14 -6.90 36.69
N LEU B 624 21.59 -6.10 35.72
CA LEU B 624 21.35 -6.39 34.31
C LEU B 624 22.66 -6.30 33.53
N VAL B 625 22.80 -7.22 32.57
CA VAL B 625 23.94 -7.27 31.67
C VAL B 625 23.44 -7.07 30.25
N ILE B 626 24.07 -6.16 29.51
CA ILE B 626 23.76 -5.94 28.11
C ILE B 626 25.02 -6.27 27.31
N ASP B 627 24.90 -7.20 26.36
CA ASP B 627 26.08 -7.74 25.71
C ASP B 627 26.07 -7.39 24.23
N SER B 628 27.22 -6.90 23.75
CA SER B 628 27.43 -6.66 22.32
C SER B 628 26.40 -5.67 21.79
N LEU B 629 26.53 -4.43 22.26
CA LEU B 629 25.52 -3.42 21.99
C LEU B 629 25.36 -3.17 20.50
N GLU B 630 26.48 -3.10 19.77
CA GLU B 630 26.41 -2.76 18.36
C GLU B 630 25.72 -3.84 17.53
N THR B 631 25.63 -5.08 18.05
CA THR B 631 24.92 -6.12 17.33
C THR B 631 23.41 -6.04 17.55
N LEU B 632 22.97 -5.60 18.73
CA LEU B 632 21.55 -5.43 18.97
C LEU B 632 20.93 -4.41 18.03
N VAL B 633 21.73 -3.47 17.52
CA VAL B 633 21.23 -2.43 16.63
C VAL B 633 21.41 -2.75 15.15
N ASP B 634 22.13 -3.83 14.81
CA ASP B 634 22.26 -4.30 13.42
C ASP B 634 23.16 -3.36 12.61
N TRP B 635 24.32 -3.02 13.17
CA TRP B 635 25.26 -2.14 12.49
C TRP B 635 26.05 -2.90 11.42
N VAL B 636 26.09 -2.34 10.22
CA VAL B 636 26.95 -2.83 9.14
C VAL B 636 27.54 -1.63 8.42
N PRO B 637 28.87 -1.54 8.25
CA PRO B 637 29.49 -0.27 7.88
C PRO B 637 29.43 0.09 6.40
N ILE B 638 28.94 -0.80 5.53
CA ILE B 638 28.95 -0.51 4.10
C ILE B 638 28.03 0.67 3.79
N GLY B 639 26.86 0.71 4.41
CA GLY B 639 25.87 1.71 4.13
C GLY B 639 26.31 3.10 4.53
N PRO B 640 26.35 3.38 5.84
CA PRO B 640 26.05 2.45 6.95
C PRO B 640 24.56 2.23 7.15
N ARG B 641 24.19 1.09 7.74
CA ARG B 641 22.81 0.76 8.02
C ARG B 641 22.67 0.33 9.47
N PHE B 642 21.58 0.76 10.11
CA PHE B 642 21.30 0.37 11.48
C PHE B 642 19.87 0.78 11.80
N SER B 643 19.38 0.30 12.95
CA SER B 643 18.01 0.53 13.39
C SER B 643 18.00 1.67 14.42
N ASN B 644 17.26 2.74 14.09
CA ASN B 644 17.25 3.94 14.92
C ASN B 644 16.23 3.89 16.06
N ASN B 645 15.12 3.19 15.86
CA ASN B 645 14.10 3.08 16.91
C ASN B 645 14.66 2.37 18.14
N ILE B 646 15.33 1.24 17.91
CA ILE B 646 15.87 0.47 19.01
C ILE B 646 16.93 1.30 19.74
N LEU B 647 17.71 2.06 18.97
CA LEU B 647 18.75 2.89 19.57
C LEU B 647 18.15 3.91 20.51
N GLN B 648 17.07 4.59 20.07
CA GLN B 648 16.46 5.58 20.94
C GLN B 648 15.87 4.93 22.19
N MET B 649 15.27 3.75 22.03
CA MET B 649 14.74 3.03 23.19
C MET B 649 15.84 2.77 24.21
N LEU B 650 16.95 2.18 23.76
CA LEU B 650 18.03 1.89 24.70
C LEU B 650 18.59 3.17 25.32
N LYS B 651 18.71 4.23 24.52
CA LYS B 651 19.29 5.46 25.02
C LYS B 651 18.45 6.04 26.15
N VAL B 652 17.12 6.01 26.00
CA VAL B 652 16.25 6.47 27.08
C VAL B 652 16.36 5.55 28.30
N ALA B 653 16.42 4.24 28.09
CA ALA B 653 16.31 3.30 29.21
C ALA B 653 17.51 3.35 30.15
N LEU B 654 18.71 3.65 29.65
CA LEU B 654 19.92 3.60 30.47
C LEU B 654 20.09 4.78 31.43
N LYS B 655 19.12 5.69 31.50
CA LYS B 655 19.18 6.79 32.46
C LYS B 655 18.03 6.79 33.47
N ARG B 656 16.92 6.14 33.18
CA ARG B 656 15.75 6.18 34.04
C ARG B 656 16.03 5.51 35.38
N LYS B 657 15.53 6.12 36.45
CA LYS B 657 15.79 5.69 37.83
C LYS B 657 14.60 4.94 38.41
N PRO B 658 14.80 3.83 39.10
CA PRO B 658 13.68 3.02 39.58
C PRO B 658 12.92 3.73 40.67
N PRO B 659 11.66 3.36 40.90
CA PRO B 659 10.82 4.12 41.84
C PRO B 659 10.90 3.61 43.27
N GLN B 660 10.50 4.50 44.18
CA GLN B 660 10.23 4.14 45.58
C GLN B 660 11.43 3.47 46.26
N ASP B 661 12.61 4.05 46.09
CA ASP B 661 13.79 3.62 46.84
C ASP B 661 14.17 2.19 46.50
N ARG B 662 14.33 1.93 45.21
CA ARG B 662 14.94 0.68 44.74
C ARG B 662 16.23 1.02 44.00
N ARG B 663 16.97 0.00 43.59
CA ARG B 663 18.27 0.27 42.96
C ARG B 663 18.71 -0.88 42.08
N LEU B 664 19.49 -0.55 41.04
CA LEU B 664 19.99 -1.57 40.12
C LEU B 664 21.35 -1.14 39.56
N LEU B 665 22.08 -2.12 39.05
CA LEU B 665 23.39 -1.93 38.43
C LEU B 665 23.36 -2.54 37.04
N ILE B 666 23.92 -1.80 36.07
CA ILE B 666 23.89 -2.17 34.66
C ILE B 666 25.33 -2.31 34.18
N MET B 667 25.60 -3.35 33.40
CA MET B 667 26.91 -3.56 32.79
C MET B 667 26.72 -3.80 31.31
N THR B 668 27.51 -3.14 30.47
CA THR B 668 27.39 -3.30 29.02
C THR B 668 28.77 -3.44 28.38
N THR B 669 28.81 -4.13 27.23
CA THR B 669 30.10 -4.45 26.61
C THR B 669 30.07 -4.17 25.11
N THR B 670 31.21 -3.71 24.58
CA THR B 670 31.31 -3.37 23.16
C THR B 670 32.75 -3.50 22.65
N SER B 671 32.88 -3.79 21.35
CA SER B 671 34.16 -3.81 20.65
C SER B 671 34.33 -2.67 19.65
N ALA B 672 33.34 -1.78 19.52
CA ALA B 672 33.30 -0.78 18.46
C ALA B 672 33.17 0.63 19.04
N TYR B 673 34.08 0.95 19.97
CA TYR B 673 34.00 2.20 20.71
C TYR B 673 33.83 3.43 19.82
N SER B 674 34.54 3.46 18.68
CA SER B 674 34.46 4.64 17.81
C SER B 674 33.07 4.82 17.25
N VAL B 675 32.38 3.71 16.96
CA VAL B 675 31.03 3.81 16.42
C VAL B 675 30.13 4.45 17.46
N LEU B 676 30.22 4.00 18.71
CA LEU B 676 29.39 4.59 19.74
C LEU B 676 29.71 6.07 19.87
N GLN B 677 30.98 6.44 19.68
CA GLN B 677 31.33 7.86 19.73
C GLN B 677 30.62 8.64 18.64
N GLN B 678 30.55 8.11 17.43
CA GLN B 678 29.87 8.79 16.34
C GLN B 678 28.35 8.92 16.55
N MET B 679 27.73 8.01 17.28
CA MET B 679 26.32 8.12 17.62
C MET B 679 26.06 8.88 18.91
N ASP B 680 27.08 9.50 19.48
CA ASP B 680 26.99 10.39 20.66
C ASP B 680 25.96 9.90 21.67
N ILE B 681 26.20 8.68 22.17
CA ILE B 681 25.54 8.17 23.35
C ILE B 681 26.54 7.87 24.46
N LEU B 682 27.71 8.50 24.42
CA LEU B 682 28.71 8.33 25.46
C LEU B 682 28.39 9.10 26.74
N SER B 683 27.35 9.94 26.74
CA SER B 683 26.95 10.66 27.94
C SER B 683 26.08 9.81 28.87
N CYS B 684 25.76 8.58 28.48
CA CYS B 684 24.90 7.74 29.33
C CYS B 684 25.67 7.01 30.41
N PHE B 685 26.96 6.76 30.20
CA PHE B 685 27.73 5.90 31.08
C PHE B 685 28.49 6.72 32.12
N ASP B 686 28.71 6.12 33.29
CA ASP B 686 29.39 6.80 34.38
C ASP B 686 30.89 6.57 34.38
N ASN B 687 31.36 5.40 33.98
CA ASN B 687 32.78 5.12 33.93
C ASN B 687 33.06 4.10 32.84
N GLU B 688 34.34 4.00 32.49
CA GLU B 688 34.80 3.19 31.37
C GLU B 688 36.00 2.38 31.81
N ILE B 689 35.98 1.09 31.48
CA ILE B 689 37.03 0.13 31.80
C ILE B 689 37.60 -0.41 30.51
N ALA B 690 38.92 -0.49 30.43
CA ALA B 690 39.61 -0.96 29.24
C ALA B 690 40.27 -2.31 29.51
N VAL B 691 40.16 -3.22 28.55
CA VAL B 691 40.75 -4.55 28.65
C VAL B 691 41.79 -4.72 27.54
N PRO B 692 43.07 -4.89 27.86
CA PRO B 692 44.09 -5.06 26.82
C PRO B 692 44.38 -6.51 26.47
N ASN B 693 45.09 -6.68 25.36
CA ASN B 693 45.55 -8.00 24.93
C ASN B 693 46.83 -8.36 25.69
N MET B 694 47.46 -9.46 25.29
CA MET B 694 48.73 -9.90 25.86
C MET B 694 49.88 -9.36 25.00
N THR B 695 50.96 -8.95 25.65
CA THR B 695 52.11 -8.42 24.92
C THR B 695 53.46 -8.85 25.49
N ASN B 696 53.49 -9.74 26.47
CA ASN B 696 54.75 -10.22 27.05
C ASN B 696 54.76 -11.73 27.12
N LEU B 697 55.95 -12.31 26.97
CA LEU B 697 56.08 -13.77 26.97
C LEU B 697 55.82 -14.39 28.34
N ASP B 698 56.17 -13.67 29.42
CA ASP B 698 55.89 -14.16 30.76
C ASP B 698 54.42 -14.46 30.99
N GLU B 699 53.52 -13.70 30.37
CA GLU B 699 52.09 -14.00 30.47
C GLU B 699 51.78 -15.33 29.80
N LEU B 700 52.46 -15.62 28.69
CA LEU B 700 52.23 -16.89 28.03
C LEU B 700 52.73 -18.05 28.88
N ASN B 701 53.84 -17.85 29.60
CA ASN B 701 54.31 -18.90 30.50
C ASN B 701 53.32 -19.13 31.63
N ASN B 702 52.69 -18.05 32.12
CA ASN B 702 51.65 -18.20 33.14
C ASN B 702 50.47 -19.01 32.63
N VAL B 703 50.01 -18.73 31.40
CA VAL B 703 48.86 -19.45 30.88
C VAL B 703 49.23 -20.91 30.62
N MET B 704 50.44 -21.16 30.12
CA MET B 704 50.85 -22.54 29.92
C MET B 704 50.85 -23.30 31.25
N ILE B 705 51.37 -22.67 32.30
CA ILE B 705 51.41 -23.36 33.59
C ILE B 705 50.00 -23.67 34.06
N GLU B 706 49.09 -22.71 33.94
CA GLU B 706 47.72 -22.96 34.40
C GLU B 706 47.05 -24.07 33.61
N SER B 707 47.38 -24.23 32.33
CA SER B 707 46.67 -25.19 31.48
C SER B 707 47.39 -26.53 31.31
N ASN B 708 48.53 -26.74 31.95
CA ASN B 708 49.21 -28.05 31.98
C ASN B 708 49.50 -28.57 30.57
N PHE B 709 49.94 -27.68 29.69
CA PHE B 709 50.20 -28.07 28.31
C PHE B 709 51.23 -29.20 28.21
N LEU B 710 52.33 -29.07 28.95
CA LEU B 710 53.31 -30.15 29.06
C LEU B 710 54.22 -29.84 30.24
N ASP B 711 55.09 -30.80 30.57
CA ASP B 711 56.08 -30.57 31.61
C ASP B 711 57.04 -29.45 31.21
N ASP B 712 57.81 -28.99 32.20
CA ASP B 712 58.55 -27.73 32.10
C ASP B 712 59.64 -27.77 31.03
N ALA B 713 60.23 -28.94 30.77
CA ALA B 713 61.33 -29.03 29.82
C ALA B 713 60.92 -28.61 28.41
N GLY B 714 59.78 -29.08 27.90
CA GLY B 714 59.27 -28.56 26.63
C GLY B 714 58.81 -27.11 26.69
N ARG B 715 58.21 -26.71 27.82
CA ARG B 715 57.69 -25.35 27.97
C ARG B 715 58.79 -24.31 27.80
N VAL B 716 59.96 -24.57 28.40
CA VAL B 716 61.04 -23.62 28.23
C VAL B 716 61.54 -23.61 26.79
N LYS B 717 61.50 -24.77 26.11
CA LYS B 717 61.86 -24.78 24.69
C LYS B 717 60.94 -23.90 23.86
N VAL B 718 59.64 -23.91 24.21
CA VAL B 718 58.70 -23.07 23.47
C VAL B 718 59.07 -21.60 23.63
N ILE B 719 59.33 -21.19 24.88
CA ILE B 719 59.66 -19.79 25.09
C ILE B 719 60.96 -19.44 24.38
N ASN B 720 61.96 -20.33 24.48
CA ASN B 720 63.26 -20.03 23.88
C ASN B 720 63.20 -19.93 22.37
N GLU B 721 62.22 -20.58 21.73
CA GLU B 721 62.11 -20.46 20.27
C GLU B 721 61.39 -19.16 19.90
N LEU B 722 60.28 -18.87 20.56
CA LEU B 722 59.61 -17.61 20.27
C LEU B 722 60.47 -16.39 20.62
N SER B 723 61.46 -16.54 21.51
CA SER B 723 62.22 -15.38 21.96
C SER B 723 62.82 -14.57 20.82
N ARG B 724 63.21 -15.22 19.72
CA ARG B 724 63.70 -14.52 18.53
C ARG B 724 62.91 -14.87 17.27
N SER B 725 61.91 -15.75 17.35
CA SER B 725 61.05 -15.90 16.18
C SER B 725 60.15 -14.69 16.01
N CYS B 726 59.54 -14.20 17.08
CA CYS B 726 58.59 -13.10 17.03
C CYS B 726 58.53 -12.45 18.42
N PRO B 727 59.28 -11.37 18.67
CA PRO B 727 59.43 -10.89 20.05
C PRO B 727 58.25 -10.09 20.58
N ASN B 728 57.47 -9.46 19.71
CA ASN B 728 56.55 -8.42 20.15
C ASN B 728 55.11 -8.76 19.76
N PHE B 729 54.65 -9.96 20.07
CA PHE B 729 53.38 -10.41 19.52
C PHE B 729 52.22 -9.73 20.26
N ASN B 730 51.03 -9.84 19.69
CA ASN B 730 49.87 -9.09 20.16
C ASN B 730 48.65 -9.97 19.90
N VAL B 731 48.28 -10.77 20.89
CA VAL B 731 47.23 -11.77 20.76
C VAL B 731 46.29 -11.66 21.95
N GLY B 732 45.04 -12.07 21.75
CA GLY B 732 44.06 -12.11 22.81
C GLY B 732 44.03 -13.46 23.52
N ILE B 733 43.30 -13.50 24.62
CA ILE B 733 43.26 -14.69 25.46
C ILE B 733 42.50 -15.82 24.76
N LYS B 734 41.39 -15.48 24.10
CA LYS B 734 40.52 -16.50 23.52
C LYS B 734 41.26 -17.36 22.51
N LYS B 735 41.97 -16.71 21.57
CA LYS B 735 42.68 -17.46 20.53
C LYS B 735 43.85 -18.24 21.10
N THR B 736 44.49 -17.73 22.15
CA THR B 736 45.59 -18.44 22.79
C THR B 736 45.12 -19.75 23.37
N LEU B 737 43.92 -19.75 23.98
CA LEU B 737 43.48 -20.99 24.61
C LEU B 737 42.88 -21.97 23.61
N THR B 738 42.76 -21.59 22.33
CA THR B 738 42.33 -22.53 21.30
C THR B 738 43.52 -23.01 20.50
N ASN B 739 44.65 -22.31 20.63
CA ASN B 739 45.86 -22.77 19.97
C ASN B 739 46.56 -23.79 20.83
N ILE B 740 46.52 -23.60 22.15
CA ILE B 740 47.04 -24.64 23.04
C ILE B 740 46.23 -25.92 22.87
N GLU B 741 44.91 -25.78 22.84
CA GLU B 741 44.03 -26.95 22.75
C GLU B 741 44.26 -27.73 21.46
N THR B 742 44.41 -27.06 20.32
CA THR B 742 44.67 -27.84 19.11
C THR B 742 46.08 -28.41 19.08
N ALA B 743 47.08 -27.69 19.60
CA ALA B 743 48.44 -28.21 19.59
C ALA B 743 48.60 -29.43 20.50
N ARG B 744 47.86 -29.49 21.59
CA ARG B 744 47.98 -30.61 22.52
C ARG B 744 47.73 -31.96 21.84
N HIS B 745 46.83 -32.02 20.86
CA HIS B 745 46.49 -33.28 20.20
C HIS B 745 47.39 -33.59 19.01
N ASP B 746 48.37 -32.75 18.71
CA ASP B 746 49.28 -33.00 17.60
C ASP B 746 50.35 -34.02 17.99
N GLU B 747 51.16 -34.40 17.01
CA GLU B 747 52.26 -35.33 17.22
C GLU B 747 53.55 -34.63 17.63
N ASP B 748 53.71 -33.36 17.25
CA ASP B 748 54.87 -32.54 17.60
C ASP B 748 54.34 -31.24 18.21
N PRO B 749 53.98 -31.26 19.48
CA PRO B 749 53.35 -30.07 20.09
C PRO B 749 54.15 -28.78 19.98
N VAL B 750 55.48 -28.86 20.05
CA VAL B 750 56.30 -27.65 20.06
C VAL B 750 56.23 -26.92 18.72
N ASN B 751 56.57 -27.62 17.64
CA ASN B 751 56.62 -26.97 16.33
C ASN B 751 55.24 -26.46 15.93
N GLU B 752 54.20 -27.16 16.38
CA GLU B 752 52.83 -26.77 16.08
C GLU B 752 52.52 -25.45 16.74
N LEU B 753 52.71 -25.38 18.07
CA LEU B 753 52.31 -24.17 18.76
C LEU B 753 53.17 -22.99 18.36
N VAL B 754 54.40 -23.25 17.87
CA VAL B 754 55.29 -22.14 17.54
C VAL B 754 54.87 -21.54 16.21
N GLU B 755 54.46 -22.39 15.26
CA GLU B 755 54.13 -21.88 13.94
C GLU B 755 52.76 -21.20 14.01
N LEU B 756 51.87 -21.78 14.82
CA LEU B 756 50.52 -21.25 14.91
C LEU B 756 50.58 -19.88 15.58
N MET B 757 51.31 -19.78 16.71
CA MET B 757 51.29 -18.52 17.42
C MET B 757 52.06 -17.49 16.63
N THR B 758 52.98 -17.91 15.75
CA THR B 758 53.66 -16.90 14.95
C THR B 758 52.69 -16.33 13.93
N GLN B 759 51.91 -17.19 13.27
CA GLN B 759 50.95 -16.70 12.30
C GLN B 759 49.93 -15.76 12.94
N SER B 760 49.44 -16.08 14.16
CA SER B 760 48.44 -15.21 14.77
C SER B 760 48.97 -13.80 15.02
N ALA B 761 50.21 -13.67 15.50
CA ALA B 761 50.76 -12.33 15.80
C ALA B 761 50.75 -11.39 14.59
N LEU C 242 -30.48 28.76 46.40
CA LEU C 242 -31.13 27.55 45.91
C LEU C 242 -30.22 26.34 46.14
N GLY C 243 -29.04 26.37 45.53
CA GLY C 243 -28.12 25.25 45.70
C GLY C 243 -26.78 25.49 45.04
N VAL C 244 -26.77 26.22 43.94
CA VAL C 244 -25.56 26.44 43.18
C VAL C 244 -24.73 27.54 43.82
N GLY C 245 -23.40 27.43 43.67
CA GLY C 245 -22.49 28.37 44.30
C GLY C 245 -21.35 28.88 43.43
N GLY C 246 -21.06 30.17 43.54
CA GLY C 246 -20.02 30.79 42.76
C GLY C 246 -20.41 31.27 41.39
N LEU C 247 -21.62 30.94 40.92
CA LEU C 247 -22.09 31.28 39.58
C LEU C 247 -23.21 32.30 39.71
N ASP C 248 -22.87 33.58 39.54
CA ASP C 248 -23.81 34.67 39.79
C ASP C 248 -23.98 35.61 38.60
N LYS C 249 -23.07 35.61 37.63
CA LYS C 249 -23.17 36.43 36.43
C LYS C 249 -23.52 35.57 35.23
N GLU C 250 -23.72 34.27 35.46
CA GLU C 250 -24.03 33.29 34.43
C GLU C 250 -25.40 32.67 34.68
N PHE C 251 -25.95 32.85 35.88
CA PHE C 251 -27.31 32.41 36.18
C PHE C 251 -28.29 33.51 35.80
N THR C 252 -27.78 34.73 35.67
CA THR C 252 -28.56 35.86 35.20
C THR C 252 -28.59 35.87 33.68
N LYS C 253 -27.47 35.48 33.05
CA LYS C 253 -27.38 35.60 31.60
C LYS C 253 -28.07 34.43 30.91
N ILE C 254 -28.09 33.25 31.54
CA ILE C 254 -28.87 32.17 30.96
C ILE C 254 -30.35 32.46 31.13
N PHE C 255 -30.74 32.96 32.31
CA PHE C 255 -32.15 33.14 32.61
C PHE C 255 -32.75 34.27 31.81
N ARG C 256 -31.94 35.28 31.49
CA ARG C 256 -32.42 36.39 30.67
C ARG C 256 -32.86 35.93 29.29
N ARG C 257 -32.14 34.99 28.68
CA ARG C 257 -32.34 34.64 27.29
C ARG C 257 -33.08 33.34 27.06
N ALA C 258 -32.68 32.26 27.75
CA ALA C 258 -33.26 30.95 27.45
C ALA C 258 -34.61 30.71 28.11
N PHE C 259 -34.95 31.43 29.17
CA PHE C 259 -36.07 31.06 30.03
C PHE C 259 -37.05 32.19 30.30
N ALA C 260 -36.64 33.46 30.17
CA ALA C 260 -37.48 34.55 30.65
C ALA C 260 -38.83 34.58 29.96
N SER C 261 -38.88 34.22 28.68
CA SER C 261 -40.09 34.36 27.90
C SER C 261 -41.12 33.29 28.21
N ARG C 262 -40.72 32.16 28.82
CA ARG C 262 -41.66 31.08 29.07
C ARG C 262 -42.59 31.37 30.24
N ILE C 263 -42.25 32.34 31.09
CA ILE C 263 -43.10 32.65 32.24
C ILE C 263 -44.39 33.33 31.79
N PHE C 264 -44.29 34.23 30.83
CA PHE C 264 -45.42 35.05 30.42
C PHE C 264 -46.51 34.23 29.73
N PRO C 265 -47.73 34.75 29.71
CA PRO C 265 -48.80 34.07 28.98
C PRO C 265 -48.54 34.12 27.48
N PRO C 266 -49.05 33.14 26.73
CA PRO C 266 -48.83 33.17 25.27
C PRO C 266 -49.34 34.44 24.61
N SER C 267 -50.35 35.10 25.18
CA SER C 267 -50.94 36.25 24.51
C SER C 267 -49.90 37.34 24.25
N VAL C 268 -49.14 37.74 25.26
CA VAL C 268 -48.22 38.87 25.10
C VAL C 268 -47.04 38.49 24.19
N ILE C 269 -46.54 37.26 24.33
CA ILE C 269 -45.42 36.84 23.49
C ILE C 269 -45.86 36.81 22.04
N GLU C 270 -47.04 36.24 21.76
CA GLU C 270 -47.62 36.34 20.43
C GLU C 270 -47.86 37.80 20.06
N LYS C 271 -48.01 38.66 21.07
CA LYS C 271 -48.41 40.03 20.83
C LYS C 271 -47.25 40.80 20.22
N LEU C 272 -46.03 40.53 20.70
CA LEU C 272 -44.86 41.25 20.20
C LEU C 272 -44.45 40.73 18.82
N GLY C 273 -44.58 39.43 18.59
CA GLY C 273 -44.20 38.85 17.32
C GLY C 273 -42.80 38.26 17.32
N ILE C 274 -42.47 37.45 18.32
CA ILE C 274 -41.17 36.81 18.42
C ILE C 274 -41.36 35.31 18.65
N SER C 275 -40.23 34.59 18.76
CA SER C 275 -40.23 33.14 18.90
C SER C 275 -39.28 32.72 20.01
N HIS C 276 -39.66 31.64 20.70
CA HIS C 276 -38.83 31.11 21.78
C HIS C 276 -37.54 30.51 21.23
N VAL C 277 -36.49 30.56 22.05
CA VAL C 277 -35.20 29.98 21.70
C VAL C 277 -35.22 28.49 22.00
N LYS C 278 -34.52 27.70 21.18
CA LYS C 278 -34.60 26.24 21.25
C LYS C 278 -33.27 25.54 21.44
N GLY C 279 -32.15 26.26 21.60
CA GLY C 279 -30.89 25.60 21.88
C GLY C 279 -29.97 26.43 22.73
N LEU C 280 -29.23 25.76 23.63
CA LEU C 280 -28.29 26.42 24.51
C LEU C 280 -27.07 25.53 24.71
N LEU C 281 -25.87 26.11 24.62
CA LEU C 281 -24.63 25.36 24.72
C LEU C 281 -23.86 25.81 25.95
N LEU C 282 -23.38 24.85 26.73
CA LEU C 282 -22.60 25.06 27.94
C LEU C 282 -21.25 24.40 27.74
N TYR C 283 -20.16 25.14 27.94
CA TYR C 283 -18.84 24.52 27.84
C TYR C 283 -17.90 24.99 28.93
N GLY C 284 -17.04 24.07 29.37
CA GLY C 284 -16.11 24.28 30.46
C GLY C 284 -15.58 22.93 30.94
N PRO C 285 -14.52 22.94 31.75
CA PRO C 285 -13.84 21.68 32.08
C PRO C 285 -14.71 20.75 32.90
N PRO C 286 -14.35 19.48 32.98
CA PRO C 286 -15.20 18.50 33.69
C PRO C 286 -15.27 18.74 35.18
N GLY C 287 -16.41 18.36 35.75
CA GLY C 287 -16.60 18.45 37.18
C GLY C 287 -16.88 19.82 37.74
N THR C 288 -17.44 20.73 36.94
CA THR C 288 -17.55 22.12 37.38
C THR C 288 -18.98 22.57 37.63
N GLY C 289 -19.99 21.75 37.32
CA GLY C 289 -21.36 22.03 37.69
C GLY C 289 -22.34 22.36 36.58
N LYS C 290 -22.18 21.75 35.40
CA LYS C 290 -23.03 22.08 34.26
C LYS C 290 -24.39 21.38 34.36
N THR C 291 -24.36 20.05 34.46
CA THR C 291 -25.58 19.28 34.67
C THR C 291 -26.37 19.79 35.86
N LEU C 292 -25.67 20.23 36.92
CA LEU C 292 -26.37 20.78 38.07
C LEU C 292 -27.22 21.98 37.69
N ILE C 293 -26.63 22.97 37.03
CA ILE C 293 -27.41 24.12 36.57
C ILE C 293 -28.59 23.66 35.73
N ALA C 294 -28.33 22.76 34.78
CA ALA C 294 -29.41 22.27 33.93
C ALA C 294 -30.57 21.73 34.77
N ARG C 295 -30.31 20.74 35.62
CA ARG C 295 -31.38 20.14 36.41
C ARG C 295 -32.04 21.16 37.33
N LYS C 296 -31.26 22.09 37.89
CA LYS C 296 -31.75 22.95 38.96
C LYS C 296 -32.64 24.06 38.44
N ILE C 297 -32.33 24.60 37.25
CA ILE C 297 -33.19 25.64 36.68
C ILE C 297 -34.59 25.10 36.41
N GLY C 298 -34.68 23.88 35.90
CA GLY C 298 -35.97 23.30 35.55
C GLY C 298 -36.96 23.20 36.69
N THR C 299 -36.48 23.15 37.93
CA THR C 299 -37.39 23.08 39.07
C THR C 299 -38.13 24.39 39.30
N MET C 300 -37.56 25.53 38.90
CA MET C 300 -38.29 26.79 38.98
C MET C 300 -39.47 26.82 38.01
N LEU C 301 -39.26 26.35 36.78
CA LEU C 301 -40.34 26.33 35.79
C LEU C 301 -41.33 25.19 36.02
N ASN C 302 -40.96 24.18 36.80
CA ASN C 302 -41.81 23.01 37.03
C ASN C 302 -42.05 22.25 35.72
N ALA C 303 -40.97 22.05 34.96
CA ALA C 303 -41.00 21.15 33.83
C ALA C 303 -40.91 19.70 34.31
N LYS C 304 -41.12 18.78 33.38
CA LYS C 304 -40.89 17.37 33.67
C LYS C 304 -39.41 17.13 33.99
N GLU C 305 -39.15 16.04 34.69
CA GLU C 305 -37.79 15.59 34.92
C GLU C 305 -37.07 15.46 33.58
N PRO C 306 -35.98 16.19 33.35
CA PRO C 306 -35.33 16.11 32.04
C PRO C 306 -34.77 14.73 31.75
N LYS C 307 -34.97 14.30 30.51
CA LYS C 307 -34.35 13.09 29.99
C LYS C 307 -32.87 13.35 29.70
N ILE C 308 -32.07 12.29 29.76
CA ILE C 308 -30.64 12.38 29.50
C ILE C 308 -30.26 11.26 28.54
N VAL C 309 -29.40 11.60 27.57
CA VAL C 309 -28.88 10.65 26.59
C VAL C 309 -27.38 10.88 26.45
N ASN C 310 -26.63 9.79 26.33
CA ASN C 310 -25.17 9.84 26.28
C ASN C 310 -24.70 9.52 24.87
N GLY C 311 -23.81 10.36 24.34
CA GLY C 311 -23.34 10.26 22.98
C GLY C 311 -22.76 8.91 22.59
N PRO C 312 -21.62 8.56 23.19
CA PRO C 312 -21.01 7.26 22.88
C PRO C 312 -21.93 6.06 23.05
N GLU C 313 -22.97 6.15 23.88
CA GLU C 313 -23.97 5.10 23.91
C GLU C 313 -24.66 4.98 22.55
N ILE C 314 -25.18 6.10 22.05
CA ILE C 314 -25.85 6.08 20.75
C ILE C 314 -24.88 5.66 19.65
N LEU C 315 -23.61 6.04 19.77
CA LEU C 315 -22.64 5.70 18.73
C LEU C 315 -22.25 4.22 18.75
N SER C 316 -22.27 3.57 19.91
CA SER C 316 -21.82 2.19 20.00
C SER C 316 -22.93 1.17 19.75
N LYS C 317 -24.19 1.59 19.77
CA LYS C 317 -25.28 0.70 19.42
C LYS C 317 -25.21 0.29 17.95
N TYR C 318 -25.84 -0.85 17.64
CA TYR C 318 -25.93 -1.31 16.26
C TYR C 318 -26.58 -0.26 15.38
N VAL C 319 -26.26 -0.29 14.09
CA VAL C 319 -26.67 0.76 13.17
C VAL C 319 -28.19 0.96 13.19
N GLY C 320 -28.94 -0.11 12.97
CA GLY C 320 -30.39 0.04 12.90
C GLY C 320 -31.01 0.46 14.22
N SER C 321 -30.58 -0.16 15.32
CA SER C 321 -31.07 0.23 16.64
C SER C 321 -30.82 1.71 16.91
N SER C 322 -29.60 2.17 16.62
CA SER C 322 -29.27 3.58 16.76
C SER C 322 -30.19 4.46 15.92
N GLU C 323 -30.43 4.06 14.67
CA GLU C 323 -31.33 4.83 13.82
C GLU C 323 -32.72 4.94 14.43
N GLU C 324 -33.25 3.83 14.95
CA GLU C 324 -34.60 3.87 15.52
C GLU C 324 -34.66 4.59 16.86
N ASN C 325 -33.55 4.64 17.60
CA ASN C 325 -33.54 5.16 18.97
C ASN C 325 -34.02 6.61 19.02
N ILE C 326 -33.46 7.45 18.15
CA ILE C 326 -33.74 8.88 18.19
C ILE C 326 -35.25 9.10 18.11
N ARG C 327 -35.92 8.42 17.18
CA ARG C 327 -37.34 8.66 17.05
C ARG C 327 -38.08 8.24 18.32
N ASN C 328 -37.43 7.42 19.16
CA ASN C 328 -38.06 7.02 20.42
C ASN C 328 -37.94 8.14 21.43
N LEU C 329 -36.87 8.93 21.35
CA LEU C 329 -36.58 9.86 22.44
C LEU C 329 -37.68 10.92 22.60
N PHE C 330 -38.19 11.48 21.49
CA PHE C 330 -39.13 12.59 21.51
C PHE C 330 -40.61 12.22 21.64
N LYS C 331 -40.94 10.94 21.81
CA LYS C 331 -42.33 10.48 21.69
C LYS C 331 -43.30 11.23 22.62
N ASP C 332 -42.98 11.32 23.91
CA ASP C 332 -43.87 11.97 24.86
C ASP C 332 -44.11 13.43 24.48
N ALA C 333 -43.05 14.10 24.05
CA ALA C 333 -43.16 15.49 23.66
C ALA C 333 -44.11 15.63 22.48
N GLU C 334 -44.04 14.69 21.54
CA GLU C 334 -44.93 14.77 20.39
C GLU C 334 -46.37 14.63 20.85
N ALA C 335 -46.63 13.64 21.71
CA ALA C 335 -48.01 13.36 22.12
C ALA C 335 -48.65 14.59 22.77
N GLU C 336 -47.95 15.18 23.75
CA GLU C 336 -48.58 16.27 24.51
C GLU C 336 -48.95 17.45 23.62
N TYR C 337 -48.27 17.63 22.48
CA TYR C 337 -48.57 18.77 21.63
C TYR C 337 -49.93 18.59 20.99
N ARG C 338 -50.16 17.45 20.35
CA ARG C 338 -51.49 17.18 19.83
C ARG C 338 -52.53 17.29 20.93
N ALA C 339 -52.16 16.89 22.16
CA ALA C 339 -53.13 16.93 23.25
C ALA C 339 -53.61 18.35 23.52
N LYS C 340 -52.68 19.31 23.72
CA LYS C 340 -53.04 20.61 24.28
C LYS C 340 -52.54 21.82 23.51
N GLY C 341 -51.98 21.64 22.32
CA GLY C 341 -51.57 22.75 21.48
C GLY C 341 -50.51 23.60 22.14
N GLU C 342 -50.59 24.91 21.94
CA GLU C 342 -49.53 25.81 22.37
C GLU C 342 -49.44 25.93 23.89
N GLU C 343 -50.44 25.45 24.63
CA GLU C 343 -50.45 25.55 26.09
C GLU C 343 -49.81 24.35 26.78
N SER C 344 -49.05 23.53 26.05
CA SER C 344 -48.36 22.42 26.70
C SER C 344 -47.27 22.94 27.62
N SER C 345 -46.80 22.06 28.51
CA SER C 345 -45.71 22.41 29.40
C SER C 345 -44.37 22.31 28.66
N LEU C 346 -43.32 22.81 29.30
CA LEU C 346 -41.99 22.79 28.71
C LEU C 346 -41.31 21.46 28.97
N HIS C 347 -40.52 21.02 28.00
CA HIS C 347 -39.83 19.74 28.05
C HIS C 347 -38.35 19.97 27.79
N ILE C 348 -37.50 19.34 28.59
CA ILE C 348 -36.06 19.58 28.56
C ILE C 348 -35.36 18.27 28.20
N ILE C 349 -34.44 18.35 27.25
CA ILE C 349 -33.63 17.21 26.82
C ILE C 349 -32.17 17.62 26.93
N ILE C 350 -31.37 16.82 27.63
CA ILE C 350 -29.95 17.07 27.83
C ILE C 350 -29.14 16.10 26.99
N PHE C 351 -28.21 16.63 26.21
CA PHE C 351 -27.38 15.88 25.28
C PHE C 351 -25.93 16.08 25.71
N ASP C 352 -25.28 14.99 26.11
CA ASP C 352 -24.00 15.03 26.81
C ASP C 352 -22.89 14.48 25.91
N GLU C 353 -21.70 15.05 26.07
CA GLU C 353 -20.53 14.70 25.26
C GLU C 353 -20.84 14.78 23.76
N LEU C 354 -21.38 15.93 23.36
CA LEU C 354 -21.81 16.13 21.98
C LEU C 354 -20.65 15.90 21.02
N ASP C 355 -19.49 16.50 21.31
CA ASP C 355 -18.35 16.47 20.40
C ASP C 355 -18.07 15.07 19.85
N SER C 356 -18.31 14.02 20.64
CA SER C 356 -17.96 12.67 20.20
C SER C 356 -18.54 12.35 18.82
N VAL C 357 -19.73 12.88 18.51
CA VAL C 357 -20.36 12.56 17.22
C VAL C 357 -19.47 13.01 16.06
N PHE C 358 -18.88 14.21 16.16
CA PHE C 358 -18.08 14.75 15.06
C PHE C 358 -16.66 14.23 15.01
N LYS C 359 -16.17 13.61 16.08
CA LYS C 359 -14.77 13.20 16.17
C LYS C 359 -14.43 11.99 15.29
N GLN C 360 -14.61 12.13 13.98
CA GLN C 360 -14.30 11.04 13.05
C GLN C 360 -14.15 11.59 11.63
N GLY C 371 -22.55 8.56 12.44
CA GLY C 371 -22.24 9.86 12.98
C GLY C 371 -23.18 10.93 12.43
N ASP C 372 -23.36 10.91 11.11
CA ASP C 372 -24.10 11.95 10.41
C ASP C 372 -25.61 11.81 10.61
N ASN C 373 -26.08 10.56 10.72
CA ASN C 373 -27.52 10.29 10.75
C ASN C 373 -28.14 10.93 11.99
N VAL C 374 -27.49 10.75 13.15
CA VAL C 374 -27.98 11.33 14.39
C VAL C 374 -28.12 12.83 14.25
N VAL C 375 -27.06 13.48 13.75
CA VAL C 375 -27.05 14.94 13.69
C VAL C 375 -28.19 15.43 12.80
N ASN C 376 -28.36 14.82 11.62
CA ASN C 376 -29.38 15.30 10.71
C ASN C 376 -30.78 15.08 11.28
N GLN C 377 -31.03 13.88 11.83
CA GLN C 377 -32.34 13.64 12.42
C GLN C 377 -32.62 14.62 13.55
N LEU C 378 -31.60 14.89 14.38
CA LEU C 378 -31.81 15.80 15.49
C LEU C 378 -32.16 17.20 15.00
N LEU C 379 -31.43 17.70 13.99
CA LEU C 379 -31.73 19.03 13.48
C LEU C 379 -33.11 19.12 12.84
N ALA C 380 -33.60 18.01 12.27
CA ALA C 380 -34.92 18.03 11.67
C ALA C 380 -36.00 18.44 12.66
N LYS C 381 -35.90 17.97 13.91
CA LYS C 381 -36.98 18.18 14.87
C LYS C 381 -37.06 19.60 15.41
N MET C 382 -36.04 20.42 15.21
CA MET C 382 -36.04 21.77 15.73
C MET C 382 -35.80 22.85 14.68
N ASP C 383 -35.56 22.49 13.43
CA ASP C 383 -35.37 23.48 12.39
C ASP C 383 -36.30 23.34 11.20
N GLY C 384 -36.77 22.14 10.90
CA GLY C 384 -37.40 21.85 9.62
C GLY C 384 -38.87 22.21 9.57
N VAL C 385 -39.58 21.54 8.68
CA VAL C 385 -41.03 21.75 8.52
C VAL C 385 -41.81 20.90 9.52
N ASP C 386 -41.17 19.93 10.14
CA ASP C 386 -41.76 19.11 11.20
C ASP C 386 -41.48 19.76 12.56
N GLN C 387 -41.38 21.10 12.57
CA GLN C 387 -40.94 21.84 13.75
C GLN C 387 -41.84 21.55 14.95
N LEU C 388 -41.19 21.33 16.09
CA LEU C 388 -41.87 21.01 17.35
C LEU C 388 -41.57 22.13 18.33
N ASN C 389 -42.61 22.74 18.88
CA ASN C 389 -42.49 24.02 19.57
C ASN C 389 -42.52 23.89 21.09
N ASN C 390 -42.32 22.68 21.62
CA ASN C 390 -42.34 22.47 23.06
C ASN C 390 -40.96 22.29 23.68
N ILE C 391 -39.96 21.91 22.91
CA ILE C 391 -38.74 21.32 23.47
C ILE C 391 -37.65 22.39 23.58
N LEU C 392 -36.67 22.09 24.43
CA LEU C 392 -35.44 22.87 24.55
C LEU C 392 -34.29 21.90 24.78
N VAL C 393 -33.23 21.99 23.97
CA VAL C 393 -32.14 21.03 24.01
C VAL C 393 -30.88 21.71 24.52
N ILE C 394 -30.26 21.10 25.52
CA ILE C 394 -29.05 21.59 26.17
C ILE C 394 -27.89 20.68 25.75
N GLY C 395 -26.80 21.27 25.26
CA GLY C 395 -25.61 20.51 24.94
C GLY C 395 -24.47 20.86 25.88
N MET C 396 -23.56 19.91 26.07
CA MET C 396 -22.46 20.03 27.02
C MET C 396 -21.19 19.47 26.40
N THR C 397 -20.13 20.27 26.36
CA THR C 397 -18.89 19.81 25.73
C THR C 397 -17.70 20.43 26.46
N ASN C 398 -16.59 19.69 26.45
CA ASN C 398 -15.32 20.20 26.98
C ASN C 398 -14.49 20.87 25.89
N ARG C 399 -14.89 20.75 24.62
CA ARG C 399 -14.12 21.26 23.50
C ARG C 399 -15.09 21.92 22.53
N LYS C 400 -15.02 23.24 22.42
CA LYS C 400 -15.89 23.95 21.49
C LYS C 400 -15.41 23.85 20.05
N ASP C 401 -14.10 23.78 19.83
CA ASP C 401 -13.53 23.92 18.49
C ASP C 401 -13.85 22.75 17.56
N LEU C 402 -14.32 21.62 18.08
CA LEU C 402 -14.60 20.45 17.23
C LEU C 402 -16.00 20.44 16.68
N ILE C 403 -16.89 21.32 17.13
CA ILE C 403 -18.24 21.36 16.61
C ILE C 403 -18.26 22.19 15.33
N ASP C 404 -18.95 21.68 14.32
CA ASP C 404 -18.98 22.33 13.02
C ASP C 404 -19.73 23.66 13.14
N SER C 405 -19.34 24.62 12.31
CA SER C 405 -19.97 25.94 12.36
C SER C 405 -21.43 25.92 11.95
N ALA C 406 -21.85 24.90 11.20
CA ALA C 406 -23.23 24.83 10.73
C ALA C 406 -24.22 24.83 11.89
N LEU C 407 -23.82 24.30 13.05
CA LEU C 407 -24.76 24.13 14.16
C LEU C 407 -24.99 25.40 14.95
N LEU C 408 -24.08 26.38 14.88
CA LEU C 408 -24.13 27.54 15.75
C LEU C 408 -25.00 28.66 15.21
N ARG C 409 -25.35 28.63 13.93
CA ARG C 409 -26.02 29.75 13.29
C ARG C 409 -27.43 29.92 13.84
N PRO C 410 -28.04 31.10 13.64
CA PRO C 410 -29.35 31.36 14.24
C PRO C 410 -30.38 30.32 13.85
N GLY C 411 -31.25 29.99 14.80
CA GLY C 411 -32.19 28.90 14.67
C GLY C 411 -31.72 27.60 15.28
N ARG C 412 -30.42 27.46 15.52
CA ARG C 412 -29.86 26.25 16.11
C ARG C 412 -28.76 26.66 17.08
N PHE C 413 -28.82 26.15 18.31
CA PHE C 413 -27.78 26.44 19.31
C PHE C 413 -27.37 27.91 19.25
N GLU C 414 -28.33 28.78 19.55
CA GLU C 414 -28.15 30.21 19.33
C GLU C 414 -27.41 30.90 20.47
N VAL C 415 -27.40 30.32 21.66
CA VAL C 415 -26.84 30.96 22.84
C VAL C 415 -25.77 30.03 23.43
N GLN C 416 -24.61 30.60 23.77
CA GLN C 416 -23.42 29.85 24.19
C GLN C 416 -22.87 30.45 25.47
N VAL C 417 -22.55 29.60 26.45
CA VAL C 417 -22.11 30.08 27.75
C VAL C 417 -20.93 29.24 28.20
N GLU C 418 -20.06 29.85 29.01
CA GLU C 418 -18.80 29.28 29.45
C GLU C 418 -18.75 29.26 30.96
N ILE C 419 -18.33 28.13 31.52
CA ILE C 419 -18.20 27.92 32.95
C ILE C 419 -16.71 27.83 33.29
N HIS C 420 -16.35 28.30 34.47
CA HIS C 420 -14.96 28.46 34.86
C HIS C 420 -14.69 27.71 36.17
N LEU C 421 -13.41 27.53 36.47
CA LEU C 421 -13.04 27.06 37.80
C LEU C 421 -13.29 28.17 38.82
N PRO C 422 -13.71 27.83 40.04
CA PRO C 422 -14.03 28.87 41.02
C PRO C 422 -12.77 29.54 41.58
N ASP C 423 -13.00 30.73 42.12
CA ASP C 423 -11.99 31.46 42.87
C ASP C 423 -12.31 31.34 44.36
N GLU C 424 -11.60 32.11 45.19
CA GLU C 424 -11.67 31.94 46.64
C GLU C 424 -13.10 32.05 47.18
N LYS C 425 -13.80 33.11 46.80
CA LYS C 425 -15.18 33.30 47.27
C LYS C 425 -16.07 32.13 46.83
N GLY C 426 -15.84 31.62 45.63
CA GLY C 426 -16.60 30.48 45.15
C GLY C 426 -16.43 29.27 46.04
N ARG C 427 -15.18 28.96 46.39
CA ARG C 427 -14.92 27.79 47.22
C ARG C 427 -15.50 27.96 48.60
N LEU C 428 -15.50 29.20 49.12
CA LEU C 428 -16.09 29.43 50.44
C LEU C 428 -17.58 29.11 50.41
N GLN C 429 -18.25 29.51 49.33
CA GLN C 429 -19.67 29.20 49.24
C GLN C 429 -19.89 27.71 49.05
N ILE C 430 -19.01 27.06 48.28
CA ILE C 430 -19.23 25.64 48.02
C ILE C 430 -19.09 24.86 49.32
N PHE C 431 -18.12 25.25 50.17
CA PHE C 431 -18.00 24.59 51.47
C PHE C 431 -19.28 24.77 52.27
N ASP C 432 -19.85 25.98 52.22
CA ASP C 432 -21.09 26.23 52.93
C ASP C 432 -22.18 25.28 52.47
N ILE C 433 -22.35 25.17 51.15
CA ILE C 433 -23.39 24.30 50.59
C ILE C 433 -23.19 22.85 51.01
N GLN C 434 -21.94 22.39 51.01
CA GLN C 434 -21.70 20.97 51.27
C GLN C 434 -21.81 20.60 52.75
N THR C 435 -21.49 21.52 53.66
CA THR C 435 -21.55 21.18 55.09
C THR C 435 -22.81 21.65 55.81
N LYS C 436 -23.78 22.23 55.09
CA LYS C 436 -25.01 22.65 55.75
C LYS C 436 -25.63 21.54 56.62
N LYS C 437 -25.78 20.33 56.07
CA LYS C 437 -26.56 19.31 56.76
C LYS C 437 -25.82 18.75 57.97
N MET C 438 -24.50 18.75 57.94
CA MET C 438 -23.74 18.43 59.15
C MET C 438 -23.95 19.51 60.20
N ARG C 439 -23.85 20.77 59.79
CA ARG C 439 -23.91 21.85 60.77
C ARG C 439 -25.25 21.88 61.49
N GLU C 440 -26.33 21.64 60.75
CA GLU C 440 -27.68 21.73 61.35
C GLU C 440 -28.00 20.59 62.30
N ASN C 441 -27.09 19.64 62.54
CA ASN C 441 -27.41 18.53 63.44
C ASN C 441 -26.36 18.34 64.53
N ASN C 442 -25.57 19.38 64.83
CA ASN C 442 -24.58 19.35 65.92
C ASN C 442 -23.61 18.18 65.77
N MET C 443 -23.23 17.88 64.53
CA MET C 443 -22.25 16.84 64.25
C MET C 443 -20.97 17.42 63.64
N MET C 444 -20.68 18.68 63.94
CA MET C 444 -19.47 19.35 63.48
C MET C 444 -18.86 20.12 64.63
N SER C 445 -17.55 19.97 64.82
CA SER C 445 -16.88 20.60 65.95
C SER C 445 -16.83 22.11 65.76
N ASP C 446 -16.45 22.82 66.82
CA ASP C 446 -16.45 24.27 66.81
C ASP C 446 -15.10 24.88 66.43
N ASP C 447 -14.06 24.06 66.28
CA ASP C 447 -12.75 24.55 65.85
C ASP C 447 -12.61 24.61 64.33
N VAL C 448 -13.54 24.05 63.57
CA VAL C 448 -13.42 24.02 62.12
C VAL C 448 -13.75 25.40 61.58
N ASN C 449 -12.77 26.03 60.93
CA ASN C 449 -12.91 27.36 60.36
C ASN C 449 -12.85 27.22 58.84
N LEU C 450 -13.93 27.63 58.17
CA LEU C 450 -14.05 27.39 56.74
C LEU C 450 -13.22 28.35 55.90
N ALA C 451 -12.97 29.57 56.41
CA ALA C 451 -12.14 30.51 55.67
C ALA C 451 -10.71 30.03 55.52
N GLU C 452 -10.23 29.21 56.44
CA GLU C 452 -8.88 28.66 56.31
C GLU C 452 -8.84 27.61 55.21
N LEU C 453 -9.80 26.68 55.23
CA LEU C 453 -9.87 25.68 54.19
C LEU C 453 -10.05 26.31 52.82
N ALA C 454 -10.77 27.44 52.74
CA ALA C 454 -10.94 28.09 51.44
C ALA C 454 -9.60 28.51 50.86
N ALA C 455 -8.62 28.78 51.72
CA ALA C 455 -7.31 29.23 51.26
C ALA C 455 -6.32 28.09 51.07
N LEU C 456 -6.49 26.98 51.79
CA LEU C 456 -5.59 25.84 51.57
C LEU C 456 -5.91 25.13 50.25
N THR C 457 -7.18 24.92 49.96
CA THR C 457 -7.60 24.21 48.75
C THR C 457 -7.54 25.18 47.57
N LYS C 458 -6.40 25.14 46.86
CA LYS C 458 -6.00 26.26 46.01
C LYS C 458 -6.60 26.22 44.60
N ASN C 459 -6.78 25.04 44.00
CA ASN C 459 -7.22 25.01 42.61
C ASN C 459 -8.27 23.93 42.37
N PHE C 460 -9.08 23.63 43.38
CA PHE C 460 -10.01 22.51 43.33
C PHE C 460 -11.25 22.87 42.53
N SER C 461 -11.95 21.84 42.07
CA SER C 461 -13.30 22.00 41.54
C SER C 461 -14.31 21.57 42.63
N GLY C 462 -15.60 21.60 42.29
CA GLY C 462 -16.62 21.25 43.27
C GLY C 462 -16.59 19.79 43.67
N ALA C 463 -16.47 18.90 42.68
CA ALA C 463 -16.44 17.47 42.90
C ALA C 463 -15.36 17.11 43.90
N GLU C 464 -14.20 17.75 43.78
CA GLU C 464 -13.11 17.43 44.68
C GLU C 464 -13.48 17.80 46.11
N ILE C 465 -14.24 18.89 46.27
CA ILE C 465 -14.69 19.28 47.61
C ILE C 465 -15.66 18.24 48.19
N GLU C 466 -16.60 17.75 47.38
CA GLU C 466 -17.42 16.62 47.86
C GLU C 466 -16.56 15.47 48.36
N GLY C 467 -15.58 15.06 47.55
CA GLY C 467 -14.71 13.98 47.97
C GLY C 467 -13.96 14.24 49.26
N LEU C 468 -13.47 15.48 49.43
CA LEU C 468 -12.75 15.82 50.65
C LEU C 468 -13.62 15.72 51.90
N VAL C 469 -14.85 16.23 51.83
CA VAL C 469 -15.78 16.08 52.95
C VAL C 469 -16.02 14.61 53.27
N LYS C 470 -16.32 13.81 52.24
CA LYS C 470 -16.54 12.38 52.45
C LYS C 470 -15.36 11.73 53.17
N SER C 471 -14.14 12.04 52.73
CA SER C 471 -12.95 11.46 53.36
C SER C 471 -12.86 11.83 54.84
N ALA C 472 -13.08 13.10 55.17
CA ALA C 472 -13.03 13.48 56.58
C ALA C 472 -14.06 12.71 57.39
N SER C 473 -15.30 12.60 56.88
CA SER C 473 -16.30 11.76 57.56
C SER C 473 -15.78 10.34 57.79
N SER C 474 -15.10 9.79 56.79
CA SER C 474 -14.57 8.43 56.89
C SER C 474 -13.66 8.27 58.10
N PHE C 475 -12.73 9.22 58.28
CA PHE C 475 -11.84 9.11 59.43
C PHE C 475 -12.63 9.00 60.73
N ALA C 476 -13.58 9.91 60.95
CA ALA C 476 -14.27 9.92 62.24
C ALA C 476 -15.07 8.63 62.45
N ILE C 477 -15.65 8.09 61.38
CA ILE C 477 -16.33 6.78 61.51
C ILE C 477 -15.36 5.70 61.94
N ASN C 478 -14.24 5.55 61.24
CA ASN C 478 -13.30 4.48 61.58
C ASN C 478 -12.80 4.58 63.01
N LYS C 479 -12.72 5.79 63.57
CA LYS C 479 -12.17 5.97 64.90
C LYS C 479 -12.94 5.24 65.99
N THR C 480 -14.18 4.82 65.73
CA THR C 480 -15.02 4.20 66.75
C THR C 480 -15.34 2.74 66.48
N VAL C 481 -15.45 2.32 65.21
CA VAL C 481 -15.76 0.94 64.92
C VAL C 481 -14.65 0.01 65.42
N ASN C 482 -15.04 -1.21 65.77
CA ASN C 482 -14.14 -2.25 66.28
C ASN C 482 -13.06 -1.58 67.16
N ASN C 491 -21.92 -1.04 65.81
CA ASN C 491 -20.91 -1.99 66.28
C ASN C 491 -20.34 -1.55 67.62
N THR C 492 -20.88 -0.48 68.19
CA THR C 492 -20.47 -0.02 69.51
C THR C 492 -21.55 0.87 70.08
N LYS C 493 -21.47 1.06 71.40
CA LYS C 493 -22.34 1.98 72.11
C LYS C 493 -22.00 3.42 71.67
N ASP C 494 -22.61 4.39 72.36
CA ASP C 494 -22.29 5.82 72.27
C ASP C 494 -21.86 6.23 70.87
N ILE C 495 -22.67 5.89 69.88
CA ILE C 495 -22.55 6.51 68.56
C ILE C 495 -23.00 7.95 68.60
N ALA C 496 -23.89 8.30 69.54
CA ALA C 496 -24.53 9.62 69.53
C ALA C 496 -23.55 10.76 69.75
N LYS C 497 -22.32 10.48 70.20
CA LYS C 497 -21.33 11.52 70.44
C LYS C 497 -20.40 11.73 69.25
N LEU C 498 -20.78 11.25 68.07
CA LEU C 498 -19.90 11.34 66.92
C LEU C 498 -19.71 12.79 66.51
N LYS C 499 -18.49 13.14 66.10
CA LYS C 499 -18.20 14.47 65.59
C LYS C 499 -16.98 14.43 64.68
N VAL C 500 -16.95 15.36 63.73
CA VAL C 500 -15.77 15.59 62.89
C VAL C 500 -14.95 16.70 63.52
N THR C 501 -13.65 16.70 63.24
CA THR C 501 -12.72 17.62 63.87
C THR C 501 -11.79 18.20 62.81
N ARG C 502 -11.07 19.25 63.20
CA ARG C 502 -10.14 19.91 62.29
C ARG C 502 -9.04 18.96 61.83
N GLU C 503 -8.49 18.19 62.75
CA GLU C 503 -7.44 17.24 62.40
C GLU C 503 -7.91 16.30 61.30
N ASP C 504 -9.20 15.94 61.27
CA ASP C 504 -9.67 15.06 60.22
C ASP C 504 -9.58 15.70 58.85
N PHE C 505 -9.94 16.98 58.74
CA PHE C 505 -9.75 17.70 57.47
C PHE C 505 -8.29 17.73 57.07
N LEU C 506 -7.40 18.05 58.02
CA LEU C 506 -5.99 18.13 57.65
C LEU C 506 -5.45 16.78 57.22
N ASN C 507 -5.88 15.69 57.87
CA ASN C 507 -5.46 14.37 57.43
C ASN C 507 -6.07 14.04 56.07
N ALA C 508 -7.35 14.36 55.85
CA ALA C 508 -7.98 14.01 54.59
C ALA C 508 -7.34 14.74 53.41
N LEU C 509 -6.74 15.90 53.68
CA LEU C 509 -6.15 16.67 52.58
C LEU C 509 -5.02 15.92 51.88
N ASN C 510 -4.44 14.91 52.52
CA ASN C 510 -3.35 14.13 51.97
C ASN C 510 -3.79 12.95 51.11
N ASP C 511 -5.09 12.69 50.99
CA ASP C 511 -5.60 11.54 50.23
C ASP C 511 -6.26 11.90 48.92
N VAL C 512 -6.69 13.15 48.74
CA VAL C 512 -7.30 13.61 47.49
C VAL C 512 -6.33 14.58 46.81
N THR C 513 -5.85 14.21 45.62
CA THR C 513 -4.92 15.03 44.88
C THR C 513 -5.58 15.55 43.61
N PRO C 514 -5.58 16.85 43.36
CA PRO C 514 -6.40 17.40 42.29
C PRO C 514 -5.70 17.33 40.94
N ALA C 515 -6.51 17.23 39.88
CA ALA C 515 -6.00 17.61 38.58
C ALA C 515 -5.82 19.13 38.54
N PHE C 516 -4.92 19.59 37.67
CA PHE C 516 -4.46 20.98 37.69
C PHE C 516 -3.70 21.25 38.99
N GLY C 517 -2.90 20.27 39.42
CA GLY C 517 -2.11 20.40 40.62
C GLY C 517 -0.62 20.44 40.37
N ILE C 518 0.18 20.01 41.33
CA ILE C 518 1.63 20.00 41.24
C ILE C 518 2.11 18.55 41.16
N SER C 519 2.89 18.24 40.12
CA SER C 519 3.50 16.92 39.96
C SER C 519 4.72 16.82 40.88
N GLU C 520 4.44 16.66 42.17
CA GLU C 520 5.46 16.84 43.20
C GLU C 520 6.54 15.77 43.14
N GLU C 521 6.15 14.50 43.10
CA GLU C 521 7.12 13.42 43.25
C GLU C 521 8.17 13.42 42.15
N ASP C 522 7.76 13.63 40.90
CA ASP C 522 8.73 13.57 39.80
C ASP C 522 9.79 14.66 39.93
N LEU C 523 9.33 15.90 40.15
CA LEU C 523 10.25 17.02 40.32
C LEU C 523 11.15 16.78 41.52
N LYS C 524 10.57 16.38 42.64
CA LYS C 524 11.32 16.37 43.89
C LYS C 524 12.34 15.24 43.83
N THR C 525 11.87 14.00 43.68
CA THR C 525 12.76 12.87 43.80
C THR C 525 13.67 12.76 42.58
N CYS C 526 13.09 12.64 41.38
CA CYS C 526 13.92 12.30 40.23
C CYS C 526 15.02 13.32 40.00
N VAL C 527 14.72 14.60 40.21
CA VAL C 527 15.56 15.69 39.72
C VAL C 527 16.39 16.37 40.80
N GLU C 528 16.35 15.90 42.05
CA GLU C 528 17.17 16.50 43.10
C GLU C 528 17.70 15.47 44.07
N GLY C 529 19.03 15.35 44.13
CA GLY C 529 19.69 14.55 45.13
C GLY C 529 20.86 15.30 45.77
N GLY C 530 20.67 16.59 45.98
CA GLY C 530 21.67 17.46 46.55
C GLY C 530 21.52 18.87 46.02
N MET C 531 22.08 19.84 46.76
CA MET C 531 22.16 21.21 46.27
C MET C 531 23.13 22.02 47.12
N MET C 532 24.24 22.47 46.54
CA MET C 532 25.32 23.08 47.29
C MET C 532 25.97 24.20 46.51
N LEU C 533 26.15 25.35 47.16
CA LEU C 533 26.64 26.57 46.52
C LEU C 533 28.16 26.57 46.55
N TYR C 534 28.78 26.15 45.44
CA TYR C 534 30.23 25.99 45.37
C TYR C 534 30.95 27.15 44.67
N SER C 535 30.21 28.14 44.17
CA SER C 535 30.83 29.22 43.40
C SER C 535 29.84 30.38 43.33
N GLU C 536 30.32 31.51 42.79
CA GLU C 536 29.52 32.73 42.69
C GLU C 536 28.53 32.73 41.54
N ARG C 537 28.84 32.01 40.45
CA ARG C 537 27.95 31.95 39.31
C ARG C 537 26.64 31.27 39.68
N VAL C 538 26.70 30.19 40.46
CA VAL C 538 25.51 29.48 40.89
C VAL C 538 24.56 30.46 41.56
N ASN C 539 25.11 31.29 42.47
CA ASN C 539 24.29 32.21 43.22
C ASN C 539 23.61 33.20 42.28
N SER C 540 24.36 33.66 41.28
CA SER C 540 23.77 34.62 40.35
C SER C 540 22.60 33.98 39.58
N ILE C 541 22.76 32.70 39.22
CA ILE C 541 21.73 32.06 38.41
C ILE C 541 20.43 31.93 39.20
N LEU C 542 20.56 31.65 40.51
CA LEU C 542 19.34 31.44 41.30
C LEU C 542 18.65 32.75 41.62
N LYS C 543 19.43 33.84 41.64
CA LYS C 543 18.82 35.14 41.84
C LYS C 543 18.05 35.58 40.59
N ASN C 544 18.62 35.36 39.41
CA ASN C 544 17.91 35.75 38.19
C ASN C 544 16.60 34.97 38.09
N GLY C 545 16.63 33.69 38.48
CA GLY C 545 15.40 32.91 38.46
C GLY C 545 14.32 33.56 39.30
N ALA C 546 14.69 33.96 40.52
CA ALA C 546 13.67 34.58 41.37
C ALA C 546 13.12 35.86 40.73
N ARG C 547 14.00 36.62 40.06
CA ARG C 547 13.55 37.87 39.45
C ARG C 547 12.42 37.59 38.47
N TYR C 548 12.55 36.51 37.69
CA TYR C 548 11.56 36.28 36.65
C TYR C 548 10.26 35.74 37.24
N VAL C 549 10.39 34.93 38.30
CA VAL C 549 9.16 34.45 38.93
C VAL C 549 8.36 35.64 39.44
N ARG C 550 9.05 36.65 39.99
CA ARG C 550 8.33 37.79 40.54
C ARG C 550 7.73 38.64 39.42
N GLN C 551 8.44 38.77 38.30
CA GLN C 551 7.93 39.55 37.18
C GLN C 551 6.62 38.99 36.65
N VAL C 552 6.47 37.66 36.61
CA VAL C 552 5.28 37.06 36.00
C VAL C 552 4.17 36.85 37.03
N ARG C 553 4.25 37.55 38.15
CA ARG C 553 3.21 37.55 39.18
C ARG C 553 2.73 38.94 39.58
N GLU C 554 3.35 40.01 39.10
CA GLU C 554 3.03 41.36 39.54
C GLU C 554 3.17 42.35 38.39
N SER C 555 2.70 41.96 37.20
CA SER C 555 2.70 42.86 36.05
C SER C 555 1.74 42.33 35.00
N ASP C 556 1.12 43.26 34.28
CA ASP C 556 0.10 42.95 33.27
C ASP C 556 0.62 43.13 31.85
N LYS C 557 1.90 43.44 31.67
CA LYS C 557 2.49 43.58 30.35
C LYS C 557 3.55 42.49 30.13
N SER C 558 3.28 41.29 30.64
CA SER C 558 4.20 40.16 30.46
C SER C 558 3.42 38.87 30.80
N ARG C 559 2.74 38.31 29.80
CA ARG C 559 1.96 37.10 30.01
C ARG C 559 2.57 35.88 29.34
N LEU C 560 3.81 35.97 28.84
CA LEU C 560 4.49 34.78 28.31
C LEU C 560 5.99 35.03 28.27
N VAL C 561 6.72 34.42 29.20
CA VAL C 561 8.19 34.46 29.20
C VAL C 561 8.74 33.07 28.92
N SER C 562 9.77 33.00 28.09
CA SER C 562 10.44 31.75 27.71
C SER C 562 11.95 31.92 27.87
N LEU C 563 12.61 30.89 28.42
CA LEU C 563 14.05 30.95 28.71
C LEU C 563 14.75 29.70 28.19
N LEU C 564 16.07 29.80 28.01
CA LEU C 564 16.87 28.69 27.49
C LEU C 564 18.16 28.51 28.30
N ILE C 565 18.15 27.58 29.26
CA ILE C 565 19.32 27.29 30.09
C ILE C 565 20.22 26.30 29.34
N HIS C 566 21.26 26.79 28.66
CA HIS C 566 22.16 25.92 27.93
C HIS C 566 23.45 25.66 28.72
N GLY C 567 24.24 24.71 28.22
CA GLY C 567 25.51 24.37 28.80
C GLY C 567 25.99 23.00 28.36
N PRO C 568 27.23 22.65 28.71
CA PRO C 568 27.74 21.30 28.39
C PRO C 568 27.05 20.19 29.16
N ALA C 569 27.44 18.95 28.92
CA ALA C 569 26.82 17.80 29.57
C ALA C 569 27.42 17.57 30.95
N GLY C 570 26.57 17.15 31.88
CA GLY C 570 26.97 16.96 33.27
C GLY C 570 27.20 18.25 34.01
N SER C 571 26.52 19.33 33.63
CA SER C 571 26.78 20.66 34.16
C SER C 571 25.82 21.10 35.27
N GLY C 572 24.61 20.54 35.35
CA GLY C 572 23.69 20.85 36.44
C GLY C 572 22.33 21.32 36.00
N LYS C 573 22.18 21.56 34.68
CA LYS C 573 21.08 22.31 34.09
C LYS C 573 19.72 21.99 34.69
N THR C 574 19.29 20.74 34.52
CA THR C 574 17.94 20.33 34.91
C THR C 574 17.69 20.60 36.38
N ALA C 575 18.65 20.24 37.24
CA ALA C 575 18.47 20.43 38.67
C ALA C 575 18.21 21.89 38.99
N LEU C 576 18.80 22.79 38.19
CA LEU C 576 18.52 24.21 38.38
C LEU C 576 17.08 24.51 38.02
N ALA C 577 16.63 24.02 36.87
CA ALA C 577 15.27 24.34 36.46
C ALA C 577 14.32 23.92 37.58
N ALA C 578 14.43 22.65 38.00
CA ALA C 578 13.56 22.15 39.06
C ALA C 578 13.65 23.02 40.31
N GLU C 579 14.88 23.41 40.70
CA GLU C 579 15.03 24.17 41.94
C GLU C 579 14.31 25.50 41.84
N ILE C 580 14.37 26.13 40.67
CA ILE C 580 13.70 27.41 40.49
C ILE C 580 12.19 27.23 40.54
N ALA C 581 11.70 26.06 40.12
CA ALA C 581 10.25 25.86 40.12
C ALA C 581 9.71 25.60 41.52
N LEU C 582 10.32 24.68 42.26
CA LEU C 582 9.79 24.29 43.56
C LEU C 582 9.71 25.45 44.57
N LYS C 583 10.56 26.47 44.42
CA LYS C 583 10.50 27.66 45.27
C LYS C 583 9.51 28.72 44.82
N SER C 584 8.86 28.55 43.66
CA SER C 584 7.99 29.60 43.13
C SER C 584 6.65 29.65 43.85
N GLY C 585 6.09 28.51 44.24
CA GLY C 585 4.81 28.50 44.90
C GLY C 585 3.61 28.64 44.01
N PHE C 586 3.77 28.49 42.70
CA PHE C 586 2.63 28.59 41.80
C PHE C 586 1.70 27.40 41.99
N PRO C 587 0.41 27.55 41.64
CA PRO C 587 -0.52 26.42 41.80
C PRO C 587 -0.28 25.27 40.84
N PHE C 588 0.20 25.54 39.63
CA PHE C 588 0.20 24.59 38.52
C PHE C 588 1.64 24.46 38.01
N ILE C 589 2.16 23.24 38.00
CA ILE C 589 3.51 22.98 37.51
C ILE C 589 3.55 21.62 36.83
N ARG C 590 4.12 21.56 35.63
CA ARG C 590 4.27 20.26 34.97
C ARG C 590 5.60 20.23 34.19
N LEU C 591 5.99 19.03 33.75
CA LEU C 591 7.18 18.88 32.92
C LEU C 591 7.01 17.82 31.85
N ILE C 592 7.54 18.12 30.66
CA ILE C 592 7.65 17.19 29.55
C ILE C 592 9.10 16.72 29.46
N SER C 593 9.31 15.41 29.56
CA SER C 593 10.63 14.81 29.46
C SER C 593 10.50 13.49 28.69
N PRO C 594 11.62 12.94 28.23
CA PRO C 594 11.56 11.69 27.45
C PRO C 594 10.94 10.52 28.18
N ASN C 595 10.99 10.49 29.52
CA ASN C 595 10.45 9.36 30.27
C ASN C 595 8.97 9.17 30.01
N GLU C 596 8.25 10.24 29.70
CA GLU C 596 6.81 10.16 29.52
C GLU C 596 6.45 9.64 28.13
N LEU C 597 7.25 9.96 27.13
CA LEU C 597 6.96 9.63 25.74
C LEU C 597 7.48 8.28 25.28
N SER C 598 8.07 7.49 26.18
CA SER C 598 8.69 6.23 25.77
C SER C 598 7.63 5.22 25.34
N GLY C 599 7.86 4.57 24.20
CA GLY C 599 7.03 3.48 23.73
C GLY C 599 5.82 3.84 22.91
N MET C 600 5.59 5.11 22.60
CA MET C 600 4.45 5.51 21.80
C MET C 600 4.86 5.81 20.36
N SER C 601 3.87 5.76 19.48
CA SER C 601 4.04 6.16 18.09
C SER C 601 4.07 7.68 17.99
N GLU C 602 4.43 8.18 16.81
CA GLU C 602 4.62 9.62 16.62
C GLU C 602 3.32 10.40 16.81
N SER C 603 2.22 9.89 16.26
CA SER C 603 0.94 10.58 16.36
C SER C 603 0.50 10.70 17.81
N ALA C 604 0.68 9.62 18.58
CA ALA C 604 0.35 9.69 20.00
C ALA C 604 1.16 10.78 20.69
N LYS C 605 2.44 10.95 20.33
CA LYS C 605 3.26 11.96 20.95
C LYS C 605 2.71 13.36 20.67
N ILE C 606 2.34 13.61 19.41
CA ILE C 606 1.76 14.91 19.06
C ILE C 606 0.51 15.17 19.90
N ALA C 607 -0.35 14.17 20.04
CA ALA C 607 -1.57 14.32 20.81
C ALA C 607 -1.26 14.68 22.26
N TYR C 608 -0.26 14.00 22.84
CA TYR C 608 0.06 14.20 24.26
C TYR C 608 0.55 15.62 24.53
N ILE C 609 1.44 16.11 23.68
CA ILE C 609 1.96 17.47 23.87
C ILE C 609 0.83 18.48 23.76
N ASP C 610 -0.02 18.31 22.74
CA ASP C 610 -1.08 19.28 22.53
C ASP C 610 -2.05 19.32 23.70
N ASN C 611 -2.39 18.15 24.27
CA ASN C 611 -3.31 18.14 25.39
C ASN C 611 -2.71 18.79 26.62
N THR C 612 -1.40 18.58 26.85
CA THR C 612 -0.77 19.24 28.00
C THR C 612 -0.87 20.76 27.89
N PHE C 613 -0.57 21.28 26.70
CA PHE C 613 -0.69 22.73 26.52
C PHE C 613 -2.12 23.22 26.73
N ARG C 614 -3.11 22.46 26.24
CA ARG C 614 -4.49 22.92 26.43
C ARG C 614 -4.88 22.93 27.90
N ASP C 615 -4.40 21.96 28.68
CA ASP C 615 -4.68 21.96 30.12
C ASP C 615 -3.97 23.09 30.86
N ALA C 616 -2.88 23.64 30.32
CA ALA C 616 -2.21 24.74 31.01
C ALA C 616 -2.91 26.10 30.88
N TYR C 617 -3.89 26.26 29.99
CA TYR C 617 -4.59 27.53 29.76
C TYR C 617 -5.86 27.69 30.59
N LYS C 618 -5.97 27.02 31.74
CA LYS C 618 -7.20 27.06 32.54
C LYS C 618 -6.91 27.30 34.01
N SER C 619 -5.83 28.01 34.31
CA SER C 619 -5.56 28.47 35.67
C SER C 619 -4.89 29.83 35.60
N PRO C 620 -4.98 30.63 36.66
CA PRO C 620 -4.39 31.98 36.61
C PRO C 620 -2.88 32.00 36.39
N LEU C 621 -2.15 31.08 37.02
CA LEU C 621 -0.69 31.02 36.95
C LEU C 621 -0.26 29.59 36.62
N ASN C 622 0.82 29.46 35.85
CA ASN C 622 1.24 28.16 35.35
C ASN C 622 2.75 28.15 35.10
N ILE C 623 3.38 27.00 35.34
CA ILE C 623 4.77 26.77 34.95
C ILE C 623 4.90 25.46 34.19
N LEU C 624 5.66 25.50 33.09
CA LEU C 624 6.00 24.31 32.32
C LEU C 624 7.51 24.20 32.17
N VAL C 625 8.00 22.95 32.28
CA VAL C 625 9.42 22.64 32.10
C VAL C 625 9.55 21.66 30.94
N ILE C 626 10.43 21.95 30.00
CA ILE C 626 10.70 21.07 28.86
C ILE C 626 12.17 20.65 28.94
N ASP C 627 12.40 19.34 29.00
CA ASP C 627 13.72 18.81 29.29
C ASP C 627 14.33 18.12 28.08
N SER C 628 15.57 18.49 27.76
CA SER C 628 16.36 17.83 26.71
C SER C 628 15.66 17.91 25.35
N LEU C 629 15.60 19.13 24.82
CA LEU C 629 14.79 19.38 23.64
C LEU C 629 15.20 18.51 22.45
N GLU C 630 16.49 18.18 22.34
CA GLU C 630 16.92 17.43 21.16
C GLU C 630 16.53 15.97 21.22
N THR C 631 16.42 15.39 22.42
CA THR C 631 16.05 13.98 22.51
C THR C 631 14.57 13.77 22.19
N LEU C 632 13.73 14.77 22.45
CA LEU C 632 12.33 14.65 22.08
C LEU C 632 12.15 14.57 20.56
N VAL C 633 13.09 15.13 19.81
CA VAL C 633 12.99 15.17 18.35
C VAL C 633 13.72 14.01 17.67
N ASP C 634 14.44 13.17 18.41
CA ASP C 634 15.06 11.97 17.86
C ASP C 634 16.22 12.32 16.92
N TRP C 635 17.15 13.13 17.42
CA TRP C 635 18.29 13.59 16.62
C TRP C 635 19.45 12.59 16.69
N VAL C 636 19.95 12.20 15.52
CA VAL C 636 21.14 11.36 15.40
C VAL C 636 21.98 11.90 14.24
N PRO C 637 23.26 12.20 14.43
CA PRO C 637 24.01 12.98 13.42
C PRO C 637 24.62 12.19 12.28
N ILE C 638 24.47 10.87 12.22
CA ILE C 638 24.99 10.13 11.07
C ILE C 638 24.23 10.48 9.80
N GLY C 639 22.91 10.69 9.92
CA GLY C 639 22.09 10.98 8.77
C GLY C 639 22.40 12.34 8.17
N PRO C 640 21.96 13.40 8.85
CA PRO C 640 21.26 13.42 10.15
C PRO C 640 19.81 13.00 10.02
N ARG C 641 19.23 12.44 11.08
CA ARG C 641 17.82 12.04 11.08
C ARG C 641 17.10 12.67 12.25
N PHE C 642 15.88 13.13 12.00
CA PHE C 642 15.05 13.71 13.05
C PHE C 642 13.61 13.78 12.54
N SER C 643 12.69 14.06 13.46
CA SER C 643 11.27 14.12 13.15
C SER C 643 10.85 15.58 13.03
N ASN C 644 10.32 15.95 11.85
CA ASN C 644 10.02 17.35 11.56
C ASN C 644 8.66 17.79 12.11
N ASN C 645 7.69 16.87 12.15
CA ASN C 645 6.35 17.23 12.61
C ASN C 645 6.35 17.67 14.07
N ILE C 646 7.06 16.93 14.92
CA ILE C 646 7.16 17.30 16.32
C ILE C 646 7.84 18.65 16.45
N LEU C 647 8.86 18.89 15.61
CA LEU C 647 9.61 20.14 15.71
C LEU C 647 8.70 21.32 15.40
N GLN C 648 7.82 21.15 14.42
CA GLN C 648 6.91 22.24 14.07
C GLN C 648 5.88 22.47 15.16
N MET C 649 5.35 21.38 15.74
CA MET C 649 4.43 21.54 16.85
C MET C 649 5.06 22.35 17.99
N LEU C 650 6.29 21.98 18.38
CA LEU C 650 6.94 22.71 19.47
C LEU C 650 7.20 24.16 19.09
N LYS C 651 7.61 24.40 17.83
CA LYS C 651 7.96 25.74 17.42
C LYS C 651 6.75 26.65 17.46
N VAL C 652 5.58 26.12 17.09
CA VAL C 652 4.38 26.94 17.16
C VAL C 652 4.00 27.16 18.62
N ALA C 653 4.08 26.11 19.44
CA ALA C 653 3.55 26.21 20.80
C ALA C 653 4.30 27.25 21.61
N LEU C 654 5.63 27.29 21.50
CA LEU C 654 6.41 28.16 22.39
C LEU C 654 6.19 29.66 22.15
N LYS C 655 5.34 30.07 21.20
CA LYS C 655 5.08 31.49 20.96
C LYS C 655 3.63 31.91 21.14
N ARG C 656 2.70 30.99 21.32
CA ARG C 656 1.30 31.31 21.55
C ARG C 656 1.05 31.82 22.97
N LYS C 657 0.13 32.78 23.09
CA LYS C 657 -0.17 33.48 24.33
C LYS C 657 -1.49 32.99 24.90
N PRO C 658 -1.57 32.73 26.20
CA PRO C 658 -2.81 32.18 26.77
C PRO C 658 -3.92 33.21 26.75
N PRO C 659 -5.17 32.78 26.67
CA PRO C 659 -6.26 33.74 26.47
C PRO C 659 -6.73 34.35 27.78
N GLN C 660 -7.38 35.51 27.65
CA GLN C 660 -8.22 36.06 28.71
C GLN C 660 -7.41 36.28 29.99
N ASP C 661 -6.46 37.22 29.88
CA ASP C 661 -5.60 37.67 30.98
C ASP C 661 -5.20 36.54 31.92
N ARG C 662 -4.75 35.43 31.33
CA ARG C 662 -4.00 34.43 32.06
C ARG C 662 -2.52 34.53 31.68
N ARG C 663 -1.68 33.77 32.38
CA ARG C 663 -0.25 33.87 32.13
C ARG C 663 0.47 32.58 32.52
N LEU C 664 1.60 32.32 31.86
CA LEU C 664 2.43 31.16 32.17
C LEU C 664 3.89 31.49 31.94
N LEU C 665 4.76 30.62 32.47
CA LEU C 665 6.20 30.70 32.29
C LEU C 665 6.71 29.35 31.83
N ILE C 666 7.70 29.36 30.92
CA ILE C 666 8.26 28.15 30.35
C ILE C 666 9.77 28.16 30.58
N MET C 667 10.33 26.99 30.89
CA MET C 667 11.78 26.82 30.96
C MET C 667 12.16 25.58 30.16
N THR C 668 13.28 25.64 29.44
CA THR C 668 13.72 24.54 28.60
C THR C 668 15.22 24.32 28.74
N THR C 669 15.66 23.07 28.53
CA THR C 669 17.06 22.70 28.76
C THR C 669 17.63 21.93 27.57
N THR C 670 18.86 22.27 27.18
CA THR C 670 19.51 21.64 26.03
C THR C 670 21.02 21.60 26.22
N SER C 671 21.66 20.62 25.56
CA SER C 671 23.11 20.51 25.52
C SER C 671 23.69 20.62 24.10
N ALA C 672 22.87 20.88 23.09
CA ALA C 672 23.29 20.82 21.70
C ALA C 672 23.03 22.16 20.99
N TYR C 673 23.52 23.23 21.60
CA TYR C 673 23.21 24.59 21.13
C TYR C 673 23.42 24.74 19.64
N SER C 674 24.49 24.16 19.10
CA SER C 674 24.79 24.35 17.67
C SER C 674 23.71 23.75 16.79
N VAL C 675 23.15 22.61 17.21
CA VAL C 675 22.11 21.98 16.42
C VAL C 675 20.90 22.90 16.35
N LEU C 676 20.52 23.49 17.49
CA LEU C 676 19.39 24.40 17.49
C LEU C 676 19.68 25.58 16.58
N GLN C 677 20.90 26.12 16.64
CA GLN C 677 21.25 27.21 15.73
C GLN C 677 21.03 26.78 14.28
N GLN C 678 21.33 25.51 13.96
CA GLN C 678 21.14 25.02 12.61
C GLN C 678 19.68 24.89 12.21
N MET C 679 18.79 24.58 13.15
CA MET C 679 17.37 24.41 12.84
C MET C 679 16.58 25.70 12.88
N ASP C 680 17.26 26.85 12.96
CA ASP C 680 16.68 28.20 13.06
C ASP C 680 15.35 28.21 13.82
N ILE C 681 15.37 27.76 15.08
CA ILE C 681 14.26 27.98 15.99
C ILE C 681 14.76 28.71 17.22
N LEU C 682 15.80 29.53 17.05
CA LEU C 682 16.45 30.18 18.18
C LEU C 682 15.88 31.57 18.44
N SER C 683 14.87 31.99 17.69
CA SER C 683 14.14 33.23 17.92
C SER C 683 12.92 33.05 18.82
N CYS C 684 12.60 31.82 19.21
CA CYS C 684 11.48 31.58 20.11
C CYS C 684 11.77 31.98 21.55
N PHE C 685 13.04 32.08 21.92
CA PHE C 685 13.44 32.29 23.31
C PHE C 685 13.70 33.77 23.57
N ASP C 686 13.35 34.21 24.78
CA ASP C 686 13.50 35.61 25.17
C ASP C 686 14.83 35.85 25.85
N ASN C 687 15.42 34.83 26.46
CA ASN C 687 16.70 35.00 27.11
C ASN C 687 17.39 33.64 27.24
N GLU C 688 18.71 33.69 27.35
CA GLU C 688 19.55 32.51 27.35
C GLU C 688 20.49 32.59 28.54
N ILE C 689 20.58 31.48 29.27
CA ILE C 689 21.42 31.38 30.48
C ILE C 689 22.45 30.30 30.23
N ALA C 690 23.69 30.54 30.65
CA ALA C 690 24.79 29.62 30.40
C ALA C 690 25.28 29.01 31.71
N VAL C 691 25.54 27.71 31.68
CA VAL C 691 26.00 27.00 32.88
C VAL C 691 27.37 26.37 32.62
N PRO C 692 28.45 26.84 33.28
CA PRO C 692 29.78 26.29 32.97
C PRO C 692 30.21 25.16 33.91
N ASN C 693 31.35 24.54 33.60
CA ASN C 693 31.92 23.48 34.41
C ASN C 693 32.81 24.07 35.49
N MET C 694 33.42 23.19 36.30
CA MET C 694 34.37 23.61 37.32
C MET C 694 35.76 23.66 36.69
N THR C 695 36.55 24.67 37.07
CA THR C 695 37.88 24.84 36.49
C THR C 695 38.94 25.29 37.49
N ASN C 696 38.64 25.37 38.78
CA ASN C 696 39.65 25.70 39.78
C ASN C 696 39.51 24.79 40.98
N LEU C 697 40.63 24.59 41.70
CA LEU C 697 40.68 23.66 42.83
C LEU C 697 39.94 24.14 44.07
N ASP C 698 39.70 25.45 44.18
CA ASP C 698 38.93 25.99 45.30
C ASP C 698 37.50 25.45 45.31
N GLU C 699 36.89 25.33 44.13
CA GLU C 699 35.56 24.74 44.07
C GLU C 699 35.60 23.30 44.55
N LEU C 700 36.64 22.55 44.18
CA LEU C 700 36.73 21.17 44.62
C LEU C 700 36.83 21.10 46.14
N ASN C 701 37.57 22.04 46.74
CA ASN C 701 37.64 22.05 48.19
C ASN C 701 36.26 22.29 48.81
N ASN C 702 35.51 23.25 48.24
CA ASN C 702 34.17 23.52 48.78
C ASN C 702 33.29 22.28 48.69
N VAL C 703 33.32 21.62 47.53
CA VAL C 703 32.46 20.45 47.35
C VAL C 703 32.85 19.35 48.32
N MET C 704 34.15 19.17 48.55
CA MET C 704 34.56 18.18 49.54
C MET C 704 34.04 18.54 50.92
N ILE C 705 34.11 19.82 51.29
CA ILE C 705 33.71 20.21 52.64
C ILE C 705 32.23 19.90 52.89
N GLU C 706 31.37 20.26 51.94
CA GLU C 706 29.94 20.19 52.25
C GLU C 706 29.34 18.80 52.12
N SER C 707 30.08 17.83 51.59
CA SER C 707 29.62 16.44 51.52
C SER C 707 30.16 15.56 52.64
N ASN C 708 30.99 16.11 53.53
CA ASN C 708 31.56 15.36 54.66
C ASN C 708 32.44 14.19 54.18
N PHE C 709 33.39 14.51 53.30
CA PHE C 709 34.23 13.47 52.73
C PHE C 709 35.10 12.81 53.80
N LEU C 710 35.98 13.60 54.41
CA LEU C 710 36.82 13.09 55.49
C LEU C 710 37.57 14.27 56.12
N ASP C 711 38.26 13.97 57.23
CA ASP C 711 38.81 15.00 58.08
C ASP C 711 39.81 15.87 57.31
N ASP C 712 40.06 17.06 57.87
CA ASP C 712 40.87 18.07 57.19
C ASP C 712 42.24 17.53 56.79
N ALA C 713 42.85 16.70 57.65
CA ALA C 713 44.19 16.19 57.40
C ALA C 713 44.34 15.52 56.04
N GLY C 714 43.31 14.82 55.57
CA GLY C 714 43.34 14.16 54.27
C GLY C 714 42.97 15.10 53.14
N ARG C 715 41.95 15.93 53.42
CA ARG C 715 41.49 16.86 52.41
C ARG C 715 42.67 17.67 51.90
N VAL C 716 43.54 18.13 52.81
CA VAL C 716 44.61 18.99 52.37
C VAL C 716 45.49 18.26 51.37
N LYS C 717 45.72 16.96 51.62
CA LYS C 717 46.64 16.18 50.80
C LYS C 717 46.12 15.99 49.39
N VAL C 718 44.80 15.86 49.26
CA VAL C 718 44.25 15.68 47.91
C VAL C 718 44.58 16.90 47.04
N ILE C 719 44.35 18.09 47.59
CA ILE C 719 44.62 19.32 46.84
C ILE C 719 46.11 19.42 46.53
N ASN C 720 46.98 19.14 47.52
CA ASN C 720 48.41 19.28 47.28
C ASN C 720 48.91 18.34 46.19
N GLU C 721 48.29 17.17 46.04
CA GLU C 721 48.75 16.25 44.99
C GLU C 721 48.21 16.65 43.62
N LEU C 722 46.91 16.98 43.55
CA LEU C 722 46.38 17.43 42.27
C LEU C 722 47.01 18.75 41.81
N SER C 723 47.60 19.53 42.72
CA SER C 723 48.12 20.83 42.32
C SER C 723 49.14 20.72 41.18
N ARG C 724 50.02 19.71 41.24
CA ARG C 724 51.00 19.49 40.18
C ARG C 724 50.75 18.20 39.41
N SER C 725 49.71 17.43 39.74
CA SER C 725 49.32 16.35 38.83
C SER C 725 48.61 16.91 37.60
N CYS C 726 47.66 17.81 37.80
CA CYS C 726 46.87 18.38 36.70
C CYS C 726 46.34 19.74 37.14
N PRO C 727 46.93 20.86 36.67
CA PRO C 727 46.61 22.16 37.27
C PRO C 727 45.28 22.76 36.85
N ASN C 728 44.83 22.49 35.62
CA ASN C 728 43.75 23.26 35.00
C ASN C 728 42.64 22.34 34.52
N PHE C 729 42.17 21.45 35.39
CA PHE C 729 41.26 20.41 34.94
C PHE C 729 39.91 21.02 34.57
N ASN C 730 39.10 20.23 33.88
CA ASN C 730 37.83 20.69 33.30
C ASN C 730 36.81 19.57 33.44
N VAL C 731 36.12 19.53 34.58
CA VAL C 731 35.18 18.46 34.89
C VAL C 731 33.87 19.09 35.35
N GLY C 732 32.79 18.33 35.19
CA GLY C 732 31.47 18.76 35.62
C GLY C 732 31.20 18.45 37.07
N ILE C 733 29.94 18.63 37.45
CA ILE C 733 29.49 18.43 38.83
C ILE C 733 28.90 17.04 39.01
N LYS C 734 28.17 16.54 38.01
CA LYS C 734 27.51 15.25 38.18
C LYS C 734 28.55 14.15 38.32
N LYS C 735 29.63 14.24 37.54
CA LYS C 735 30.69 13.24 37.61
C LYS C 735 31.54 13.41 38.87
N THR C 736 31.71 14.66 39.34
CA THR C 736 32.51 14.91 40.52
C THR C 736 31.92 14.24 41.77
N LEU C 737 30.61 14.09 41.82
CA LEU C 737 29.95 13.53 43.00
C LEU C 737 29.80 12.02 42.93
N THR C 738 30.11 11.41 41.79
CA THR C 738 30.13 9.96 41.67
C THR C 738 31.53 9.39 41.86
N ASN C 739 32.55 10.24 41.88
CA ASN C 739 33.92 9.83 42.15
C ASN C 739 34.24 9.88 43.64
N ILE C 740 33.77 10.92 44.33
CA ILE C 740 33.86 10.97 45.79
C ILE C 740 33.13 9.78 46.41
N GLU C 741 31.91 9.52 45.94
CA GLU C 741 31.12 8.45 46.51
C GLU C 741 31.79 7.08 46.36
N THR C 742 32.36 6.80 45.19
CA THR C 742 33.05 5.52 45.02
C THR C 742 34.39 5.50 45.76
N ALA C 743 35.10 6.63 45.81
CA ALA C 743 36.38 6.65 46.50
C ALA C 743 36.21 6.45 48.00
N ARG C 744 35.10 6.94 48.55
CA ARG C 744 34.83 6.81 49.97
C ARG C 744 34.89 5.35 50.42
N HIS C 745 34.44 4.43 49.56
CA HIS C 745 34.38 3.01 49.88
C HIS C 745 35.66 2.26 49.56
N ASP C 746 36.70 2.92 49.08
CA ASP C 746 37.95 2.22 48.80
C ASP C 746 38.74 1.99 50.08
N GLU C 747 39.80 1.16 49.96
CA GLU C 747 40.73 0.97 51.06
C GLU C 747 41.81 2.05 51.12
N ASP C 748 42.01 2.80 50.04
CA ASP C 748 43.04 3.83 49.96
C ASP C 748 42.44 5.09 49.34
N PRO C 749 41.65 5.84 50.10
CA PRO C 749 40.75 6.82 49.46
C PRO C 749 41.44 7.97 48.75
N VAL C 750 42.54 8.50 49.31
CA VAL C 750 43.23 9.63 48.68
C VAL C 750 43.79 9.25 47.32
N ASN C 751 44.52 8.13 47.24
CA ASN C 751 45.15 7.75 46.00
C ASN C 751 44.11 7.46 44.92
N GLU C 752 43.04 6.76 45.30
CA GLU C 752 41.99 6.43 44.34
C GLU C 752 41.37 7.69 43.78
N LEU C 753 41.07 8.65 44.66
CA LEU C 753 40.42 9.87 44.19
C LEU C 753 41.34 10.61 43.24
N VAL C 754 42.65 10.62 43.54
CA VAL C 754 43.58 11.35 42.67
C VAL C 754 43.60 10.72 41.29
N GLU C 755 43.66 9.38 41.23
CA GLU C 755 43.69 8.73 39.91
C GLU C 755 42.43 9.01 39.13
N LEU C 756 41.26 8.91 39.78
CA LEU C 756 40.02 9.15 39.07
C LEU C 756 39.95 10.57 38.54
N MET C 757 40.33 11.54 39.37
CA MET C 757 40.28 12.93 38.93
C MET C 757 41.19 13.14 37.73
N THR C 758 42.40 12.58 37.76
CA THR C 758 43.32 12.80 36.65
C THR C 758 42.75 12.20 35.37
N GLN C 759 42.14 11.00 35.46
CA GLN C 759 41.54 10.41 34.27
C GLN C 759 40.43 11.29 33.70
N SER C 760 39.53 11.80 34.55
CA SER C 760 38.44 12.60 34.03
C SER C 760 38.91 13.91 33.38
N ALA C 761 39.89 14.58 33.98
CA ALA C 761 40.35 15.86 33.44
C ALA C 761 40.92 15.72 32.04
N LEU D 242 -45.82 42.34 -0.12
CA LEU D 242 -46.06 40.90 -0.04
C LEU D 242 -45.50 40.37 1.28
N GLY D 243 -44.26 40.76 1.62
CA GLY D 243 -43.65 40.20 2.81
C GLY D 243 -42.13 40.07 2.78
N VAL D 244 -41.49 40.36 1.65
CA VAL D 244 -40.04 40.33 1.56
C VAL D 244 -39.62 41.68 1.00
N GLY D 245 -38.42 42.11 1.35
CA GLY D 245 -37.93 43.42 0.97
C GLY D 245 -36.45 43.42 0.66
N GLY D 246 -36.05 44.28 -0.27
CA GLY D 246 -34.67 44.33 -0.72
C GLY D 246 -34.47 43.59 -2.03
N LEU D 247 -35.03 42.39 -2.12
CA LEU D 247 -34.98 41.55 -3.31
C LEU D 247 -36.15 41.92 -4.22
N ASP D 248 -35.93 42.92 -5.07
CA ASP D 248 -36.94 43.39 -6.03
C ASP D 248 -36.62 42.92 -7.45
N LYS D 249 -35.62 43.54 -8.11
CA LYS D 249 -35.16 43.15 -9.45
C LYS D 249 -35.31 41.64 -9.64
N GLU D 250 -34.53 40.91 -8.85
CA GLU D 250 -34.52 39.44 -8.86
C GLU D 250 -35.95 38.96 -9.10
N PHE D 251 -36.85 39.30 -8.19
CA PHE D 251 -38.25 38.90 -8.31
C PHE D 251 -38.74 39.15 -9.74
N THR D 252 -38.78 40.41 -10.16
CA THR D 252 -39.23 40.81 -11.50
C THR D 252 -38.85 39.75 -12.52
N LYS D 253 -37.60 39.28 -12.41
CA LYS D 253 -37.11 38.30 -13.38
C LYS D 253 -37.76 36.94 -13.14
N ILE D 254 -37.63 36.43 -11.90
CA ILE D 254 -38.14 35.08 -11.65
C ILE D 254 -39.59 35.01 -12.10
N PHE D 255 -40.37 36.04 -11.76
CA PHE D 255 -41.79 36.00 -12.10
C PHE D 255 -41.95 36.07 -13.61
N ARG D 256 -41.07 36.81 -14.30
CA ARG D 256 -41.20 36.93 -15.74
C ARG D 256 -40.99 35.60 -16.45
N ARG D 257 -40.16 34.72 -15.89
CA ARG D 257 -39.78 33.50 -16.60
C ARG D 257 -40.39 32.21 -16.04
N ALA D 258 -40.37 32.00 -14.73
CA ALA D 258 -40.80 30.72 -14.18
C ALA D 258 -42.33 30.60 -14.07
N PHE D 259 -43.05 31.70 -13.90
CA PHE D 259 -44.46 31.67 -13.56
C PHE D 259 -45.38 32.40 -14.53
N ALA D 260 -44.87 33.32 -15.35
CA ALA D 260 -45.74 34.17 -16.15
C ALA D 260 -46.69 33.33 -17.02
N SER D 261 -46.21 32.20 -17.54
CA SER D 261 -47.02 31.38 -18.44
C SER D 261 -48.17 30.67 -17.73
N ARG D 262 -48.10 30.49 -16.41
CA ARG D 262 -49.12 29.74 -15.70
C ARG D 262 -50.41 30.52 -15.49
N ILE D 263 -50.34 31.85 -15.57
CA ILE D 263 -51.54 32.67 -15.36
C ILE D 263 -52.51 32.51 -16.53
N PHE D 264 -51.99 32.51 -17.76
CA PHE D 264 -52.84 32.60 -18.93
C PHE D 264 -53.68 31.34 -19.09
N PRO D 265 -54.79 31.44 -19.83
CA PRO D 265 -55.61 30.25 -20.06
C PRO D 265 -54.85 29.24 -20.92
N PRO D 266 -55.14 27.95 -20.77
CA PRO D 266 -54.37 26.96 -21.53
C PRO D 266 -54.47 27.13 -23.04
N SER D 267 -55.60 27.66 -23.53
CA SER D 267 -55.81 27.73 -24.97
C SER D 267 -54.74 28.56 -25.64
N VAL D 268 -54.45 29.75 -25.11
CA VAL D 268 -53.48 30.63 -25.76
C VAL D 268 -52.08 30.03 -25.72
N ILE D 269 -51.73 29.36 -24.61
CA ILE D 269 -50.41 28.75 -24.54
C ILE D 269 -50.28 27.63 -25.56
N GLU D 270 -51.31 26.78 -25.67
CA GLU D 270 -51.32 25.80 -26.75
C GLU D 270 -51.26 26.49 -28.11
N LYS D 271 -51.80 27.70 -28.18
CA LYS D 271 -52.03 28.40 -29.44
C LYS D 271 -50.74 28.99 -29.98
N LEU D 272 -49.81 29.34 -29.07
CA LEU D 272 -48.52 29.87 -29.49
C LEU D 272 -47.57 28.76 -29.92
N GLY D 273 -47.65 27.59 -29.29
CA GLY D 273 -46.77 26.49 -29.62
C GLY D 273 -45.50 26.46 -28.79
N ILE D 274 -45.63 26.67 -27.48
CA ILE D 274 -44.50 26.68 -26.57
C ILE D 274 -44.80 25.75 -25.39
N SER D 275 -43.81 25.58 -24.52
CA SER D 275 -43.93 24.68 -23.37
C SER D 275 -43.35 25.36 -22.13
N HIS D 276 -43.87 24.96 -20.98
CA HIS D 276 -43.49 25.58 -19.72
C HIS D 276 -42.08 25.17 -19.31
N VAL D 277 -41.46 26.00 -18.46
CA VAL D 277 -40.17 25.71 -17.83
C VAL D 277 -40.41 24.87 -16.58
N LYS D 278 -39.48 23.96 -16.31
CA LYS D 278 -39.65 22.98 -15.24
C LYS D 278 -38.52 22.99 -14.20
N GLY D 279 -37.54 23.88 -14.31
CA GLY D 279 -36.47 23.94 -13.33
C GLY D 279 -35.92 25.32 -13.10
N LEU D 280 -35.68 25.67 -11.83
CA LEU D 280 -35.18 26.97 -11.45
C LEU D 280 -34.15 26.80 -10.34
N LEU D 281 -32.99 27.44 -10.50
CA LEU D 281 -31.88 27.31 -9.57
C LEU D 281 -31.59 28.66 -8.92
N LEU D 282 -31.55 28.69 -7.59
CA LEU D 282 -31.24 29.87 -6.80
C LEU D 282 -29.99 29.60 -5.97
N TYR D 283 -29.07 30.56 -5.95
CA TYR D 283 -27.83 30.36 -5.19
C TYR D 283 -27.38 31.66 -4.54
N GLY D 284 -26.65 31.51 -3.43
CA GLY D 284 -26.19 32.63 -2.64
C GLY D 284 -25.86 32.18 -1.22
N PRO D 285 -25.31 33.09 -0.41
CA PRO D 285 -24.88 32.72 0.95
C PRO D 285 -26.06 32.35 1.83
N PRO D 286 -25.82 31.66 2.94
CA PRO D 286 -26.92 31.16 3.76
C PRO D 286 -27.53 32.23 4.65
N GLY D 287 -28.83 32.06 4.91
CA GLY D 287 -29.56 33.01 5.73
C GLY D 287 -29.95 34.29 5.02
N THR D 288 -30.09 34.27 3.69
CA THR D 288 -30.33 35.48 2.93
C THR D 288 -31.73 35.55 2.30
N GLY D 289 -32.53 34.49 2.36
CA GLY D 289 -33.94 34.61 2.04
C GLY D 289 -34.44 33.86 0.82
N LYS D 290 -33.89 32.67 0.54
CA LYS D 290 -34.29 31.93 -0.66
C LYS D 290 -35.61 31.18 -0.46
N THR D 291 -35.70 30.35 0.59
CA THR D 291 -36.92 29.59 0.85
C THR D 291 -38.12 30.51 1.02
N LEU D 292 -37.88 31.72 1.52
CA LEU D 292 -38.95 32.69 1.70
C LEU D 292 -39.59 33.01 0.36
N ILE D 293 -38.74 33.30 -0.63
CA ILE D 293 -39.24 33.62 -1.96
C ILE D 293 -39.99 32.43 -2.51
N ALA D 294 -39.44 31.23 -2.32
CA ALA D 294 -40.11 30.04 -2.84
C ALA D 294 -41.54 29.93 -2.33
N ARG D 295 -41.74 30.16 -1.02
CA ARG D 295 -43.08 30.05 -0.45
C ARG D 295 -43.98 31.19 -0.92
N LYS D 296 -43.47 32.42 -0.86
CA LYS D 296 -44.35 33.55 -1.10
C LYS D 296 -44.79 33.62 -2.55
N ILE D 297 -43.97 33.17 -3.50
CA ILE D 297 -44.46 33.12 -4.86
C ILE D 297 -45.61 32.13 -4.95
N GLY D 298 -45.49 31.02 -4.20
CA GLY D 298 -46.52 30.00 -4.27
C GLY D 298 -47.87 30.51 -3.82
N THR D 299 -47.88 31.49 -2.92
CA THR D 299 -49.18 31.95 -2.41
C THR D 299 -49.97 32.79 -3.42
N MET D 300 -49.30 33.49 -4.35
CA MET D 300 -50.03 34.26 -5.37
C MET D 300 -50.79 33.36 -6.34
N LEU D 301 -50.18 32.26 -6.77
CA LEU D 301 -50.81 31.30 -7.66
C LEU D 301 -51.67 30.28 -6.92
N ASN D 302 -51.89 30.49 -5.62
CA ASN D 302 -52.71 29.65 -4.74
C ASN D 302 -52.55 28.17 -5.07
N ALA D 303 -51.32 27.75 -5.33
CA ALA D 303 -51.01 26.33 -5.44
C ALA D 303 -51.01 25.70 -4.06
N LYS D 304 -50.76 24.39 -4.03
CA LYS D 304 -50.70 23.65 -2.78
C LYS D 304 -49.47 24.08 -1.97
N GLU D 305 -49.48 23.74 -0.68
CA GLU D 305 -48.32 23.95 0.15
C GLU D 305 -47.13 23.15 -0.39
N PRO D 306 -45.98 23.78 -0.60
CA PRO D 306 -44.86 23.05 -1.22
C PRO D 306 -44.35 21.93 -0.32
N LYS D 307 -43.97 20.83 -0.95
CA LYS D 307 -43.22 19.78 -0.28
C LYS D 307 -41.74 20.16 -0.20
N ILE D 308 -41.05 19.57 0.77
CA ILE D 308 -39.64 19.86 0.99
C ILE D 308 -38.90 18.57 1.30
N VAL D 309 -37.68 18.47 0.79
CA VAL D 309 -36.80 17.33 1.02
C VAL D 309 -35.38 17.87 1.21
N ASN D 310 -34.59 17.16 2.00
CA ASN D 310 -33.23 17.56 2.29
C ASN D 310 -32.26 16.54 1.72
N GLY D 311 -31.17 17.03 1.15
CA GLY D 311 -30.19 16.18 0.53
C GLY D 311 -29.58 15.17 1.48
N PRO D 312 -28.96 15.67 2.56
CA PRO D 312 -28.38 14.74 3.54
C PRO D 312 -29.37 13.73 4.08
N GLU D 313 -30.62 14.13 4.30
CA GLU D 313 -31.62 13.17 4.77
C GLU D 313 -31.73 11.98 3.82
N ILE D 314 -31.93 12.25 2.53
CA ILE D 314 -32.08 11.17 1.56
C ILE D 314 -30.80 10.37 1.43
N LEU D 315 -29.65 11.04 1.51
CA LEU D 315 -28.38 10.36 1.26
C LEU D 315 -27.96 9.48 2.44
N SER D 316 -28.34 9.85 3.67
CA SER D 316 -27.90 9.11 4.84
C SER D 316 -28.77 7.88 5.10
N LYS D 317 -30.01 7.88 4.64
CA LYS D 317 -30.89 6.73 4.84
C LYS D 317 -30.29 5.49 4.18
N TYR D 318 -30.83 4.34 4.56
CA TYR D 318 -30.33 3.07 4.02
C TYR D 318 -30.60 3.01 2.52
N VAL D 319 -29.80 2.19 1.82
CA VAL D 319 -29.79 2.21 0.36
C VAL D 319 -31.18 1.87 -0.19
N GLY D 320 -31.77 0.78 0.28
CA GLY D 320 -33.07 0.37 -0.24
C GLY D 320 -34.17 1.35 0.08
N SER D 321 -34.20 1.84 1.32
CA SER D 321 -35.21 2.81 1.71
C SER D 321 -35.07 4.09 0.88
N SER D 322 -33.84 4.54 0.66
CA SER D 322 -33.63 5.73 -0.16
C SER D 322 -34.12 5.51 -1.58
N GLU D 323 -33.82 4.33 -2.15
CA GLU D 323 -34.29 4.02 -3.50
C GLU D 323 -35.82 4.06 -3.57
N GLU D 324 -36.49 3.47 -2.57
CA GLU D 324 -37.95 3.47 -2.57
C GLU D 324 -38.53 4.83 -2.20
N ASN D 325 -37.73 5.70 -1.57
CA ASN D 325 -38.23 6.96 -1.04
C ASN D 325 -38.59 7.94 -2.16
N ILE D 326 -37.71 8.08 -3.14
CA ILE D 326 -37.90 9.10 -4.17
C ILE D 326 -39.24 8.92 -4.88
N ARG D 327 -39.65 7.66 -5.07
CA ARG D 327 -40.89 7.42 -5.80
C ARG D 327 -42.11 7.85 -5.00
N ASN D 328 -42.00 7.93 -3.68
CA ASN D 328 -43.13 8.33 -2.85
C ASN D 328 -43.42 9.81 -3.01
N LEU D 329 -42.38 10.61 -3.26
CA LEU D 329 -42.51 12.06 -3.17
C LEU D 329 -43.48 12.61 -4.21
N PHE D 330 -43.45 12.06 -5.42
CA PHE D 330 -44.26 12.56 -6.54
C PHE D 330 -45.66 11.93 -6.65
N LYS D 331 -46.04 11.04 -5.74
CA LYS D 331 -47.30 10.32 -5.88
C LYS D 331 -48.51 11.23 -6.12
N ASP D 332 -48.66 12.25 -5.28
CA ASP D 332 -49.84 13.12 -5.36
C ASP D 332 -49.95 13.79 -6.71
N ALA D 333 -48.80 14.23 -7.24
CA ALA D 333 -48.80 14.90 -8.52
C ALA D 333 -49.20 13.92 -9.62
N GLU D 334 -48.79 12.66 -9.49
CA GLU D 334 -49.20 11.69 -10.50
C GLU D 334 -50.71 11.54 -10.47
N ALA D 335 -51.27 11.42 -9.26
CA ALA D 335 -52.70 11.16 -9.14
C ALA D 335 -53.51 12.26 -9.81
N GLU D 336 -53.25 13.52 -9.42
CA GLU D 336 -54.08 14.60 -9.95
C GLU D 336 -54.02 14.68 -11.48
N TYR D 337 -52.93 14.19 -12.08
CA TYR D 337 -52.80 14.30 -13.53
C TYR D 337 -53.80 13.38 -14.22
N ARG D 338 -53.80 12.10 -13.84
CA ARG D 338 -54.80 11.20 -14.40
C ARG D 338 -56.20 11.69 -14.10
N ALA D 339 -56.39 12.35 -12.96
CA ALA D 339 -57.73 12.84 -12.64
C ALA D 339 -58.19 13.92 -13.62
N LYS D 340 -57.39 14.96 -13.83
CA LYS D 340 -57.88 16.20 -14.45
C LYS D 340 -57.08 16.68 -15.67
N GLY D 341 -56.11 15.91 -16.15
CA GLY D 341 -55.45 16.24 -17.39
C GLY D 341 -54.76 17.59 -17.34
N GLU D 342 -54.91 18.36 -18.41
CA GLU D 342 -54.15 19.60 -18.55
C GLU D 342 -54.58 20.65 -17.53
N GLU D 343 -55.79 20.56 -17.00
CA GLU D 343 -56.37 21.60 -16.17
C GLU D 343 -56.07 21.42 -14.68
N SER D 344 -55.18 20.51 -14.32
CA SER D 344 -54.84 20.29 -12.92
C SER D 344 -54.12 21.50 -12.36
N SER D 345 -54.23 21.68 -11.04
CA SER D 345 -53.53 22.76 -10.38
C SER D 345 -52.04 22.47 -10.30
N LEU D 346 -51.27 23.50 -9.95
CA LEU D 346 -49.81 23.41 -10.01
C LEU D 346 -49.26 22.78 -8.74
N HIS D 347 -48.22 21.98 -8.89
CA HIS D 347 -47.51 21.33 -7.79
C HIS D 347 -46.07 21.81 -7.76
N ILE D 348 -45.57 22.16 -6.58
CA ILE D 348 -44.25 22.77 -6.43
C ILE D 348 -43.45 22.00 -5.40
N ILE D 349 -42.23 21.62 -5.76
CA ILE D 349 -41.37 20.76 -4.95
C ILE D 349 -40.05 21.48 -4.73
N ILE D 350 -39.55 21.46 -3.49
CA ILE D 350 -38.33 22.15 -3.12
C ILE D 350 -37.28 21.14 -2.70
N PHE D 351 -36.04 21.37 -3.14
CA PHE D 351 -34.93 20.45 -2.94
C PHE D 351 -33.78 21.25 -2.37
N ASP D 352 -33.32 20.90 -1.17
CA ASP D 352 -32.36 21.70 -0.44
C ASP D 352 -31.00 21.03 -0.39
N GLU D 353 -29.95 21.85 -0.35
CA GLU D 353 -28.57 21.40 -0.27
C GLU D 353 -28.27 20.37 -1.36
N LEU D 354 -28.53 20.78 -2.61
CA LEU D 354 -28.43 19.85 -3.74
C LEU D 354 -27.00 19.37 -3.92
N ASP D 355 -26.03 20.28 -3.75
CA ASP D 355 -24.64 19.96 -4.04
C ASP D 355 -24.14 18.76 -3.25
N SER D 356 -24.76 18.47 -2.10
CA SER D 356 -24.29 17.35 -1.28
C SER D 356 -24.32 16.05 -2.06
N VAL D 357 -25.15 15.94 -3.09
CA VAL D 357 -25.20 14.71 -3.88
C VAL D 357 -23.90 14.50 -4.64
N PHE D 358 -23.34 15.57 -5.20
CA PHE D 358 -22.18 15.43 -6.09
C PHE D 358 -20.84 15.44 -5.35
N LYS D 359 -20.82 15.89 -4.10
CA LYS D 359 -19.58 16.08 -3.34
C LYS D 359 -19.04 14.72 -2.85
N GLN D 360 -18.65 13.87 -3.81
CA GLN D 360 -18.06 12.58 -3.49
C GLN D 360 -17.29 12.04 -4.70
N GLY D 371 -25.43 8.14 -4.66
CA GLY D 371 -25.33 9.46 -5.23
C GLY D 371 -26.00 9.58 -6.59
N ASP D 372 -25.68 8.63 -7.47
CA ASP D 372 -26.14 8.69 -8.85
C ASP D 372 -27.61 8.30 -8.99
N ASN D 373 -28.10 7.42 -8.13
CA ASN D 373 -29.44 6.87 -8.28
C ASN D 373 -30.49 7.96 -8.16
N VAL D 374 -30.35 8.81 -7.15
CA VAL D 374 -31.32 9.89 -6.95
C VAL D 374 -31.30 10.84 -8.15
N VAL D 375 -30.09 11.15 -8.65
CA VAL D 375 -29.99 12.10 -9.75
C VAL D 375 -30.71 11.56 -10.98
N ASN D 376 -30.46 10.29 -11.31
CA ASN D 376 -31.06 9.72 -12.50
C ASN D 376 -32.57 9.63 -12.35
N GLN D 377 -33.04 9.14 -11.19
CA GLN D 377 -34.48 9.04 -10.99
C GLN D 377 -35.13 10.42 -11.06
N LEU D 378 -34.44 11.44 -10.55
CA LEU D 378 -35.03 12.78 -10.57
C LEU D 378 -35.14 13.30 -11.99
N LEU D 379 -34.06 13.18 -12.77
CA LEU D 379 -34.11 13.66 -14.14
C LEU D 379 -35.16 12.92 -14.97
N ALA D 380 -35.44 11.66 -14.62
CA ALA D 380 -36.42 10.91 -15.39
C ALA D 380 -37.79 11.58 -15.40
N LYS D 381 -38.21 12.13 -14.26
CA LYS D 381 -39.58 12.63 -14.14
C LYS D 381 -39.81 13.96 -14.86
N MET D 382 -38.74 14.69 -15.19
CA MET D 382 -38.88 16.00 -15.81
C MET D 382 -38.23 16.13 -17.17
N ASP D 383 -37.48 15.12 -17.63
CA ASP D 383 -36.84 15.19 -18.93
C ASP D 383 -37.21 14.05 -19.87
N GLY D 384 -37.47 12.86 -19.36
CA GLY D 384 -37.56 11.67 -20.17
C GLY D 384 -38.90 11.49 -20.84
N VAL D 385 -39.21 10.24 -21.18
CA VAL D 385 -40.47 9.94 -21.84
C VAL D 385 -41.64 9.96 -20.86
N ASP D 386 -41.37 9.77 -19.57
CA ASP D 386 -42.41 9.66 -18.56
C ASP D 386 -42.67 11.03 -17.91
N GLN D 387 -42.50 12.10 -18.68
CA GLN D 387 -42.54 13.45 -18.12
C GLN D 387 -43.91 13.77 -17.55
N LEU D 388 -43.91 14.50 -16.43
CA LEU D 388 -45.11 15.02 -15.79
C LEU D 388 -45.17 16.52 -16.04
N ASN D 389 -46.33 17.01 -16.45
CA ASN D 389 -46.49 18.39 -16.87
C ASN D 389 -47.13 19.25 -15.78
N ASN D 390 -47.16 18.77 -14.53
CA ASN D 390 -47.73 19.53 -13.43
C ASN D 390 -46.71 20.17 -12.53
N ILE D 391 -45.46 19.73 -12.55
CA ILE D 391 -44.53 19.99 -11.46
C ILE D 391 -43.56 21.11 -11.83
N LEU D 392 -43.03 21.76 -10.81
CA LEU D 392 -41.91 22.69 -10.94
C LEU D 392 -40.95 22.42 -9.78
N VAL D 393 -39.66 22.30 -10.08
CA VAL D 393 -38.66 21.89 -9.11
C VAL D 393 -37.71 23.05 -8.85
N ILE D 394 -37.48 23.37 -7.58
CA ILE D 394 -36.59 24.45 -7.18
C ILE D 394 -35.39 23.83 -6.46
N GLY D 395 -34.19 24.23 -6.84
CA GLY D 395 -32.97 23.76 -6.20
C GLY D 395 -32.25 24.92 -5.52
N MET D 396 -31.47 24.57 -4.49
CA MET D 396 -30.73 25.56 -3.72
C MET D 396 -29.35 25.03 -3.38
N THR D 397 -28.34 25.91 -3.48
CA THR D 397 -26.96 25.55 -3.20
C THR D 397 -26.20 26.80 -2.80
N ASN D 398 -25.15 26.62 -2.00
CA ASN D 398 -24.23 27.70 -1.69
C ASN D 398 -23.08 27.71 -2.69
N ARG D 399 -22.95 26.67 -3.53
CA ARG D 399 -21.77 26.48 -4.36
C ARG D 399 -22.22 25.97 -5.72
N LYS D 400 -22.14 26.85 -6.73
CA LYS D 400 -22.55 26.50 -8.08
C LYS D 400 -21.51 25.65 -8.79
N ASP D 401 -20.22 25.93 -8.56
CA ASP D 401 -19.17 25.31 -9.37
C ASP D 401 -19.12 23.80 -9.22
N LEU D 402 -19.70 23.23 -8.15
CA LEU D 402 -19.63 21.79 -7.95
C LEU D 402 -20.70 21.03 -8.73
N ILE D 403 -21.73 21.71 -9.23
CA ILE D 403 -22.82 21.04 -9.94
C ILE D 403 -22.34 20.69 -11.34
N ASP D 404 -22.63 19.46 -11.76
CA ASP D 404 -22.18 18.98 -13.05
C ASP D 404 -22.93 19.70 -14.18
N SER D 405 -22.23 19.94 -15.28
CA SER D 405 -22.79 20.74 -16.37
C SER D 405 -23.97 20.05 -17.05
N ALA D 406 -24.09 18.73 -16.92
CA ALA D 406 -25.14 18.01 -17.62
C ALA D 406 -26.53 18.45 -17.19
N LEU D 407 -26.65 19.10 -16.04
CA LEU D 407 -27.95 19.51 -15.51
C LEU D 407 -28.40 20.87 -16.00
N LEU D 408 -27.49 21.72 -16.45
CA LEU D 408 -27.81 23.11 -16.77
C LEU D 408 -28.37 23.29 -18.19
N ARG D 409 -28.27 22.28 -19.04
CA ARG D 409 -28.62 22.44 -20.44
C ARG D 409 -30.13 22.61 -20.59
N PRO D 410 -30.59 23.11 -21.74
CA PRO D 410 -32.02 23.35 -21.91
C PRO D 410 -32.84 22.08 -21.74
N GLY D 411 -34.04 22.25 -21.18
CA GLY D 411 -34.86 21.15 -20.75
C GLY D 411 -34.69 20.77 -19.29
N ARG D 412 -33.60 21.20 -18.66
CA ARG D 412 -33.35 20.95 -17.25
C ARG D 412 -32.77 22.21 -16.65
N PHE D 413 -33.27 22.62 -15.50
CA PHE D 413 -32.72 23.77 -14.76
C PHE D 413 -32.27 24.86 -15.72
N GLU D 414 -33.23 25.37 -16.48
CA GLU D 414 -32.93 26.31 -17.55
C GLU D 414 -32.69 27.73 -17.06
N VAL D 415 -33.07 28.07 -15.84
CA VAL D 415 -33.00 29.44 -15.34
C VAL D 415 -32.25 29.44 -14.01
N GLN D 416 -31.31 30.37 -13.86
CA GLN D 416 -30.38 30.44 -12.72
C GLN D 416 -30.32 31.86 -12.19
N VAL D 417 -30.42 32.02 -10.88
CA VAL D 417 -30.46 33.36 -10.28
C VAL D 417 -29.65 33.37 -8.98
N GLU D 418 -29.12 34.56 -8.66
CA GLU D 418 -28.22 34.77 -7.54
C GLU D 418 -28.81 35.74 -6.55
N ILE D 419 -28.61 35.46 -5.27
CA ILE D 419 -29.06 36.31 -4.18
C ILE D 419 -27.83 36.93 -3.52
N HIS D 420 -27.95 38.20 -3.13
CA HIS D 420 -26.85 38.98 -2.57
C HIS D 420 -27.18 39.40 -1.13
N LEU D 421 -26.14 39.79 -0.40
CA LEU D 421 -26.36 40.45 0.87
C LEU D 421 -26.90 41.84 0.64
N PRO D 422 -27.82 42.32 1.47
CA PRO D 422 -28.48 43.60 1.20
C PRO D 422 -27.54 44.78 1.43
N ASP D 423 -27.93 45.91 0.86
CA ASP D 423 -27.26 47.18 1.08
C ASP D 423 -28.08 47.97 2.10
N GLU D 424 -27.72 49.23 2.29
CA GLU D 424 -28.31 50.03 3.37
C GLU D 424 -29.82 50.15 3.22
N LYS D 425 -30.30 50.46 2.01
CA LYS D 425 -31.73 50.61 1.79
C LYS D 425 -32.46 49.30 2.09
N GLY D 426 -31.88 48.16 1.68
CA GLY D 426 -32.51 46.88 1.92
C GLY D 426 -32.70 46.63 3.40
N ARG D 427 -31.67 46.94 4.20
CA ARG D 427 -31.77 46.71 5.64
C ARG D 427 -32.84 47.63 6.22
N LEU D 428 -32.94 48.85 5.70
CA LEU D 428 -33.99 49.74 6.17
C LEU D 428 -35.36 49.09 5.95
N GLN D 429 -35.55 48.44 4.81
CA GLN D 429 -36.84 47.79 4.56
C GLN D 429 -37.06 46.60 5.49
N ILE D 430 -36.01 45.81 5.72
CA ILE D 430 -36.16 44.59 6.51
C ILE D 430 -36.55 44.93 7.95
N PHE D 431 -36.00 46.02 8.50
CA PHE D 431 -36.41 46.41 9.85
C PHE D 431 -37.91 46.67 9.95
N ASP D 432 -38.48 47.34 8.96
CA ASP D 432 -39.91 47.59 8.95
C ASP D 432 -40.69 46.29 8.92
N ILE D 433 -40.29 45.39 8.01
CA ILE D 433 -41.04 44.15 7.88
C ILE D 433 -41.00 43.36 9.18
N GLN D 434 -39.90 43.47 9.93
CA GLN D 434 -39.81 42.70 11.17
C GLN D 434 -40.51 43.37 12.35
N THR D 435 -40.53 44.70 12.43
CA THR D 435 -41.11 45.43 13.56
C THR D 435 -42.56 45.89 13.37
N LYS D 436 -43.22 45.47 12.27
CA LYS D 436 -44.60 45.89 12.05
C LYS D 436 -45.52 45.61 13.25
N LYS D 437 -45.50 44.37 13.76
CA LYS D 437 -46.48 44.01 14.79
C LYS D 437 -46.24 44.75 16.09
N MET D 438 -44.98 45.04 16.43
CA MET D 438 -44.75 45.89 17.59
C MET D 438 -45.28 47.28 17.33
N ARG D 439 -44.93 47.88 16.19
CA ARG D 439 -45.26 49.27 15.99
C ARG D 439 -46.77 49.49 16.02
N GLU D 440 -47.53 48.58 15.42
CA GLU D 440 -48.96 48.82 15.26
C GLU D 440 -49.76 48.56 16.52
N ASN D 441 -49.12 48.21 17.65
CA ASN D 441 -49.85 47.94 18.88
C ASN D 441 -49.28 48.68 20.08
N ASN D 442 -48.59 49.81 19.85
CA ASN D 442 -48.16 50.68 20.96
C ASN D 442 -47.34 49.92 21.99
N MET D 443 -46.41 49.09 21.52
CA MET D 443 -45.39 48.50 22.38
C MET D 443 -43.98 48.89 21.97
N MET D 444 -43.80 49.99 21.25
CA MET D 444 -42.49 50.48 20.88
C MET D 444 -42.37 51.97 21.15
N SER D 445 -41.24 52.36 21.73
CA SER D 445 -41.05 53.72 22.21
C SER D 445 -41.01 54.69 21.04
N ASP D 446 -41.00 55.98 21.37
CA ASP D 446 -40.99 57.06 20.39
C ASP D 446 -39.59 57.57 20.07
N ASP D 447 -38.55 57.02 20.69
CA ASP D 447 -37.18 57.44 20.42
C ASP D 447 -36.44 56.55 19.43
N VAL D 448 -36.94 55.33 19.16
CA VAL D 448 -36.24 54.43 18.26
C VAL D 448 -36.35 54.95 16.82
N ASN D 449 -35.20 55.24 16.22
CA ASN D 449 -35.11 55.77 14.86
C ASN D 449 -34.43 54.73 14.00
N LEU D 450 -35.14 54.23 12.98
CA LEU D 450 -34.66 53.09 12.20
C LEU D 450 -33.56 53.46 11.19
N ALA D 451 -33.49 54.71 10.76
CA ALA D 451 -32.42 55.13 9.86
C ALA D 451 -31.05 55.00 10.52
N GLU D 452 -30.98 55.14 11.85
CA GLU D 452 -29.71 54.98 12.54
C GLU D 452 -29.32 53.51 12.59
N LEU D 453 -30.26 52.64 12.98
CA LEU D 453 -29.96 51.23 13.09
C LEU D 453 -29.55 50.67 11.73
N ALA D 454 -30.21 51.11 10.66
CA ALA D 454 -29.80 50.64 9.33
C ALA D 454 -28.35 50.97 9.03
N ALA D 455 -27.83 52.05 9.64
CA ALA D 455 -26.46 52.47 9.38
C ALA D 455 -25.44 51.81 10.30
N LEU D 456 -25.83 51.44 11.52
CA LEU D 456 -24.89 50.73 12.39
C LEU D 456 -24.66 49.29 11.93
N THR D 457 -25.73 48.61 11.51
CA THR D 457 -25.68 47.18 11.17
C THR D 457 -25.06 47.01 9.79
N LYS D 458 -23.73 47.04 9.73
CA LYS D 458 -23.04 47.37 8.49
C LYS D 458 -23.09 46.21 7.50
N ASN D 459 -22.99 44.96 7.96
CA ASN D 459 -22.85 43.85 7.01
C ASN D 459 -23.70 42.64 7.40
N PHE D 460 -24.88 42.88 7.98
CA PHE D 460 -25.75 41.82 8.46
C PHE D 460 -26.56 41.20 7.33
N SER D 461 -26.99 39.95 7.52
CA SER D 461 -28.03 39.38 6.67
C SER D 461 -29.38 39.50 7.41
N GLY D 462 -30.43 38.91 6.84
CA GLY D 462 -31.76 39.00 7.44
C GLY D 462 -31.92 38.27 8.77
N ALA D 463 -31.35 37.07 8.85
CA ALA D 463 -31.48 36.26 10.07
C ALA D 463 -30.91 37.01 11.27
N GLU D 464 -29.76 37.66 11.10
CA GLU D 464 -29.19 38.42 12.20
C GLU D 464 -30.14 39.54 12.64
N ILE D 465 -30.88 40.13 11.70
CA ILE D 465 -31.78 41.20 12.11
C ILE D 465 -32.95 40.65 12.93
N GLU D 466 -33.48 39.48 12.53
CA GLU D 466 -34.49 38.84 13.37
C GLU D 466 -33.93 38.60 14.78
N GLY D 467 -32.71 38.06 14.86
CA GLY D 467 -32.14 37.80 16.17
C GLY D 467 -31.95 39.07 16.99
N LEU D 468 -31.60 40.16 16.32
CA LEU D 468 -31.36 41.41 17.04
C LEU D 468 -32.64 41.93 17.68
N VAL D 469 -33.74 41.88 16.93
CA VAL D 469 -35.03 42.28 17.49
C VAL D 469 -35.40 41.38 18.67
N LYS D 470 -35.18 40.07 18.54
CA LYS D 470 -35.55 39.16 19.62
C LYS D 470 -34.77 39.45 20.89
N SER D 471 -33.47 39.74 20.76
CA SER D 471 -32.66 40.04 21.95
C SER D 471 -33.13 41.35 22.60
N ALA D 472 -33.40 42.37 21.78
CA ALA D 472 -33.85 43.62 22.37
C ALA D 472 -35.16 43.40 23.14
N SER D 473 -36.09 42.63 22.56
CA SER D 473 -37.31 42.30 23.30
C SER D 473 -36.98 41.64 24.63
N SER D 474 -35.96 40.77 24.65
CA SER D 474 -35.63 40.04 25.87
C SER D 474 -35.20 40.99 26.98
N PHE D 475 -34.44 42.03 26.63
CA PHE D 475 -34.04 42.99 27.67
C PHE D 475 -35.26 43.61 28.35
N ALA D 476 -36.16 44.19 27.57
CA ALA D 476 -37.31 44.89 28.14
C ALA D 476 -38.18 43.93 28.96
N ILE D 477 -38.29 42.69 28.50
CA ILE D 477 -39.12 41.71 29.20
C ILE D 477 -38.52 41.34 30.56
N ASN D 478 -37.21 41.06 30.60
CA ASN D 478 -36.62 40.63 31.87
C ASN D 478 -36.65 41.71 32.94
N LYS D 479 -36.68 42.99 32.55
CA LYS D 479 -36.62 44.08 33.52
C LYS D 479 -37.82 44.12 34.47
N THR D 480 -38.89 43.39 34.17
CA THR D 480 -40.08 43.35 35.02
C THR D 480 -40.09 42.13 35.94
N VAL D 481 -39.81 40.93 35.40
CA VAL D 481 -39.96 39.70 36.17
C VAL D 481 -39.09 39.77 37.42
N ASN D 482 -39.61 39.18 38.50
CA ASN D 482 -38.89 39.03 39.77
C ASN D 482 -38.12 40.29 40.15
N ASN D 491 -45.85 37.39 36.24
CA ASN D 491 -45.14 37.32 37.52
C ASN D 491 -45.21 38.66 38.23
N THR D 492 -45.86 39.64 37.62
CA THR D 492 -46.03 40.94 38.25
C THR D 492 -47.23 41.65 37.61
N LYS D 493 -47.67 42.71 38.28
CA LYS D 493 -48.67 43.62 37.74
C LYS D 493 -48.10 44.43 36.58
N ASP D 494 -48.91 45.35 36.07
CA ASP D 494 -48.52 46.36 35.08
C ASP D 494 -47.58 45.80 34.02
N ILE D 495 -47.95 44.61 33.51
CA ILE D 495 -47.40 44.17 32.22
C ILE D 495 -47.85 45.08 31.10
N ALA D 496 -48.98 45.76 31.26
CA ALA D 496 -49.60 46.52 30.18
C ALA D 496 -48.81 47.79 29.83
N LYS D 497 -47.78 48.14 30.59
CA LYS D 497 -46.97 49.32 30.29
C LYS D 497 -45.65 48.96 29.61
N LEU D 498 -45.55 47.77 29.05
CA LEU D 498 -44.28 47.31 28.49
C LEU D 498 -43.90 48.16 27.28
N LYS D 499 -42.62 48.49 27.16
CA LYS D 499 -42.12 49.21 26.00
C LYS D 499 -40.65 48.94 25.80
N VAL D 500 -40.26 48.71 24.54
CA VAL D 500 -38.85 48.58 24.15
C VAL D 500 -38.32 49.98 23.87
N THR D 501 -37.00 50.15 24.04
CA THR D 501 -36.39 51.46 24.05
C THR D 501 -35.06 51.41 23.31
N ARG D 502 -34.54 52.60 23.01
CA ARG D 502 -33.30 52.72 22.24
C ARG D 502 -32.14 52.01 22.95
N GLU D 503 -32.01 52.23 24.26
CA GLU D 503 -30.93 51.59 25.00
C GLU D 503 -30.96 50.07 24.84
N ASP D 504 -32.16 49.47 24.76
CA ASP D 504 -32.23 48.04 24.57
C ASP D 504 -31.58 47.61 23.26
N PHE D 505 -31.85 48.33 22.18
CA PHE D 505 -31.19 48.02 20.90
C PHE D 505 -29.69 48.20 21.01
N LEU D 506 -29.23 49.31 21.60
CA LEU D 506 -27.79 49.52 21.65
C LEU D 506 -27.12 48.43 22.46
N ASN D 507 -27.77 47.93 23.52
CA ASN D 507 -27.17 46.84 24.27
C ASN D 507 -27.28 45.52 23.54
N ALA D 508 -28.38 45.28 22.81
CA ALA D 508 -28.53 44.05 22.06
C ALA D 508 -27.48 43.95 20.96
N LEU D 509 -26.97 45.09 20.50
CA LEU D 509 -25.99 45.09 19.43
C LEU D 509 -24.71 44.38 19.83
N ASN D 510 -24.42 44.29 21.12
CA ASN D 510 -23.20 43.67 21.63
C ASN D 510 -23.32 42.17 21.92
N ASP D 511 -24.51 41.58 21.75
CA ASP D 511 -24.68 40.15 22.00
C ASP D 511 -24.75 39.31 20.73
N VAL D 512 -25.04 39.90 19.58
CA VAL D 512 -25.07 39.19 18.30
C VAL D 512 -23.89 39.64 17.46
N THR D 513 -23.02 38.69 17.11
CA THR D 513 -21.88 38.96 16.26
C THR D 513 -22.09 38.35 14.88
N PRO D 514 -21.95 39.13 13.81
CA PRO D 514 -22.25 38.61 12.47
C PRO D 514 -21.07 37.92 11.81
N ALA D 515 -21.38 36.91 11.00
CA ALA D 515 -20.37 36.41 10.09
C ALA D 515 -20.13 37.46 9.01
N PHE D 516 -18.93 37.41 8.40
CA PHE D 516 -18.46 38.49 7.54
C PHE D 516 -18.26 39.78 8.32
N GLY D 517 -17.84 39.67 9.58
CA GLY D 517 -17.54 40.80 10.42
C GLY D 517 -16.06 40.95 10.70
N ILE D 518 -15.76 41.62 11.81
CA ILE D 518 -14.38 41.92 12.20
C ILE D 518 -13.97 40.97 13.31
N SER D 519 -12.80 40.34 13.13
CA SER D 519 -12.21 39.52 14.19
C SER D 519 -11.45 40.45 15.13
N GLU D 520 -12.21 41.13 15.99
CA GLU D 520 -11.64 42.22 16.76
C GLU D 520 -10.68 41.72 17.83
N GLU D 521 -11.07 40.66 18.56
CA GLU D 521 -10.26 40.20 19.68
C GLU D 521 -8.89 39.72 19.22
N ASP D 522 -8.86 38.93 18.14
CA ASP D 522 -7.59 38.37 17.66
C ASP D 522 -6.64 39.46 17.21
N LEU D 523 -7.14 40.45 16.47
CA LEU D 523 -6.28 41.54 16.03
C LEU D 523 -5.84 42.40 17.21
N LYS D 524 -6.76 42.71 18.11
CA LYS D 524 -6.51 43.73 19.13
C LYS D 524 -5.60 43.20 20.24
N THR D 525 -5.99 42.10 20.88
CA THR D 525 -5.27 41.70 22.09
C THR D 525 -3.94 41.03 21.76
N CYS D 526 -3.97 39.98 20.94
CA CYS D 526 -2.77 39.18 20.73
C CYS D 526 -1.65 40.01 20.11
N VAL D 527 -1.97 40.86 19.14
CA VAL D 527 -0.97 41.42 18.23
C VAL D 527 -0.54 42.84 18.58
N GLU D 528 -1.22 43.51 19.51
CA GLU D 528 -0.89 44.90 19.82
C GLU D 528 -0.96 45.11 21.33
N GLY D 529 0.21 45.26 21.96
CA GLY D 529 0.31 45.56 23.37
C GLY D 529 1.23 46.74 23.64
N GLY D 530 1.10 47.78 22.83
CA GLY D 530 1.89 49.00 22.95
C GLY D 530 2.07 49.56 21.57
N MET D 531 2.20 50.89 21.49
CA MET D 531 2.57 51.54 20.24
C MET D 531 3.10 52.93 20.52
N MET D 532 4.35 53.20 20.16
CA MET D 532 5.01 54.44 20.52
C MET D 532 5.94 54.87 19.41
N LEU D 533 5.87 56.16 19.05
CA LEU D 533 6.47 56.70 17.84
C LEU D 533 7.89 57.20 18.13
N TYR D 534 8.82 56.27 18.19
CA TYR D 534 10.16 56.53 18.67
C TYR D 534 11.13 57.00 17.57
N SER D 535 10.70 57.09 16.32
CA SER D 535 11.58 57.56 15.26
C SER D 535 10.75 58.00 14.06
N GLU D 536 11.42 58.71 13.14
CA GLU D 536 10.75 59.26 11.95
C GLU D 536 10.31 58.16 10.97
N ARG D 537 11.12 57.11 10.85
CA ARG D 537 10.80 56.01 9.94
C ARG D 537 9.45 55.38 10.26
N VAL D 538 9.12 55.29 11.55
CA VAL D 538 7.85 54.69 11.95
C VAL D 538 6.69 55.54 11.44
N ASN D 539 6.81 56.86 11.59
CA ASN D 539 5.77 57.76 11.10
C ASN D 539 5.58 57.60 9.60
N SER D 540 6.70 57.50 8.86
CA SER D 540 6.61 57.31 7.43
C SER D 540 5.86 56.03 7.07
N ILE D 541 6.14 54.94 7.80
CA ILE D 541 5.48 53.67 7.51
C ILE D 541 3.96 53.78 7.67
N LEU D 542 3.53 54.37 8.80
CA LEU D 542 2.10 54.46 9.06
C LEU D 542 1.40 55.34 8.04
N LYS D 543 2.05 56.45 7.64
CA LYS D 543 1.44 57.32 6.63
C LYS D 543 1.26 56.60 5.31
N ASN D 544 2.23 55.79 4.91
CA ASN D 544 2.08 55.05 3.65
C ASN D 544 0.91 54.07 3.73
N GLY D 545 0.75 53.39 4.87
CA GLY D 545 -0.39 52.50 5.00
C GLY D 545 -1.71 53.22 4.79
N ALA D 546 -1.87 54.39 5.42
CA ALA D 546 -3.13 55.12 5.26
C ALA D 546 -3.38 55.50 3.81
N ARG D 547 -2.31 55.96 3.13
CA ARG D 547 -2.37 56.17 1.69
C ARG D 547 -3.07 55.02 0.99
N TYR D 548 -2.48 53.83 1.11
CA TYR D 548 -3.00 52.69 0.33
C TYR D 548 -4.45 52.40 0.66
N VAL D 549 -4.83 52.60 1.92
CA VAL D 549 -6.22 52.31 2.30
C VAL D 549 -7.15 53.20 1.50
N ARG D 550 -7.05 54.51 1.71
CA ARG D 550 -8.05 55.34 1.05
C ARG D 550 -7.88 55.33 -0.47
N GLN D 551 -6.72 54.90 -0.99
CA GLN D 551 -6.66 54.59 -2.41
C GLN D 551 -7.69 53.53 -2.75
N VAL D 552 -7.64 52.38 -2.05
CA VAL D 552 -8.53 51.28 -2.40
C VAL D 552 -9.99 51.70 -2.29
N ARG D 553 -10.29 52.67 -1.43
CA ARG D 553 -11.70 53.05 -1.24
C ARG D 553 -12.24 53.99 -2.31
N GLU D 554 -11.40 54.76 -3.01
CA GLU D 554 -11.83 55.80 -3.94
C GLU D 554 -11.28 55.62 -5.35
N SER D 555 -11.25 54.39 -5.85
CA SER D 555 -10.85 54.19 -7.25
C SER D 555 -11.44 52.90 -7.79
N ASP D 556 -11.76 52.92 -9.09
CA ASP D 556 -12.30 51.77 -9.80
C ASP D 556 -11.27 51.13 -10.73
N LYS D 557 -10.04 51.64 -10.72
CA LYS D 557 -8.95 51.08 -11.52
C LYS D 557 -7.93 50.36 -10.64
N SER D 558 -8.29 50.04 -9.39
CA SER D 558 -7.39 49.35 -8.47
C SER D 558 -8.22 48.51 -7.51
N ARG D 559 -8.65 47.34 -7.98
CA ARG D 559 -9.49 46.44 -7.21
C ARG D 559 -8.68 45.32 -6.56
N LEU D 560 -7.36 45.46 -6.52
CA LEU D 560 -6.50 44.49 -5.84
C LEU D 560 -5.15 45.14 -5.60
N VAL D 561 -4.62 44.96 -4.39
CA VAL D 561 -3.33 45.51 -4.00
C VAL D 561 -2.69 44.57 -3.00
N SER D 562 -1.41 44.25 -3.20
CA SER D 562 -0.69 43.34 -2.32
C SER D 562 0.66 43.94 -1.95
N LEU D 563 1.05 43.72 -0.69
CA LEU D 563 2.19 44.39 -0.07
C LEU D 563 3.05 43.34 0.62
N LEU D 564 4.33 43.62 0.75
CA LEU D 564 5.23 42.76 1.53
C LEU D 564 6.00 43.63 2.52
N ILE D 565 5.91 43.28 3.80
CA ILE D 565 6.65 43.94 4.87
C ILE D 565 7.74 42.98 5.31
N HIS D 566 9.00 43.43 5.29
CA HIS D 566 10.11 42.53 5.59
C HIS D 566 11.17 43.26 6.41
N GLY D 567 11.95 42.46 7.14
CA GLY D 567 13.02 42.95 7.97
C GLY D 567 13.42 41.93 9.02
N PRO D 568 14.41 42.25 9.85
CA PRO D 568 14.95 41.26 10.79
C PRO D 568 13.90 40.76 11.77
N ALA D 569 14.27 39.72 12.51
CA ALA D 569 13.39 39.12 13.50
C ALA D 569 13.33 39.98 14.75
N GLY D 570 12.11 40.28 15.21
CA GLY D 570 11.91 41.12 16.36
C GLY D 570 11.79 42.60 16.06
N SER D 571 11.63 42.99 14.80
CA SER D 571 11.70 44.40 14.43
C SER D 571 10.39 45.16 14.62
N GLY D 572 9.24 44.48 14.68
CA GLY D 572 7.97 45.15 14.89
C GLY D 572 6.84 44.83 13.91
N LYS D 573 7.15 44.02 12.90
CA LYS D 573 6.36 43.83 11.69
C LYS D 573 4.86 43.66 11.95
N THR D 574 4.51 42.54 12.60
CA THR D 574 3.12 42.13 12.79
C THR D 574 2.29 43.18 13.51
N ALA D 575 2.91 43.93 14.42
CA ALA D 575 2.16 44.98 15.10
C ALA D 575 1.86 46.11 14.15
N LEU D 576 2.77 46.41 13.22
CA LEU D 576 2.49 47.46 12.26
C LEU D 576 1.31 47.05 11.39
N ALA D 577 1.36 45.81 10.89
CA ALA D 577 0.30 45.34 10.02
C ALA D 577 -1.06 45.48 10.71
N ALA D 578 -1.18 44.90 11.91
CA ALA D 578 -2.46 45.00 12.61
C ALA D 578 -2.85 46.45 12.86
N GLU D 579 -1.87 47.29 13.21
CA GLU D 579 -2.19 48.68 13.49
C GLU D 579 -2.80 49.36 12.27
N ILE D 580 -2.30 49.01 11.08
CA ILE D 580 -2.87 49.60 9.88
C ILE D 580 -4.27 49.06 9.64
N ALA D 581 -4.51 47.80 9.99
CA ALA D 581 -5.84 47.25 9.75
C ALA D 581 -6.90 47.93 10.63
N LEU D 582 -6.60 48.15 11.91
CA LEU D 582 -7.63 48.63 12.84
C LEU D 582 -8.15 50.02 12.51
N LYS D 583 -7.31 50.92 12.01
CA LYS D 583 -7.73 52.27 11.66
C LYS D 583 -8.41 52.41 10.31
N SER D 584 -8.52 51.34 9.52
CA SER D 584 -9.08 51.49 8.19
C SER D 584 -10.59 51.73 8.24
N GLY D 585 -11.30 51.03 9.11
CA GLY D 585 -12.75 51.16 9.16
C GLY D 585 -13.51 50.31 8.17
N PHE D 586 -12.88 49.29 7.61
CA PHE D 586 -13.57 48.40 6.69
C PHE D 586 -14.50 47.46 7.45
N PRO D 587 -15.56 46.95 6.80
CA PRO D 587 -16.45 46.00 7.50
C PRO D 587 -15.84 44.64 7.75
N PHE D 588 -15.04 44.12 6.82
CA PHE D 588 -14.60 42.73 6.83
C PHE D 588 -13.08 42.71 7.05
N ILE D 589 -12.62 42.04 8.10
CA ILE D 589 -11.20 41.84 8.33
C ILE D 589 -10.94 40.47 8.93
N ARG D 590 -9.94 39.76 8.40
CA ARG D 590 -9.53 38.47 8.93
C ARG D 590 -8.02 38.32 8.80
N LEU D 591 -7.48 37.29 9.46
CA LEU D 591 -6.07 36.99 9.33
C LEU D 591 -5.81 35.49 9.37
N ILE D 592 -4.82 35.07 8.60
CA ILE D 592 -4.34 33.70 8.54
C ILE D 592 -2.96 33.68 9.18
N SER D 593 -2.81 32.89 10.24
CA SER D 593 -1.58 32.79 11.00
C SER D 593 -1.37 31.34 11.42
N PRO D 594 -0.14 30.98 11.80
CA PRO D 594 0.14 29.57 12.14
C PRO D 594 -0.71 29.02 13.27
N ASN D 595 -1.23 29.86 14.16
CA ASN D 595 -1.99 29.35 15.30
C ASN D 595 -3.25 28.63 14.85
N GLU D 596 -3.90 29.12 13.79
CA GLU D 596 -5.18 28.55 13.37
C GLU D 596 -5.01 27.17 12.75
N LEU D 597 -3.86 26.92 12.10
CA LEU D 597 -3.67 25.69 11.34
C LEU D 597 -3.03 24.57 12.16
N SER D 598 -2.76 24.79 13.44
CA SER D 598 -2.01 23.81 14.22
C SER D 598 -2.85 22.55 14.46
N GLY D 599 -2.20 21.40 14.32
CA GLY D 599 -2.85 20.13 14.60
C GLY D 599 -3.60 19.50 13.44
N MET D 600 -3.59 20.13 12.27
CA MET D 600 -4.32 19.62 11.12
C MET D 600 -3.41 18.82 10.20
N SER D 601 -4.04 18.01 9.35
CA SER D 601 -3.33 17.36 8.27
C SER D 601 -3.20 18.33 7.10
N GLU D 602 -2.42 17.93 6.09
CA GLU D 602 -2.14 18.81 4.96
C GLU D 602 -3.40 19.18 4.18
N SER D 603 -4.22 18.17 3.86
CA SER D 603 -5.42 18.41 3.07
C SER D 603 -6.37 19.36 3.78
N ALA D 604 -6.49 19.20 5.11
CA ALA D 604 -7.34 20.11 5.87
C ALA D 604 -6.84 21.53 5.76
N LYS D 605 -5.51 21.72 5.81
CA LYS D 605 -4.97 23.07 5.73
C LYS D 605 -5.35 23.71 4.39
N ILE D 606 -5.21 22.95 3.30
CA ILE D 606 -5.53 23.52 1.99
C ILE D 606 -7.00 23.93 1.95
N ALA D 607 -7.88 23.05 2.45
CA ALA D 607 -9.31 23.35 2.43
C ALA D 607 -9.62 24.62 3.21
N TYR D 608 -8.99 24.78 4.38
CA TYR D 608 -9.24 25.94 5.23
C TYR D 608 -8.86 27.23 4.51
N ILE D 609 -7.68 27.24 3.89
CA ILE D 609 -7.23 28.45 3.21
C ILE D 609 -8.20 28.81 2.10
N ASP D 610 -8.61 27.80 1.33
CA ASP D 610 -9.46 28.08 0.17
C ASP D 610 -10.80 28.65 0.61
N ASN D 611 -11.37 28.10 1.70
CA ASN D 611 -12.65 28.62 2.17
C ASN D 611 -12.53 30.06 2.64
N THR D 612 -11.42 30.40 3.31
CA THR D 612 -11.24 31.79 3.75
C THR D 612 -11.24 32.75 2.56
N PHE D 613 -10.48 32.40 1.52
CA PHE D 613 -10.48 33.28 0.34
C PHE D 613 -11.86 33.35 -0.30
N ARG D 614 -12.60 32.25 -0.34
CA ARG D 614 -13.94 32.32 -0.92
C ARG D 614 -14.82 33.28 -0.13
N ASP D 615 -14.77 33.20 1.20
CA ASP D 615 -15.61 34.08 2.01
C ASP D 615 -15.24 35.54 1.83
N ALA D 616 -13.99 35.82 1.44
CA ALA D 616 -13.61 37.23 1.21
C ALA D 616 -14.26 37.85 -0.03
N TYR D 617 -14.80 37.05 -0.96
CA TYR D 617 -15.31 37.53 -2.24
C TYR D 617 -16.81 37.84 -2.23
N LYS D 618 -17.38 38.21 -1.07
CA LYS D 618 -18.82 38.40 -0.95
C LYS D 618 -19.19 39.68 -0.21
N SER D 619 -18.30 40.67 -0.19
CA SER D 619 -18.57 41.94 0.48
C SER D 619 -17.96 43.08 -0.32
N PRO D 620 -18.48 44.30 -0.16
CA PRO D 620 -17.94 45.43 -0.94
C PRO D 620 -16.47 45.71 -0.66
N LEU D 621 -16.03 45.58 0.59
CA LEU D 621 -14.68 45.91 1.00
C LEU D 621 -14.13 44.81 1.90
N ASN D 622 -12.83 44.55 1.78
CA ASN D 622 -12.21 43.41 2.45
C ASN D 622 -10.74 43.70 2.70
N ILE D 623 -10.24 43.18 3.83
CA ILE D 623 -8.82 43.18 4.16
C ILE D 623 -8.43 41.79 4.63
N LEU D 624 -7.25 41.33 4.24
CA LEU D 624 -6.69 40.07 4.72
C LEU D 624 -5.26 40.27 5.19
N VAL D 625 -4.90 39.58 6.27
CA VAL D 625 -3.55 39.62 6.82
C VAL D 625 -2.99 38.20 6.85
N ILE D 626 -1.83 38.00 6.23
CA ILE D 626 -1.16 36.70 6.19
C ILE D 626 0.19 36.81 6.90
N ASP D 627 0.38 35.99 7.93
CA ASP D 627 1.48 36.17 8.86
C ASP D 627 2.47 35.02 8.78
N SER D 628 3.76 35.35 8.68
CA SER D 628 4.85 34.37 8.70
C SER D 628 4.70 33.35 7.56
N LEU D 629 4.86 33.85 6.34
CA LEU D 629 4.64 33.00 5.18
C LEU D 629 5.54 31.77 5.18
N GLU D 630 6.76 31.90 5.70
CA GLU D 630 7.70 30.78 5.63
C GLU D 630 7.40 29.69 6.64
N THR D 631 6.71 30.00 7.73
CA THR D 631 6.30 28.98 8.70
C THR D 631 5.07 28.22 8.25
N LEU D 632 4.23 28.83 7.41
CA LEU D 632 3.06 28.12 6.90
C LEU D 632 3.48 26.99 5.97
N VAL D 633 4.64 27.11 5.34
CA VAL D 633 5.10 26.11 4.37
C VAL D 633 5.99 25.04 5.01
N ASP D 634 6.36 25.19 6.28
CA ASP D 634 7.10 24.15 7.03
C ASP D 634 8.57 24.07 6.59
N TRP D 635 9.21 25.22 6.47
CA TRP D 635 10.58 25.28 5.97
C TRP D 635 11.57 24.94 7.08
N VAL D 636 12.50 24.03 6.80
CA VAL D 636 13.62 23.72 7.68
C VAL D 636 14.90 23.55 6.85
N PRO D 637 15.95 24.35 7.08
CA PRO D 637 17.05 24.42 6.12
C PRO D 637 18.04 23.27 6.15
N ILE D 638 17.86 22.25 6.98
CA ILE D 638 18.81 21.14 6.96
C ILE D 638 18.66 20.32 5.68
N GLY D 639 17.42 20.13 5.24
CA GLY D 639 17.14 19.31 4.09
C GLY D 639 17.64 19.89 2.78
N PRO D 640 17.00 20.96 2.32
CA PRO D 640 15.82 21.62 2.90
C PRO D 640 14.53 20.88 2.63
N ARG D 641 13.54 21.03 3.52
CA ARG D 641 12.25 20.37 3.38
C ARG D 641 11.15 21.40 3.44
N PHE D 642 10.13 21.22 2.59
CA PHE D 642 8.96 22.09 2.62
C PHE D 642 7.85 21.43 1.82
N SER D 643 6.63 21.95 1.99
CA SER D 643 5.45 21.41 1.33
C SER D 643 5.14 22.25 0.09
N ASN D 644 5.17 21.60 -1.09
CA ASN D 644 5.04 22.34 -2.34
C ASN D 644 3.59 22.67 -2.67
N ASN D 645 2.66 21.81 -2.27
CA ASN D 645 1.24 22.00 -2.58
C ASN D 645 0.71 23.30 -1.98
N ILE D 646 1.04 23.55 -0.72
CA ILE D 646 0.57 24.76 -0.06
C ILE D 646 1.17 25.97 -0.75
N LEU D 647 2.44 25.87 -1.16
CA LEU D 647 3.09 26.98 -1.81
C LEU D 647 2.38 27.34 -3.11
N GLN D 648 2.01 26.31 -3.89
CA GLN D 648 1.33 26.59 -5.15
C GLN D 648 -0.05 27.19 -4.92
N MET D 649 -0.77 26.69 -3.91
CA MET D 649 -2.06 27.28 -3.57
C MET D 649 -1.92 28.76 -3.26
N LEU D 650 -0.98 29.10 -2.36
CA LEU D 650 -0.81 30.50 -2.00
C LEU D 650 -0.34 31.34 -3.18
N LYS D 651 0.48 30.74 -4.06
CA LYS D 651 1.01 31.51 -5.17
C LYS D 651 -0.09 31.88 -6.15
N VAL D 652 -1.03 30.95 -6.39
CA VAL D 652 -2.16 31.28 -7.27
C VAL D 652 -3.11 32.26 -6.61
N ALA D 653 -3.38 32.11 -5.31
CA ALA D 653 -4.42 32.91 -4.67
C ALA D 653 -4.08 34.40 -4.61
N LEU D 654 -2.81 34.75 -4.44
CA LEU D 654 -2.40 36.14 -4.26
C LEU D 654 -2.53 37.01 -5.51
N LYS D 655 -2.89 36.46 -6.66
CA LYS D 655 -3.03 37.24 -7.89
C LYS D 655 -4.46 37.35 -8.39
N ARG D 656 -5.34 36.44 -8.00
CA ARG D 656 -6.71 36.42 -8.51
C ARG D 656 -7.48 37.66 -8.06
N LYS D 657 -8.27 38.21 -8.97
CA LYS D 657 -9.07 39.41 -8.73
C LYS D 657 -10.51 39.03 -8.41
N PRO D 658 -11.15 39.69 -7.45
CA PRO D 658 -12.51 39.29 -7.06
C PRO D 658 -13.51 39.69 -8.13
N PRO D 659 -14.70 39.12 -8.11
CA PRO D 659 -15.64 39.32 -9.22
C PRO D 659 -16.54 40.54 -9.01
N GLN D 660 -17.11 41.00 -10.12
CA GLN D 660 -18.31 41.83 -10.11
C GLN D 660 -18.10 43.11 -9.30
N ASP D 661 -16.99 43.79 -9.55
CA ASP D 661 -16.74 45.13 -9.01
C ASP D 661 -16.64 45.11 -7.48
N ARG D 662 -15.85 44.16 -6.97
CA ARG D 662 -15.46 44.17 -5.58
C ARG D 662 -13.94 44.34 -5.48
N ARG D 663 -13.46 44.57 -4.26
CA ARG D 663 -12.04 44.89 -4.07
C ARG D 663 -11.57 44.47 -2.69
N LEU D 664 -10.30 44.08 -2.61
CA LEU D 664 -9.70 43.68 -1.34
C LEU D 664 -8.23 44.07 -1.31
N LEU D 665 -7.69 44.09 -0.10
CA LEU D 665 -6.30 44.44 0.18
C LEU D 665 -5.67 43.32 0.99
N ILE D 666 -4.42 42.99 0.67
CA ILE D 666 -3.70 41.91 1.31
C ILE D 666 -2.41 42.46 1.90
N MET D 667 -2.07 42.03 3.12
CA MET D 667 -0.77 42.31 3.70
C MET D 667 -0.13 41.00 4.15
N THR D 668 1.16 40.85 3.91
CA THR D 668 1.89 39.64 4.25
C THR D 668 3.23 39.96 4.88
N THR D 669 3.64 39.16 5.88
CA THR D 669 4.83 39.48 6.68
C THR D 669 5.77 38.27 6.77
N THR D 670 7.08 38.52 6.67
CA THR D 670 8.08 37.45 6.57
C THR D 670 9.43 37.91 7.12
N SER D 671 10.26 36.93 7.47
CA SER D 671 11.62 37.17 7.97
C SER D 671 12.71 36.52 7.13
N ALA D 672 12.36 35.84 6.03
CA ALA D 672 13.30 35.02 5.28
C ALA D 672 13.36 35.45 3.83
N TYR D 673 13.57 36.75 3.61
CA TYR D 673 13.48 37.33 2.28
C TYR D 673 14.32 36.56 1.26
N SER D 674 15.52 36.11 1.64
CA SER D 674 16.35 35.37 0.70
C SER D 674 15.68 34.09 0.26
N VAL D 675 14.99 33.41 1.20
CA VAL D 675 14.36 32.15 0.84
C VAL D 675 13.27 32.41 -0.19
N LEU D 676 12.45 33.46 0.04
CA LEU D 676 11.40 33.76 -0.92
C LEU D 676 12.01 34.09 -2.27
N GLN D 677 13.17 34.75 -2.27
CA GLN D 677 13.83 35.04 -3.54
C GLN D 677 14.23 33.76 -4.24
N GLN D 678 14.71 32.78 -3.48
CA GLN D 678 15.07 31.49 -4.08
C GLN D 678 13.84 30.77 -4.63
N MET D 679 12.70 30.85 -3.95
CA MET D 679 11.52 30.12 -4.39
C MET D 679 10.81 30.79 -5.56
N ASP D 680 11.17 32.02 -5.91
CA ASP D 680 10.65 32.67 -7.11
C ASP D 680 9.16 32.95 -6.98
N ILE D 681 8.77 33.68 -5.94
CA ILE D 681 7.40 34.16 -5.79
C ILE D 681 7.38 35.63 -5.42
N LEU D 682 8.43 36.37 -5.81
CA LEU D 682 8.41 37.81 -5.58
C LEU D 682 7.53 38.54 -6.58
N SER D 683 7.17 37.91 -7.70
CA SER D 683 6.39 38.57 -8.73
C SER D 683 4.95 38.83 -8.30
N CYS D 684 4.53 38.29 -7.16
CA CYS D 684 3.15 38.46 -6.71
C CYS D 684 2.89 39.84 -6.10
N PHE D 685 3.91 40.47 -5.53
CA PHE D 685 3.73 41.64 -4.68
C PHE D 685 3.90 42.93 -5.47
N ASP D 686 3.06 43.92 -5.16
CA ASP D 686 3.10 45.19 -5.86
C ASP D 686 4.10 46.15 -5.25
N ASN D 687 4.36 46.06 -3.95
CA ASN D 687 5.34 46.93 -3.34
C ASN D 687 5.84 46.31 -2.04
N GLU D 688 7.01 46.77 -1.61
CA GLU D 688 7.73 46.20 -0.48
C GLU D 688 8.12 47.31 0.49
N ILE D 689 8.04 47.01 1.78
CA ILE D 689 8.34 47.94 2.85
C ILE D 689 9.37 47.28 3.76
N ALA D 690 10.34 48.07 4.22
CA ALA D 690 11.43 47.58 5.04
C ALA D 690 11.34 48.20 6.43
N VAL D 691 11.44 47.36 7.46
CA VAL D 691 11.35 47.76 8.86
C VAL D 691 12.72 47.51 9.50
N PRO D 692 13.50 48.55 9.82
CA PRO D 692 14.83 48.33 10.38
C PRO D 692 14.83 48.31 11.90
N ASN D 693 15.99 47.97 12.45
CA ASN D 693 16.18 47.91 13.90
C ASN D 693 16.54 49.29 14.45
N MET D 694 16.75 49.34 15.77
CA MET D 694 17.32 50.51 16.42
C MET D 694 18.84 50.51 16.27
N THR D 695 19.42 51.69 16.04
CA THR D 695 20.86 51.80 15.92
C THR D 695 21.46 53.07 16.55
N ASN D 696 20.66 53.90 17.21
CA ASN D 696 21.15 55.12 17.84
C ASN D 696 20.62 55.20 19.27
N LEU D 697 21.32 55.96 20.11
CA LEU D 697 20.97 56.11 21.52
C LEU D 697 19.77 57.03 21.76
N ASP D 698 19.52 57.97 20.85
CA ASP D 698 18.38 58.88 20.99
C ASP D 698 17.07 58.12 20.98
N GLU D 699 16.97 57.08 20.14
CA GLU D 699 15.76 56.28 20.09
C GLU D 699 15.53 55.59 21.43
N LEU D 700 16.61 55.07 22.03
CA LEU D 700 16.49 54.43 23.33
C LEU D 700 15.99 55.42 24.37
N ASN D 701 16.48 56.66 24.30
CA ASN D 701 16.03 57.66 25.26
C ASN D 701 14.54 57.89 25.13
N ASN D 702 14.05 58.01 23.89
CA ASN D 702 12.62 58.23 23.70
C ASN D 702 11.81 57.05 24.23
N VAL D 703 12.27 55.81 23.98
CA VAL D 703 11.53 54.66 24.47
C VAL D 703 11.44 54.68 25.98
N MET D 704 12.57 54.98 26.65
CA MET D 704 12.54 55.01 28.11
C MET D 704 11.57 56.08 28.59
N ILE D 705 11.57 57.25 27.95
CA ILE D 705 10.64 58.28 28.41
C ILE D 705 9.21 57.77 28.28
N GLU D 706 8.89 57.13 27.15
CA GLU D 706 7.51 56.74 26.89
C GLU D 706 7.05 55.64 27.83
N SER D 707 7.95 54.85 28.42
CA SER D 707 7.52 53.71 29.22
C SER D 707 7.59 53.96 30.73
N ASN D 708 7.89 55.19 31.17
CA ASN D 708 7.93 55.54 32.59
C ASN D 708 8.92 54.66 33.35
N PHE D 709 10.17 54.62 32.87
CA PHE D 709 11.16 53.75 33.49
C PHE D 709 11.50 54.21 34.91
N LEU D 710 12.04 55.42 35.05
CA LEU D 710 12.33 56.01 36.36
C LEU D 710 12.67 57.47 36.16
N ASP D 711 12.88 58.18 37.27
CA ASP D 711 13.07 59.62 37.22
C ASP D 711 14.31 59.96 36.39
N ASP D 712 14.24 61.10 35.70
CA ASP D 712 15.24 61.43 34.69
C ASP D 712 16.66 61.46 35.27
N ALA D 713 16.79 61.72 36.58
CA ALA D 713 18.10 61.80 37.20
C ALA D 713 18.86 60.50 36.99
N GLY D 714 18.19 59.36 37.16
CA GLY D 714 18.84 58.09 36.93
C GLY D 714 18.95 57.78 35.46
N ARG D 715 17.97 58.28 34.67
CA ARG D 715 17.94 57.99 33.25
C ARG D 715 19.17 58.50 32.52
N VAL D 716 19.71 59.64 32.96
CA VAL D 716 20.92 60.18 32.32
C VAL D 716 22.08 59.21 32.44
N LYS D 717 22.19 58.52 33.58
CA LYS D 717 23.35 57.68 33.86
C LYS D 717 23.45 56.51 32.88
N VAL D 718 22.31 55.91 32.53
CA VAL D 718 22.32 54.77 31.61
C VAL D 718 22.94 55.18 30.29
N ILE D 719 22.50 56.32 29.76
CA ILE D 719 23.00 56.75 28.47
C ILE D 719 24.48 57.09 28.56
N ASN D 720 24.90 57.75 29.64
CA ASN D 720 26.32 58.05 29.77
C ASN D 720 27.16 56.77 29.78
N GLU D 721 26.73 55.77 30.56
CA GLU D 721 27.54 54.56 30.67
C GLU D 721 27.61 53.82 29.34
N LEU D 722 26.48 53.69 28.64
CA LEU D 722 26.52 53.04 27.34
C LEU D 722 27.27 53.87 26.30
N SER D 723 27.38 55.18 26.49
CA SER D 723 28.03 56.02 25.50
C SER D 723 29.48 55.62 25.28
N ARG D 724 30.12 55.05 26.31
CA ARG D 724 31.51 54.59 26.20
C ARG D 724 31.66 53.11 26.54
N SER D 725 30.57 52.39 26.78
CA SER D 725 30.66 50.94 26.86
C SER D 725 30.52 50.28 25.49
N CYS D 726 29.48 50.63 24.75
CA CYS D 726 29.19 50.01 23.46
C CYS D 726 28.31 50.93 22.63
N PRO D 727 28.90 51.84 21.84
CA PRO D 727 28.10 52.85 21.15
C PRO D 727 27.44 52.37 19.86
N ASN D 728 27.62 51.11 19.47
CA ASN D 728 27.16 50.67 18.14
C ASN D 728 26.18 49.52 18.25
N PHE D 729 25.20 49.62 19.15
CA PHE D 729 24.39 48.45 19.43
C PHE D 729 23.32 48.29 18.35
N ASN D 730 22.73 47.09 18.31
CA ASN D 730 21.84 46.72 17.21
C ASN D 730 20.84 45.71 17.78
N VAL D 731 19.68 46.21 18.19
CA VAL D 731 18.65 45.40 18.83
C VAL D 731 17.28 45.84 18.36
N GLY D 732 16.33 44.90 18.39
CA GLY D 732 14.97 45.16 17.99
C GLY D 732 14.20 45.87 19.09
N ILE D 733 12.93 46.12 18.81
CA ILE D 733 12.07 46.79 19.79
C ILE D 733 11.50 45.83 20.81
N LYS D 734 11.25 44.58 20.43
CA LYS D 734 10.67 43.61 21.35
C LYS D 734 11.65 43.30 22.48
N LYS D 735 12.91 43.06 22.12
CA LYS D 735 13.91 42.79 23.15
C LYS D 735 14.10 44.01 24.02
N THR D 736 14.04 45.20 23.41
CA THR D 736 14.27 46.40 24.19
C THR D 736 13.12 46.60 25.18
N LEU D 737 11.93 46.06 24.87
CA LEU D 737 10.79 46.26 25.73
C LEU D 737 10.65 45.12 26.73
N THR D 738 11.44 44.06 26.56
CA THR D 738 11.48 42.97 27.53
C THR D 738 12.69 43.06 28.46
N ASN D 739 13.65 43.93 28.15
CA ASN D 739 14.79 44.16 29.05
C ASN D 739 14.53 45.24 30.10
N ILE D 740 13.90 46.35 29.69
CA ILE D 740 13.41 47.35 30.64
C ILE D 740 12.47 46.73 31.66
N GLU D 741 11.53 45.92 31.21
CA GLU D 741 10.54 45.33 32.12
C GLU D 741 11.20 44.47 33.19
N THR D 742 12.19 43.64 32.83
CA THR D 742 12.85 42.83 33.84
C THR D 742 13.76 43.68 34.73
N ALA D 743 14.41 44.70 34.17
CA ALA D 743 15.29 45.54 34.97
C ALA D 743 14.51 46.33 36.01
N ARG D 744 13.28 46.71 35.68
CA ARG D 744 12.45 47.49 36.61
C ARG D 744 12.29 46.80 37.96
N HIS D 745 12.20 45.47 37.96
CA HIS D 745 11.98 44.71 39.18
C HIS D 745 13.25 44.34 39.92
N ASP D 746 14.43 44.74 39.44
CA ASP D 746 15.66 44.42 40.15
C ASP D 746 15.86 45.35 41.35
N GLU D 747 16.84 44.97 42.17
CA GLU D 747 17.27 45.82 43.27
C GLU D 747 18.29 46.88 42.82
N ASP D 748 18.90 46.71 41.65
CA ASP D 748 19.92 47.62 41.15
C ASP D 748 19.65 47.91 39.69
N PRO D 749 18.63 48.72 39.38
CA PRO D 749 18.08 48.73 38.01
C PRO D 749 19.00 49.24 36.91
N VAL D 750 19.88 50.21 37.23
CA VAL D 750 20.76 50.78 36.21
C VAL D 750 21.81 49.76 35.75
N ASN D 751 22.51 49.14 36.70
CA ASN D 751 23.58 48.23 36.31
C ASN D 751 22.99 47.03 35.54
N GLU D 752 21.83 46.56 35.99
CA GLU D 752 21.25 45.38 35.37
C GLU D 752 20.86 45.68 33.93
N LEU D 753 20.23 46.85 33.71
CA LEU D 753 19.84 47.18 32.34
C LEU D 753 21.05 47.36 31.45
N VAL D 754 22.10 48.00 31.98
CA VAL D 754 23.30 48.20 31.17
C VAL D 754 23.89 46.86 30.75
N GLU D 755 23.99 45.91 31.70
CA GLU D 755 24.54 44.61 31.37
C GLU D 755 23.70 43.90 30.31
N LEU D 756 22.38 43.95 30.46
CA LEU D 756 21.54 43.28 29.48
C LEU D 756 21.72 43.87 28.09
N MET D 757 21.75 45.20 28.00
CA MET D 757 21.89 45.81 26.69
C MET D 757 23.23 45.43 26.07
N THR D 758 24.30 45.40 26.88
CA THR D 758 25.59 44.98 26.33
C THR D 758 25.52 43.57 25.79
N GLN D 759 24.85 42.66 26.51
CA GLN D 759 24.75 41.27 26.04
C GLN D 759 23.99 41.18 24.73
N SER D 760 22.86 41.87 24.61
CA SER D 760 22.06 41.76 23.39
C SER D 760 22.80 42.29 22.16
N ALA D 761 23.49 43.42 22.27
CA ALA D 761 24.18 43.99 21.12
C ALA D 761 25.28 43.07 20.59
N LEU E 242 -41.42 16.52 -43.47
CA LEU E 242 -41.57 15.56 -42.39
C LEU E 242 -41.50 16.30 -41.05
N GLY E 243 -40.53 17.19 -40.92
CA GLY E 243 -40.36 17.96 -39.71
C GLY E 243 -38.95 17.92 -39.16
N VAL E 244 -37.97 18.07 -40.04
CA VAL E 244 -36.56 18.09 -39.64
C VAL E 244 -35.80 18.82 -40.74
N GLY E 245 -35.15 19.93 -40.39
CA GLY E 245 -34.40 20.72 -41.33
C GLY E 245 -32.93 20.80 -40.95
N GLY E 246 -32.05 20.76 -41.95
CA GLY E 246 -30.63 20.85 -41.74
C GLY E 246 -29.86 19.56 -42.02
N LEU E 247 -30.55 18.42 -42.01
CA LEU E 247 -29.95 17.10 -42.23
C LEU E 247 -30.75 16.37 -43.31
N ASP E 248 -30.38 16.59 -44.57
CA ASP E 248 -31.05 15.97 -45.72
C ASP E 248 -30.22 14.95 -46.47
N LYS E 249 -28.88 14.96 -46.33
CA LYS E 249 -28.00 14.00 -46.98
C LYS E 249 -27.73 12.78 -46.09
N GLU E 250 -27.92 12.95 -44.79
CA GLU E 250 -27.73 11.86 -43.83
C GLU E 250 -29.06 11.20 -43.53
N PHE E 251 -30.13 11.72 -44.14
CA PHE E 251 -31.43 11.08 -44.07
C PHE E 251 -31.56 10.16 -45.26
N THR E 252 -31.01 10.59 -46.41
CA THR E 252 -30.92 9.73 -47.56
C THR E 252 -30.05 8.53 -47.26
N LYS E 253 -28.87 8.76 -46.64
CA LYS E 253 -27.99 7.61 -46.42
C LYS E 253 -28.66 6.61 -45.49
N ILE E 254 -29.28 7.11 -44.42
CA ILE E 254 -29.89 6.21 -43.45
C ILE E 254 -31.06 5.48 -44.08
N PHE E 255 -31.90 6.20 -44.84
CA PHE E 255 -33.06 5.54 -45.40
C PHE E 255 -32.62 4.50 -46.42
N ARG E 256 -31.56 4.81 -47.18
CA ARG E 256 -31.07 3.89 -48.19
C ARG E 256 -30.65 2.56 -47.57
N ARG E 257 -29.93 2.62 -46.43
CA ARG E 257 -29.34 1.40 -45.91
C ARG E 257 -30.15 0.72 -44.81
N ALA E 258 -30.62 1.47 -43.81
CA ALA E 258 -31.20 0.86 -42.62
C ALA E 258 -32.65 0.42 -42.78
N PHE E 259 -33.41 1.01 -43.72
CA PHE E 259 -34.85 0.79 -43.74
C PHE E 259 -35.39 0.30 -45.08
N ALA E 260 -34.80 0.73 -46.20
CA ALA E 260 -35.47 0.57 -47.49
C ALA E 260 -35.86 -0.88 -47.76
N SER E 261 -35.07 -1.84 -47.29
CA SER E 261 -35.37 -3.26 -47.53
C SER E 261 -36.65 -3.75 -46.87
N ARG E 262 -37.21 -2.98 -45.93
CA ARG E 262 -38.42 -3.38 -45.23
C ARG E 262 -39.67 -3.10 -46.06
N ILE E 263 -39.61 -2.11 -46.96
CA ILE E 263 -40.80 -1.72 -47.70
C ILE E 263 -41.25 -2.83 -48.64
N PHE E 264 -40.29 -3.57 -49.21
CA PHE E 264 -40.61 -4.53 -50.25
C PHE E 264 -41.29 -5.76 -49.65
N PRO E 265 -42.00 -6.53 -50.49
CA PRO E 265 -42.62 -7.75 -49.99
C PRO E 265 -41.58 -8.77 -49.59
N PRO E 266 -41.89 -9.66 -48.64
CA PRO E 266 -40.90 -10.67 -48.25
C PRO E 266 -40.51 -11.59 -49.40
N SER E 267 -41.39 -11.80 -50.37
CA SER E 267 -41.10 -12.71 -51.47
C SER E 267 -39.84 -12.27 -52.22
N VAL E 268 -39.77 -10.99 -52.60
CA VAL E 268 -38.65 -10.54 -53.42
C VAL E 268 -37.34 -10.57 -52.63
N ILE E 269 -37.38 -10.18 -51.35
CA ILE E 269 -36.16 -10.20 -50.56
C ILE E 269 -35.66 -11.63 -50.38
N GLU E 270 -36.58 -12.57 -50.14
CA GLU E 270 -36.18 -13.98 -50.13
C GLU E 270 -35.62 -14.37 -51.49
N LYS E 271 -36.22 -13.83 -52.55
CA LYS E 271 -35.89 -14.18 -53.92
C LYS E 271 -34.51 -13.67 -54.32
N LEU E 272 -33.98 -12.71 -53.59
CA LEU E 272 -32.62 -12.23 -53.83
C LEU E 272 -31.58 -13.02 -53.05
N GLY E 273 -31.85 -13.31 -51.78
CA GLY E 273 -30.89 -14.03 -50.96
C GLY E 273 -30.05 -13.13 -50.08
N ILE E 274 -30.66 -12.13 -49.45
CA ILE E 274 -29.98 -11.24 -48.53
C ILE E 274 -30.73 -11.24 -47.20
N SER E 275 -30.22 -10.46 -46.24
CA SER E 275 -30.81 -10.37 -44.91
C SER E 275 -30.77 -8.94 -44.43
N HIS E 276 -31.74 -8.60 -43.57
CA HIS E 276 -31.90 -7.22 -43.13
C HIS E 276 -30.82 -6.83 -42.13
N VAL E 277 -30.51 -5.53 -42.10
CA VAL E 277 -29.52 -4.98 -41.17
C VAL E 277 -30.17 -4.80 -39.80
N LYS E 278 -29.41 -5.06 -38.75
CA LYS E 278 -29.93 -5.07 -37.38
C LYS E 278 -29.27 -4.09 -36.44
N GLY E 279 -28.35 -3.25 -36.92
CA GLY E 279 -27.74 -2.26 -36.05
C GLY E 279 -27.31 -0.99 -36.76
N LEU E 280 -27.59 0.15 -36.12
CA LEU E 280 -27.24 1.46 -36.65
C LEU E 280 -26.74 2.33 -35.52
N LEU E 281 -25.63 3.03 -35.75
CA LEU E 281 -25.00 3.88 -34.74
C LEU E 281 -24.99 5.33 -35.23
N LEU E 282 -25.46 6.23 -34.38
CA LEU E 282 -25.47 7.67 -34.64
C LEU E 282 -24.62 8.38 -33.60
N TYR E 283 -23.81 9.34 -34.02
CA TYR E 283 -23.00 10.07 -33.06
C TYR E 283 -22.83 11.54 -33.45
N GLY E 284 -22.64 12.38 -32.42
CA GLY E 284 -22.51 13.81 -32.57
C GLY E 284 -22.79 14.53 -31.27
N PRO E 285 -22.62 15.85 -31.25
CA PRO E 285 -22.76 16.61 -30.01
C PRO E 285 -24.19 16.63 -29.51
N PRO E 286 -24.40 16.93 -28.23
CA PRO E 286 -25.75 16.86 -27.67
C PRO E 286 -26.62 18.03 -28.09
N GLY E 287 -27.93 17.74 -28.18
CA GLY E 287 -28.89 18.73 -28.61
C GLY E 287 -28.93 18.99 -30.10
N THR E 288 -28.56 18.00 -30.94
CA THR E 288 -28.47 18.24 -32.38
C THR E 288 -29.56 17.56 -33.21
N GLY E 289 -30.28 16.57 -32.67
CA GLY E 289 -31.41 16.02 -33.39
C GLY E 289 -31.35 14.54 -33.74
N LYS E 290 -30.80 13.72 -32.83
CA LYS E 290 -30.67 12.28 -33.10
C LYS E 290 -31.97 11.54 -32.79
N THR E 291 -32.47 11.68 -31.56
CA THR E 291 -33.71 11.03 -31.17
C THR E 291 -34.87 11.49 -32.05
N LEU E 292 -34.80 12.74 -32.52
CA LEU E 292 -35.82 13.24 -33.42
C LEU E 292 -35.86 12.43 -34.70
N ILE E 293 -34.68 12.16 -35.28
CA ILE E 293 -34.60 11.35 -36.48
C ILE E 293 -35.16 9.96 -36.19
N ALA E 294 -34.73 9.37 -35.07
CA ALA E 294 -35.18 8.02 -34.74
C ALA E 294 -36.70 7.98 -34.71
N ARG E 295 -37.33 8.97 -34.08
CA ARG E 295 -38.77 8.95 -33.92
C ARG E 295 -39.49 9.23 -35.24
N LYS E 296 -38.99 10.20 -36.03
CA LYS E 296 -39.70 10.57 -37.24
C LYS E 296 -39.61 9.48 -38.32
N ILE E 297 -38.50 8.75 -38.39
CA ILE E 297 -38.44 7.66 -39.37
C ILE E 297 -39.50 6.61 -39.07
N GLY E 298 -39.73 6.31 -37.79
CA GLY E 298 -40.67 5.27 -37.43
C GLY E 298 -42.10 5.54 -37.87
N THR E 299 -42.46 6.80 -38.10
CA THR E 299 -43.82 7.13 -38.52
C THR E 299 -44.06 6.73 -39.97
N MET E 300 -43.02 6.77 -40.81
CA MET E 300 -43.20 6.44 -42.22
C MET E 300 -43.47 4.95 -42.39
N LEU E 301 -42.71 4.11 -41.68
CA LEU E 301 -42.95 2.68 -41.73
C LEU E 301 -44.20 2.27 -40.95
N ASN E 302 -44.70 3.16 -40.07
CA ASN E 302 -45.86 2.87 -39.25
C ASN E 302 -45.60 1.67 -38.34
N ALA E 303 -44.41 1.64 -37.73
CA ALA E 303 -44.13 0.70 -36.67
C ALA E 303 -44.71 1.20 -35.34
N LYS E 304 -44.62 0.34 -34.33
CA LYS E 304 -45.10 0.68 -33.00
C LYS E 304 -44.25 1.81 -32.41
N GLU E 305 -44.83 2.50 -31.44
CA GLU E 305 -44.10 3.59 -30.78
C GLU E 305 -42.82 3.04 -30.16
N PRO E 306 -41.66 3.62 -30.46
CA PRO E 306 -40.39 3.02 -30.02
C PRO E 306 -40.29 2.95 -28.50
N LYS E 307 -39.73 1.85 -28.01
CA LYS E 307 -39.26 1.78 -26.64
C LYS E 307 -37.94 2.53 -26.50
N ILE E 308 -37.69 3.04 -25.30
CA ILE E 308 -36.50 3.85 -25.04
C ILE E 308 -35.89 3.43 -23.71
N VAL E 309 -34.57 3.37 -23.65
CA VAL E 309 -33.85 2.91 -22.46
C VAL E 309 -32.62 3.77 -22.24
N ASN E 310 -32.23 3.92 -20.97
CA ASN E 310 -31.12 4.78 -20.58
C ASN E 310 -30.08 3.94 -19.84
N GLY E 311 -28.82 4.08 -20.25
CA GLY E 311 -27.74 3.22 -19.80
C GLY E 311 -27.49 3.29 -18.30
N PRO E 312 -27.23 4.49 -17.80
CA PRO E 312 -27.03 4.66 -16.36
C PRO E 312 -28.19 4.16 -15.54
N GLU E 313 -29.43 4.29 -16.03
CA GLU E 313 -30.56 3.74 -15.30
C GLU E 313 -30.35 2.27 -15.00
N ILE E 314 -30.03 1.49 -16.03
CA ILE E 314 -29.80 0.06 -15.83
C ILE E 314 -28.60 -0.17 -14.93
N LEU E 315 -27.51 0.58 -15.15
CA LEU E 315 -26.29 0.31 -14.39
C LEU E 315 -26.44 0.63 -12.90
N SER E 316 -27.28 1.61 -12.55
CA SER E 316 -27.39 2.00 -11.16
C SER E 316 -28.31 1.07 -10.36
N LYS E 317 -29.31 0.47 -11.01
CA LYS E 317 -30.19 -0.47 -10.34
C LYS E 317 -29.40 -1.59 -9.68
N TYR E 318 -30.04 -2.35 -8.79
CA TYR E 318 -29.35 -3.43 -8.10
C TYR E 318 -28.95 -4.51 -9.10
N VAL E 319 -27.96 -5.31 -8.71
CA VAL E 319 -27.31 -6.22 -9.66
C VAL E 319 -28.31 -7.22 -10.22
N GLY E 320 -29.06 -7.90 -9.35
CA GLY E 320 -29.98 -8.93 -9.81
C GLY E 320 -31.11 -8.34 -10.63
N SER E 321 -31.67 -7.23 -10.16
CA SER E 321 -32.75 -6.60 -10.92
C SER E 321 -32.27 -6.19 -12.30
N SER E 322 -31.05 -5.65 -12.38
CA SER E 322 -30.51 -5.28 -13.68
C SER E 322 -30.40 -6.49 -14.59
N GLU E 323 -29.93 -7.61 -14.04
CA GLU E 323 -29.84 -8.83 -14.84
C GLU E 323 -31.21 -9.26 -15.35
N GLU E 324 -32.25 -9.10 -14.51
CA GLU E 324 -33.60 -9.49 -14.90
C GLU E 324 -34.27 -8.53 -15.89
N ASN E 325 -33.91 -7.24 -15.88
CA ASN E 325 -34.64 -6.26 -16.68
C ASN E 325 -34.53 -6.53 -18.17
N ILE E 326 -33.32 -6.85 -18.65
CA ILE E 326 -33.09 -6.91 -20.08
C ILE E 326 -34.02 -7.93 -20.71
N ARG E 327 -34.21 -9.08 -20.06
CA ARG E 327 -35.15 -10.07 -20.60
C ARG E 327 -36.56 -9.52 -20.64
N ASN E 328 -36.86 -8.52 -19.79
CA ASN E 328 -38.19 -7.92 -19.78
C ASN E 328 -38.37 -7.01 -20.98
N LEU E 329 -37.27 -6.48 -21.52
CA LEU E 329 -37.41 -5.43 -22.53
C LEU E 329 -38.01 -5.97 -23.84
N PHE E 330 -37.56 -7.14 -24.30
CA PHE E 330 -37.87 -7.66 -25.63
C PHE E 330 -39.17 -8.46 -25.71
N LYS E 331 -39.90 -8.63 -24.60
CA LYS E 331 -40.98 -9.61 -24.53
C LYS E 331 -42.01 -9.46 -25.65
N ASP E 332 -42.53 -8.25 -25.85
CA ASP E 332 -43.58 -8.03 -26.85
C ASP E 332 -43.13 -8.44 -28.24
N ALA E 333 -41.87 -8.14 -28.57
CA ALA E 333 -41.33 -8.54 -29.84
C ALA E 333 -41.24 -10.06 -29.94
N GLU E 334 -40.91 -10.71 -28.82
CA GLU E 334 -40.85 -12.17 -28.86
C GLU E 334 -42.22 -12.70 -29.19
N ALA E 335 -43.26 -12.15 -28.54
CA ALA E 335 -44.60 -12.66 -28.71
C ALA E 335 -45.04 -12.58 -30.17
N GLU E 336 -44.94 -11.38 -30.76
CA GLU E 336 -45.53 -11.21 -32.08
C GLU E 336 -44.91 -12.16 -33.11
N TYR E 337 -43.65 -12.56 -32.91
CA TYR E 337 -42.99 -13.41 -33.89
C TYR E 337 -43.62 -14.81 -33.91
N ARG E 338 -43.76 -15.43 -32.74
CA ARG E 338 -44.50 -16.69 -32.67
C ARG E 338 -45.92 -16.51 -33.20
N ALA E 339 -46.49 -15.33 -33.01
CA ALA E 339 -47.87 -15.11 -33.45
C ALA E 339 -47.98 -15.19 -34.97
N LYS E 340 -47.14 -14.44 -35.70
CA LYS E 340 -47.39 -14.16 -37.11
C LYS E 340 -46.22 -14.43 -38.05
N GLY E 341 -45.11 -14.99 -37.58
CA GLY E 341 -44.04 -15.38 -38.46
C GLY E 341 -43.44 -14.19 -39.18
N GLU E 342 -43.00 -14.42 -40.42
CA GLU E 342 -42.20 -13.43 -41.14
C GLU E 342 -42.96 -12.13 -41.40
N GLU E 343 -44.28 -12.15 -41.30
CA GLU E 343 -45.08 -10.98 -41.63
C GLU E 343 -45.27 -10.04 -40.45
N SER E 344 -44.63 -10.33 -39.32
CA SER E 344 -44.81 -9.52 -38.13
C SER E 344 -44.34 -8.09 -38.39
N SER E 345 -44.88 -7.14 -37.65
CA SER E 345 -44.54 -5.75 -37.83
C SER E 345 -43.16 -5.46 -37.25
N LEU E 346 -42.63 -4.30 -37.60
CA LEU E 346 -41.26 -3.96 -37.21
C LEU E 346 -41.23 -3.39 -35.81
N HIS E 347 -40.18 -3.72 -35.07
CA HIS E 347 -40.04 -3.30 -33.68
C HIS E 347 -38.69 -2.60 -33.55
N ILE E 348 -38.71 -1.41 -32.96
CA ILE E 348 -37.55 -0.51 -32.94
C ILE E 348 -37.23 -0.16 -31.50
N ILE E 349 -35.97 -0.34 -31.13
CA ILE E 349 -35.52 -0.19 -29.74
C ILE E 349 -34.37 0.81 -29.76
N ILE E 350 -34.42 1.80 -28.87
CA ILE E 350 -33.42 2.87 -28.82
C ILE E 350 -32.63 2.75 -27.52
N PHE E 351 -31.32 2.93 -27.63
CA PHE E 351 -30.39 2.77 -26.52
C PHE E 351 -29.56 4.04 -26.42
N ASP E 352 -29.59 4.70 -25.27
CA ASP E 352 -29.00 6.02 -25.11
C ASP E 352 -27.83 5.95 -24.15
N GLU E 353 -26.82 6.79 -24.42
CA GLU E 353 -25.60 6.85 -23.62
C GLU E 353 -24.92 5.49 -23.56
N LEU E 354 -24.69 4.90 -24.72
CA LEU E 354 -24.19 3.52 -24.77
C LEU E 354 -22.79 3.45 -24.17
N ASP E 355 -21.95 4.45 -24.43
CA ASP E 355 -20.56 4.41 -24.00
C ASP E 355 -20.45 4.25 -22.49
N SER E 356 -21.46 4.69 -21.73
CA SER E 356 -21.39 4.59 -20.28
C SER E 356 -21.20 3.15 -19.83
N VAL E 357 -21.67 2.20 -20.64
CA VAL E 357 -21.53 0.79 -20.26
C VAL E 357 -20.06 0.40 -20.25
N PHE E 358 -19.28 0.89 -21.22
CA PHE E 358 -17.88 0.51 -21.34
C PHE E 358 -16.94 1.32 -20.45
N LYS E 359 -17.38 2.49 -19.99
CA LYS E 359 -16.51 3.45 -19.31
C LYS E 359 -16.24 2.99 -17.87
N GLN E 360 -15.48 1.90 -17.74
CA GLN E 360 -15.06 1.39 -16.44
C GLN E 360 -13.91 0.40 -16.59
N GLY E 371 -21.38 -4.32 -15.99
CA GLY E 371 -21.04 -3.77 -17.29
C GLY E 371 -21.08 -4.81 -18.40
N ASP E 372 -20.47 -5.97 -18.13
CA ASP E 372 -20.32 -7.00 -19.16
C ASP E 372 -21.63 -7.72 -19.46
N ASN E 373 -22.47 -7.88 -18.43
CA ASN E 373 -23.65 -8.74 -18.53
C ASN E 373 -24.67 -8.19 -19.53
N VAL E 374 -24.94 -6.89 -19.46
CA VAL E 374 -25.89 -6.28 -20.38
C VAL E 374 -25.41 -6.43 -21.81
N VAL E 375 -24.11 -6.19 -22.02
CA VAL E 375 -23.55 -6.22 -23.37
C VAL E 375 -23.69 -7.62 -23.96
N ASN E 376 -23.26 -8.63 -23.20
CA ASN E 376 -23.28 -9.98 -23.74
C ASN E 376 -24.71 -10.44 -24.04
N GLN E 377 -25.66 -10.15 -23.13
CA GLN E 377 -27.04 -10.53 -23.40
C GLN E 377 -27.59 -9.84 -24.64
N LEU E 378 -27.26 -8.55 -24.80
CA LEU E 378 -27.80 -7.82 -25.93
C LEU E 378 -27.23 -8.39 -27.22
N LEU E 379 -25.93 -8.69 -27.24
CA LEU E 379 -25.37 -9.25 -28.46
C LEU E 379 -25.97 -10.62 -28.74
N ALA E 380 -26.24 -11.39 -27.68
CA ALA E 380 -26.84 -12.71 -27.87
C ALA E 380 -28.19 -12.59 -28.57
N LYS E 381 -28.89 -11.48 -28.33
CA LYS E 381 -30.26 -11.37 -28.86
C LYS E 381 -30.32 -10.98 -30.33
N MET E 382 -29.22 -10.49 -30.92
CA MET E 382 -29.21 -10.08 -32.32
C MET E 382 -28.19 -10.80 -33.19
N ASP E 383 -27.28 -11.58 -32.61
CA ASP E 383 -26.27 -12.28 -33.40
C ASP E 383 -26.30 -13.79 -33.26
N GLY E 384 -26.76 -14.32 -32.13
CA GLY E 384 -26.56 -15.71 -31.77
C GLY E 384 -27.61 -16.64 -32.32
N VAL E 385 -27.84 -17.74 -31.62
CA VAL E 385 -28.77 -18.77 -32.09
C VAL E 385 -30.21 -18.46 -31.72
N ASP E 386 -30.44 -17.58 -30.74
CA ASP E 386 -31.77 -17.15 -30.37
C ASP E 386 -32.22 -15.91 -31.15
N GLN E 387 -31.70 -15.74 -32.37
CA GLN E 387 -31.87 -14.52 -33.14
C GLN E 387 -33.34 -14.20 -33.38
N LEU E 388 -33.70 -12.94 -33.16
CA LEU E 388 -35.03 -12.43 -33.42
C LEU E 388 -34.98 -11.55 -34.65
N ASN E 389 -35.87 -11.81 -35.61
CA ASN E 389 -35.77 -11.24 -36.94
C ASN E 389 -36.67 -10.04 -37.16
N ASN E 390 -37.30 -9.52 -36.09
CA ASN E 390 -38.18 -8.37 -36.20
C ASN E 390 -37.59 -7.07 -35.68
N ILE E 391 -36.43 -7.10 -35.04
CA ILE E 391 -35.98 -5.97 -34.25
C ILE E 391 -34.96 -5.15 -35.03
N LEU E 392 -34.84 -3.87 -34.64
CA LEU E 392 -33.76 -2.99 -35.08
C LEU E 392 -33.34 -2.18 -33.86
N VAL E 393 -32.03 -2.09 -33.63
CA VAL E 393 -31.49 -1.45 -32.43
C VAL E 393 -30.69 -0.22 -32.85
N ILE E 394 -31.05 0.93 -32.29
CA ILE E 394 -30.40 2.19 -32.57
C ILE E 394 -29.54 2.55 -31.37
N GLY E 395 -28.26 2.86 -31.61
CA GLY E 395 -27.38 3.27 -30.53
C GLY E 395 -26.96 4.72 -30.66
N MET E 396 -26.60 5.34 -29.54
CA MET E 396 -26.33 6.78 -29.52
C MET E 396 -25.20 7.07 -28.53
N THR E 397 -24.23 7.87 -28.96
CA THR E 397 -23.07 8.14 -28.14
C THR E 397 -22.43 9.45 -28.59
N ASN E 398 -21.84 10.17 -27.63
CA ASN E 398 -21.09 11.39 -27.91
C ASN E 398 -19.59 11.12 -28.10
N ARG E 399 -19.13 9.90 -27.85
CA ARG E 399 -17.72 9.57 -27.97
C ARG E 399 -17.61 8.20 -28.62
N LYS E 400 -17.14 8.18 -29.87
CA LYS E 400 -17.02 6.92 -30.60
C LYS E 400 -15.82 6.10 -30.15
N ASP E 401 -14.73 6.77 -29.75
CA ASP E 401 -13.48 6.07 -29.50
C ASP E 401 -13.56 5.11 -28.33
N LEU E 402 -14.56 5.24 -27.46
CA LEU E 402 -14.66 4.41 -26.26
C LEU E 402 -15.39 3.10 -26.48
N ILE E 403 -16.09 2.94 -27.62
CA ILE E 403 -16.79 1.70 -27.89
C ILE E 403 -15.79 0.65 -28.39
N ASP E 404 -15.95 -0.57 -27.90
CA ASP E 404 -15.00 -1.62 -28.24
C ASP E 404 -15.20 -2.04 -29.69
N SER E 405 -14.12 -2.49 -30.32
CA SER E 405 -14.17 -2.86 -31.73
C SER E 405 -14.98 -4.13 -32.01
N ALA E 406 -15.21 -4.94 -30.98
CA ALA E 406 -15.99 -6.16 -31.15
C ALA E 406 -17.40 -5.84 -31.65
N LEU E 407 -17.94 -4.70 -31.25
CA LEU E 407 -19.32 -4.40 -31.57
C LEU E 407 -19.45 -3.98 -33.03
N LEU E 408 -18.39 -3.43 -33.63
CA LEU E 408 -18.52 -2.80 -34.94
C LEU E 408 -18.34 -3.75 -36.12
N ARG E 409 -18.02 -5.02 -35.89
CA ARG E 409 -17.84 -5.94 -37.00
C ARG E 409 -19.18 -6.32 -37.63
N PRO E 410 -19.18 -6.83 -38.85
CA PRO E 410 -20.44 -7.09 -39.56
C PRO E 410 -21.34 -8.04 -38.79
N GLY E 411 -22.65 -7.83 -38.94
CA GLY E 411 -23.65 -8.50 -38.15
C GLY E 411 -24.08 -7.76 -36.90
N ARG E 412 -23.29 -6.79 -36.44
CA ARG E 412 -23.61 -6.01 -35.26
C ARG E 412 -23.26 -4.56 -35.57
N PHE E 413 -24.21 -3.64 -35.33
CA PHE E 413 -23.94 -2.22 -35.55
C PHE E 413 -23.09 -2.05 -36.80
N GLU E 414 -23.68 -2.37 -37.95
CA GLU E 414 -22.94 -2.43 -39.21
C GLU E 414 -22.81 -1.07 -39.87
N VAL E 415 -23.74 -0.14 -39.62
CA VAL E 415 -23.79 1.13 -40.32
C VAL E 415 -23.73 2.25 -39.29
N GLN E 416 -22.91 3.25 -39.58
CA GLN E 416 -22.55 4.32 -38.65
C GLN E 416 -22.68 5.67 -39.33
N VAL E 417 -23.26 6.65 -38.64
CA VAL E 417 -23.48 7.96 -39.23
C VAL E 417 -23.18 9.04 -38.20
N GLU E 418 -22.71 10.17 -38.72
CA GLU E 418 -22.29 11.33 -37.93
C GLU E 418 -23.23 12.49 -38.18
N ILE E 419 -23.52 13.23 -37.12
CA ILE E 419 -24.36 14.42 -37.18
C ILE E 419 -23.53 15.63 -36.79
N HIS E 420 -23.73 16.74 -37.51
CA HIS E 420 -22.90 17.92 -37.35
C HIS E 420 -23.75 19.07 -36.83
N LEU E 421 -23.08 20.12 -36.35
CA LEU E 421 -23.76 21.36 -36.06
C LEU E 421 -24.20 22.02 -37.37
N PRO E 422 -25.31 22.73 -37.37
CA PRO E 422 -25.85 23.26 -38.63
C PRO E 422 -25.08 24.48 -39.11
N ASP E 423 -25.22 24.75 -40.41
CA ASP E 423 -24.69 25.94 -41.02
C ASP E 423 -25.83 26.94 -41.19
N GLU E 424 -25.54 28.07 -41.84
CA GLU E 424 -26.46 29.21 -41.81
C GLU E 424 -27.79 28.86 -42.47
N LYS E 425 -27.75 28.15 -43.60
CA LYS E 425 -28.99 27.74 -44.25
C LYS E 425 -29.79 26.79 -43.36
N GLY E 426 -29.11 25.89 -42.66
CA GLY E 426 -29.81 24.98 -41.75
C GLY E 426 -30.57 25.74 -40.67
N ARG E 427 -29.93 26.76 -40.09
CA ARG E 427 -30.60 27.51 -39.05
C ARG E 427 -31.78 28.29 -39.62
N LEU E 428 -31.65 28.75 -40.87
CA LEU E 428 -32.80 29.39 -41.50
C LEU E 428 -33.98 28.43 -41.59
N GLN E 429 -33.71 27.15 -41.87
CA GLN E 429 -34.80 26.18 -41.94
C GLN E 429 -35.39 25.88 -40.56
N ILE E 430 -34.52 25.77 -39.54
CA ILE E 430 -34.98 25.42 -38.21
C ILE E 430 -35.89 26.50 -37.65
N PHE E 431 -35.57 27.76 -37.90
CA PHE E 431 -36.45 28.83 -37.42
C PHE E 431 -37.86 28.68 -37.99
N ASP E 432 -37.97 28.35 -39.27
CA ASP E 432 -39.28 28.19 -39.89
C ASP E 432 -40.06 27.09 -39.20
N ILE E 433 -39.39 25.95 -38.97
CA ILE E 433 -40.08 24.83 -38.34
C ILE E 433 -40.59 25.27 -36.97
N GLN E 434 -39.80 26.04 -36.24
CA GLN E 434 -40.19 26.38 -34.88
C GLN E 434 -41.26 27.47 -34.82
N THR E 435 -41.34 28.36 -35.81
CA THR E 435 -42.29 29.48 -35.76
C THR E 435 -43.54 29.27 -36.62
N LYS E 436 -43.72 28.09 -37.22
CA LYS E 436 -44.89 27.85 -38.08
C LYS E 436 -46.22 28.20 -37.39
N LYS E 437 -46.44 27.68 -36.18
CA LYS E 437 -47.75 27.84 -35.55
C LYS E 437 -48.01 29.28 -35.12
N MET E 438 -46.96 29.98 -34.66
CA MET E 438 -47.12 31.41 -34.41
C MET E 438 -47.51 32.12 -35.71
N ARG E 439 -46.82 31.79 -36.80
CA ARG E 439 -47.01 32.53 -38.04
C ARG E 439 -48.42 32.37 -38.58
N GLU E 440 -48.99 31.17 -38.45
CA GLU E 440 -50.26 30.88 -39.09
C GLU E 440 -51.47 31.22 -38.24
N ASN E 441 -51.29 31.82 -37.06
CA ASN E 441 -52.41 32.32 -36.29
C ASN E 441 -52.37 33.84 -36.10
N ASN E 442 -51.63 34.55 -36.94
CA ASN E 442 -51.52 36.01 -36.88
C ASN E 442 -51.09 36.49 -35.49
N MET E 443 -50.17 35.76 -34.87
CA MET E 443 -49.57 36.19 -33.61
C MET E 443 -48.09 36.55 -33.75
N MET E 444 -47.65 36.92 -34.94
CA MET E 444 -46.26 37.32 -35.14
C MET E 444 -46.23 38.56 -36.02
N SER E 445 -45.46 39.56 -35.62
CA SER E 445 -45.52 40.86 -36.26
C SER E 445 -44.98 40.78 -37.68
N ASP E 446 -45.11 41.89 -38.41
CA ASP E 446 -44.64 41.99 -39.78
C ASP E 446 -43.24 42.57 -39.92
N ASP E 447 -42.59 42.94 -38.81
CA ASP E 447 -41.26 43.54 -38.87
C ASP E 447 -40.14 42.54 -38.65
N VAL E 448 -40.44 41.34 -38.15
CA VAL E 448 -39.42 40.34 -37.88
C VAL E 448 -38.97 39.68 -39.19
N ASN E 449 -37.67 39.66 -39.41
CA ASN E 449 -37.06 39.11 -40.63
C ASN E 449 -36.12 37.97 -40.22
N LEU E 450 -36.50 36.74 -40.55
CA LEU E 450 -35.78 35.57 -40.04
C LEU E 450 -34.40 35.39 -40.67
N ALA E 451 -34.18 35.95 -41.87
CA ALA E 451 -32.85 35.88 -42.48
C ALA E 451 -31.80 36.61 -41.65
N GLU E 452 -32.22 37.65 -40.92
CA GLU E 452 -31.26 38.36 -40.06
C GLU E 452 -30.92 37.52 -38.85
N LEU E 453 -31.95 36.94 -38.21
CA LEU E 453 -31.72 36.11 -37.05
C LEU E 453 -30.81 34.94 -37.40
N ALA E 454 -30.97 34.39 -38.62
CA ALA E 454 -30.09 33.29 -39.02
C ALA E 454 -28.64 33.71 -39.00
N ALA E 455 -28.36 35.01 -39.17
CA ALA E 455 -26.99 35.51 -39.23
C ALA E 455 -26.47 35.97 -37.88
N LEU E 456 -27.34 36.38 -36.95
CA LEU E 456 -26.85 36.72 -35.62
C LEU E 456 -26.52 35.48 -34.80
N THR E 457 -27.36 34.45 -34.85
CA THR E 457 -27.18 33.23 -34.06
C THR E 457 -26.08 32.39 -34.68
N LYS E 458 -24.83 32.65 -34.27
CA LYS E 458 -23.68 32.24 -35.08
C LYS E 458 -23.33 30.78 -34.90
N ASN E 459 -23.41 30.23 -33.70
CA ASN E 459 -22.93 28.88 -33.45
C ASN E 459 -23.93 28.06 -32.63
N PHE E 460 -25.23 28.21 -32.92
CA PHE E 460 -26.26 27.62 -32.09
C PHE E 460 -26.56 26.19 -32.54
N SER E 461 -27.15 25.42 -31.64
CA SER E 461 -27.74 24.14 -31.98
C SER E 461 -29.26 24.32 -32.09
N GLY E 462 -30.00 23.21 -32.25
CA GLY E 462 -31.44 23.31 -32.40
C GLY E 462 -32.18 23.62 -31.11
N ALA E 463 -31.83 22.90 -30.04
CA ALA E 463 -32.50 23.08 -28.76
C ALA E 463 -32.36 24.53 -28.29
N GLU E 464 -31.22 25.14 -28.57
CA GLU E 464 -31.02 26.52 -28.17
C GLU E 464 -31.97 27.43 -28.95
N ILE E 465 -32.27 27.10 -30.21
CA ILE E 465 -33.21 27.93 -30.96
C ILE E 465 -34.61 27.81 -30.37
N GLU E 466 -35.00 26.60 -29.95
CA GLU E 466 -36.27 26.49 -29.23
C GLU E 466 -36.28 27.38 -27.99
N GLY E 467 -35.20 27.33 -27.22
CA GLY E 467 -35.14 28.15 -26.02
C GLY E 467 -35.27 29.63 -26.36
N LEU E 468 -34.67 30.04 -27.48
CA LEU E 468 -34.72 31.45 -27.87
C LEU E 468 -36.15 31.88 -28.17
N VAL E 469 -36.89 31.06 -28.91
CA VAL E 469 -38.29 31.40 -29.18
C VAL E 469 -39.09 31.49 -27.88
N LYS E 470 -38.85 30.55 -26.95
CA LYS E 470 -39.61 30.58 -25.70
C LYS E 470 -39.31 31.85 -24.90
N SER E 471 -38.05 32.27 -24.90
CA SER E 471 -37.71 33.50 -24.18
C SER E 471 -38.36 34.71 -24.85
N ALA E 472 -38.39 34.75 -26.18
CA ALA E 472 -39.07 35.86 -26.85
C ALA E 472 -40.54 35.91 -26.44
N SER E 473 -41.21 34.75 -26.40
CA SER E 473 -42.61 34.71 -25.96
C SER E 473 -42.80 35.25 -24.54
N SER E 474 -41.82 35.02 -23.66
CA SER E 474 -41.99 35.45 -22.27
C SER E 474 -42.14 36.98 -22.14
N PHE E 475 -41.33 37.76 -22.85
CA PHE E 475 -41.50 39.21 -22.82
C PHE E 475 -42.91 39.62 -23.26
N ALA E 476 -43.39 39.06 -24.37
CA ALA E 476 -44.69 39.47 -24.89
C ALA E 476 -45.79 39.18 -23.88
N ILE E 477 -45.75 38.00 -23.25
CA ILE E 477 -46.78 37.66 -22.27
C ILE E 477 -46.67 38.53 -21.03
N ASN E 478 -45.45 38.85 -20.59
CA ASN E 478 -45.30 39.62 -19.36
C ASN E 478 -45.80 41.06 -19.50
N LYS E 479 -45.66 41.66 -20.68
CA LYS E 479 -46.00 43.08 -20.84
C LYS E 479 -47.47 43.38 -20.56
N THR E 480 -48.33 42.37 -20.55
CA THR E 480 -49.76 42.60 -20.36
C THR E 480 -50.24 42.21 -18.97
N VAL E 481 -49.69 41.15 -18.37
CA VAL E 481 -50.18 40.69 -17.08
C VAL E 481 -50.02 41.81 -16.05
N ASN E 482 -50.86 41.78 -15.03
CA ASN E 482 -50.82 42.72 -13.92
C ASN E 482 -50.89 44.16 -14.43
N ASN E 491 -55.93 37.41 -16.94
CA ASN E 491 -55.62 38.32 -15.85
C ASN E 491 -55.91 39.77 -16.26
N THR E 492 -56.19 39.97 -17.55
CA THR E 492 -56.51 41.30 -18.06
C THR E 492 -57.34 41.15 -19.32
N LYS E 493 -58.03 42.24 -19.66
CA LYS E 493 -58.77 42.32 -20.90
C LYS E 493 -57.84 42.48 -22.09
N ASP E 494 -58.37 42.22 -23.29
CA ASP E 494 -57.65 42.44 -24.55
C ASP E 494 -56.38 41.59 -24.60
N ILE E 495 -56.57 40.28 -24.42
CA ILE E 495 -55.53 39.33 -24.77
C ILE E 495 -55.42 39.17 -26.28
N ALA E 496 -56.48 39.49 -27.04
CA ALA E 496 -56.52 39.19 -28.46
C ALA E 496 -55.57 40.05 -29.29
N LYS E 497 -54.97 41.08 -28.71
CA LYS E 497 -54.05 41.96 -29.43
C LYS E 497 -52.59 41.55 -29.22
N LEU E 498 -52.34 40.37 -28.66
CA LEU E 498 -50.98 39.95 -28.37
C LEU E 498 -50.21 39.73 -29.67
N LYS E 499 -49.01 40.31 -29.76
CA LYS E 499 -48.12 40.06 -30.88
C LYS E 499 -46.68 40.17 -30.44
N VAL E 500 -45.83 39.27 -30.94
CA VAL E 500 -44.40 39.35 -30.70
C VAL E 500 -43.77 40.34 -31.69
N THR E 501 -42.56 40.78 -31.36
CA THR E 501 -41.97 41.92 -32.04
C THR E 501 -40.45 41.71 -32.12
N ARG E 502 -39.82 42.48 -33.00
CA ARG E 502 -38.38 42.36 -33.22
C ARG E 502 -37.59 42.64 -31.94
N GLU E 503 -37.99 43.69 -31.21
CA GLU E 503 -37.31 44.03 -29.98
C GLU E 503 -37.28 42.87 -29.00
N ASP E 504 -38.34 42.06 -28.98
CA ASP E 504 -38.35 40.91 -28.07
C ASP E 504 -37.25 39.92 -28.38
N PHE E 505 -37.04 39.61 -29.66
CA PHE E 505 -35.94 38.71 -30.03
C PHE E 505 -34.60 39.33 -29.66
N LEU E 506 -34.41 40.62 -29.96
CA LEU E 506 -33.12 41.21 -29.67
C LEU E 506 -32.88 41.24 -28.16
N ASN E 507 -33.95 41.33 -27.36
CA ASN E 507 -33.79 41.22 -25.92
C ASN E 507 -33.53 39.78 -25.51
N ALA E 508 -34.12 38.81 -26.23
CA ALA E 508 -33.94 37.41 -25.87
C ALA E 508 -32.50 36.99 -26.04
N LEU E 509 -31.78 37.61 -26.98
CA LEU E 509 -30.39 37.20 -27.19
C LEU E 509 -29.52 37.36 -25.95
N ASN E 510 -29.92 38.20 -25.00
CA ASN E 510 -29.13 38.47 -23.79
C ASN E 510 -29.41 37.51 -22.64
N ASP E 511 -30.32 36.56 -22.81
CA ASP E 511 -30.66 35.63 -21.76
C ASP E 511 -30.25 34.18 -22.04
N VAL E 512 -30.09 33.80 -23.30
CA VAL E 512 -29.64 32.47 -23.68
C VAL E 512 -28.22 32.58 -24.20
N THR E 513 -27.28 31.95 -23.49
CA THR E 513 -25.87 31.95 -23.89
C THR E 513 -25.44 30.55 -24.32
N PRO E 514 -24.87 30.39 -25.51
CA PRO E 514 -24.66 29.05 -26.05
C PRO E 514 -23.36 28.42 -25.59
N ALA E 515 -23.34 27.09 -25.57
CA ALA E 515 -22.07 26.37 -25.55
C ALA E 515 -21.41 26.47 -26.92
N PHE E 516 -20.09 26.36 -26.94
CA PHE E 516 -19.30 26.68 -28.12
C PHE E 516 -19.42 28.16 -28.47
N GLY E 517 -19.46 28.99 -27.43
CA GLY E 517 -19.59 30.43 -27.61
C GLY E 517 -18.32 31.20 -27.33
N ILE E 518 -18.47 32.43 -26.85
CA ILE E 518 -17.35 33.29 -26.46
C ILE E 518 -17.42 33.49 -24.95
N SER E 519 -16.29 33.26 -24.28
CA SER E 519 -16.18 33.54 -22.85
C SER E 519 -15.81 35.01 -22.69
N GLU E 520 -16.83 35.86 -22.85
CA GLU E 520 -16.61 37.29 -22.95
C GLU E 520 -16.05 37.87 -21.66
N GLU E 521 -16.66 37.52 -20.53
CA GLU E 521 -16.34 38.20 -19.27
C GLU E 521 -14.90 37.98 -18.85
N ASP E 522 -14.41 36.75 -18.98
CA ASP E 522 -13.06 36.43 -18.53
C ASP E 522 -12.02 37.20 -19.33
N LEU E 523 -12.12 37.16 -20.66
CA LEU E 523 -11.16 37.90 -21.48
C LEU E 523 -11.30 39.41 -21.24
N LYS E 524 -12.53 39.91 -21.18
CA LYS E 524 -12.73 41.35 -21.15
C LYS E 524 -12.29 41.95 -19.82
N THR E 525 -12.95 41.57 -18.73
CA THR E 525 -12.75 42.29 -17.48
C THR E 525 -11.40 41.95 -16.86
N CYS E 526 -11.15 40.67 -16.61
CA CYS E 526 -9.98 40.27 -15.83
C CYS E 526 -8.68 40.73 -16.50
N VAL E 527 -8.63 40.67 -17.83
CA VAL E 527 -7.37 40.77 -18.57
C VAL E 527 -7.13 42.14 -19.18
N GLU E 528 -8.10 43.05 -19.15
CA GLU E 528 -7.88 44.40 -19.64
C GLU E 528 -8.40 45.45 -18.67
N GLY E 529 -7.50 46.32 -18.21
CA GLY E 529 -7.87 47.53 -17.51
C GLY E 529 -7.14 48.71 -18.12
N GLY E 530 -7.04 48.72 -19.44
CA GLY E 530 -6.40 49.79 -20.18
C GLY E 530 -5.69 49.24 -21.41
N MET E 531 -5.54 50.11 -22.42
CA MET E 531 -4.73 49.79 -23.59
C MET E 531 -4.35 51.10 -24.27
N MET E 532 -3.06 51.36 -24.40
CA MET E 532 -2.56 52.69 -24.69
C MET E 532 -1.19 52.60 -25.36
N LEU E 533 -1.05 53.30 -26.49
CA LEU E 533 -0.01 53.01 -27.48
C LEU E 533 1.17 53.96 -27.23
N TYR E 534 2.02 53.60 -26.27
CA TYR E 534 3.08 54.48 -25.81
C TYR E 534 4.39 54.35 -26.59
N SER E 535 4.46 53.47 -27.59
CA SER E 535 5.68 53.35 -28.39
C SER E 535 5.36 52.60 -29.67
N GLU E 536 6.30 52.68 -30.62
CA GLU E 536 6.12 52.07 -31.94
C GLU E 536 6.11 50.53 -31.90
N ARG E 537 6.90 49.95 -31.00
CA ARG E 537 7.00 48.49 -30.92
C ARG E 537 5.64 47.85 -30.62
N VAL E 538 4.82 48.52 -29.82
CA VAL E 538 3.50 48.01 -29.50
C VAL E 538 2.65 47.95 -30.78
N ASN E 539 2.72 49.00 -31.59
CA ASN E 539 2.00 49.00 -32.86
C ASN E 539 2.44 47.83 -33.73
N SER E 540 3.74 47.56 -33.74
CA SER E 540 4.25 46.45 -34.53
C SER E 540 3.63 45.13 -34.09
N ILE E 541 3.55 44.90 -32.78
CA ILE E 541 3.01 43.65 -32.26
C ILE E 541 1.55 43.47 -32.65
N LEU E 542 0.77 44.54 -32.49
CA LEU E 542 -0.67 44.44 -32.80
C LEU E 542 -0.89 44.17 -34.28
N LYS E 543 -0.08 44.79 -35.14
CA LYS E 543 -0.20 44.52 -36.57
C LYS E 543 0.09 43.05 -36.87
N ASN E 544 1.20 42.52 -36.32
CA ASN E 544 1.55 41.14 -36.62
C ASN E 544 0.41 40.20 -36.25
N GLY E 545 -0.34 40.56 -35.20
CA GLY E 545 -1.45 39.69 -34.81
C GLY E 545 -2.56 39.76 -35.85
N ALA E 546 -2.77 40.97 -36.40
CA ALA E 546 -3.83 41.07 -37.40
C ALA E 546 -3.45 40.30 -38.65
N ARG E 547 -2.13 40.09 -38.87
CA ARG E 547 -1.67 39.34 -40.04
C ARG E 547 -1.85 37.85 -39.85
N TYR E 548 -1.79 37.41 -38.59
CA TYR E 548 -1.85 35.98 -38.27
C TYR E 548 -3.26 35.50 -38.08
N VAL E 549 -4.23 36.42 -38.12
CA VAL E 549 -5.63 36.06 -37.91
C VAL E 549 -6.24 35.83 -39.30
N ARG E 550 -6.18 36.85 -40.16
CA ARG E 550 -6.77 36.68 -41.48
C ARG E 550 -5.93 35.76 -42.37
N GLN E 551 -4.66 35.48 -42.06
CA GLN E 551 -4.04 34.35 -42.75
C GLN E 551 -4.88 33.09 -42.53
N VAL E 552 -5.24 32.81 -41.28
CA VAL E 552 -5.96 31.58 -40.95
C VAL E 552 -7.36 31.60 -41.56
N ARG E 553 -7.95 32.78 -41.73
CA ARG E 553 -9.34 32.83 -42.16
C ARG E 553 -9.53 32.75 -43.68
N GLU E 554 -8.47 32.85 -44.46
CA GLU E 554 -8.59 32.92 -45.93
C GLU E 554 -7.49 32.11 -46.60
N SER E 555 -7.15 30.95 -46.03
CA SER E 555 -6.14 30.08 -46.62
C SER E 555 -6.41 28.63 -46.22
N ASP E 556 -6.12 27.72 -47.15
CA ASP E 556 -6.41 26.30 -46.97
C ASP E 556 -5.18 25.47 -46.65
N LYS E 557 -3.99 26.07 -46.69
CA LYS E 557 -2.76 25.37 -46.33
C LYS E 557 -2.43 25.51 -44.85
N SER E 558 -2.90 26.56 -44.20
CA SER E 558 -2.60 26.86 -42.79
C SER E 558 -3.83 26.57 -41.94
N ARG E 559 -3.90 25.38 -41.37
CA ARG E 559 -5.00 24.98 -40.50
C ARG E 559 -4.55 24.76 -39.06
N LEU E 560 -3.29 25.08 -38.73
CA LEU E 560 -2.81 25.07 -37.35
C LEU E 560 -1.64 26.04 -37.24
N VAL E 561 -1.80 27.12 -36.47
CA VAL E 561 -0.71 28.03 -36.16
C VAL E 561 -0.50 28.07 -34.65
N SER E 562 0.76 28.19 -34.24
CA SER E 562 1.16 28.32 -32.84
C SER E 562 2.19 29.44 -32.69
N LEU E 563 2.11 30.19 -31.59
CA LEU E 563 2.99 31.33 -31.35
C LEU E 563 3.40 31.37 -29.88
N LEU E 564 4.52 32.04 -29.60
CA LEU E 564 5.07 32.11 -28.24
C LEU E 564 5.48 33.54 -27.91
N ILE E 565 4.61 34.25 -27.19
CA ILE E 565 4.84 35.63 -26.75
C ILE E 565 5.65 35.58 -25.44
N HIS E 566 6.95 35.85 -25.51
CA HIS E 566 7.83 35.78 -24.36
C HIS E 566 8.38 37.15 -23.97
N GLY E 567 8.71 37.28 -22.69
CA GLY E 567 9.31 38.49 -22.18
C GLY E 567 9.37 38.53 -20.66
N PRO E 568 9.96 39.59 -20.11
CA PRO E 568 10.15 39.68 -18.66
C PRO E 568 8.82 39.77 -17.93
N ALA E 569 8.89 39.59 -16.61
CA ALA E 569 7.71 39.75 -15.77
C ALA E 569 7.29 41.21 -15.72
N GLY E 570 5.99 41.45 -15.85
CA GLY E 570 5.45 42.79 -15.78
C GLY E 570 5.42 43.55 -17.11
N SER E 571 5.64 42.88 -18.24
CA SER E 571 5.89 43.57 -19.49
C SER E 571 4.64 43.89 -20.29
N GLY E 572 3.56 43.11 -20.16
CA GLY E 572 2.34 43.35 -20.94
C GLY E 572 1.71 42.16 -21.65
N LYS E 573 2.38 41.00 -21.59
CA LYS E 573 2.08 39.81 -22.38
C LYS E 573 0.58 39.47 -22.46
N THR E 574 0.04 39.04 -21.32
CA THR E 574 -1.32 38.50 -21.29
C THR E 574 -2.39 39.53 -21.63
N ALA E 575 -2.09 40.82 -21.61
CA ALA E 575 -3.09 41.79 -22.05
C ALA E 575 -3.05 42.00 -23.55
N LEU E 576 -1.89 41.76 -24.16
CA LEU E 576 -1.81 41.75 -25.61
C LEU E 576 -2.57 40.56 -26.18
N ALA E 577 -2.33 39.37 -25.61
CA ALA E 577 -2.99 38.20 -26.20
C ALA E 577 -4.49 38.45 -26.25
N ALA E 578 -5.09 38.81 -25.11
CA ALA E 578 -6.53 39.06 -25.07
C ALA E 578 -6.92 40.12 -26.09
N GLU E 579 -6.10 41.18 -26.22
CA GLU E 579 -6.49 42.25 -27.12
C GLU E 579 -6.58 41.72 -28.54
N ILE E 580 -5.64 40.84 -28.91
CA ILE E 580 -5.69 40.25 -30.25
C ILE E 580 -6.90 39.35 -30.39
N ALA E 581 -7.30 38.67 -29.32
CA ALA E 581 -8.43 37.74 -29.43
C ALA E 581 -9.73 38.49 -29.68
N LEU E 582 -9.97 39.56 -28.94
CA LEU E 582 -11.28 40.24 -29.00
C LEU E 582 -11.54 40.86 -30.37
N LYS E 583 -10.53 41.42 -31.01
CA LYS E 583 -10.69 42.11 -32.30
C LYS E 583 -10.88 41.16 -33.49
N SER E 584 -10.70 39.86 -33.31
CA SER E 584 -10.74 38.94 -34.45
C SER E 584 -12.17 38.63 -34.88
N GLY E 585 -13.09 38.44 -33.94
CA GLY E 585 -14.46 38.13 -34.27
C GLY E 585 -14.76 36.67 -34.53
N PHE E 586 -13.86 35.75 -34.16
CA PHE E 586 -14.12 34.34 -34.34
C PHE E 586 -15.26 33.89 -33.43
N PRO E 587 -16.02 32.85 -33.83
CA PRO E 587 -17.14 32.42 -32.98
C PRO E 587 -16.73 31.74 -31.68
N PHE E 588 -15.63 30.99 -31.67
CA PHE E 588 -15.25 30.16 -30.53
C PHE E 588 -13.97 30.73 -29.91
N ILE E 589 -14.00 31.00 -28.61
CA ILE E 589 -12.82 31.47 -27.90
C ILE E 589 -12.83 30.93 -26.48
N ARG E 590 -11.65 30.52 -26.00
CA ARG E 590 -11.51 30.03 -24.64
C ARG E 590 -10.06 30.24 -24.19
N LEU E 591 -9.85 30.11 -22.87
CA LEU E 591 -8.51 30.22 -22.31
C LEU E 591 -8.30 29.24 -21.17
N ILE E 592 -7.13 28.61 -21.15
CA ILE E 592 -6.70 27.73 -20.08
C ILE E 592 -5.63 28.45 -19.25
N SER E 593 -5.95 28.71 -17.99
CA SER E 593 -5.07 29.44 -17.08
C SER E 593 -5.12 28.80 -15.69
N PRO E 594 -4.18 29.15 -14.81
CA PRO E 594 -4.15 28.51 -13.48
C PRO E 594 -5.43 28.66 -12.67
N ASN E 595 -6.14 29.77 -12.82
CA ASN E 595 -7.32 30.02 -11.99
C ASN E 595 -8.35 28.91 -12.12
N GLU E 596 -8.43 28.29 -13.30
CA GLU E 596 -9.43 27.25 -13.54
C GLU E 596 -9.09 25.96 -12.82
N LEU E 597 -7.80 25.66 -12.64
CA LEU E 597 -7.35 24.36 -12.17
C LEU E 597 -7.10 24.30 -10.67
N SER E 598 -7.32 25.40 -9.95
CA SER E 598 -6.98 25.42 -8.53
C SER E 598 -7.83 24.41 -7.75
N GLY E 599 -7.17 23.65 -6.88
CA GLY E 599 -7.86 22.72 -6.00
C GLY E 599 -8.15 21.35 -6.59
N MET E 600 -7.68 21.08 -7.81
CA MET E 600 -7.91 19.79 -8.44
C MET E 600 -6.75 18.83 -8.20
N SER E 601 -7.04 17.54 -8.30
CA SER E 601 -6.02 16.52 -8.29
C SER E 601 -5.39 16.46 -9.68
N GLU E 602 -4.30 15.69 -9.80
CA GLU E 602 -3.56 15.61 -11.06
C GLU E 602 -4.41 15.02 -12.19
N SER E 603 -5.08 13.91 -11.91
CA SER E 603 -5.92 13.27 -12.93
C SER E 603 -7.03 14.20 -13.39
N ALA E 604 -7.63 14.95 -12.46
CA ALA E 604 -8.67 15.89 -12.84
C ALA E 604 -8.14 16.94 -13.81
N LYS E 605 -6.92 17.43 -13.56
CA LYS E 605 -6.32 18.43 -14.43
C LYS E 605 -6.17 17.89 -15.84
N ILE E 606 -5.65 16.65 -15.94
CA ILE E 606 -5.43 16.08 -17.26
C ILE E 606 -6.76 15.95 -18.00
N ALA E 607 -7.79 15.45 -17.30
CA ALA E 607 -9.10 15.28 -17.92
C ALA E 607 -9.64 16.61 -18.44
N TYR E 608 -9.48 17.68 -17.66
CA TYR E 608 -10.02 18.98 -18.04
C TYR E 608 -9.37 19.51 -19.30
N ILE E 609 -8.04 19.42 -19.37
CA ILE E 609 -7.35 19.91 -20.56
C ILE E 609 -7.81 19.14 -21.79
N ASP E 610 -7.89 17.80 -21.67
CA ASP E 610 -8.26 17.00 -22.82
C ASP E 610 -9.66 17.32 -23.30
N ASN E 611 -10.59 17.55 -22.36
CA ASN E 611 -11.95 17.85 -22.76
C ASN E 611 -12.03 19.19 -23.50
N THR E 612 -11.25 20.18 -23.05
CA THR E 612 -11.23 21.44 -23.77
C THR E 612 -10.78 21.24 -25.21
N PHE E 613 -9.73 20.43 -25.42
CA PHE E 613 -9.27 20.25 -26.80
C PHE E 613 -10.30 19.51 -27.65
N ARG E 614 -11.01 18.53 -27.08
CA ARG E 614 -12.10 17.92 -27.85
C ARG E 614 -13.16 18.94 -28.22
N ASP E 615 -13.52 19.84 -27.30
CA ASP E 615 -14.59 20.78 -27.62
C ASP E 615 -14.16 21.74 -28.72
N ALA E 616 -12.85 22.01 -28.86
CA ALA E 616 -12.42 22.96 -29.89
C ALA E 616 -12.53 22.41 -31.31
N TYR E 617 -12.68 21.09 -31.51
CA TYR E 617 -12.66 20.46 -32.82
C TYR E 617 -14.04 20.31 -33.45
N LYS E 618 -15.02 21.15 -33.10
CA LYS E 618 -16.37 21.01 -33.65
C LYS E 618 -16.93 22.34 -34.15
N SER E 619 -16.08 23.31 -34.46
CA SER E 619 -16.51 24.56 -35.07
C SER E 619 -15.63 24.89 -36.26
N PRO E 620 -16.17 25.64 -37.23
CA PRO E 620 -15.33 26.04 -38.38
C PRO E 620 -14.11 26.87 -38.01
N LEU E 621 -14.21 27.73 -37.01
CA LEU E 621 -13.09 28.56 -36.56
C LEU E 621 -12.96 28.47 -35.05
N ASN E 622 -11.72 28.57 -34.56
CA ASN E 622 -11.42 28.44 -33.14
C ASN E 622 -10.18 29.23 -32.78
N ILE E 623 -10.17 29.79 -31.57
CA ILE E 623 -8.97 30.34 -30.95
C ILE E 623 -8.85 29.80 -29.53
N LEU E 624 -7.62 29.49 -29.12
CA LEU E 624 -7.33 29.07 -27.75
C LEU E 624 -6.16 29.89 -27.21
N VAL E 625 -6.27 30.26 -25.94
CA VAL E 625 -5.21 31.00 -25.25
C VAL E 625 -4.75 30.19 -24.05
N ILE E 626 -3.44 29.99 -23.93
CA ILE E 626 -2.84 29.25 -22.82
C ILE E 626 -1.90 30.20 -22.07
N ASP E 627 -2.15 30.35 -20.77
CA ASP E 627 -1.47 31.39 -20.00
C ASP E 627 -0.58 30.79 -18.93
N SER E 628 0.63 31.33 -18.83
CA SER E 628 1.58 30.99 -17.76
C SER E 628 1.89 29.49 -17.77
N LEU E 629 2.57 29.07 -18.84
CA LEU E 629 2.78 27.64 -19.05
C LEU E 629 3.57 27.03 -17.91
N GLU E 630 4.60 27.73 -17.43
CA GLU E 630 5.45 27.16 -16.39
C GLU E 630 4.73 27.01 -15.06
N THR E 631 3.60 27.69 -14.86
CA THR E 631 2.83 27.50 -13.63
C THR E 631 1.93 26.28 -13.72
N LEU E 632 1.38 26.00 -14.91
CA LEU E 632 0.52 24.83 -15.04
C LEU E 632 1.27 23.53 -14.76
N VAL E 633 2.61 23.55 -14.84
CA VAL E 633 3.40 22.35 -14.64
C VAL E 633 4.00 22.28 -13.24
N ASP E 634 3.80 23.31 -12.40
CA ASP E 634 4.19 23.29 -11.00
C ASP E 634 5.71 23.34 -10.83
N TRP E 635 6.33 24.33 -11.47
CA TRP E 635 7.79 24.44 -11.47
C TRP E 635 8.29 25.22 -10.25
N VAL E 636 9.25 24.63 -9.53
CA VAL E 636 9.93 25.27 -8.41
C VAL E 636 11.41 24.94 -8.48
N PRO E 637 12.30 25.92 -8.62
CA PRO E 637 13.69 25.63 -9.01
C PRO E 637 14.59 25.10 -7.90
N ILE E 638 14.09 24.90 -6.67
CA ILE E 638 14.96 24.40 -5.61
C ILE E 638 15.33 22.94 -5.86
N GLY E 639 14.36 22.12 -6.27
CA GLY E 639 14.58 20.71 -6.43
C GLY E 639 15.57 20.38 -7.52
N PRO E 640 15.17 20.59 -8.78
CA PRO E 640 13.88 21.13 -9.23
C PRO E 640 12.77 20.08 -9.20
N ARG E 641 11.51 20.53 -9.13
CA ARG E 641 10.36 19.64 -9.14
C ARG E 641 9.37 20.09 -10.20
N PHE E 642 8.72 19.13 -10.85
CA PHE E 642 7.67 19.44 -11.82
C PHE E 642 6.96 18.14 -12.19
N SER E 643 5.71 18.27 -12.63
CA SER E 643 4.89 17.13 -13.00
C SER E 643 5.11 16.80 -14.47
N ASN E 644 5.54 15.57 -14.74
CA ASN E 644 5.92 15.18 -16.10
C ASN E 644 4.72 14.81 -16.97
N ASN E 645 3.65 14.29 -16.36
CA ASN E 645 2.49 13.83 -17.12
C ASN E 645 1.80 14.98 -17.85
N ILE E 646 1.59 16.09 -17.14
CA ILE E 646 0.94 17.24 -17.75
C ILE E 646 1.80 17.76 -18.88
N LEU E 647 3.12 17.74 -18.68
CA LEU E 647 4.02 18.25 -19.71
C LEU E 647 3.90 17.42 -20.98
N GLN E 648 3.81 16.09 -20.84
CA GLN E 648 3.64 15.25 -22.02
C GLN E 648 2.31 15.51 -22.71
N MET E 649 1.23 15.62 -21.92
CA MET E 649 -0.07 15.91 -22.52
C MET E 649 0.00 17.19 -23.35
N LEU E 650 0.53 18.27 -22.76
CA LEU E 650 0.59 19.53 -23.49
C LEU E 650 1.49 19.41 -24.71
N LYS E 651 2.61 18.70 -24.58
CA LYS E 651 3.55 18.60 -25.70
C LYS E 651 2.91 17.91 -26.89
N VAL E 652 2.09 16.89 -26.64
CA VAL E 652 1.38 16.22 -27.74
C VAL E 652 0.31 17.12 -28.32
N ALA E 653 -0.49 17.76 -27.46
CA ALA E 653 -1.67 18.47 -27.95
C ALA E 653 -1.36 19.69 -28.81
N LEU E 654 -0.17 20.28 -28.67
CA LEU E 654 0.19 21.49 -29.42
C LEU E 654 0.58 21.23 -30.87
N LYS E 655 0.60 19.97 -31.33
CA LYS E 655 0.88 19.66 -32.72
C LYS E 655 -0.29 19.04 -33.46
N ARG E 656 -1.18 18.35 -32.76
CA ARG E 656 -2.27 17.65 -33.41
C ARG E 656 -3.15 18.62 -34.19
N LYS E 657 -3.60 18.20 -35.38
CA LYS E 657 -4.35 19.06 -36.28
C LYS E 657 -5.83 18.67 -36.30
N PRO E 658 -6.73 19.64 -36.44
CA PRO E 658 -8.16 19.33 -36.34
C PRO E 658 -8.63 18.55 -37.54
N PRO E 659 -9.74 17.82 -37.42
CA PRO E 659 -10.22 16.98 -38.52
C PRO E 659 -11.11 17.72 -39.52
N GLN E 660 -11.20 17.14 -40.72
CA GLN E 660 -12.26 17.46 -41.67
C GLN E 660 -12.29 18.94 -42.04
N ASP E 661 -11.12 19.48 -42.38
CA ASP E 661 -11.02 20.84 -42.92
C ASP E 661 -11.60 21.84 -41.90
N ARG E 662 -11.05 21.80 -40.69
CA ARG E 662 -11.27 22.83 -39.70
C ARG E 662 -9.93 23.48 -39.37
N ARG E 663 -9.98 24.55 -38.58
CA ARG E 663 -8.76 25.29 -38.28
C ARG E 663 -8.87 26.05 -36.97
N LEU E 664 -7.73 26.17 -36.29
CA LEU E 664 -7.67 26.82 -34.99
C LEU E 664 -6.32 27.50 -34.83
N LEU E 665 -6.29 28.49 -33.93
CA LEU E 665 -5.10 29.27 -33.63
C LEU E 665 -4.85 29.22 -32.12
N ILE E 666 -3.59 29.05 -31.74
CA ILE E 666 -3.19 28.90 -30.35
C ILE E 666 -2.19 29.99 -30.02
N MET E 667 -2.43 30.72 -28.93
CA MET E 667 -1.46 31.67 -28.39
C MET E 667 -1.11 31.26 -26.97
N THR E 668 0.19 31.25 -26.64
CA THR E 668 0.67 30.89 -25.32
C THR E 668 1.67 31.91 -24.80
N THR E 669 1.73 32.05 -23.47
CA THR E 669 2.54 33.09 -22.84
C THR E 669 3.39 32.50 -21.71
N THR E 670 4.62 33.00 -21.56
CA THR E 670 5.55 32.50 -20.55
C THR E 670 6.59 33.55 -20.18
N SER E 671 7.09 33.44 -18.95
CA SER E 671 8.12 34.32 -18.41
C SER E 671 9.44 33.60 -18.14
N ALA E 672 9.55 32.32 -18.49
CA ALA E 672 10.70 31.50 -18.12
C ALA E 672 11.36 30.86 -19.34
N TYR E 673 11.70 31.67 -20.33
CA TYR E 673 12.14 31.16 -21.63
C TYR E 673 13.25 30.12 -21.48
N SER E 674 14.20 30.37 -20.58
CA SER E 674 15.32 29.45 -20.42
C SER E 674 14.85 28.08 -19.95
N VAL E 675 13.82 28.05 -19.09
CA VAL E 675 13.34 26.77 -18.58
C VAL E 675 12.77 25.95 -19.73
N LEU E 676 11.97 26.58 -20.58
CA LEU E 676 11.42 25.85 -21.71
C LEU E 676 12.55 25.36 -22.60
N GLN E 677 13.57 26.21 -22.83
CA GLN E 677 14.70 25.78 -23.62
C GLN E 677 15.31 24.51 -23.02
N GLN E 678 15.43 24.48 -21.69
CA GLN E 678 16.07 23.36 -21.01
C GLN E 678 15.21 22.11 -20.99
N MET E 679 13.89 22.23 -21.15
CA MET E 679 13.06 21.04 -21.29
C MET E 679 12.88 20.56 -22.74
N ASP E 680 13.30 21.36 -23.72
CA ASP E 680 13.36 20.98 -25.14
C ASP E 680 11.98 20.81 -25.77
N ILE E 681 11.07 21.73 -25.48
CA ILE E 681 9.76 21.76 -26.12
C ILE E 681 9.62 23.04 -26.93
N LEU E 682 10.74 23.57 -27.43
CA LEU E 682 10.70 24.76 -28.26
C LEU E 682 10.45 24.45 -29.73
N SER E 683 10.29 23.19 -30.11
CA SER E 683 9.99 22.80 -31.48
C SER E 683 8.51 22.82 -31.81
N CYS E 684 7.64 23.04 -30.82
CA CYS E 684 6.21 23.06 -31.07
C CYS E 684 5.71 24.37 -31.65
N PHE E 685 6.48 25.45 -31.51
CA PHE E 685 6.02 26.78 -31.87
C PHE E 685 6.53 27.19 -33.25
N ASP E 686 5.69 27.95 -33.97
CA ASP E 686 6.01 28.37 -35.32
C ASP E 686 6.66 29.74 -35.35
N ASN E 687 6.40 30.58 -34.35
CA ASN E 687 7.02 31.88 -34.29
C ASN E 687 7.04 32.36 -32.84
N GLU E 688 7.94 33.29 -32.58
CA GLU E 688 8.19 33.80 -31.25
C GLU E 688 8.19 35.32 -31.30
N ILE E 689 7.57 35.95 -30.30
CA ILE E 689 7.49 37.40 -30.20
C ILE E 689 8.06 37.81 -28.85
N ALA E 690 8.77 38.93 -28.82
CA ALA E 690 9.43 39.43 -27.61
C ALA E 690 8.78 40.73 -27.17
N VAL E 691 8.48 40.84 -25.89
CA VAL E 691 7.88 42.04 -25.32
C VAL E 691 8.89 42.70 -24.38
N PRO E 692 9.46 43.87 -24.74
CA PRO E 692 10.51 44.47 -23.90
C PRO E 692 10.00 45.52 -22.91
N ASN E 693 10.83 45.85 -21.92
CA ASN E 693 10.51 46.86 -20.92
C ASN E 693 10.73 48.28 -21.48
N MET E 694 10.26 49.27 -20.70
CA MET E 694 10.53 50.66 -21.01
C MET E 694 11.97 51.03 -20.69
N THR E 695 12.58 51.86 -21.54
CA THR E 695 13.98 52.26 -21.33
C THR E 695 14.27 53.72 -21.66
N ASN E 696 13.26 54.53 -22.02
CA ASN E 696 13.49 55.94 -22.32
C ASN E 696 12.43 56.79 -21.63
N LEU E 697 12.79 58.07 -21.39
CA LEU E 697 11.89 58.99 -20.69
C LEU E 697 10.73 59.50 -21.56
N ASP E 698 10.89 59.47 -22.88
CA ASP E 698 9.79 59.87 -23.77
C ASP E 698 8.59 58.96 -23.60
N GLU E 699 8.83 57.66 -23.41
CA GLU E 699 7.74 56.74 -23.19
C GLU E 699 6.99 57.11 -21.92
N LEU E 700 7.73 57.46 -20.86
CA LEU E 700 7.08 57.84 -19.62
C LEU E 700 6.24 59.09 -19.81
N ASN E 701 6.73 60.03 -20.63
CA ASN E 701 5.92 61.22 -20.90
C ASN E 701 4.61 60.85 -21.57
N ASN E 702 4.68 59.95 -22.56
CA ASN E 702 3.45 59.52 -23.23
C ASN E 702 2.50 58.88 -22.23
N VAL E 703 3.02 58.00 -21.38
CA VAL E 703 2.17 57.27 -20.44
C VAL E 703 1.47 58.26 -19.51
N MET E 704 2.22 59.24 -19.01
CA MET E 704 1.60 60.23 -18.15
C MET E 704 0.51 60.99 -18.88
N ILE E 705 0.78 61.43 -20.12
CA ILE E 705 -0.21 62.25 -20.82
C ILE E 705 -1.50 61.48 -21.01
N GLU E 706 -1.42 60.19 -21.31
CA GLU E 706 -2.64 59.45 -21.63
C GLU E 706 -3.57 59.24 -20.44
N SER E 707 -3.06 59.28 -19.20
CA SER E 707 -3.85 58.95 -18.03
C SER E 707 -4.30 60.17 -17.22
N ASN E 708 -4.05 61.39 -17.69
CA ASN E 708 -4.50 62.60 -17.01
C ASN E 708 -3.93 62.66 -15.59
N PHE E 709 -2.60 62.64 -15.51
CA PHE E 709 -1.94 62.66 -14.21
C PHE E 709 -2.08 64.02 -13.55
N LEU E 710 -1.67 65.08 -14.23
CA LEU E 710 -1.85 66.44 -13.74
C LEU E 710 -1.48 67.41 -14.85
N ASP E 711 -1.67 68.69 -14.59
CA ASP E 711 -1.48 69.72 -15.60
C ASP E 711 -0.03 69.72 -16.09
N ASP E 712 0.17 70.28 -17.28
CA ASP E 712 1.44 70.14 -17.99
C ASP E 712 2.60 70.70 -17.18
N ALA E 713 2.37 71.78 -16.44
CA ALA E 713 3.44 72.46 -15.73
C ALA E 713 4.20 71.51 -14.80
N GLY E 714 3.50 70.62 -14.12
CA GLY E 714 4.16 69.67 -13.24
C GLY E 714 4.82 68.56 -14.02
N ARG E 715 4.14 68.12 -15.08
CA ARG E 715 4.68 67.04 -15.89
C ARG E 715 6.08 67.40 -16.35
N VAL E 716 6.31 68.68 -16.66
CA VAL E 716 7.66 69.08 -17.10
C VAL E 716 8.65 68.85 -15.97
N LYS E 717 8.23 69.15 -14.73
CA LYS E 717 9.15 69.10 -13.59
C LYS E 717 9.58 67.68 -13.30
N VAL E 718 8.65 66.72 -13.42
CA VAL E 718 9.02 65.33 -13.14
C VAL E 718 10.13 64.88 -14.07
N ILE E 719 9.98 65.19 -15.37
CA ILE E 719 10.98 64.79 -16.35
C ILE E 719 12.30 65.47 -16.04
N ASN E 720 12.27 66.76 -15.69
CA ASN E 720 13.51 67.45 -15.38
C ASN E 720 14.22 66.81 -14.20
N GLU E 721 13.49 66.47 -13.14
CA GLU E 721 14.14 65.90 -11.96
C GLU E 721 14.78 64.56 -12.29
N LEU E 722 14.02 63.66 -12.92
CA LEU E 722 14.59 62.36 -13.27
C LEU E 722 15.70 62.46 -14.33
N SER E 723 15.78 63.57 -15.08
CA SER E 723 16.79 63.69 -16.13
C SER E 723 18.18 63.42 -15.60
N ARG E 724 18.48 63.87 -14.38
CA ARG E 724 19.79 63.65 -13.77
C ARG E 724 19.71 62.91 -12.44
N SER E 725 18.52 62.62 -11.93
CA SER E 725 18.47 61.73 -10.77
C SER E 725 18.78 60.28 -11.19
N CYS E 726 18.17 59.82 -12.27
CA CYS E 726 18.35 58.46 -12.76
C CYS E 726 17.99 58.40 -14.24
N PRO E 727 18.96 58.54 -15.14
CA PRO E 727 18.62 58.63 -16.57
C PRO E 727 18.38 57.29 -17.26
N ASN E 728 18.72 56.16 -16.62
CA ASN E 728 18.78 54.89 -17.33
C ASN E 728 17.83 53.85 -16.72
N PHE E 729 16.59 54.24 -16.45
CA PHE E 729 15.74 53.37 -15.64
C PHE E 729 15.21 52.22 -16.49
N ASN E 730 14.61 51.24 -15.83
CA ASN E 730 14.20 50.01 -16.49
C ASN E 730 13.05 49.43 -15.65
N VAL E 731 11.82 49.61 -16.14
CA VAL E 731 10.64 49.18 -15.41
C VAL E 731 9.54 48.79 -16.40
N GLY E 732 8.73 47.82 -16.01
CA GLY E 732 7.62 47.37 -16.83
C GLY E 732 6.43 48.30 -16.73
N ILE E 733 5.46 48.06 -17.60
CA ILE E 733 4.30 48.95 -17.70
C ILE E 733 3.40 48.81 -16.47
N LYS E 734 3.21 47.58 -15.99
CA LYS E 734 2.30 47.34 -14.88
C LYS E 734 2.70 48.17 -13.66
N LYS E 735 3.99 48.17 -13.34
CA LYS E 735 4.46 48.88 -12.16
C LYS E 735 4.33 50.38 -12.39
N THR E 736 4.61 50.83 -13.61
CA THR E 736 4.48 52.25 -13.88
C THR E 736 3.05 52.69 -13.68
N LEU E 737 2.08 51.80 -14.00
CA LEU E 737 0.69 52.19 -13.91
C LEU E 737 0.13 51.96 -12.53
N THR E 738 0.90 51.33 -11.64
CA THR E 738 0.50 51.21 -10.24
C THR E 738 1.22 52.23 -9.36
N ASN E 739 2.20 52.95 -9.92
CA ASN E 739 2.88 54.02 -9.18
C ASN E 739 2.22 55.39 -9.36
N ILE E 740 1.72 55.69 -10.55
CA ILE E 740 0.93 56.90 -10.77
C ILE E 740 -0.34 56.89 -9.91
N GLU E 741 -1.05 55.76 -9.88
CA GLU E 741 -2.30 55.70 -9.13
C GLU E 741 -2.08 55.99 -7.65
N THR E 742 -1.01 55.43 -7.06
CA THR E 742 -0.74 55.71 -5.65
C THR E 742 -0.24 57.14 -5.46
N ALA E 743 0.52 57.68 -6.42
CA ALA E 743 1.01 59.05 -6.26
C ALA E 743 -0.14 60.05 -6.30
N ARG E 744 -1.17 59.79 -7.10
CA ARG E 744 -2.24 60.75 -7.28
C ARG E 744 -2.91 61.11 -5.97
N HIS E 745 -3.15 60.13 -5.11
CA HIS E 745 -3.85 60.33 -3.84
C HIS E 745 -2.89 60.65 -2.70
N ASP E 746 -1.96 61.58 -2.93
CA ASP E 746 -0.98 61.94 -1.93
C ASP E 746 -0.89 63.45 -1.82
N GLU E 747 -0.31 63.91 -0.71
CA GLU E 747 -0.17 65.34 -0.47
C GLU E 747 0.69 65.99 -1.55
N ASP E 748 1.96 65.57 -1.64
CA ASP E 748 2.92 66.08 -2.61
C ASP E 748 3.03 65.07 -3.74
N PRO E 749 2.36 65.28 -4.89
CA PRO E 749 2.39 64.26 -5.93
C PRO E 749 3.66 64.22 -6.76
N VAL E 750 4.50 65.25 -6.71
CA VAL E 750 5.66 65.32 -7.59
C VAL E 750 6.91 64.68 -6.96
N ASN E 751 7.02 64.67 -5.63
CA ASN E 751 8.17 64.06 -4.96
C ASN E 751 7.99 62.59 -4.65
N GLU E 752 6.74 62.14 -4.56
CA GLU E 752 6.45 60.75 -4.22
C GLU E 752 6.68 59.86 -5.44
N LEU E 753 6.31 60.36 -6.61
CA LEU E 753 6.48 59.56 -7.81
C LEU E 753 7.96 59.44 -8.11
N VAL E 754 8.72 60.52 -7.91
CA VAL E 754 10.15 60.46 -8.16
C VAL E 754 10.79 59.42 -7.25
N GLU E 755 10.41 59.42 -5.97
CA GLU E 755 11.03 58.47 -5.05
C GLU E 755 10.68 57.03 -5.44
N LEU E 756 9.39 56.77 -5.69
CA LEU E 756 8.96 55.43 -6.07
C LEU E 756 9.69 54.97 -7.33
N MET E 757 9.75 55.85 -8.34
CA MET E 757 10.28 55.46 -9.63
C MET E 757 11.77 55.17 -9.54
N THR E 758 12.51 56.00 -8.80
CA THR E 758 13.94 55.75 -8.65
C THR E 758 14.17 54.45 -7.89
N GLN E 759 13.33 54.16 -6.89
CA GLN E 759 13.43 52.86 -6.24
C GLN E 759 13.23 51.70 -7.21
N SER E 760 12.24 51.80 -8.08
CA SER E 760 11.98 50.70 -9.02
C SER E 760 13.15 50.46 -9.97
N ALA E 761 13.77 51.51 -10.48
CA ALA E 761 14.90 51.35 -11.40
C ALA E 761 16.04 50.55 -10.79
N LEU F 242 -21.14 -28.27 -51.33
CA LEU F 242 -21.47 -28.41 -49.92
C LEU F 242 -21.72 -27.03 -49.31
N GLY F 243 -20.93 -26.04 -49.72
CA GLY F 243 -21.20 -24.67 -49.33
C GLY F 243 -19.98 -23.84 -48.90
N VAL F 244 -18.78 -24.41 -48.97
CA VAL F 244 -17.58 -23.74 -48.48
C VAL F 244 -16.58 -23.66 -49.62
N GLY F 245 -15.95 -22.51 -49.77
CA GLY F 245 -14.97 -22.29 -50.81
C GLY F 245 -13.62 -21.82 -50.33
N GLY F 246 -12.55 -22.47 -50.80
CA GLY F 246 -11.20 -22.05 -50.50
C GLY F 246 -10.45 -22.89 -49.48
N LEU F 247 -11.09 -23.88 -48.87
CA LEU F 247 -10.55 -24.63 -47.74
C LEU F 247 -10.47 -26.14 -48.02
N ASP F 248 -10.05 -26.52 -49.23
CA ASP F 248 -10.04 -27.93 -49.60
C ASP F 248 -9.09 -28.77 -48.74
N LYS F 249 -7.83 -28.31 -48.59
CA LYS F 249 -6.82 -29.10 -47.88
C LYS F 249 -7.22 -29.29 -46.42
N GLU F 250 -7.64 -28.21 -45.77
CA GLU F 250 -7.99 -28.32 -44.36
C GLU F 250 -9.18 -29.23 -44.19
N PHE F 251 -10.13 -29.17 -45.13
CA PHE F 251 -11.30 -30.03 -45.03
C PHE F 251 -10.89 -31.49 -45.09
N THR F 252 -9.97 -31.84 -46.00
CA THR F 252 -9.50 -33.21 -46.07
C THR F 252 -8.87 -33.63 -44.75
N LYS F 253 -8.01 -32.76 -44.20
CA LYS F 253 -7.32 -33.12 -42.96
C LYS F 253 -8.27 -33.29 -41.80
N ILE F 254 -9.32 -32.45 -41.72
CA ILE F 254 -10.28 -32.57 -40.64
C ILE F 254 -11.06 -33.87 -40.78
N PHE F 255 -11.57 -34.14 -41.99
CA PHE F 255 -12.43 -35.30 -42.18
C PHE F 255 -11.68 -36.60 -41.91
N ARG F 256 -10.45 -36.70 -42.37
CA ARG F 256 -9.68 -37.94 -42.15
C ARG F 256 -9.59 -38.32 -40.68
N ARG F 257 -9.28 -37.34 -39.81
CA ARG F 257 -8.96 -37.67 -38.43
C ARG F 257 -10.14 -37.60 -37.47
N ALA F 258 -10.99 -36.57 -37.57
CA ALA F 258 -12.01 -36.38 -36.55
C ALA F 258 -13.27 -37.21 -36.79
N PHE F 259 -13.61 -37.53 -38.05
CA PHE F 259 -14.91 -38.10 -38.36
C PHE F 259 -14.85 -39.44 -39.07
N ALA F 260 -13.75 -39.78 -39.75
CA ALA F 260 -13.75 -40.94 -40.61
C ALA F 260 -14.10 -42.23 -39.87
N SER F 261 -13.69 -42.35 -38.60
CA SER F 261 -13.91 -43.58 -37.86
C SER F 261 -15.37 -43.80 -37.48
N ARG F 262 -16.21 -42.77 -37.56
CA ARG F 262 -17.60 -42.91 -37.13
C ARG F 262 -18.42 -43.67 -38.18
N ILE F 263 -18.02 -43.63 -39.44
CA ILE F 263 -18.84 -44.21 -40.50
C ILE F 263 -18.88 -45.73 -40.37
N PHE F 264 -17.75 -46.34 -40.02
CA PHE F 264 -17.65 -47.79 -40.07
C PHE F 264 -18.55 -48.44 -39.01
N PRO F 265 -18.91 -49.71 -39.20
CA PRO F 265 -19.72 -50.38 -38.21
C PRO F 265 -18.96 -50.52 -36.91
N PRO F 266 -19.67 -50.55 -35.78
CA PRO F 266 -18.96 -50.68 -34.49
C PRO F 266 -18.09 -51.92 -34.43
N SER F 267 -18.48 -52.98 -35.14
CA SER F 267 -17.73 -54.23 -35.08
C SER F 267 -16.27 -54.02 -35.50
N VAL F 268 -16.04 -53.38 -36.65
CA VAL F 268 -14.69 -53.29 -37.18
C VAL F 268 -13.82 -52.42 -36.28
N ILE F 269 -14.38 -51.33 -35.74
CA ILE F 269 -13.57 -50.47 -34.88
C ILE F 269 -13.24 -51.21 -33.59
N GLU F 270 -14.19 -51.98 -33.05
CA GLU F 270 -13.88 -52.85 -31.93
C GLU F 270 -12.79 -53.85 -32.33
N LYS F 271 -12.80 -54.25 -33.60
CA LYS F 271 -11.99 -55.35 -34.09
C LYS F 271 -10.54 -54.95 -34.30
N LEU F 272 -10.28 -53.66 -34.57
CA LEU F 272 -8.89 -53.20 -34.63
C LEU F 272 -8.31 -52.92 -33.25
N GLY F 273 -9.13 -52.45 -32.32
CA GLY F 273 -8.65 -52.15 -30.98
C GLY F 273 -8.25 -50.71 -30.76
N ILE F 274 -8.98 -49.78 -31.36
CA ILE F 274 -8.67 -48.35 -31.22
C ILE F 274 -9.87 -47.63 -30.62
N SER F 275 -9.72 -46.33 -30.37
CA SER F 275 -10.77 -45.53 -29.77
C SER F 275 -10.89 -44.21 -30.51
N HIS F 276 -12.10 -43.66 -30.51
CA HIS F 276 -12.36 -42.44 -31.26
C HIS F 276 -11.72 -41.23 -30.59
N VAL F 277 -11.43 -40.21 -31.41
CA VAL F 277 -10.94 -38.93 -30.92
C VAL F 277 -12.11 -38.12 -30.37
N LYS F 278 -11.88 -37.39 -29.29
CA LYS F 278 -12.95 -36.67 -28.60
C LYS F 278 -12.71 -35.16 -28.50
N GLY F 279 -11.73 -34.62 -29.22
CA GLY F 279 -11.50 -33.18 -29.19
C GLY F 279 -10.88 -32.68 -30.48
N LEU F 280 -11.19 -31.43 -30.82
CA LEU F 280 -10.70 -30.80 -32.03
C LEU F 280 -10.69 -29.30 -31.81
N LEU F 281 -9.57 -28.65 -32.12
CA LEU F 281 -9.41 -27.21 -31.92
C LEU F 281 -9.10 -26.52 -33.24
N LEU F 282 -9.89 -25.49 -33.56
CA LEU F 282 -9.72 -24.69 -34.76
C LEU F 282 -9.38 -23.27 -34.35
N TYR F 283 -8.37 -22.69 -34.97
CA TYR F 283 -7.94 -21.34 -34.64
C TYR F 283 -7.58 -20.56 -35.90
N GLY F 284 -7.81 -19.24 -35.85
CA GLY F 284 -7.56 -18.35 -36.95
C GLY F 284 -8.35 -17.07 -36.80
N PRO F 285 -8.07 -16.09 -37.66
CA PRO F 285 -8.66 -14.75 -37.47
C PRO F 285 -10.17 -14.77 -37.57
N PRO F 286 -10.84 -13.72 -37.11
CA PRO F 286 -12.31 -13.73 -37.08
C PRO F 286 -12.91 -13.48 -38.46
N GLY F 287 -14.13 -13.96 -38.61
CA GLY F 287 -14.86 -13.81 -39.86
C GLY F 287 -14.33 -14.65 -41.01
N THR F 288 -13.68 -15.78 -40.73
CA THR F 288 -12.98 -16.54 -41.76
C THR F 288 -13.63 -17.88 -42.12
N GLY F 289 -14.56 -18.41 -41.31
CA GLY F 289 -15.29 -19.59 -41.72
C GLY F 289 -15.20 -20.82 -40.83
N LYS F 290 -15.16 -20.62 -39.51
CA LYS F 290 -14.94 -21.71 -38.57
C LYS F 290 -16.26 -22.40 -38.19
N THR F 291 -17.23 -21.62 -37.72
CA THR F 291 -18.53 -22.17 -37.36
C THR F 291 -19.20 -22.78 -38.58
N LEU F 292 -18.94 -22.23 -39.77
CA LEU F 292 -19.52 -22.78 -40.97
C LEU F 292 -19.08 -24.22 -41.17
N ILE F 293 -17.78 -24.47 -41.01
CA ILE F 293 -17.27 -25.83 -41.15
C ILE F 293 -17.93 -26.72 -40.10
N ALA F 294 -17.98 -26.22 -38.85
CA ALA F 294 -18.55 -27.04 -37.79
C ALA F 294 -19.98 -27.44 -38.12
N ARG F 295 -20.78 -26.51 -38.63
CA ARG F 295 -22.17 -26.82 -38.93
C ARG F 295 -22.30 -27.73 -40.14
N LYS F 296 -21.63 -27.40 -41.25
CA LYS F 296 -21.80 -28.16 -42.48
C LYS F 296 -21.31 -29.59 -42.35
N ILE F 297 -20.24 -29.83 -41.58
CA ILE F 297 -19.71 -31.19 -41.54
C ILE F 297 -20.67 -32.14 -40.82
N GLY F 298 -21.43 -31.63 -39.85
CA GLY F 298 -22.37 -32.47 -39.13
C GLY F 298 -23.52 -32.98 -39.97
N THR F 299 -23.87 -32.25 -41.03
CA THR F 299 -25.00 -32.65 -41.87
C THR F 299 -24.68 -33.88 -42.71
N MET F 300 -23.41 -34.10 -43.04
CA MET F 300 -23.05 -35.31 -43.76
C MET F 300 -23.27 -36.55 -42.90
N LEU F 301 -22.97 -36.46 -41.60
CA LEU F 301 -23.23 -37.57 -40.70
C LEU F 301 -24.67 -37.61 -40.20
N ASN F 302 -25.44 -36.55 -40.44
CA ASN F 302 -26.84 -36.48 -40.01
C ASN F 302 -26.95 -36.66 -38.50
N ALA F 303 -25.99 -36.09 -37.78
CA ALA F 303 -26.08 -35.99 -36.33
C ALA F 303 -27.15 -34.98 -35.93
N LYS F 304 -27.40 -34.88 -34.64
CA LYS F 304 -28.36 -33.91 -34.13
C LYS F 304 -27.81 -32.49 -34.32
N GLU F 305 -28.73 -31.52 -34.28
CA GLU F 305 -28.32 -30.13 -34.42
C GLU F 305 -27.31 -29.77 -33.33
N PRO F 306 -26.15 -29.22 -33.68
CA PRO F 306 -25.10 -29.02 -32.67
C PRO F 306 -25.52 -27.98 -31.65
N LYS F 307 -25.34 -28.31 -30.37
CA LYS F 307 -25.63 -27.37 -29.29
C LYS F 307 -24.44 -26.45 -29.08
N ILE F 308 -24.72 -25.17 -28.82
CA ILE F 308 -23.71 -24.12 -28.86
C ILE F 308 -23.74 -23.33 -27.55
N VAL F 309 -22.54 -23.02 -27.04
CA VAL F 309 -22.38 -22.30 -25.79
C VAL F 309 -21.28 -21.25 -25.99
N ASN F 310 -21.31 -20.22 -25.14
CA ASN F 310 -20.44 -19.06 -25.30
C ASN F 310 -19.68 -18.85 -24.00
N GLY F 311 -18.42 -18.42 -24.10
CA GLY F 311 -17.54 -18.27 -22.97
C GLY F 311 -17.99 -17.22 -21.97
N PRO F 312 -17.95 -15.95 -22.37
CA PRO F 312 -18.41 -14.89 -21.46
C PRO F 312 -19.83 -15.09 -20.97
N GLU F 313 -20.74 -15.62 -21.80
CA GLU F 313 -22.09 -15.90 -21.33
C GLU F 313 -22.04 -16.75 -20.07
N ILE F 314 -21.29 -17.86 -20.12
CA ILE F 314 -21.29 -18.80 -19.02
C ILE F 314 -20.48 -18.27 -17.84
N LEU F 315 -19.48 -17.43 -18.11
CA LEU F 315 -18.65 -16.90 -17.02
C LEU F 315 -19.33 -15.77 -16.26
N SER F 316 -20.16 -14.96 -16.93
CA SER F 316 -20.72 -13.78 -16.29
C SER F 316 -21.93 -14.09 -15.41
N LYS F 317 -22.65 -15.18 -15.69
CA LYS F 317 -23.76 -15.59 -14.85
C LYS F 317 -23.32 -15.75 -13.40
N TYR F 318 -24.31 -15.80 -12.50
CA TYR F 318 -24.04 -15.91 -11.08
C TYR F 318 -23.35 -17.25 -10.78
N VAL F 319 -22.66 -17.29 -9.65
CA VAL F 319 -21.77 -18.42 -9.35
C VAL F 319 -22.57 -19.72 -9.27
N GLY F 320 -23.70 -19.70 -8.55
CA GLY F 320 -24.45 -20.92 -8.35
C GLY F 320 -25.01 -21.46 -9.65
N SER F 321 -25.61 -20.59 -10.45
CA SER F 321 -26.15 -21.03 -11.74
C SER F 321 -25.04 -21.54 -12.64
N SER F 322 -23.86 -20.90 -12.59
CA SER F 322 -22.74 -21.38 -13.39
C SER F 322 -22.33 -22.79 -12.97
N GLU F 323 -22.29 -23.04 -11.66
CA GLU F 323 -21.91 -24.36 -11.18
C GLU F 323 -22.96 -25.41 -11.56
N GLU F 324 -24.24 -25.03 -11.53
CA GLU F 324 -25.31 -25.97 -11.86
C GLU F 324 -25.38 -26.24 -13.35
N ASN F 325 -25.18 -25.21 -14.18
CA ASN F 325 -25.60 -25.28 -15.58
C ASN F 325 -24.80 -26.32 -16.37
N ILE F 326 -23.48 -26.39 -16.18
CA ILE F 326 -22.63 -27.29 -16.94
C ILE F 326 -23.25 -28.68 -17.04
N ARG F 327 -24.00 -29.08 -16.00
CA ARG F 327 -24.55 -30.44 -15.98
C ARG F 327 -25.70 -30.61 -16.97
N ASN F 328 -26.53 -29.59 -17.16
CA ASN F 328 -27.67 -29.74 -18.07
C ASN F 328 -27.20 -29.81 -19.53
N LEU F 329 -25.99 -29.34 -19.82
CA LEU F 329 -25.52 -29.27 -21.19
C LEU F 329 -25.45 -30.65 -21.83
N PHE F 330 -25.01 -31.65 -21.07
CA PHE F 330 -24.82 -33.00 -21.56
C PHE F 330 -26.03 -33.91 -21.34
N LYS F 331 -27.14 -33.37 -20.81
CA LYS F 331 -28.26 -34.22 -20.39
C LYS F 331 -28.76 -35.10 -21.54
N ASP F 332 -29.07 -34.47 -22.68
CA ASP F 332 -29.59 -35.23 -23.81
C ASP F 332 -28.61 -36.30 -24.27
N ALA F 333 -27.32 -36.00 -24.18
CA ALA F 333 -26.32 -36.98 -24.56
C ALA F 333 -26.31 -38.15 -23.59
N GLU F 334 -26.45 -37.86 -22.29
CA GLU F 334 -26.46 -38.92 -21.29
C GLU F 334 -27.63 -39.87 -21.50
N ALA F 335 -28.81 -39.33 -21.78
CA ALA F 335 -30.01 -40.17 -21.86
C ALA F 335 -29.83 -41.27 -22.92
N GLU F 336 -29.49 -40.87 -24.14
CA GLU F 336 -29.46 -41.83 -25.24
C GLU F 336 -28.44 -42.93 -24.99
N TYR F 337 -27.41 -42.65 -24.18
CA TYR F 337 -26.37 -43.64 -24.01
C TYR F 337 -26.92 -44.84 -23.26
N ARG F 338 -27.51 -44.61 -22.08
CA ARG F 338 -28.21 -45.69 -21.41
C ARG F 338 -29.25 -46.31 -22.33
N ALA F 339 -29.89 -45.49 -23.16
CA ALA F 339 -30.99 -46.01 -23.99
C ALA F 339 -30.47 -47.08 -24.96
N LYS F 340 -29.41 -46.78 -25.72
CA LYS F 340 -29.05 -47.60 -26.88
C LYS F 340 -27.60 -48.07 -26.91
N GLY F 341 -26.80 -47.82 -25.88
CA GLY F 341 -25.46 -48.39 -25.82
C GLY F 341 -24.58 -47.90 -26.95
N GLU F 342 -23.80 -48.82 -27.51
CA GLU F 342 -22.80 -48.46 -28.51
C GLU F 342 -23.43 -47.87 -29.78
N GLU F 343 -24.71 -48.12 -30.03
CA GLU F 343 -25.35 -47.73 -31.28
C GLU F 343 -25.90 -46.32 -31.29
N SER F 344 -25.68 -45.54 -30.23
CA SER F 344 -26.22 -44.19 -30.17
C SER F 344 -25.64 -43.31 -31.26
N SER F 345 -26.39 -42.27 -31.65
CA SER F 345 -25.96 -41.34 -32.66
C SER F 345 -24.96 -40.34 -32.08
N LEU F 346 -24.22 -39.69 -32.98
CA LEU F 346 -23.17 -38.76 -32.56
C LEU F 346 -23.77 -37.42 -32.14
N HIS F 347 -23.17 -36.83 -31.10
CA HIS F 347 -23.61 -35.56 -30.54
C HIS F 347 -22.46 -34.57 -30.61
N ILE F 348 -22.77 -33.32 -30.92
CA ILE F 348 -21.77 -32.29 -31.16
C ILE F 348 -22.02 -31.13 -30.20
N ILE F 349 -20.95 -30.67 -29.56
CA ILE F 349 -21.00 -29.52 -28.65
C ILE F 349 -19.91 -28.56 -29.10
N ILE F 350 -20.30 -27.32 -29.38
CA ILE F 350 -19.38 -26.28 -29.83
C ILE F 350 -19.14 -25.29 -28.70
N PHE F 351 -17.89 -24.89 -28.53
CA PHE F 351 -17.48 -24.02 -27.44
C PHE F 351 -16.70 -22.87 -28.07
N ASP F 352 -17.14 -21.64 -27.81
CA ASP F 352 -16.63 -20.47 -28.49
C ASP F 352 -15.89 -19.58 -27.50
N GLU F 353 -14.88 -18.87 -27.99
CA GLU F 353 -14.09 -17.94 -27.17
C GLU F 353 -13.50 -18.66 -25.96
N LEU F 354 -12.83 -19.78 -26.23
CA LEU F 354 -12.33 -20.63 -25.14
C LEU F 354 -11.31 -19.87 -24.30
N ASP F 355 -10.45 -19.09 -24.95
CA ASP F 355 -9.34 -18.45 -24.25
C ASP F 355 -9.82 -17.59 -23.09
N SER F 356 -11.05 -17.07 -23.16
CA SER F 356 -11.52 -16.18 -22.10
C SER F 356 -11.51 -16.88 -20.74
N VAL F 357 -11.71 -18.20 -20.72
CA VAL F 357 -11.74 -18.89 -19.43
C VAL F 357 -10.41 -18.80 -18.71
N PHE F 358 -9.31 -18.76 -19.45
CA PHE F 358 -7.98 -18.73 -18.85
C PHE F 358 -7.44 -17.31 -18.65
N LYS F 359 -8.03 -16.31 -19.29
CA LYS F 359 -7.51 -14.95 -19.29
C LYS F 359 -7.83 -14.23 -17.97
N GLN F 360 -7.26 -14.73 -16.89
CA GLN F 360 -7.45 -14.13 -15.57
C GLN F 360 -6.36 -14.61 -14.61
N GLY F 371 -13.64 -19.60 -13.13
CA GLY F 371 -12.81 -20.03 -14.24
C GLY F 371 -12.43 -21.50 -14.17
N ASP F 372 -11.98 -21.92 -12.98
CA ASP F 372 -11.45 -23.28 -12.83
C ASP F 372 -12.57 -24.32 -12.86
N ASN F 373 -13.74 -23.97 -12.34
CA ASN F 373 -14.82 -24.94 -12.18
C ASN F 373 -15.28 -25.49 -13.53
N VAL F 374 -15.49 -24.60 -14.50
CA VAL F 374 -15.99 -25.05 -15.80
C VAL F 374 -14.98 -25.98 -16.45
N VAL F 375 -13.70 -25.61 -16.38
CA VAL F 375 -12.65 -26.40 -17.03
C VAL F 375 -12.58 -27.80 -16.41
N ASN F 376 -12.56 -27.86 -15.07
CA ASN F 376 -12.44 -29.17 -14.43
C ASN F 376 -13.64 -30.05 -14.76
N GLN F 377 -14.85 -29.48 -14.67
CA GLN F 377 -16.03 -30.27 -14.99
C GLN F 377 -15.99 -30.73 -16.44
N LEU F 378 -15.54 -29.87 -17.34
CA LEU F 378 -15.52 -30.23 -18.75
C LEU F 378 -14.58 -31.40 -19.01
N LEU F 379 -13.37 -31.34 -18.42
CA LEU F 379 -12.44 -32.45 -18.62
C LEU F 379 -12.94 -33.74 -17.97
N ALA F 380 -13.75 -33.63 -16.91
CA ALA F 380 -14.26 -34.84 -16.27
C ALA F 380 -15.08 -35.70 -17.25
N LYS F 381 -15.90 -35.06 -18.09
CA LYS F 381 -16.84 -35.80 -18.93
C LYS F 381 -16.18 -36.49 -20.11
N MET F 382 -14.93 -36.18 -20.43
CA MET F 382 -14.27 -36.76 -21.59
C MET F 382 -12.93 -37.41 -21.28
N ASP F 383 -12.46 -37.37 -20.03
CA ASP F 383 -11.22 -38.06 -19.70
C ASP F 383 -11.35 -39.06 -18.56
N GLY F 384 -12.17 -38.76 -17.55
CA GLY F 384 -12.12 -39.47 -16.29
C GLY F 384 -12.90 -40.78 -16.32
N VAL F 385 -13.33 -41.20 -15.12
CA VAL F 385 -14.04 -42.47 -14.98
C VAL F 385 -15.49 -42.35 -15.40
N ASP F 386 -16.04 -41.13 -15.42
CA ASP F 386 -17.41 -40.88 -15.86
C ASP F 386 -17.47 -40.57 -17.36
N GLN F 387 -16.55 -41.14 -18.13
CA GLN F 387 -16.39 -40.81 -19.54
C GLN F 387 -17.66 -41.13 -20.34
N LEU F 388 -17.99 -40.25 -21.28
CA LEU F 388 -19.08 -40.46 -22.23
C LEU F 388 -18.49 -40.74 -23.60
N ASN F 389 -18.97 -41.81 -24.24
CA ASN F 389 -18.41 -42.28 -25.49
C ASN F 389 -19.20 -41.82 -26.71
N ASN F 390 -20.10 -40.84 -26.54
CA ASN F 390 -20.95 -40.38 -27.63
C ASN F 390 -20.53 -39.05 -28.24
N ILE F 391 -19.80 -38.22 -27.51
CA ILE F 391 -19.75 -36.79 -27.78
C ILE F 391 -18.47 -36.42 -28.49
N LEU F 392 -18.52 -35.28 -29.18
CA LEU F 392 -17.36 -34.63 -29.79
C LEU F 392 -17.41 -33.15 -29.45
N VAL F 393 -16.29 -32.58 -29.02
CA VAL F 393 -16.23 -31.21 -28.54
C VAL F 393 -15.34 -30.42 -29.49
N ILE F 394 -15.85 -29.31 -30.01
CA ILE F 394 -15.13 -28.42 -30.91
C ILE F 394 -14.89 -27.11 -30.16
N GLY F 395 -13.62 -26.73 -30.02
CA GLY F 395 -13.25 -25.47 -29.40
C GLY F 395 -12.68 -24.51 -30.43
N MET F 396 -12.94 -23.22 -30.22
CA MET F 396 -12.61 -22.18 -31.18
C MET F 396 -11.89 -21.04 -30.47
N THR F 397 -10.82 -20.55 -31.06
CA THR F 397 -10.03 -19.51 -30.41
C THR F 397 -9.31 -18.68 -31.47
N ASN F 398 -8.95 -17.45 -31.08
CA ASN F 398 -8.19 -16.56 -31.93
C ASN F 398 -6.73 -16.48 -31.50
N ARG F 399 -6.45 -16.73 -30.23
CA ARG F 399 -5.09 -16.68 -29.68
C ARG F 399 -4.75 -18.04 -29.09
N LYS F 400 -3.86 -18.77 -29.75
CA LYS F 400 -3.52 -20.11 -29.29
C LYS F 400 -2.63 -20.08 -28.06
N ASP F 401 -1.74 -19.10 -27.96
CA ASP F 401 -0.68 -19.14 -26.95
C ASP F 401 -1.22 -19.10 -25.52
N LEU F 402 -2.46 -18.64 -25.32
CA LEU F 402 -2.98 -18.53 -23.96
C LEU F 402 -3.47 -19.85 -23.39
N ILE F 403 -3.75 -20.84 -24.24
CA ILE F 403 -4.35 -22.08 -23.77
C ILE F 403 -3.28 -22.90 -23.05
N ASP F 404 -3.62 -23.38 -21.85
CA ASP F 404 -2.65 -24.07 -21.02
C ASP F 404 -2.26 -25.41 -21.66
N SER F 405 -1.00 -25.79 -21.46
CA SER F 405 -0.49 -27.01 -22.09
C SER F 405 -1.22 -28.26 -21.60
N ALA F 406 -1.88 -28.19 -20.44
CA ALA F 406 -2.50 -29.39 -19.90
C ALA F 406 -3.62 -29.90 -20.80
N LEU F 407 -4.29 -29.00 -21.53
CA LEU F 407 -5.42 -29.39 -22.36
C LEU F 407 -5.00 -30.06 -23.65
N LEU F 408 -3.77 -29.86 -24.09
CA LEU F 408 -3.34 -30.24 -25.43
C LEU F 408 -2.82 -31.68 -25.51
N ARG F 409 -2.59 -32.33 -24.38
CA ARG F 409 -1.95 -33.63 -24.36
C ARG F 409 -2.93 -34.70 -24.85
N PRO F 410 -2.43 -35.89 -25.19
CA PRO F 410 -3.30 -36.93 -25.76
C PRO F 410 -4.45 -37.26 -24.84
N GLY F 411 -5.62 -37.53 -25.44
CA GLY F 411 -6.85 -37.69 -24.72
C GLY F 411 -7.69 -36.45 -24.59
N ARG F 412 -7.10 -35.26 -24.78
CA ARG F 412 -7.83 -34.00 -24.68
C ARG F 412 -7.38 -33.11 -25.83
N PHE F 413 -8.33 -32.66 -26.65
CA PHE F 413 -8.01 -31.77 -27.77
C PHE F 413 -6.75 -32.24 -28.47
N GLU F 414 -6.81 -33.40 -29.13
CA GLU F 414 -5.63 -34.04 -29.67
C GLU F 414 -5.24 -33.55 -31.06
N VAL F 415 -6.17 -32.94 -31.79
CA VAL F 415 -5.96 -32.58 -33.19
C VAL F 415 -6.18 -31.08 -33.34
N GLN F 416 -5.29 -30.42 -34.07
CA GLN F 416 -5.29 -28.97 -34.20
C GLN F 416 -5.20 -28.59 -35.66
N VAL F 417 -5.99 -27.59 -36.08
CA VAL F 417 -6.01 -27.13 -37.45
C VAL F 417 -6.08 -25.59 -37.46
N GLU F 418 -5.53 -25.00 -38.51
CA GLU F 418 -5.39 -23.56 -38.63
C GLU F 418 -6.05 -23.04 -39.90
N ILE F 419 -6.80 -21.94 -39.78
CA ILE F 419 -7.53 -21.34 -40.89
C ILE F 419 -6.90 -20.00 -41.26
N HIS F 420 -6.96 -19.66 -42.55
CA HIS F 420 -6.27 -18.52 -43.13
C HIS F 420 -7.21 -17.59 -43.88
N LEU F 421 -6.74 -16.36 -44.08
CA LEU F 421 -7.38 -15.45 -45.01
C LEU F 421 -7.22 -15.99 -46.43
N PRO F 422 -8.24 -15.92 -47.27
CA PRO F 422 -8.18 -16.57 -48.57
C PRO F 422 -7.30 -15.81 -49.55
N ASP F 423 -6.89 -16.52 -50.59
CA ASP F 423 -6.14 -15.95 -51.68
C ASP F 423 -7.09 -15.72 -52.85
N GLU F 424 -6.55 -15.36 -54.02
CA GLU F 424 -7.37 -14.91 -55.14
C GLU F 424 -8.37 -15.98 -55.57
N LYS F 425 -7.91 -17.22 -55.74
CA LYS F 425 -8.79 -18.29 -56.18
C LYS F 425 -9.93 -18.52 -55.18
N GLY F 426 -9.60 -18.47 -53.88
CA GLY F 426 -10.63 -18.64 -52.87
C GLY F 426 -11.70 -17.58 -52.97
N ARG F 427 -11.30 -16.32 -53.19
CA ARG F 427 -12.28 -15.26 -53.27
C ARG F 427 -13.15 -15.44 -54.51
N LEU F 428 -12.55 -15.91 -55.60
CA LEU F 428 -13.35 -16.18 -56.79
C LEU F 428 -14.42 -17.23 -56.48
N GLN F 429 -14.10 -18.19 -55.61
CA GLN F 429 -15.10 -19.21 -55.25
C GLN F 429 -16.17 -18.64 -54.34
N ILE F 430 -15.77 -17.82 -53.37
CA ILE F 430 -16.71 -17.26 -52.41
C ILE F 430 -17.76 -16.40 -53.11
N PHE F 431 -17.33 -15.66 -54.14
CA PHE F 431 -18.30 -14.84 -54.88
C PHE F 431 -19.41 -15.70 -55.47
N ASP F 432 -19.04 -16.86 -56.03
CA ASP F 432 -20.05 -17.74 -56.60
C ASP F 432 -20.99 -18.23 -55.51
N ILE F 433 -20.44 -18.65 -54.37
CA ILE F 433 -21.31 -19.20 -53.35
C ILE F 433 -22.29 -18.15 -52.87
N GLN F 434 -21.89 -16.88 -52.85
CA GLN F 434 -22.81 -15.87 -52.34
C GLN F 434 -23.82 -15.38 -53.37
N THR F 435 -23.44 -15.30 -54.65
CA THR F 435 -24.33 -14.77 -55.69
C THR F 435 -25.08 -15.84 -56.50
N LYS F 436 -25.00 -17.11 -56.10
CA LYS F 436 -25.68 -18.19 -56.84
C LYS F 436 -27.19 -17.95 -56.99
N LYS F 437 -27.89 -17.73 -55.88
CA LYS F 437 -29.34 -17.66 -55.95
C LYS F 437 -29.80 -16.47 -56.77
N MET F 438 -28.98 -15.40 -56.79
CA MET F 438 -29.35 -14.23 -57.57
C MET F 438 -29.07 -14.47 -59.05
N ARG F 439 -27.97 -15.15 -59.39
CA ARG F 439 -27.72 -15.47 -60.79
C ARG F 439 -28.82 -16.34 -61.36
N GLU F 440 -29.30 -17.30 -60.58
CA GLU F 440 -30.20 -18.32 -61.15
C GLU F 440 -31.64 -17.84 -61.26
N ASN F 441 -31.91 -16.57 -60.96
CA ASN F 441 -33.25 -15.99 -61.14
C ASN F 441 -33.24 -14.80 -62.09
N ASN F 442 -32.24 -14.69 -62.95
CA ASN F 442 -32.13 -13.60 -63.92
C ASN F 442 -32.29 -12.24 -63.25
N MET F 443 -31.63 -12.08 -62.09
CA MET F 443 -31.57 -10.79 -61.42
C MET F 443 -30.16 -10.19 -61.43
N MET F 444 -29.30 -10.63 -62.34
CA MET F 444 -27.94 -10.13 -62.47
C MET F 444 -27.70 -9.71 -63.92
N SER F 445 -27.14 -8.52 -64.11
CA SER F 445 -26.85 -8.05 -65.46
C SER F 445 -25.74 -8.91 -66.07
N ASP F 446 -25.53 -8.74 -67.38
CA ASP F 446 -24.51 -9.48 -68.11
C ASP F 446 -23.17 -8.77 -68.19
N ASP F 447 -23.03 -7.59 -67.58
CA ASP F 447 -21.78 -6.85 -67.62
C ASP F 447 -20.89 -7.08 -66.41
N VAL F 448 -21.42 -7.66 -65.33
CA VAL F 448 -20.64 -7.91 -64.13
C VAL F 448 -19.73 -9.11 -64.36
N ASN F 449 -18.42 -8.90 -64.22
CA ASN F 449 -17.42 -9.94 -64.41
C ASN F 449 -16.75 -10.23 -63.07
N LEU F 450 -16.90 -11.46 -62.58
CA LEU F 450 -16.51 -11.77 -61.21
C LEU F 450 -14.99 -11.84 -61.04
N ALA F 451 -14.26 -12.14 -62.12
CA ALA F 451 -12.80 -12.19 -62.01
C ALA F 451 -12.20 -10.82 -61.74
N GLU F 452 -12.86 -9.75 -62.17
CA GLU F 452 -12.38 -8.41 -61.88
C GLU F 452 -12.55 -8.09 -60.40
N LEU F 453 -13.74 -8.36 -59.88
CA LEU F 453 -13.99 -8.10 -58.47
C LEU F 453 -13.07 -8.93 -57.59
N ALA F 454 -12.78 -10.16 -58.01
CA ALA F 454 -11.83 -10.97 -57.25
C ALA F 454 -10.48 -10.29 -57.14
N ALA F 455 -10.12 -9.48 -58.14
CA ALA F 455 -8.83 -8.78 -58.11
C ALA F 455 -8.88 -7.50 -57.31
N LEU F 456 -10.03 -6.81 -57.29
CA LEU F 456 -10.08 -5.54 -56.57
C LEU F 456 -10.04 -5.73 -55.05
N THR F 457 -10.68 -6.78 -54.53
CA THR F 457 -10.77 -7.03 -53.10
C THR F 457 -9.59 -7.88 -52.64
N LYS F 458 -8.62 -7.28 -51.95
CA LYS F 458 -7.31 -7.88 -51.75
C LYS F 458 -7.14 -8.57 -50.41
N ASN F 459 -7.72 -8.05 -49.32
CA ASN F 459 -7.60 -8.72 -48.03
C ASN F 459 -8.96 -9.00 -47.38
N PHE F 460 -10.00 -9.12 -48.18
CA PHE F 460 -11.33 -9.37 -47.63
C PHE F 460 -11.40 -10.78 -47.06
N SER F 461 -12.17 -10.94 -45.98
CA SER F 461 -12.58 -12.28 -45.55
C SER F 461 -13.96 -12.53 -46.15
N GLY F 462 -14.60 -13.64 -45.76
CA GLY F 462 -15.92 -13.96 -46.30
C GLY F 462 -17.01 -12.99 -45.88
N ALA F 463 -17.00 -12.58 -44.61
CA ALA F 463 -18.06 -11.72 -44.10
C ALA F 463 -18.10 -10.40 -44.86
N GLU F 464 -16.94 -9.82 -45.15
CA GLU F 464 -16.94 -8.58 -45.90
C GLU F 464 -17.54 -8.78 -47.28
N ILE F 465 -17.35 -9.96 -47.87
CA ILE F 465 -17.92 -10.18 -49.20
C ILE F 465 -19.44 -10.26 -49.12
N GLU F 466 -19.99 -10.93 -48.10
CA GLU F 466 -21.44 -10.85 -47.91
C GLU F 466 -21.89 -9.41 -47.78
N GLY F 467 -21.16 -8.62 -46.99
CA GLY F 467 -21.56 -7.22 -46.81
C GLY F 467 -21.57 -6.47 -48.12
N LEU F 468 -20.58 -6.74 -48.96
CA LEU F 468 -20.47 -6.04 -50.24
C LEU F 468 -21.66 -6.37 -51.14
N VAL F 469 -22.04 -7.65 -51.19
CA VAL F 469 -23.20 -8.04 -51.99
C VAL F 469 -24.46 -7.34 -51.47
N LYS F 470 -24.62 -7.29 -50.15
CA LYS F 470 -25.80 -6.66 -49.58
C LYS F 470 -25.86 -5.18 -49.92
N SER F 471 -24.71 -4.50 -49.88
CA SER F 471 -24.69 -3.07 -50.20
C SER F 471 -25.05 -2.82 -51.66
N ALA F 472 -24.50 -3.65 -52.56
CA ALA F 472 -24.84 -3.49 -53.96
C ALA F 472 -26.34 -3.68 -54.17
N SER F 473 -26.93 -4.72 -53.55
CA SER F 473 -28.37 -4.92 -53.67
C SER F 473 -29.13 -3.69 -53.18
N SER F 474 -28.65 -3.08 -52.10
CA SER F 474 -29.34 -1.92 -51.52
C SER F 474 -29.38 -0.77 -52.51
N PHE F 475 -28.28 -0.53 -53.23
CA PHE F 475 -28.30 0.54 -54.23
C PHE F 475 -29.44 0.32 -55.23
N ALA F 476 -29.53 -0.89 -55.78
CA ALA F 476 -30.53 -1.16 -56.80
C ALA F 476 -31.94 -1.02 -56.26
N ILE F 477 -32.18 -1.46 -55.02
CA ILE F 477 -33.51 -1.31 -54.42
C ILE F 477 -33.89 0.16 -54.27
N ASN F 478 -32.97 0.99 -53.77
CA ASN F 478 -33.34 2.37 -53.48
C ASN F 478 -33.67 3.17 -54.74
N LYS F 479 -33.07 2.82 -55.88
CA LYS F 479 -33.25 3.62 -57.10
C LYS F 479 -34.70 3.66 -57.58
N THR F 480 -35.57 2.76 -57.10
CA THR F 480 -36.94 2.71 -57.57
C THR F 480 -37.91 3.29 -56.56
N VAL F 481 -37.79 2.88 -55.29
CA VAL F 481 -38.77 3.25 -54.27
C VAL F 481 -38.92 4.77 -54.22
N ASN F 482 -40.10 5.23 -53.82
CA ASN F 482 -40.43 6.64 -53.75
C ASN F 482 -40.11 7.28 -55.11
N ASN F 491 -44.06 -0.52 -53.51
CA ASN F 491 -44.21 0.93 -53.41
C ASN F 491 -44.24 1.56 -54.80
N THR F 492 -44.04 0.74 -55.83
CA THR F 492 -44.09 1.21 -57.20
C THR F 492 -44.39 0.04 -58.13
N LYS F 493 -44.87 0.37 -59.32
CA LYS F 493 -45.02 -0.61 -60.38
C LYS F 493 -43.65 -1.02 -60.93
N ASP F 494 -43.66 -2.06 -61.76
CA ASP F 494 -42.48 -2.52 -62.48
C ASP F 494 -41.33 -2.83 -61.52
N ILE F 495 -41.67 -3.56 -60.45
CA ILE F 495 -40.65 -4.22 -59.66
C ILE F 495 -39.97 -5.34 -60.45
N ALA F 496 -40.65 -5.88 -61.46
CA ALA F 496 -40.19 -7.07 -62.15
C ALA F 496 -38.94 -6.85 -62.98
N LYS F 497 -38.54 -5.59 -63.20
CA LYS F 497 -37.38 -5.28 -64.02
C LYS F 497 -36.13 -5.02 -63.20
N LEU F 498 -36.13 -5.39 -61.93
CA LEU F 498 -35.01 -5.06 -61.06
C LEU F 498 -33.77 -5.85 -61.49
N LYS F 499 -32.62 -5.17 -61.51
CA LYS F 499 -31.37 -5.80 -61.87
C LYS F 499 -30.21 -5.03 -61.27
N VAL F 500 -29.25 -5.76 -60.70
CA VAL F 500 -28.02 -5.17 -60.19
C VAL F 500 -27.01 -5.08 -61.33
N THR F 501 -26.09 -4.12 -61.22
CA THR F 501 -25.23 -3.74 -62.34
C THR F 501 -23.82 -3.51 -61.81
N ARG F 502 -22.87 -3.38 -62.74
CA ARG F 502 -21.47 -3.17 -62.38
C ARG F 502 -21.27 -1.88 -61.59
N GLU F 503 -21.94 -0.80 -62.01
CA GLU F 503 -21.84 0.46 -61.30
C GLU F 503 -22.19 0.31 -59.83
N ASP F 504 -23.18 -0.53 -59.52
CA ASP F 504 -23.56 -0.71 -58.13
C ASP F 504 -22.44 -1.32 -57.31
N PHE F 505 -21.75 -2.34 -57.84
CA PHE F 505 -20.61 -2.91 -57.14
C PHE F 505 -19.51 -1.87 -56.94
N LEU F 506 -19.21 -1.10 -57.99
CA LEU F 506 -18.13 -0.14 -57.86
C LEU F 506 -18.48 0.92 -56.82
N ASN F 507 -19.75 1.30 -56.73
CA ASN F 507 -20.16 2.21 -55.66
C ASN F 507 -20.11 1.51 -54.31
N ALA F 508 -20.42 0.21 -54.27
CA ALA F 508 -20.39 -0.52 -53.01
C ALA F 508 -19.00 -0.54 -52.39
N LEU F 509 -17.96 -0.50 -53.23
CA LEU F 509 -16.61 -0.53 -52.66
C LEU F 509 -16.32 0.64 -51.72
N ASN F 510 -16.93 1.80 -51.96
CA ASN F 510 -16.69 2.98 -51.12
C ASN F 510 -17.54 3.02 -49.84
N ASP F 511 -18.23 1.95 -49.47
CA ASP F 511 -19.04 1.93 -48.26
C ASP F 511 -18.59 0.91 -47.22
N VAL F 512 -17.93 -0.17 -47.64
CA VAL F 512 -17.42 -1.19 -46.72
C VAL F 512 -15.91 -1.13 -46.72
N THR F 513 -15.32 -0.93 -45.54
CA THR F 513 -13.88 -0.88 -45.40
C THR F 513 -13.41 -2.12 -44.64
N PRO F 514 -12.38 -2.81 -45.12
CA PRO F 514 -11.94 -4.03 -44.45
C PRO F 514 -10.93 -3.76 -43.34
N ALA F 515 -10.94 -4.63 -42.34
CA ALA F 515 -9.78 -4.74 -41.47
C ALA F 515 -8.64 -5.40 -42.25
N PHE F 516 -7.41 -5.14 -41.80
CA PHE F 516 -6.23 -5.49 -42.57
C PHE F 516 -6.21 -4.71 -43.88
N GLY F 517 -6.67 -3.46 -43.83
CA GLY F 517 -6.70 -2.58 -44.98
C GLY F 517 -5.63 -1.52 -44.98
N ILE F 518 -5.91 -0.37 -45.59
CA ILE F 518 -5.00 0.78 -45.61
C ILE F 518 -5.63 1.92 -44.83
N SER F 519 -4.87 2.49 -43.90
CA SER F 519 -5.31 3.66 -43.14
C SER F 519 -5.03 4.90 -43.98
N GLU F 520 -5.91 5.13 -44.96
CA GLU F 520 -5.64 6.11 -46.00
C GLU F 520 -5.65 7.54 -45.45
N GLU F 521 -6.70 7.88 -44.67
CA GLU F 521 -6.88 9.27 -44.27
C GLU F 521 -5.73 9.76 -43.41
N ASP F 522 -5.26 8.93 -42.47
CA ASP F 522 -4.21 9.38 -41.55
C ASP F 522 -2.93 9.70 -42.32
N LEU F 523 -2.49 8.80 -43.18
CA LEU F 523 -1.28 9.07 -43.95
C LEU F 523 -1.47 10.26 -44.87
N LYS F 524 -2.63 10.34 -45.53
CA LYS F 524 -2.79 11.29 -46.61
C LYS F 524 -3.02 12.71 -46.09
N THR F 525 -4.12 12.93 -45.37
CA THR F 525 -4.52 14.29 -45.05
C THR F 525 -3.57 14.94 -44.04
N CYS F 526 -3.26 14.23 -42.96
CA CYS F 526 -2.48 14.84 -41.88
C CYS F 526 -1.04 15.10 -42.31
N VAL F 527 -0.41 14.14 -42.98
CA VAL F 527 1.04 14.08 -43.08
C VAL F 527 1.58 14.71 -44.36
N GLU F 528 0.72 15.18 -45.24
CA GLU F 528 1.18 15.67 -46.54
C GLU F 528 0.36 16.87 -47.00
N GLY F 529 1.03 18.02 -47.10
CA GLY F 529 0.45 19.21 -47.69
C GLY F 529 1.42 19.85 -48.67
N GLY F 530 2.07 19.04 -49.47
CA GLY F 530 3.01 19.50 -50.49
C GLY F 530 4.10 18.46 -50.69
N MET F 531 4.67 18.47 -51.89
CA MET F 531 5.87 17.67 -52.17
C MET F 531 6.55 18.23 -53.41
N MET F 532 7.75 18.80 -53.25
CA MET F 532 8.42 19.52 -54.32
C MET F 532 9.91 19.26 -54.28
N LEU F 533 10.49 18.98 -55.45
CA LEU F 533 11.86 18.50 -55.57
C LEU F 533 12.79 19.69 -55.77
N TYR F 534 13.21 20.28 -54.66
CA TYR F 534 14.01 21.51 -54.66
C TYR F 534 15.51 21.26 -54.65
N SER F 535 15.96 20.00 -54.61
CA SER F 535 17.39 19.72 -54.59
C SER F 535 17.61 18.26 -55.02
N GLU F 536 18.88 17.93 -55.27
CA GLU F 536 19.25 16.60 -55.74
C GLU F 536 19.15 15.53 -54.65
N ARG F 537 19.46 15.90 -53.41
CA ARG F 537 19.45 14.94 -52.32
C ARG F 537 18.08 14.31 -52.15
N VAL F 538 17.02 15.10 -52.37
CA VAL F 538 15.66 14.60 -52.20
C VAL F 538 15.34 13.53 -53.25
N ASN F 539 15.71 13.79 -54.52
CA ASN F 539 15.55 12.78 -55.55
C ASN F 539 16.25 11.49 -55.15
N SER F 540 17.48 11.63 -54.61
CA SER F 540 18.24 10.44 -54.23
C SER F 540 17.51 9.64 -53.17
N ILE F 541 16.96 10.33 -52.17
CA ILE F 541 16.29 9.65 -51.06
C ILE F 541 15.07 8.87 -51.57
N LEU F 542 14.26 9.50 -52.41
CA LEU F 542 13.06 8.83 -52.90
C LEU F 542 13.41 7.60 -53.74
N LYS F 543 14.46 7.71 -54.57
CA LYS F 543 14.89 6.57 -55.37
C LYS F 543 15.34 5.41 -54.49
N ASN F 544 16.07 5.71 -53.41
CA ASN F 544 16.51 4.63 -52.52
C ASN F 544 15.31 3.91 -51.91
N GLY F 545 14.28 4.68 -51.53
CA GLY F 545 13.10 4.04 -50.96
C GLY F 545 12.44 3.06 -51.92
N ALA F 546 12.28 3.49 -53.18
CA ALA F 546 11.65 2.59 -54.16
C ALA F 546 12.44 1.30 -54.36
N ARG F 547 13.78 1.45 -54.44
CA ARG F 547 14.66 0.28 -54.45
C ARG F 547 14.30 -0.71 -53.35
N TYR F 548 14.27 -0.24 -52.10
CA TYR F 548 14.03 -1.17 -50.99
C TYR F 548 12.68 -1.85 -51.11
N VAL F 549 11.66 -1.10 -51.54
CA VAL F 549 10.32 -1.68 -51.59
C VAL F 549 10.29 -2.87 -52.53
N ARG F 550 10.79 -2.70 -53.76
CA ARG F 550 10.71 -3.86 -54.64
C ARG F 550 11.75 -4.94 -54.32
N GLN F 551 12.79 -4.59 -53.56
CA GLN F 551 13.62 -5.65 -52.99
C GLN F 551 12.75 -6.56 -52.13
N VAL F 552 11.99 -5.97 -51.21
CA VAL F 552 11.18 -6.82 -50.33
C VAL F 552 10.21 -7.62 -51.17
N ARG F 553 9.71 -7.03 -52.26
CA ARG F 553 8.65 -7.69 -53.02
C ARG F 553 9.15 -8.79 -53.95
N GLU F 554 10.46 -8.97 -54.14
CA GLU F 554 10.95 -9.94 -55.14
C GLU F 554 12.16 -10.73 -54.66
N SER F 555 12.16 -11.13 -53.38
CA SER F 555 13.24 -11.98 -52.87
C SER F 555 12.77 -12.76 -51.65
N ASP F 556 13.30 -13.98 -51.52
CA ASP F 556 12.96 -14.90 -50.44
C ASP F 556 14.00 -14.91 -49.32
N LYS F 557 15.12 -14.21 -49.51
CA LYS F 557 16.12 -14.07 -48.45
C LYS F 557 15.80 -12.93 -47.52
N SER F 558 15.22 -11.85 -48.06
CA SER F 558 14.91 -10.63 -47.31
C SER F 558 13.43 -10.64 -46.94
N ARG F 559 13.12 -11.08 -45.73
CA ARG F 559 11.75 -11.10 -45.23
C ARG F 559 11.54 -10.15 -44.06
N LEU F 560 12.59 -9.52 -43.54
CA LEU F 560 12.46 -8.43 -42.59
C LEU F 560 13.50 -7.36 -42.89
N VAL F 561 13.06 -6.11 -43.02
CA VAL F 561 13.93 -4.97 -43.27
C VAL F 561 13.54 -3.83 -42.34
N SER F 562 14.54 -3.15 -41.77
CA SER F 562 14.34 -2.02 -40.88
C SER F 562 15.24 -0.86 -41.28
N LEU F 563 14.70 0.35 -41.21
CA LEU F 563 15.39 1.57 -41.64
C LEU F 563 15.32 2.62 -40.53
N LEU F 564 16.27 3.54 -40.54
CA LEU F 564 16.23 4.71 -39.66
C LEU F 564 16.45 5.96 -40.50
N ILE F 565 15.51 6.89 -40.44
CA ILE F 565 15.61 8.21 -41.07
C ILE F 565 15.84 9.24 -39.98
N HIS F 566 16.89 10.05 -40.12
CA HIS F 566 17.22 11.01 -39.07
C HIS F 566 17.74 12.32 -39.66
N GLY F 567 17.64 13.37 -38.84
CA GLY F 567 18.07 14.70 -39.19
C GLY F 567 17.48 15.75 -38.27
N PRO F 568 17.83 17.02 -38.48
CA PRO F 568 17.39 18.08 -37.56
C PRO F 568 15.88 18.25 -37.57
N ALA F 569 15.40 18.96 -36.56
CA ALA F 569 13.97 19.20 -36.42
C ALA F 569 13.49 20.16 -37.50
N GLY F 570 12.33 19.84 -38.08
CA GLY F 570 11.82 20.62 -39.20
C GLY F 570 12.36 20.23 -40.56
N SER F 571 13.07 19.10 -40.66
CA SER F 571 13.84 18.80 -41.86
C SER F 571 12.99 18.22 -42.98
N GLY F 572 11.93 17.46 -42.68
CA GLY F 572 11.11 16.83 -43.70
C GLY F 572 10.80 15.36 -43.52
N LYS F 573 11.36 14.76 -42.48
CA LYS F 573 11.42 13.32 -42.26
C LYS F 573 10.09 12.59 -42.49
N THR F 574 9.11 12.92 -41.64
CA THR F 574 7.83 12.20 -41.65
C THR F 574 7.02 12.38 -42.93
N ALA F 575 7.29 13.40 -43.76
CA ALA F 575 6.57 13.48 -45.01
C ALA F 575 7.23 12.67 -46.11
N LEU F 576 8.51 12.36 -45.93
CA LEU F 576 9.18 11.46 -46.85
C LEU F 576 8.73 10.04 -46.59
N ALA F 577 8.72 9.63 -45.31
CA ALA F 577 8.34 8.25 -45.04
C ALA F 577 6.98 7.98 -45.67
N ALA F 578 6.00 8.84 -45.39
CA ALA F 578 4.67 8.69 -45.96
C ALA F 578 4.72 8.62 -47.48
N GLU F 579 5.52 9.50 -48.11
CA GLU F 579 5.56 9.50 -49.56
C GLU F 579 6.04 8.16 -50.08
N ILE F 580 7.03 7.56 -49.42
CA ILE F 580 7.50 6.26 -49.84
C ILE F 580 6.44 5.20 -49.64
N ALA F 581 5.62 5.33 -48.59
CA ALA F 581 4.62 4.29 -48.33
C ALA F 581 3.50 4.33 -49.36
N LEU F 582 2.96 5.51 -49.66
CA LEU F 582 1.78 5.59 -50.52
C LEU F 582 2.04 5.08 -51.93
N LYS F 583 3.25 5.27 -52.46
CA LYS F 583 3.62 4.80 -53.80
C LYS F 583 3.91 3.31 -53.89
N SER F 584 3.88 2.59 -52.77
CA SER F 584 4.34 1.21 -52.75
C SER F 584 3.30 0.26 -53.34
N GLY F 585 2.02 0.52 -53.10
CA GLY F 585 0.97 -0.36 -53.58
C GLY F 585 0.74 -1.60 -52.74
N PHE F 586 1.28 -1.65 -51.53
CA PHE F 586 1.08 -2.82 -50.67
C PHE F 586 -0.35 -2.81 -50.13
N PRO F 587 -0.86 -3.98 -49.72
CA PRO F 587 -2.24 -4.04 -49.20
C PRO F 587 -2.42 -3.50 -47.78
N PHE F 588 -1.42 -3.66 -46.91
CA PHE F 588 -1.55 -3.40 -45.48
C PHE F 588 -0.57 -2.30 -45.08
N ILE F 589 -1.10 -1.19 -44.55
CA ILE F 589 -0.28 -0.08 -44.10
C ILE F 589 -0.86 0.51 -42.83
N ARG F 590 0.00 0.77 -41.85
CA ARG F 590 -0.43 1.40 -40.60
C ARG F 590 0.72 2.24 -40.05
N LEU F 591 0.38 3.14 -39.11
CA LEU F 591 1.38 3.90 -38.39
C LEU F 591 1.05 3.98 -36.91
N ILE F 592 2.09 3.88 -36.10
CA ILE F 592 2.02 4.07 -34.66
C ILE F 592 2.65 5.42 -34.35
N SER F 593 1.90 6.30 -33.70
CA SER F 593 2.38 7.64 -33.42
C SER F 593 1.82 8.07 -32.09
N PRO F 594 2.33 9.18 -31.52
CA PRO F 594 1.81 9.64 -30.23
C PRO F 594 0.33 9.94 -30.24
N ASN F 595 -0.22 10.38 -31.36
CA ASN F 595 -1.63 10.78 -31.40
C ASN F 595 -2.54 9.64 -30.97
N GLU F 596 -2.15 8.39 -31.27
CA GLU F 596 -2.97 7.24 -30.90
C GLU F 596 -2.87 6.89 -29.41
N LEU F 597 -1.71 7.12 -28.80
CA LEU F 597 -1.46 6.65 -27.45
C LEU F 597 -1.80 7.68 -26.37
N SER F 598 -2.34 8.83 -26.75
CA SER F 598 -2.59 9.88 -25.78
C SER F 598 -3.68 9.46 -24.80
N GLY F 599 -3.48 9.80 -23.53
CA GLY F 599 -4.49 9.59 -22.50
C GLY F 599 -4.53 8.23 -21.86
N MET F 600 -3.58 7.34 -22.17
CA MET F 600 -3.61 5.97 -21.70
C MET F 600 -2.64 5.76 -20.55
N SER F 601 -2.90 4.70 -19.78
CA SER F 601 -1.95 4.22 -18.78
C SER F 601 -0.85 3.43 -19.48
N GLU F 602 0.22 3.14 -18.74
CA GLU F 602 1.37 2.44 -19.32
C GLU F 602 0.99 1.04 -19.82
N SER F 603 0.20 0.32 -19.02
CA SER F 603 -0.21 -1.03 -19.39
C SER F 603 -0.99 -1.03 -20.70
N ALA F 604 -1.90 -0.06 -20.85
CA ALA F 604 -2.68 0.04 -22.08
C ALA F 604 -1.77 0.28 -23.28
N LYS F 605 -0.75 1.12 -23.12
CA LYS F 605 0.16 1.40 -24.23
C LYS F 605 0.86 0.12 -24.67
N ILE F 606 1.37 -0.64 -23.69
CA ILE F 606 2.11 -1.86 -24.04
C ILE F 606 1.19 -2.83 -24.79
N ALA F 607 -0.04 -2.98 -24.30
CA ALA F 607 -0.98 -3.89 -24.95
C ALA F 607 -1.29 -3.45 -26.37
N TYR F 608 -1.43 -2.14 -26.59
CA TYR F 608 -1.75 -1.63 -27.92
C TYR F 608 -0.65 -1.91 -28.92
N ILE F 609 0.60 -1.69 -28.52
CA ILE F 609 1.72 -1.96 -29.42
C ILE F 609 1.75 -3.44 -29.78
N ASP F 610 1.56 -4.30 -28.78
CA ASP F 610 1.63 -5.74 -29.04
C ASP F 610 0.52 -6.17 -30.00
N ASN F 611 -0.70 -5.66 -29.82
CA ASN F 611 -1.79 -6.06 -30.71
C ASN F 611 -1.53 -5.63 -32.13
N THR F 612 -0.96 -4.42 -32.33
CA THR F 612 -0.66 -3.99 -33.68
C THR F 612 0.31 -4.96 -34.34
N PHE F 613 1.37 -5.33 -33.63
CA PHE F 613 2.33 -6.24 -34.25
C PHE F 613 1.68 -7.58 -34.59
N ARG F 614 0.84 -8.12 -33.70
CA ARG F 614 0.17 -9.37 -34.07
C ARG F 614 -0.67 -9.22 -35.33
N ASP F 615 -1.41 -8.13 -35.47
CA ASP F 615 -2.21 -7.97 -36.68
C ASP F 615 -1.35 -7.83 -37.93
N ALA F 616 -0.07 -7.46 -37.78
CA ALA F 616 0.77 -7.35 -38.98
C ALA F 616 1.18 -8.71 -39.57
N TYR F 617 1.15 -9.79 -38.81
CA TYR F 617 1.69 -11.10 -39.22
C TYR F 617 0.67 -12.00 -39.93
N LYS F 618 -0.39 -11.45 -40.52
CA LYS F 618 -1.47 -12.26 -41.07
C LYS F 618 -1.82 -11.89 -42.51
N SER F 619 -0.86 -11.37 -43.26
CA SER F 619 -1.07 -11.06 -44.67
C SER F 619 0.26 -11.24 -45.40
N PRO F 620 0.22 -11.45 -46.72
CA PRO F 620 1.48 -11.64 -47.46
C PRO F 620 2.45 -10.47 -47.38
N LEU F 621 1.96 -9.23 -47.42
CA LEU F 621 2.82 -8.05 -47.46
C LEU F 621 2.30 -7.00 -46.50
N ASN F 622 3.23 -6.30 -45.85
CA ASN F 622 2.92 -5.41 -44.73
C ASN F 622 3.96 -4.30 -44.67
N ILE F 623 3.50 -3.12 -44.25
CA ILE F 623 4.35 -1.97 -43.97
C ILE F 623 3.92 -1.37 -42.64
N LEU F 624 4.90 -0.97 -41.83
CA LEU F 624 4.63 -0.29 -40.57
C LEU F 624 5.51 0.95 -40.47
N VAL F 625 4.93 2.04 -39.96
CA VAL F 625 5.66 3.28 -39.73
C VAL F 625 5.61 3.63 -38.25
N ILE F 626 6.78 3.91 -37.67
CA ILE F 626 6.88 4.37 -36.29
C ILE F 626 7.47 5.78 -36.29
N ASP F 627 6.74 6.72 -35.70
CA ASP F 627 7.07 8.14 -35.77
C ASP F 627 7.50 8.64 -34.40
N SER F 628 8.56 9.45 -34.37
CA SER F 628 8.97 10.16 -33.15
C SER F 628 9.23 9.18 -32.00
N LEU F 629 10.29 8.39 -32.15
CA LEU F 629 10.54 7.33 -31.20
C LEU F 629 10.81 7.87 -29.81
N GLU F 630 11.43 9.06 -29.72
CA GLU F 630 11.79 9.62 -28.43
C GLU F 630 10.58 10.07 -27.61
N THR F 631 9.44 10.33 -28.27
CA THR F 631 8.25 10.74 -27.55
C THR F 631 7.41 9.58 -27.05
N LEU F 632 7.49 8.42 -27.71
CA LEU F 632 6.79 7.24 -27.21
C LEU F 632 7.34 6.78 -25.87
N VAL F 633 8.63 7.04 -25.60
CA VAL F 633 9.25 6.63 -24.35
C VAL F 633 9.23 7.69 -23.27
N ASP F 634 8.79 8.92 -23.57
CA ASP F 634 8.58 9.97 -22.56
C ASP F 634 9.92 10.50 -22.04
N TRP F 635 10.82 10.82 -22.96
CA TRP F 635 12.16 11.28 -22.60
C TRP F 635 12.16 12.76 -22.22
N VAL F 636 12.76 13.08 -21.07
CA VAL F 636 13.01 14.47 -20.69
C VAL F 636 14.39 14.54 -20.06
N PRO F 637 15.26 15.48 -20.47
CA PRO F 637 16.67 15.41 -20.08
C PRO F 637 17.01 16.01 -18.72
N ILE F 638 16.06 16.61 -18.00
CA ILE F 638 16.39 17.18 -16.69
C ILE F 638 16.71 16.08 -15.68
N GLY F 639 16.01 14.96 -15.78
CA GLY F 639 16.20 13.88 -14.84
C GLY F 639 17.56 13.22 -14.98
N PRO F 640 17.74 12.45 -16.06
CA PRO F 640 16.76 12.19 -17.11
C PRO F 640 15.70 11.18 -16.69
N ARG F 641 14.51 11.28 -17.26
CA ARG F 641 13.40 10.39 -16.95
C ARG F 641 12.87 9.76 -18.23
N PHE F 642 12.59 8.46 -18.17
CA PHE F 642 12.01 7.77 -19.31
C PHE F 642 11.47 6.43 -18.82
N SER F 643 10.67 5.78 -19.67
CA SER F 643 10.02 4.53 -19.34
C SER F 643 10.79 3.38 -19.97
N ASN F 644 11.23 2.43 -19.14
CA ASN F 644 12.12 1.36 -19.60
C ASN F 644 11.37 0.15 -20.16
N ASN F 645 10.16 -0.11 -19.65
CA ASN F 645 9.38 -1.26 -20.11
C ASN F 645 8.99 -1.11 -21.57
N ILE F 646 8.50 0.07 -21.95
CA ILE F 646 8.15 0.32 -23.33
C ILE F 646 9.40 0.22 -24.20
N LEU F 647 10.53 0.69 -23.67
CA LEU F 647 11.77 0.62 -24.44
C LEU F 647 12.13 -0.82 -24.76
N GLN F 648 11.99 -1.72 -23.78
CA GLN F 648 12.35 -3.11 -24.02
C GLN F 648 11.38 -3.77 -24.98
N MET F 649 10.09 -3.45 -24.86
CA MET F 649 9.11 -3.96 -25.82
C MET F 649 9.48 -3.57 -27.24
N LEU F 650 9.75 -2.28 -27.46
CA LEU F 650 10.12 -1.84 -28.80
C LEU F 650 11.41 -2.50 -29.25
N LYS F 651 12.37 -2.64 -28.35
CA LYS F 651 13.67 -3.18 -28.73
C LYS F 651 13.52 -4.62 -29.25
N VAL F 652 12.72 -5.43 -28.56
CA VAL F 652 12.53 -6.80 -29.02
C VAL F 652 11.72 -6.84 -30.31
N ALA F 653 10.71 -5.98 -30.45
CA ALA F 653 9.80 -6.10 -31.60
C ALA F 653 10.49 -5.81 -32.93
N LEU F 654 11.55 -5.00 -32.96
CA LEU F 654 12.19 -4.60 -34.21
C LEU F 654 13.15 -5.64 -34.79
N LYS F 655 13.33 -6.79 -34.14
CA LYS F 655 14.16 -7.86 -34.68
C LYS F 655 13.41 -9.16 -34.95
N ARG F 656 12.25 -9.35 -34.34
CA ARG F 656 11.50 -10.58 -34.54
C ARG F 656 11.02 -10.68 -35.99
N LYS F 657 11.04 -11.91 -36.51
CA LYS F 657 10.72 -12.20 -37.89
C LYS F 657 9.34 -12.82 -38.02
N PRO F 658 8.57 -12.47 -39.05
CA PRO F 658 7.20 -12.97 -39.15
C PRO F 658 7.19 -14.45 -39.50
N PRO F 659 6.11 -15.16 -39.19
CA PRO F 659 6.07 -16.60 -39.43
C PRO F 659 5.64 -16.96 -40.84
N GLN F 660 6.05 -18.15 -41.26
CA GLN F 660 5.47 -18.83 -42.42
C GLN F 660 5.53 -17.92 -43.67
N ASP F 661 6.78 -17.68 -44.08
CA ASP F 661 7.13 -17.04 -45.35
C ASP F 661 6.28 -15.81 -45.65
N ARG F 662 6.04 -14.98 -44.65
CA ARG F 662 5.49 -13.65 -44.86
C ARG F 662 6.60 -12.61 -44.69
N ARG F 663 6.29 -11.36 -45.03
CA ARG F 663 7.31 -10.32 -45.03
C ARG F 663 6.70 -8.94 -44.81
N LEU F 664 7.51 -8.06 -44.21
CA LEU F 664 7.07 -6.71 -43.89
C LEU F 664 8.29 -5.78 -43.91
N LEU F 665 7.99 -4.48 -43.90
CA LEU F 665 9.00 -3.44 -43.89
C LEU F 665 8.64 -2.45 -42.80
N ILE F 666 9.65 -1.93 -42.11
CA ILE F 666 9.46 -0.99 -41.00
C ILE F 666 10.25 0.27 -41.30
N MET F 667 9.64 1.42 -41.05
CA MET F 667 10.34 2.70 -41.13
C MET F 667 10.12 3.46 -39.84
N THR F 668 11.20 3.98 -39.25
CA THR F 668 11.12 4.73 -38.01
C THR F 668 11.85 6.07 -38.16
N THR F 669 11.39 7.06 -37.40
CA THR F 669 11.95 8.41 -37.50
C THR F 669 12.31 8.99 -36.14
N THR F 670 13.37 9.79 -36.10
CA THR F 670 13.88 10.37 -34.86
C THR F 670 14.68 11.63 -35.14
N SER F 671 14.69 12.53 -34.15
CA SER F 671 15.54 13.73 -34.18
C SER F 671 16.61 13.74 -33.10
N ALA F 672 16.72 12.67 -32.30
CA ALA F 672 17.58 12.66 -31.12
C ALA F 672 18.60 11.53 -31.21
N TYR F 673 19.32 11.49 -32.34
CA TYR F 673 20.25 10.39 -32.62
C TYR F 673 21.21 10.13 -31.46
N SER F 674 21.70 11.20 -30.82
CA SER F 674 22.64 11.03 -29.71
C SER F 674 22.00 10.23 -28.58
N VAL F 675 20.73 10.50 -28.29
CA VAL F 675 20.09 9.81 -27.18
C VAL F 675 20.02 8.32 -27.48
N LEU F 676 19.59 7.99 -28.71
CA LEU F 676 19.50 6.57 -29.06
C LEU F 676 20.86 5.92 -28.99
N GLN F 677 21.92 6.65 -29.37
CA GLN F 677 23.27 6.10 -29.24
C GLN F 677 23.59 5.81 -27.78
N GLN F 678 23.15 6.69 -26.87
CA GLN F 678 23.37 6.47 -25.45
C GLN F 678 22.58 5.26 -24.93
N MET F 679 21.35 5.08 -25.42
CA MET F 679 20.48 4.02 -24.92
C MET F 679 20.80 2.65 -25.50
N ASP F 680 21.69 2.56 -26.49
CA ASP F 680 22.21 1.28 -26.97
C ASP F 680 21.13 0.44 -27.65
N ILE F 681 20.46 1.03 -28.64
CA ILE F 681 19.52 0.29 -29.48
C ILE F 681 19.79 0.58 -30.95
N LEU F 682 21.02 0.98 -31.29
CA LEU F 682 21.36 1.21 -32.69
C LEU F 682 21.55 -0.09 -33.46
N SER F 683 21.75 -1.22 -32.78
CA SER F 683 21.98 -2.49 -33.45
C SER F 683 20.71 -3.06 -34.08
N CYS F 684 19.56 -2.43 -33.86
CA CYS F 684 18.30 -2.92 -34.42
C CYS F 684 18.15 -2.59 -35.90
N PHE F 685 18.76 -1.50 -36.37
CA PHE F 685 18.49 -0.99 -37.71
C PHE F 685 19.51 -1.50 -38.71
N ASP F 686 19.05 -1.73 -39.95
CA ASP F 686 19.91 -2.24 -41.01
C ASP F 686 20.59 -1.12 -41.79
N ASN F 687 19.97 0.05 -41.86
CA ASN F 687 20.56 1.15 -42.60
C ASN F 687 19.97 2.47 -42.11
N GLU F 688 20.75 3.53 -42.30
CA GLU F 688 20.41 4.85 -41.79
C GLU F 688 20.51 5.87 -42.92
N ILE F 689 19.54 6.78 -42.94
CA ILE F 689 19.41 7.81 -43.96
C ILE F 689 19.41 9.16 -43.25
N ALA F 690 20.14 10.11 -43.81
CA ALA F 690 20.32 11.43 -43.22
C ALA F 690 19.65 12.47 -44.10
N VAL F 691 18.92 13.39 -43.46
CA VAL F 691 18.17 14.43 -44.17
C VAL F 691 18.75 15.78 -43.76
N PRO F 692 19.28 16.58 -44.69
CA PRO F 692 19.86 17.86 -44.34
C PRO F 692 18.88 19.03 -44.47
N ASN F 693 19.29 20.17 -43.92
CA ASN F 693 18.57 21.42 -44.09
C ASN F 693 18.99 22.11 -45.38
N MET F 694 18.41 23.28 -45.62
CA MET F 694 18.75 24.11 -46.78
C MET F 694 19.96 24.97 -46.47
N THR F 695 20.85 25.13 -47.46
CA THR F 695 22.06 25.93 -47.25
C THR F 695 22.49 26.76 -48.46
N ASN F 696 21.73 26.78 -49.56
CA ASN F 696 22.05 27.58 -50.74
C ASN F 696 20.85 28.44 -51.12
N LEU F 697 21.13 29.57 -51.79
CA LEU F 697 20.06 30.45 -52.25
C LEU F 697 19.35 29.92 -53.49
N ASP F 698 20.02 29.08 -54.28
CA ASP F 698 19.40 28.46 -55.44
C ASP F 698 18.20 27.61 -55.03
N GLU F 699 18.33 26.90 -53.90
CA GLU F 699 17.24 26.09 -53.42
C GLU F 699 16.04 26.97 -53.06
N LEU F 700 16.31 28.13 -52.44
CA LEU F 700 15.23 29.03 -52.10
C LEU F 700 14.52 29.51 -53.36
N ASN F 701 15.30 29.76 -54.41
CA ASN F 701 14.70 30.19 -55.67
C ASN F 701 13.75 29.12 -56.20
N ASN F 702 14.18 27.86 -56.15
CA ASN F 702 13.28 26.79 -56.59
C ASN F 702 12.01 26.75 -55.77
N VAL F 703 12.12 26.86 -54.44
CA VAL F 703 10.95 26.74 -53.59
C VAL F 703 9.95 27.85 -53.91
N MET F 704 10.47 29.07 -54.10
CA MET F 704 9.58 30.17 -54.45
C MET F 704 8.90 29.91 -55.77
N ILE F 705 9.65 29.40 -56.75
CA ILE F 705 9.02 29.19 -58.06
C ILE F 705 7.90 28.18 -57.89
N GLU F 706 8.16 27.08 -57.18
CA GLU F 706 7.18 26.01 -57.11
C GLU F 706 5.91 26.46 -56.40
N SER F 707 5.98 27.51 -55.57
CA SER F 707 4.80 27.93 -54.81
C SER F 707 4.16 29.20 -55.35
N ASN F 708 4.50 29.63 -56.57
CA ASN F 708 3.91 30.79 -57.25
C ASN F 708 3.78 31.98 -56.30
N PHE F 709 4.91 32.33 -55.69
CA PHE F 709 4.93 33.40 -54.70
C PHE F 709 4.49 34.73 -55.30
N LEU F 710 5.20 35.21 -56.33
CA LEU F 710 4.82 36.41 -57.06
C LEU F 710 5.66 36.51 -58.32
N ASP F 711 5.33 37.48 -59.17
CA ASP F 711 5.90 37.58 -60.49
C ASP F 711 7.42 37.71 -60.42
N ASP F 712 8.07 37.35 -61.53
CA ASP F 712 9.53 37.20 -61.53
C ASP F 712 10.24 38.49 -61.14
N ALA F 713 9.69 39.63 -61.58
CA ALA F 713 10.36 40.90 -61.37
C ALA F 713 10.70 41.11 -59.90
N GLY F 714 9.75 40.78 -59.01
CA GLY F 714 9.99 40.93 -57.60
C GLY F 714 10.80 39.78 -57.05
N ARG F 715 10.58 38.58 -57.58
CA ARG F 715 11.31 37.41 -57.09
C ARG F 715 12.82 37.63 -57.14
N VAL F 716 13.30 38.34 -58.16
CA VAL F 716 14.74 38.56 -58.27
C VAL F 716 15.28 39.39 -57.10
N LYS F 717 14.49 40.37 -56.65
CA LYS F 717 14.99 41.37 -55.70
C LYS F 717 15.31 40.77 -54.34
N VAL F 718 14.48 39.83 -53.87
CA VAL F 718 14.71 39.26 -52.55
C VAL F 718 16.04 38.52 -52.52
N ILE F 719 16.35 37.78 -53.59
CA ILE F 719 17.63 37.11 -53.68
C ILE F 719 18.76 38.13 -53.70
N ASN F 720 18.60 39.20 -54.48
CA ASN F 720 19.65 40.22 -54.51
C ASN F 720 19.88 40.87 -53.15
N GLU F 721 18.87 40.91 -52.29
CA GLU F 721 19.03 41.54 -50.99
C GLU F 721 19.63 40.58 -49.96
N LEU F 722 19.13 39.34 -49.91
CA LEU F 722 19.79 38.35 -49.08
C LEU F 722 21.23 38.11 -49.49
N SER F 723 21.59 38.41 -50.75
CA SER F 723 22.95 38.16 -51.20
C SER F 723 23.98 38.79 -50.29
N ARG F 724 23.71 39.99 -49.77
CA ARG F 724 24.62 40.68 -48.86
C ARG F 724 23.98 40.95 -47.50
N SER F 725 22.81 40.38 -47.22
CA SER F 725 22.30 40.45 -45.86
C SER F 725 22.72 39.23 -45.04
N CYS F 726 22.64 38.02 -45.61
CA CYS F 726 22.97 36.79 -44.90
C CYS F 726 23.21 35.69 -45.92
N PRO F 727 24.45 35.53 -46.40
CA PRO F 727 24.69 34.58 -47.49
C PRO F 727 24.88 33.14 -47.05
N ASN F 728 24.81 32.84 -45.76
CA ASN F 728 25.16 31.53 -45.23
C ASN F 728 24.08 31.02 -44.29
N PHE F 729 22.83 31.01 -44.77
CA PHE F 729 21.73 30.75 -43.87
C PHE F 729 21.52 29.25 -43.72
N ASN F 730 20.75 28.88 -42.68
CA ASN F 730 20.57 27.48 -42.32
C ASN F 730 19.15 27.35 -41.76
N VAL F 731 18.23 26.88 -42.58
CA VAL F 731 16.82 26.79 -42.21
C VAL F 731 16.20 25.57 -42.86
N GLY F 732 15.27 24.93 -42.13
CA GLY F 732 14.56 23.77 -42.64
C GLY F 732 13.41 24.17 -43.55
N ILE F 733 12.80 23.15 -44.15
CA ILE F 733 11.77 23.37 -45.15
C ILE F 733 10.47 23.88 -44.51
N LYS F 734 10.08 23.29 -43.37
CA LYS F 734 8.80 23.63 -42.75
C LYS F 734 8.69 25.13 -42.49
N LYS F 735 9.72 25.70 -41.85
CA LYS F 735 9.71 27.13 -41.60
C LYS F 735 9.64 27.89 -42.91
N THR F 736 10.40 27.42 -43.92
CA THR F 736 10.45 28.18 -45.15
C THR F 736 9.05 28.24 -45.77
N LEU F 737 8.26 27.18 -45.57
CA LEU F 737 6.93 27.13 -46.17
C LEU F 737 5.90 27.81 -45.29
N THR F 738 6.27 28.18 -44.07
CA THR F 738 5.37 28.93 -43.20
C THR F 738 5.69 30.42 -43.20
N ASN F 739 6.84 30.82 -43.75
CA ASN F 739 7.18 32.24 -43.86
C ASN F 739 6.69 32.88 -45.16
N ILE F 740 6.71 32.13 -46.26
CA ILE F 740 6.12 32.60 -47.52
C ILE F 740 4.62 32.82 -47.36
N GLU F 741 3.93 31.87 -46.74
CA GLU F 741 2.48 31.97 -46.61
C GLU F 741 2.07 33.21 -45.82
N THR F 742 2.76 33.52 -44.72
CA THR F 742 2.41 34.72 -43.96
C THR F 742 2.85 35.99 -44.70
N ALA F 743 3.98 35.96 -45.40
CA ALA F 743 4.43 37.15 -46.11
C ALA F 743 3.50 37.49 -47.27
N ARG F 744 2.91 36.47 -47.89
CA ARG F 744 2.00 36.69 -49.01
C ARG F 744 0.86 37.62 -48.63
N HIS F 745 0.38 37.54 -47.40
CA HIS F 745 -0.75 38.33 -46.93
C HIS F 745 -0.35 39.70 -46.38
N ASP F 746 0.93 40.06 -46.42
CA ASP F 746 1.33 41.37 -45.92
C ASP F 746 1.01 42.44 -46.97
N GLU F 747 1.11 43.70 -46.54
CA GLU F 747 1.01 44.82 -47.46
C GLU F 747 2.33 45.12 -48.17
N ASP F 748 3.45 44.63 -47.66
CA ASP F 748 4.78 44.89 -48.21
C ASP F 748 5.55 43.58 -48.27
N PRO F 749 5.22 42.71 -49.23
CA PRO F 749 5.64 41.30 -49.13
C PRO F 749 7.15 41.06 -49.17
N VAL F 750 7.88 41.80 -50.00
CA VAL F 750 9.31 41.56 -50.18
C VAL F 750 10.07 41.87 -48.91
N ASN F 751 9.80 43.03 -48.30
CA ASN F 751 10.57 43.43 -47.14
C ASN F 751 10.22 42.57 -45.94
N GLU F 752 9.00 41.99 -45.96
CA GLU F 752 8.55 41.21 -44.84
C GLU F 752 9.25 39.86 -44.88
N LEU F 753 9.39 39.30 -46.10
CA LEU F 753 10.00 37.99 -46.20
C LEU F 753 11.49 38.11 -45.96
N VAL F 754 12.10 39.25 -46.31
CA VAL F 754 13.54 39.34 -46.12
C VAL F 754 13.87 39.53 -44.65
N GLU F 755 13.13 40.41 -43.95
CA GLU F 755 13.41 40.60 -42.53
C GLU F 755 13.15 39.31 -41.76
N LEU F 756 12.03 38.64 -42.05
CA LEU F 756 11.65 37.47 -41.28
C LEU F 756 12.65 36.33 -41.53
N MET F 757 13.13 36.20 -42.77
CA MET F 757 14.06 35.13 -43.05
C MET F 757 15.40 35.40 -42.39
N THR F 758 15.82 36.67 -42.33
CA THR F 758 17.04 36.97 -41.61
C THR F 758 16.91 36.61 -40.14
N GLN F 759 15.77 36.95 -39.52
CA GLN F 759 15.56 36.58 -38.11
C GLN F 759 15.65 35.07 -37.91
N SER F 760 14.99 34.28 -38.75
CA SER F 760 15.04 32.83 -38.56
C SER F 760 16.46 32.28 -38.70
N ALA F 761 17.22 32.74 -39.69
CA ALA F 761 18.58 32.25 -39.90
C ALA F 761 19.47 32.47 -38.68
N LEU G 242 1.37 -60.08 -18.23
CA LEU G 242 0.14 -59.50 -17.69
C LEU G 242 -0.43 -58.49 -18.68
N GLY G 243 0.25 -57.34 -18.81
CA GLY G 243 -0.17 -56.37 -19.81
C GLY G 243 0.47 -55.01 -19.68
N VAL G 244 1.71 -54.99 -19.17
CA VAL G 244 2.48 -53.75 -19.05
C VAL G 244 3.92 -54.14 -19.34
N GLY G 245 4.59 -53.32 -20.13
CA GLY G 245 5.96 -53.59 -20.55
C GLY G 245 6.90 -52.45 -20.25
N GLY G 246 8.13 -52.80 -19.88
CA GLY G 246 9.12 -51.81 -19.48
C GLY G 246 9.34 -51.76 -17.98
N LEU G 247 8.25 -51.74 -17.21
CA LEU G 247 8.28 -51.63 -15.75
C LEU G 247 8.24 -53.00 -15.10
N ASP G 248 9.40 -53.60 -14.89
CA ASP G 248 9.54 -54.93 -14.31
C ASP G 248 10.21 -54.93 -12.93
N LYS G 249 11.29 -54.17 -12.76
CA LYS G 249 11.92 -53.99 -11.46
C LYS G 249 11.02 -53.25 -10.48
N GLU G 250 10.39 -52.17 -10.95
CA GLU G 250 9.46 -51.43 -10.11
C GLU G 250 8.34 -52.33 -9.63
N PHE G 251 7.87 -53.22 -10.50
CA PHE G 251 6.76 -54.08 -10.14
C PHE G 251 7.12 -54.98 -8.96
N THR G 252 8.31 -55.59 -9.02
CA THR G 252 8.75 -56.43 -7.92
C THR G 252 8.84 -55.63 -6.64
N LYS G 253 9.41 -54.41 -6.72
CA LYS G 253 9.56 -53.62 -5.50
C LYS G 253 8.20 -53.28 -4.90
N ILE G 254 7.23 -52.90 -5.73
CA ILE G 254 5.92 -52.55 -5.21
C ILE G 254 5.25 -53.77 -4.58
N PHE G 255 5.31 -54.92 -5.28
CA PHE G 255 4.58 -56.09 -4.79
C PHE G 255 5.16 -56.62 -3.50
N ARG G 256 6.48 -56.51 -3.32
CA ARG G 256 7.09 -57.02 -2.10
C ARG G 256 6.59 -56.33 -0.85
N ARG G 257 6.35 -55.02 -0.91
CA ARG G 257 6.04 -54.22 0.27
C ARG G 257 4.56 -53.89 0.43
N ALA G 258 3.89 -53.44 -0.63
CA ALA G 258 2.53 -52.95 -0.47
C ALA G 258 1.49 -54.06 -0.43
N PHE G 259 1.75 -55.22 -1.02
CA PHE G 259 0.72 -56.23 -1.22
C PHE G 259 1.05 -57.63 -0.71
N ALA G 260 2.33 -57.98 -0.52
CA ALA G 260 2.68 -59.36 -0.24
C ALA G 260 2.04 -59.85 1.06
N SER G 261 1.98 -58.99 2.08
CA SER G 261 1.45 -59.39 3.38
C SER G 261 -0.06 -59.65 3.35
N ARG G 262 -0.78 -59.12 2.36
CA ARG G 262 -2.22 -59.31 2.30
C ARG G 262 -2.59 -60.73 1.88
N ILE G 263 -1.69 -61.44 1.21
CA ILE G 263 -2.02 -62.76 0.69
C ILE G 263 -2.16 -63.77 1.81
N PHE G 264 -1.29 -63.70 2.80
CA PHE G 264 -1.23 -64.73 3.84
C PHE G 264 -2.47 -64.71 4.72
N PRO G 265 -2.80 -65.85 5.34
CA PRO G 265 -3.94 -65.86 6.25
C PRO G 265 -3.66 -65.03 7.49
N PRO G 266 -4.70 -64.49 8.13
CA PRO G 266 -4.46 -63.59 9.27
C PRO G 266 -3.66 -64.22 10.40
N SER G 267 -3.71 -65.54 10.55
CA SER G 267 -3.06 -66.20 11.68
C SER G 267 -1.56 -65.90 11.73
N VAL G 268 -0.85 -66.12 10.62
CA VAL G 268 0.60 -66.00 10.67
C VAL G 268 1.00 -64.53 10.83
N ILE G 269 0.26 -63.62 10.21
CA ILE G 269 0.54 -62.20 10.39
C ILE G 269 0.38 -61.83 11.86
N GLU G 270 -0.65 -62.38 12.51
CA GLU G 270 -0.81 -62.15 13.93
C GLU G 270 0.38 -62.71 14.70
N LYS G 271 0.83 -63.90 14.34
CA LYS G 271 1.88 -64.54 15.12
C LYS G 271 3.21 -63.81 14.98
N LEU G 272 3.45 -63.13 13.85
CA LEU G 272 4.72 -62.41 13.73
C LEU G 272 4.71 -61.11 14.51
N GLY G 273 3.57 -60.42 14.55
CA GLY G 273 3.47 -59.19 15.31
C GLY G 273 3.76 -57.94 14.50
N ILE G 274 3.12 -57.78 13.34
CA ILE G 274 3.36 -56.63 12.48
C ILE G 274 2.01 -56.07 12.00
N SER G 275 2.07 -54.94 11.30
CA SER G 275 0.89 -54.27 10.79
C SER G 275 1.10 -53.85 9.34
N HIS G 276 0.03 -53.87 8.56
CA HIS G 276 0.13 -53.65 7.12
C HIS G 276 0.49 -52.19 6.82
N VAL G 277 1.03 -51.97 5.63
CA VAL G 277 1.32 -50.62 5.14
C VAL G 277 0.04 -50.03 4.55
N LYS G 278 -0.16 -48.73 4.77
CA LYS G 278 -1.40 -48.05 4.38
C LYS G 278 -1.18 -46.85 3.47
N GLY G 279 0.03 -46.65 2.95
CA GLY G 279 0.26 -45.58 2.00
C GLY G 279 1.37 -45.88 1.01
N LEU G 280 1.17 -45.49 -0.24
CA LEU G 280 2.16 -45.65 -1.30
C LEU G 280 2.17 -44.43 -2.20
N LEU G 281 3.36 -43.91 -2.52
CA LEU G 281 3.50 -42.73 -3.35
C LEU G 281 4.31 -43.08 -4.60
N LEU G 282 3.73 -42.79 -5.77
CA LEU G 282 4.37 -42.99 -7.07
C LEU G 282 4.59 -41.62 -7.71
N TYR G 283 5.79 -41.40 -8.25
CA TYR G 283 6.08 -40.10 -8.86
C TYR G 283 6.89 -40.26 -10.14
N GLY G 284 6.64 -39.34 -11.09
CA GLY G 284 7.26 -39.37 -12.39
C GLY G 284 6.48 -38.55 -13.40
N PRO G 285 7.00 -38.45 -14.63
CA PRO G 285 6.39 -37.56 -15.64
C PRO G 285 5.04 -38.08 -16.11
N PRO G 286 4.26 -37.24 -16.79
CA PRO G 286 2.89 -37.63 -17.14
C PRO G 286 2.84 -38.51 -18.38
N GLY G 287 1.78 -39.32 -18.43
CA GLY G 287 1.58 -40.25 -19.52
C GLY G 287 2.53 -41.43 -19.52
N THR G 288 3.08 -41.81 -18.36
CA THR G 288 4.09 -42.85 -18.31
C THR G 288 3.58 -44.19 -17.78
N GLY G 289 2.40 -44.25 -17.17
CA GLY G 289 1.81 -45.53 -16.80
C GLY G 289 1.58 -45.79 -15.33
N LYS G 290 1.30 -44.76 -14.54
CA LYS G 290 1.14 -44.93 -13.10
C LYS G 290 -0.23 -45.52 -12.75
N THR G 291 -1.29 -44.88 -13.22
CA THR G 291 -2.64 -45.36 -12.95
C THR G 291 -2.82 -46.78 -13.46
N LEU G 292 -2.12 -47.15 -14.53
CA LEU G 292 -2.26 -48.48 -15.07
C LEU G 292 -1.73 -49.52 -14.08
N ILE G 293 -0.58 -49.25 -13.46
CA ILE G 293 -0.05 -50.17 -12.46
C ILE G 293 -1.04 -50.27 -11.31
N ALA G 294 -1.54 -49.11 -10.86
CA ALA G 294 -2.48 -49.13 -9.74
C ALA G 294 -3.67 -50.01 -10.08
N ARG G 295 -4.17 -49.91 -11.31
CA ARG G 295 -5.37 -50.64 -11.69
C ARG G 295 -5.08 -52.14 -11.81
N LYS G 296 -3.94 -52.50 -12.39
CA LYS G 296 -3.66 -53.91 -12.65
C LYS G 296 -3.30 -54.68 -11.40
N ILE G 297 -2.67 -54.04 -10.40
CA ILE G 297 -2.42 -54.76 -9.15
C ILE G 297 -3.74 -55.18 -8.49
N GLY G 298 -4.79 -54.37 -8.61
CA GLY G 298 -6.05 -54.71 -7.98
C GLY G 298 -6.68 -56.01 -8.49
N THR G 299 -6.41 -56.37 -9.75
CA THR G 299 -7.08 -57.53 -10.35
C THR G 299 -6.53 -58.85 -9.83
N MET G 300 -5.27 -58.89 -9.41
CA MET G 300 -4.73 -60.13 -8.86
C MET G 300 -5.33 -60.45 -7.50
N LEU G 301 -5.42 -59.44 -6.62
CA LEU G 301 -6.00 -59.66 -5.30
C LEU G 301 -7.51 -59.80 -5.31
N ASN G 302 -8.16 -59.49 -6.44
CA ASN G 302 -9.62 -59.54 -6.53
C ASN G 302 -10.26 -58.62 -5.51
N ALA G 303 -9.65 -57.45 -5.31
CA ALA G 303 -10.29 -56.39 -4.55
C ALA G 303 -11.40 -55.74 -5.38
N LYS G 304 -12.10 -54.79 -4.76
CA LYS G 304 -13.11 -54.03 -5.45
C LYS G 304 -12.47 -53.06 -6.45
N GLU G 305 -13.26 -52.63 -7.43
CA GLU G 305 -12.79 -51.64 -8.38
C GLU G 305 -12.36 -50.37 -7.64
N PRO G 306 -11.16 -49.85 -7.88
CA PRO G 306 -10.69 -48.70 -7.09
C PRO G 306 -11.54 -47.47 -7.33
N LYS G 307 -11.87 -46.78 -6.24
CA LYS G 307 -12.46 -45.45 -6.35
C LYS G 307 -11.38 -44.45 -6.72
N ILE G 308 -11.78 -43.37 -7.37
CA ILE G 308 -10.85 -42.37 -7.87
C ILE G 308 -11.32 -40.98 -7.46
N VAL G 309 -10.38 -40.12 -7.11
CA VAL G 309 -10.66 -38.73 -6.72
C VAL G 309 -9.59 -37.83 -7.31
N ASN G 310 -9.99 -36.61 -7.66
CA ASN G 310 -9.12 -35.67 -8.34
C ASN G 310 -8.99 -34.41 -7.49
N GLY G 311 -7.78 -33.86 -7.42
CA GLY G 311 -7.46 -32.81 -6.48
C GLY G 311 -8.26 -31.54 -6.71
N PRO G 312 -8.05 -30.90 -7.86
CA PRO G 312 -8.79 -29.65 -8.13
C PRO G 312 -10.30 -29.82 -8.11
N GLU G 313 -10.81 -31.03 -8.38
CA GLU G 313 -12.24 -31.25 -8.23
C GLU G 313 -12.69 -30.87 -6.82
N ILE G 314 -12.10 -31.52 -5.81
CA ILE G 314 -12.51 -31.25 -4.43
C ILE G 314 -12.17 -29.81 -4.05
N LEU G 315 -11.00 -29.32 -4.46
CA LEU G 315 -10.61 -27.98 -4.03
C LEU G 315 -11.52 -26.91 -4.63
N SER G 316 -12.08 -27.14 -5.82
CA SER G 316 -12.86 -26.12 -6.50
C SER G 316 -14.31 -26.09 -6.09
N LYS G 317 -14.82 -27.17 -5.48
CA LYS G 317 -16.19 -27.17 -4.99
C LYS G 317 -16.35 -26.18 -3.83
N TYR G 318 -17.61 -25.86 -3.52
CA TYR G 318 -17.89 -24.94 -2.43
C TYR G 318 -17.39 -25.51 -1.11
N VAL G 319 -17.17 -24.61 -0.14
CA VAL G 319 -16.48 -24.99 1.09
C VAL G 319 -17.24 -26.08 1.83
N GLY G 320 -18.55 -25.89 2.03
CA GLY G 320 -19.33 -26.85 2.79
C GLY G 320 -19.39 -28.19 2.11
N SER G 321 -19.61 -28.19 0.79
CA SER G 321 -19.68 -29.44 0.05
C SER G 321 -18.35 -30.17 0.14
N SER G 322 -17.24 -29.46 0.04
CA SER G 322 -15.94 -30.10 0.17
C SER G 322 -15.75 -30.70 1.54
N GLU G 323 -16.17 -29.98 2.59
CA GLU G 323 -16.06 -30.53 3.94
C GLU G 323 -16.87 -31.81 4.08
N GLU G 324 -18.08 -31.84 3.52
CA GLU G 324 -18.93 -33.02 3.60
C GLU G 324 -18.52 -34.13 2.66
N ASN G 325 -17.75 -33.83 1.62
CA ASN G 325 -17.43 -34.81 0.59
C ASN G 325 -16.53 -35.92 1.13
N ILE G 326 -15.47 -35.54 1.84
CA ILE G 326 -14.45 -36.52 2.20
C ILE G 326 -15.04 -37.67 3.00
N ARG G 327 -16.04 -37.40 3.82
CA ARG G 327 -16.65 -38.47 4.62
C ARG G 327 -17.46 -39.43 3.76
N ASN G 328 -17.89 -39.00 2.58
CA ASN G 328 -18.70 -39.84 1.69
C ASN G 328 -17.86 -40.88 0.97
N LEU G 329 -16.55 -40.66 0.84
CA LEU G 329 -15.70 -41.56 0.08
C LEU G 329 -15.54 -42.90 0.80
N PHE G 330 -15.38 -42.87 2.12
CA PHE G 330 -15.01 -44.03 2.92
C PHE G 330 -16.20 -44.85 3.43
N LYS G 331 -17.43 -44.50 3.06
CA LYS G 331 -18.61 -45.12 3.66
C LYS G 331 -18.65 -46.64 3.48
N ASP G 332 -18.40 -47.12 2.26
CA ASP G 332 -18.52 -48.56 1.99
C ASP G 332 -17.51 -49.34 2.81
N ALA G 333 -16.30 -48.80 2.92
CA ALA G 333 -15.25 -49.44 3.69
C ALA G 333 -15.63 -49.47 5.16
N GLU G 334 -16.27 -48.41 5.65
CA GLU G 334 -16.67 -48.41 7.04
C GLU G 334 -17.65 -49.55 7.27
N ALA G 335 -18.65 -49.65 6.40
CA ALA G 335 -19.72 -50.62 6.60
C ALA G 335 -19.17 -52.04 6.68
N GLU G 336 -18.39 -52.44 5.65
CA GLU G 336 -17.94 -53.82 5.63
C GLU G 336 -17.10 -54.19 6.83
N TYR G 337 -16.44 -53.23 7.47
CA TYR G 337 -15.60 -53.56 8.61
C TYR G 337 -16.47 -54.03 9.77
N ARG G 338 -17.47 -53.22 10.14
CA ARG G 338 -18.42 -53.66 11.16
C ARG G 338 -19.02 -54.99 10.78
N ALA G 339 -19.16 -55.25 9.48
CA ALA G 339 -19.76 -56.52 9.07
C ALA G 339 -18.86 -57.69 9.45
N LYS G 340 -17.57 -57.64 9.09
CA LYS G 340 -16.75 -58.85 9.04
C LYS G 340 -15.38 -58.78 9.73
N GLY G 341 -14.97 -57.63 10.24
CA GLY G 341 -13.73 -57.57 11.01
C GLY G 341 -12.51 -57.94 10.18
N GLU G 342 -11.60 -58.70 10.79
CA GLU G 342 -10.30 -58.95 10.17
C GLU G 342 -10.38 -59.74 8.87
N GLU G 343 -11.51 -60.37 8.56
CA GLU G 343 -11.65 -61.13 7.33
C GLU G 343 -12.20 -60.30 6.17
N SER G 344 -12.36 -58.99 6.35
CA SER G 344 -12.93 -58.16 5.32
C SER G 344 -12.04 -58.14 4.07
N SER G 345 -12.67 -57.86 2.93
CA SER G 345 -11.93 -57.73 1.69
C SER G 345 -11.28 -56.34 1.60
N LEU G 346 -10.34 -56.22 0.68
CA LEU G 346 -9.51 -55.02 0.60
C LEU G 346 -10.21 -53.93 -0.21
N HIS G 347 -9.97 -52.68 0.20
CA HIS G 347 -10.52 -51.50 -0.46
C HIS G 347 -9.37 -50.58 -0.81
N ILE G 348 -9.35 -50.08 -2.05
CA ILE G 348 -8.22 -49.31 -2.57
C ILE G 348 -8.75 -47.99 -3.13
N ILE G 349 -8.15 -46.88 -2.70
CA ILE G 349 -8.58 -45.54 -3.07
C ILE G 349 -7.41 -44.84 -3.73
N ILE G 350 -7.67 -44.13 -4.82
CA ILE G 350 -6.63 -43.46 -5.59
C ILE G 350 -6.84 -41.96 -5.55
N PHE G 351 -5.78 -41.23 -5.21
CA PHE G 351 -5.79 -39.78 -5.06
C PHE G 351 -4.81 -39.20 -6.06
N ASP G 352 -5.25 -38.26 -6.87
CA ASP G 352 -4.50 -37.82 -8.04
C ASP G 352 -4.23 -36.33 -7.92
N GLU G 353 -3.11 -35.88 -8.52
CA GLU G 353 -2.65 -34.50 -8.43
C GLU G 353 -2.57 -34.01 -6.99
N LEU G 354 -1.90 -34.79 -6.14
CA LEU G 354 -1.94 -34.52 -4.71
C LEU G 354 -1.33 -33.17 -4.39
N ASP G 355 -0.20 -32.85 -5.03
CA ASP G 355 0.55 -31.65 -4.68
C ASP G 355 -0.30 -30.39 -4.78
N SER G 356 -1.35 -30.40 -5.59
CA SER G 356 -2.17 -29.21 -5.78
C SER G 356 -2.70 -28.70 -4.44
N VAL G 357 -2.91 -29.59 -3.47
CA VAL G 357 -3.43 -29.15 -2.18
C VAL G 357 -2.43 -28.30 -1.43
N PHE G 358 -1.14 -28.63 -1.54
CA PHE G 358 -0.11 -27.86 -0.82
C PHE G 358 0.29 -26.59 -1.55
N LYS G 359 0.07 -26.50 -2.86
CA LYS G 359 0.59 -25.40 -3.65
C LYS G 359 -0.17 -24.09 -3.41
N GLN G 360 -0.10 -23.55 -2.20
CA GLN G 360 -0.74 -22.27 -1.87
C GLN G 360 -0.13 -21.65 -0.62
N GLY G 371 -7.57 -25.92 1.81
CA GLY G 371 -6.41 -26.77 1.58
C GLY G 371 -6.13 -27.70 2.75
N ASP G 372 -6.17 -27.16 3.97
CA ASP G 372 -5.78 -27.91 5.15
C ASP G 372 -6.84 -28.92 5.58
N ASN G 373 -8.11 -28.62 5.31
CA ASN G 373 -9.20 -29.43 5.86
C ASN G 373 -9.14 -30.85 5.33
N VAL G 374 -8.99 -31.00 4.01
CA VAL G 374 -8.96 -32.32 3.41
C VAL G 374 -7.76 -33.11 3.93
N VAL G 375 -6.60 -32.46 4.02
CA VAL G 375 -5.39 -33.13 4.47
C VAL G 375 -5.59 -33.67 5.87
N ASN G 376 -6.11 -32.81 6.76
CA ASN G 376 -6.29 -33.22 8.15
C ASN G 376 -7.28 -34.37 8.26
N GLN G 377 -8.43 -34.24 7.59
CA GLN G 377 -9.43 -35.31 7.65
C GLN G 377 -8.87 -36.61 7.09
N LEU G 378 -8.04 -36.52 6.04
CA LEU G 378 -7.50 -37.71 5.42
C LEU G 378 -6.54 -38.42 6.37
N LEU G 379 -5.64 -37.65 7.00
CA LEU G 379 -4.68 -38.27 7.91
C LEU G 379 -5.36 -38.86 9.13
N ALA G 380 -6.46 -38.24 9.59
CA ALA G 380 -7.17 -38.79 10.75
C ALA G 380 -7.63 -40.22 10.50
N LYS G 381 -8.12 -40.50 9.29
CA LYS G 381 -8.77 -41.77 9.01
C LYS G 381 -7.79 -42.93 8.84
N MET G 382 -6.49 -42.66 8.72
CA MET G 382 -5.50 -43.72 8.55
C MET G 382 -4.36 -43.68 9.56
N ASP G 383 -4.32 -42.70 10.45
CA ASP G 383 -3.28 -42.65 11.48
C ASP G 383 -3.81 -42.56 12.90
N GLY G 384 -4.93 -41.90 13.12
CA GLY G 384 -5.37 -41.53 14.45
C GLY G 384 -6.13 -42.64 15.16
N VAL G 385 -6.96 -42.22 16.11
CA VAL G 385 -7.68 -43.18 16.94
C VAL G 385 -8.87 -43.77 16.20
N ASP G 386 -9.31 -43.12 15.12
CA ASP G 386 -10.36 -43.64 14.25
C ASP G 386 -9.79 -44.57 13.19
N GLN G 387 -8.66 -45.21 13.48
CA GLN G 387 -7.93 -46.01 12.50
C GLN G 387 -8.83 -47.07 11.89
N LEU G 388 -8.75 -47.20 10.57
CA LEU G 388 -9.58 -48.13 9.80
C LEU G 388 -8.66 -49.04 9.00
N ASN G 389 -8.80 -50.35 9.19
CA ASN G 389 -7.77 -51.31 8.86
C ASN G 389 -8.03 -52.02 7.52
N ASN G 390 -8.93 -51.48 6.69
CA ASN G 390 -9.30 -52.11 5.43
C ASN G 390 -8.75 -51.41 4.20
N ILE G 391 -8.21 -50.20 4.31
CA ILE G 391 -8.01 -49.34 3.16
C ILE G 391 -6.54 -49.30 2.78
N LEU G 392 -6.29 -48.88 1.54
CA LEU G 392 -4.94 -48.59 1.05
C LEU G 392 -5.04 -47.43 0.08
N VAL G 393 -4.24 -46.40 0.32
CA VAL G 393 -4.33 -45.13 -0.41
C VAL G 393 -3.12 -45.00 -1.30
N ILE G 394 -3.34 -44.58 -2.55
CA ILE G 394 -2.28 -44.37 -3.53
C ILE G 394 -2.32 -42.91 -3.95
N GLY G 395 -1.20 -42.20 -3.80
CA GLY G 395 -1.09 -40.82 -4.23
C GLY G 395 -0.10 -40.68 -5.37
N MET G 396 -0.43 -39.81 -6.33
CA MET G 396 0.33 -39.68 -7.57
C MET G 396 0.65 -38.21 -7.81
N THR G 397 1.93 -37.91 -8.03
CA THR G 397 2.39 -36.53 -8.13
C THR G 397 3.49 -36.43 -9.18
N ASN G 398 3.67 -35.21 -9.69
CA ASN G 398 4.74 -34.93 -10.63
C ASN G 398 5.89 -34.14 -10.00
N ARG G 399 5.73 -33.65 -8.77
CA ARG G 399 6.75 -32.83 -8.12
C ARG G 399 6.78 -33.27 -6.65
N LYS G 400 7.79 -34.08 -6.30
CA LYS G 400 7.86 -34.61 -4.94
C LYS G 400 8.26 -33.54 -3.94
N ASP G 401 9.08 -32.57 -4.35
CA ASP G 401 9.65 -31.61 -3.43
C ASP G 401 8.63 -30.65 -2.81
N LEU G 402 7.40 -30.60 -3.33
CA LEU G 402 6.38 -29.74 -2.72
C LEU G 402 5.59 -30.44 -1.61
N ILE G 403 5.68 -31.77 -1.51
CA ILE G 403 4.95 -32.48 -0.46
C ILE G 403 5.64 -32.24 0.88
N ASP G 404 4.85 -31.88 1.88
CA ASP G 404 5.42 -31.55 3.19
C ASP G 404 5.98 -32.80 3.85
N SER G 405 7.10 -32.63 4.55
CA SER G 405 7.80 -33.78 5.15
C SER G 405 6.99 -34.46 6.24
N ALA G 406 5.97 -33.79 6.77
CA ALA G 406 5.15 -34.41 7.80
C ALA G 406 4.49 -35.67 7.28
N LEU G 407 4.19 -35.71 5.98
CA LEU G 407 3.44 -36.81 5.41
C LEU G 407 4.34 -38.02 5.16
N LEU G 408 5.67 -37.85 5.20
CA LEU G 408 6.56 -38.92 4.76
C LEU G 408 7.04 -39.83 5.89
N ARG G 409 6.73 -39.51 7.13
CA ARG G 409 7.24 -40.29 8.26
C ARG G 409 6.45 -41.59 8.42
N PRO G 410 7.01 -42.57 9.13
CA PRO G 410 6.35 -43.88 9.22
C PRO G 410 4.96 -43.76 9.81
N GLY G 411 4.06 -44.64 9.35
CA GLY G 411 2.65 -44.52 9.63
C GLY G 411 1.86 -43.79 8.56
N ARG G 412 2.52 -43.03 7.70
CA ARG G 412 1.87 -42.28 6.63
C ARG G 412 2.76 -42.34 5.40
N PHE G 413 2.20 -42.77 4.27
CA PHE G 413 2.94 -42.77 3.01
C PHE G 413 4.37 -43.23 3.23
N GLU G 414 4.54 -44.50 3.60
CA GLU G 414 5.84 -44.99 4.04
C GLU G 414 6.70 -45.52 2.90
N VAL G 415 6.11 -45.79 1.73
CA VAL G 415 6.86 -46.33 0.59
C VAL G 415 6.69 -45.40 -0.59
N GLN G 416 7.79 -45.14 -1.29
CA GLN G 416 7.87 -44.18 -2.40
C GLN G 416 8.59 -44.83 -3.57
N VAL G 417 8.06 -44.64 -4.78
CA VAL G 417 8.65 -45.26 -5.96
C VAL G 417 8.59 -44.28 -7.13
N GLU G 418 9.55 -44.42 -8.04
CA GLU G 418 9.73 -43.51 -9.17
C GLU G 418 9.54 -44.30 -10.47
N ILE G 419 8.95 -43.64 -11.46
CA ILE G 419 8.73 -44.22 -12.77
C ILE G 419 9.46 -43.37 -13.82
N HIS G 420 10.05 -44.03 -14.80
CA HIS G 420 10.94 -43.40 -15.76
C HIS G 420 10.39 -43.52 -17.18
N LEU G 421 10.88 -42.65 -18.06
CA LEU G 421 10.62 -42.82 -19.49
C LEU G 421 11.34 -44.07 -19.99
N PRO G 422 10.70 -44.86 -20.86
CA PRO G 422 11.27 -46.15 -21.24
C PRO G 422 12.47 -46.01 -22.15
N ASP G 423 13.25 -47.08 -22.20
CA ASP G 423 14.40 -47.19 -23.08
C ASP G 423 13.99 -48.04 -24.29
N GLU G 424 14.96 -48.40 -25.12
CA GLU G 424 14.67 -49.03 -26.41
C GLU G 424 13.92 -50.35 -26.24
N LYS G 425 14.40 -51.20 -25.33
CA LYS G 425 13.75 -52.49 -25.11
C LYS G 425 12.32 -52.29 -24.61
N GLY G 426 12.13 -51.33 -23.71
CA GLY G 426 10.80 -51.05 -23.22
C GLY G 426 9.84 -50.66 -24.32
N ARG G 427 10.30 -49.82 -25.25
CA ARG G 427 9.44 -49.42 -26.35
C ARG G 427 9.10 -50.62 -27.23
N LEU G 428 10.04 -51.55 -27.41
CA LEU G 428 9.72 -52.75 -28.18
C LEU G 428 8.56 -53.49 -27.53
N GLN G 429 8.59 -53.58 -26.20
CA GLN G 429 7.50 -54.26 -25.51
C GLN G 429 6.19 -53.49 -25.64
N ILE G 430 6.26 -52.16 -25.56
CA ILE G 430 5.03 -51.39 -25.60
C ILE G 430 4.36 -51.53 -26.97
N PHE G 431 5.18 -51.49 -28.03
CA PHE G 431 4.62 -51.71 -29.36
C PHE G 431 3.92 -53.06 -29.44
N ASP G 432 4.53 -54.08 -28.83
CA ASP G 432 3.93 -55.41 -28.88
C ASP G 432 2.57 -55.42 -28.18
N ILE G 433 2.51 -54.81 -26.99
CA ILE G 433 1.26 -54.79 -26.24
C ILE G 433 0.18 -54.04 -27.01
N GLN G 434 0.56 -52.98 -27.72
CA GLN G 434 -0.46 -52.17 -28.40
C GLN G 434 -0.94 -52.80 -29.71
N THR G 435 -0.11 -53.59 -30.39
CA THR G 435 -0.53 -54.17 -31.66
C THR G 435 -0.97 -55.63 -31.57
N LYS G 436 -1.04 -56.22 -30.38
CA LYS G 436 -1.49 -57.62 -30.26
C LYS G 436 -2.82 -57.89 -30.97
N LYS G 437 -3.84 -57.08 -30.68
CA LYS G 437 -5.18 -57.42 -31.17
C LYS G 437 -5.24 -57.34 -32.69
N MET G 438 -4.56 -56.37 -33.29
CA MET G 438 -4.48 -56.31 -34.74
C MET G 438 -3.77 -57.54 -35.29
N ARG G 439 -2.61 -57.87 -34.70
CA ARG G 439 -1.81 -58.96 -35.24
C ARG G 439 -2.60 -60.26 -35.26
N GLU G 440 -3.41 -60.50 -34.23
CA GLU G 440 -4.04 -61.81 -34.10
C GLU G 440 -5.29 -61.97 -34.95
N ASN G 441 -5.64 -60.97 -35.77
CA ASN G 441 -6.79 -61.08 -36.67
C ASN G 441 -6.43 -60.83 -38.12
N ASN G 442 -5.15 -60.98 -38.49
CA ASN G 442 -4.70 -60.87 -39.88
C ASN G 442 -5.14 -59.54 -40.50
N MET G 443 -5.03 -58.46 -39.72
CA MET G 443 -5.28 -57.11 -40.21
C MET G 443 -4.01 -56.25 -40.22
N MET G 444 -2.84 -56.87 -40.22
CA MET G 444 -1.58 -56.14 -40.25
C MET G 444 -0.65 -56.76 -41.28
N SER G 445 -0.04 -55.92 -42.10
CA SER G 445 0.76 -56.40 -43.22
C SER G 445 2.05 -57.03 -42.73
N ASP G 446 2.69 -57.78 -43.62
CA ASP G 446 3.92 -58.50 -43.27
C ASP G 446 5.19 -57.69 -43.47
N ASP G 447 5.10 -56.48 -44.03
CA ASP G 447 6.29 -55.66 -44.21
C ASP G 447 6.64 -54.85 -42.97
N VAL G 448 5.77 -54.79 -41.97
CA VAL G 448 6.02 -53.98 -40.78
C VAL G 448 7.01 -54.72 -39.90
N ASN G 449 8.12 -54.06 -39.58
CA ASN G 449 9.14 -54.58 -38.67
C ASN G 449 9.17 -53.69 -37.43
N LEU G 450 8.78 -54.25 -36.28
CA LEU G 450 8.61 -53.45 -35.08
C LEU G 450 9.93 -53.04 -34.44
N ALA G 451 11.01 -53.80 -34.69
CA ALA G 451 12.30 -53.42 -34.13
C ALA G 451 12.79 -52.10 -34.71
N GLU G 452 12.45 -51.81 -35.97
CA GLU G 452 12.89 -50.55 -36.57
C GLU G 452 12.13 -49.38 -35.95
N LEU G 453 10.82 -49.54 -35.79
CA LEU G 453 10.03 -48.48 -35.17
C LEU G 453 10.52 -48.22 -33.74
N ALA G 454 10.92 -49.28 -33.02
CA ALA G 454 11.46 -49.06 -31.68
C ALA G 454 12.67 -48.16 -31.70
N ALA G 455 13.37 -48.06 -32.84
CA ALA G 455 14.55 -47.22 -32.95
C ALA G 455 14.26 -45.84 -33.49
N LEU G 456 13.19 -45.69 -34.28
CA LEU G 456 12.84 -44.35 -34.75
C LEU G 456 12.21 -43.49 -33.66
N THR G 457 11.32 -44.07 -32.86
CA THR G 457 10.63 -43.33 -31.79
C THR G 457 11.55 -43.21 -30.59
N LYS G 458 12.40 -42.18 -30.61
CA LYS G 458 13.59 -42.18 -29.76
C LYS G 458 13.31 -41.70 -28.33
N ASN G 459 12.38 -40.78 -28.13
CA ASN G 459 12.17 -40.23 -26.79
C ASN G 459 10.68 -40.16 -26.45
N PHE G 460 9.95 -41.21 -26.83
CA PHE G 460 8.50 -41.25 -26.69
C PHE G 460 8.09 -41.83 -25.34
N SER G 461 6.86 -41.52 -24.93
CA SER G 461 6.21 -42.19 -23.82
C SER G 461 5.13 -43.13 -24.39
N GLY G 462 4.45 -43.85 -23.48
CA GLY G 462 3.48 -44.85 -23.90
C GLY G 462 2.26 -44.28 -24.60
N ALA G 463 1.69 -43.21 -24.02
CA ALA G 463 0.53 -42.57 -24.62
C ALA G 463 0.83 -42.11 -26.05
N GLU G 464 2.06 -41.66 -26.28
CA GLU G 464 2.40 -41.22 -27.62
C GLU G 464 2.35 -42.39 -28.59
N ILE G 465 2.74 -43.58 -28.12
CA ILE G 465 2.71 -44.76 -28.98
C ILE G 465 1.26 -45.14 -29.31
N GLU G 466 0.35 -45.06 -28.31
CA GLU G 466 -1.06 -45.26 -28.65
C GLU G 466 -1.51 -44.29 -29.74
N GLY G 467 -1.14 -43.02 -29.60
CA GLY G 467 -1.55 -42.04 -30.61
C GLY G 467 -1.01 -42.39 -31.98
N LEU G 468 0.22 -42.88 -32.02
CA LEU G 468 0.85 -43.20 -33.30
C LEU G 468 0.12 -44.33 -34.01
N VAL G 469 -0.23 -45.39 -33.26
CA VAL G 469 -0.98 -46.49 -33.85
C VAL G 469 -2.34 -46.01 -34.36
N LYS G 470 -3.02 -45.18 -33.57
CA LYS G 470 -4.34 -44.70 -33.99
C LYS G 470 -4.25 -43.92 -35.29
N SER G 471 -3.24 -43.06 -35.43
CA SER G 471 -3.12 -42.27 -36.67
C SER G 471 -2.81 -43.18 -37.85
N ALA G 472 -1.96 -44.18 -37.65
CA ALA G 472 -1.67 -45.09 -38.75
C ALA G 472 -2.96 -45.77 -39.22
N SER G 473 -3.74 -46.29 -38.27
CA SER G 473 -5.02 -46.91 -38.65
C SER G 473 -5.90 -45.93 -39.40
N SER G 474 -5.83 -44.64 -39.04
CA SER G 474 -6.65 -43.64 -39.71
C SER G 474 -6.31 -43.55 -41.19
N PHE G 475 -5.02 -43.58 -41.52
CA PHE G 475 -4.65 -43.60 -42.94
C PHE G 475 -5.39 -44.71 -43.69
N ALA G 476 -5.29 -45.94 -43.17
CA ALA G 476 -5.85 -47.09 -43.89
C ALA G 476 -7.36 -46.98 -44.03
N ILE G 477 -8.03 -46.48 -43.00
CA ILE G 477 -9.49 -46.34 -43.08
C ILE G 477 -9.88 -45.29 -44.11
N ASN G 478 -9.22 -44.15 -44.14
CA ASN G 478 -9.64 -43.10 -45.07
C ASN G 478 -9.43 -43.50 -46.53
N LYS G 479 -8.46 -44.37 -46.80
CA LYS G 479 -8.12 -44.72 -48.18
C LYS G 479 -9.27 -45.39 -48.93
N THR G 480 -10.27 -45.92 -48.23
CA THR G 480 -11.35 -46.67 -48.87
C THR G 480 -12.68 -45.95 -48.84
N VAL G 481 -12.96 -45.18 -47.79
CA VAL G 481 -14.25 -44.50 -47.70
C VAL G 481 -14.38 -43.49 -48.84
N ASN G 482 -15.62 -43.32 -49.30
CA ASN G 482 -15.95 -42.38 -50.38
C ASN G 482 -14.90 -42.38 -51.49
N ASN G 491 -19.54 -48.04 -45.86
CA ASN G 491 -19.68 -47.01 -46.88
C ASN G 491 -19.16 -47.51 -48.23
N THR G 492 -18.60 -48.71 -48.25
CA THR G 492 -18.13 -49.31 -49.49
C THR G 492 -18.07 -50.82 -49.31
N LYS G 493 -18.01 -51.51 -50.44
CA LYS G 493 -17.73 -52.95 -50.45
C LYS G 493 -16.26 -53.20 -50.13
N ASP G 494 -15.93 -54.48 -49.95
CA ASP G 494 -14.54 -54.92 -49.77
C ASP G 494 -13.89 -54.24 -48.58
N ILE G 495 -14.59 -54.28 -47.44
CA ILE G 495 -13.97 -53.93 -46.17
C ILE G 495 -13.08 -55.07 -45.66
N ALA G 496 -13.32 -56.30 -46.10
CA ALA G 496 -12.61 -57.45 -45.57
C ALA G 496 -11.13 -57.48 -45.96
N LYS G 497 -10.69 -56.64 -46.89
CA LYS G 497 -9.28 -56.59 -47.29
C LYS G 497 -8.54 -55.41 -46.65
N LEU G 498 -9.07 -54.85 -45.57
CA LEU G 498 -8.38 -53.76 -44.90
C LEU G 498 -7.07 -54.27 -44.32
N LYS G 499 -6.00 -53.51 -44.51
CA LYS G 499 -4.71 -53.83 -43.91
C LYS G 499 -3.88 -52.57 -43.76
N VAL G 500 -3.15 -52.47 -42.66
CA VAL G 500 -2.21 -51.39 -42.44
C VAL G 500 -0.85 -51.80 -42.98
N THR G 501 -0.04 -50.81 -43.34
CA THR G 501 1.20 -51.05 -44.07
C THR G 501 2.29 -50.13 -43.51
N ARG G 502 3.52 -50.40 -43.92
CA ARG G 502 4.67 -49.67 -43.41
C ARG G 502 4.60 -48.18 -43.75
N GLU G 503 4.20 -47.87 -44.98
CA GLU G 503 4.06 -46.47 -45.39
C GLU G 503 3.13 -45.71 -44.46
N ASP G 504 2.08 -46.37 -43.96
CA ASP G 504 1.17 -45.70 -43.05
C ASP G 504 1.87 -45.24 -41.78
N PHE G 505 2.67 -46.13 -41.17
CA PHE G 505 3.44 -45.72 -39.99
C PHE G 505 4.39 -44.59 -40.31
N LEU G 506 5.10 -44.69 -41.44
CA LEU G 506 6.10 -43.67 -41.73
C LEU G 506 5.43 -42.32 -41.93
N ASN G 507 4.24 -42.31 -42.55
CA ASN G 507 3.52 -41.05 -42.65
C ASN G 507 2.95 -40.64 -41.29
N ALA G 508 2.64 -41.61 -40.43
CA ALA G 508 2.10 -41.30 -39.11
C ALA G 508 3.08 -40.47 -38.29
N LEU G 509 4.37 -40.75 -38.45
CA LEU G 509 5.37 -40.03 -37.65
C LEU G 509 5.28 -38.51 -37.82
N ASN G 510 4.84 -38.02 -38.97
CA ASN G 510 4.78 -36.57 -39.21
C ASN G 510 3.54 -35.90 -38.63
N ASP G 511 2.66 -36.63 -37.94
CA ASP G 511 1.47 -36.06 -37.32
C ASP G 511 1.49 -36.04 -35.81
N VAL G 512 2.28 -36.89 -35.16
CA VAL G 512 2.39 -36.91 -33.71
C VAL G 512 3.79 -36.45 -33.32
N THR G 513 3.86 -35.37 -32.53
CA THR G 513 5.11 -34.80 -32.07
C THR G 513 5.22 -34.95 -30.56
N PRO G 514 6.35 -35.40 -30.04
CA PRO G 514 6.47 -35.66 -28.60
C PRO G 514 6.90 -34.43 -27.82
N ALA G 515 6.47 -34.38 -26.56
CA ALA G 515 7.20 -33.59 -25.60
C ALA G 515 8.54 -34.25 -25.34
N PHE G 516 9.52 -33.46 -24.91
CA PHE G 516 10.91 -33.92 -24.82
C PHE G 516 11.45 -34.26 -26.19
N GLY G 517 11.05 -33.51 -27.21
CA GLY G 517 11.58 -33.68 -28.56
C GLY G 517 12.43 -32.53 -29.01
N ILE G 518 12.52 -32.31 -30.31
CA ILE G 518 13.34 -31.25 -30.89
C ILE G 518 12.43 -30.13 -31.38
N SER G 519 12.75 -28.90 -30.98
CA SER G 519 12.07 -27.71 -31.48
C SER G 519 12.70 -27.34 -32.82
N GLU G 520 12.32 -28.10 -33.85
CA GLU G 520 13.04 -28.05 -35.12
C GLU G 520 12.85 -26.71 -35.82
N GLU G 521 11.60 -26.25 -35.93
CA GLU G 521 11.32 -25.08 -36.76
C GLU G 521 12.04 -23.84 -36.25
N ASP G 522 12.04 -23.62 -34.94
CA ASP G 522 12.65 -22.41 -34.40
C ASP G 522 14.15 -22.38 -34.67
N LEU G 523 14.84 -23.50 -34.47
CA LEU G 523 16.26 -23.54 -34.76
C LEU G 523 16.51 -23.37 -36.26
N LYS G 524 15.79 -24.14 -37.08
CA LYS G 524 16.12 -24.24 -38.49
C LYS G 524 15.80 -22.95 -39.24
N THR G 525 14.54 -22.50 -39.18
CA THR G 525 14.13 -21.41 -40.05
C THR G 525 14.68 -20.07 -39.58
N CYS G 526 14.32 -19.64 -38.37
CA CYS G 526 14.60 -18.28 -37.96
C CYS G 526 16.10 -18.02 -37.91
N VAL G 527 16.87 -18.97 -37.40
CA VAL G 527 18.25 -18.73 -36.99
C VAL G 527 19.28 -19.05 -38.05
N GLU G 528 18.88 -19.60 -39.20
CA GLU G 528 19.84 -20.12 -40.18
C GLU G 528 19.33 -19.86 -41.59
N GLY G 529 19.97 -18.91 -42.27
CA GLY G 529 19.61 -18.58 -43.63
C GLY G 529 20.84 -18.47 -44.53
N GLY G 530 21.80 -19.35 -44.32
CA GLY G 530 23.03 -19.38 -45.10
C GLY G 530 24.14 -19.89 -44.21
N MET G 531 25.11 -20.56 -44.83
CA MET G 531 26.34 -20.94 -44.13
C MET G 531 27.45 -21.13 -45.14
N MET G 532 28.48 -20.29 -45.09
CA MET G 532 29.52 -20.29 -46.11
C MET G 532 30.89 -20.06 -45.47
N LEU G 533 31.87 -20.84 -45.90
CA LEU G 533 33.16 -20.98 -45.22
C LEU G 533 34.15 -20.00 -45.85
N TYR G 534 34.00 -18.72 -45.49
CA TYR G 534 34.78 -17.67 -46.11
C TYR G 534 36.17 -17.49 -45.49
N SER G 535 36.50 -18.21 -44.43
CA SER G 535 37.80 -18.03 -43.79
C SER G 535 38.13 -19.30 -42.99
N GLU G 536 39.42 -19.42 -42.65
CA GLU G 536 39.91 -20.56 -41.87
C GLU G 536 39.38 -20.58 -40.44
N ARG G 537 39.23 -19.40 -39.84
CA ARG G 537 38.74 -19.30 -38.46
C ARG G 537 37.38 -19.97 -38.29
N VAL G 538 36.53 -19.89 -39.31
CA VAL G 538 35.19 -20.45 -39.20
C VAL G 538 35.27 -21.98 -39.14
N ASN G 539 36.09 -22.57 -40.02
CA ASN G 539 36.27 -24.02 -39.97
C ASN G 539 36.82 -24.45 -38.63
N SER G 540 37.75 -23.66 -38.07
CA SER G 540 38.28 -23.98 -36.75
C SER G 540 37.17 -24.01 -35.71
N ILE G 541 36.29 -23.01 -35.73
CA ILE G 541 35.22 -22.94 -34.75
C ILE G 541 34.32 -24.17 -34.83
N LEU G 542 33.96 -24.56 -36.06
CA LEU G 542 33.04 -25.68 -36.22
C LEU G 542 33.68 -26.99 -35.74
N LYS G 543 34.98 -27.19 -36.02
CA LYS G 543 35.62 -28.40 -35.53
C LYS G 543 35.67 -28.43 -34.00
N ASN G 544 35.92 -27.29 -33.35
CA ASN G 544 35.90 -27.28 -31.89
C ASN G 544 34.53 -27.70 -31.35
N GLY G 545 33.45 -27.17 -31.95
CA GLY G 545 32.14 -27.57 -31.49
C GLY G 545 31.91 -29.07 -31.58
N ALA G 546 32.28 -29.66 -32.72
CA ALA G 546 32.05 -31.09 -32.89
C ALA G 546 32.84 -31.88 -31.85
N ARG G 547 34.07 -31.44 -31.57
CA ARG G 547 34.84 -32.01 -30.47
C ARG G 547 34.01 -32.10 -29.21
N TYR G 548 33.47 -30.96 -28.76
CA TYR G 548 32.75 -30.95 -27.49
C TYR G 548 31.55 -31.89 -27.51
N VAL G 549 30.84 -31.95 -28.64
CA VAL G 549 29.67 -32.83 -28.70
C VAL G 549 30.08 -34.28 -28.44
N ARG G 550 31.15 -34.74 -29.09
CA ARG G 550 31.53 -36.14 -28.88
C ARG G 550 32.09 -36.36 -27.47
N GLN G 551 32.80 -35.34 -26.96
CA GLN G 551 33.36 -35.43 -25.62
C GLN G 551 32.24 -35.65 -24.62
N VAL G 552 31.14 -34.91 -24.77
CA VAL G 552 30.04 -35.09 -23.83
C VAL G 552 29.44 -36.48 -24.02
N ARG G 553 29.40 -36.96 -25.28
CA ARG G 553 28.65 -38.18 -25.53
C ARG G 553 29.37 -39.43 -25.03
N GLU G 554 30.67 -39.38 -24.75
CA GLU G 554 31.42 -40.63 -24.54
C GLU G 554 32.36 -40.57 -23.33
N SER G 555 31.90 -39.96 -22.23
CA SER G 555 32.68 -39.95 -21.00
C SER G 555 31.76 -39.77 -19.80
N ASP G 556 32.15 -40.39 -18.68
CA ASP G 556 31.39 -40.39 -17.43
C ASP G 556 31.91 -39.38 -16.43
N LYS G 557 33.04 -38.73 -16.72
CA LYS G 557 33.55 -37.67 -15.86
C LYS G 557 32.91 -36.33 -16.18
N SER G 558 32.63 -36.09 -17.47
CA SER G 558 32.08 -34.83 -17.96
C SER G 558 30.57 -34.97 -18.18
N ARG G 559 29.79 -34.53 -17.19
CA ARG G 559 28.34 -34.56 -17.28
C ARG G 559 27.73 -33.15 -17.28
N LEU G 560 28.55 -32.10 -17.34
CA LEU G 560 28.05 -30.73 -17.51
C LEU G 560 29.13 -29.89 -18.18
N VAL G 561 28.84 -29.37 -19.37
CA VAL G 561 29.76 -28.48 -20.07
C VAL G 561 29.03 -27.19 -20.45
N SER G 562 29.64 -26.05 -20.13
CA SER G 562 29.11 -24.72 -20.41
C SER G 562 30.14 -23.93 -21.21
N LEU G 563 29.68 -23.23 -22.26
CA LEU G 563 30.55 -22.49 -23.16
C LEU G 563 30.01 -21.08 -23.36
N LEU G 564 30.92 -20.14 -23.65
CA LEU G 564 30.54 -18.76 -23.95
C LEU G 564 31.12 -18.36 -25.30
N ILE G 565 30.25 -17.93 -26.21
CA ILE G 565 30.61 -17.42 -27.54
C ILE G 565 30.44 -15.91 -27.53
N HIS G 566 31.51 -15.16 -27.83
CA HIS G 566 31.44 -13.71 -27.74
C HIS G 566 32.17 -13.07 -28.92
N GLY G 567 31.79 -11.80 -29.17
CA GLY G 567 32.30 -11.04 -30.29
C GLY G 567 31.43 -9.83 -30.58
N PRO G 568 31.86 -8.99 -31.53
CA PRO G 568 31.11 -7.76 -31.81
C PRO G 568 29.74 -8.04 -32.39
N ALA G 569 28.91 -7.00 -32.43
CA ALA G 569 27.56 -7.13 -32.96
C ALA G 569 27.58 -7.31 -34.47
N GLY G 570 26.82 -8.30 -34.95
CA GLY G 570 26.77 -8.59 -36.37
C GLY G 570 27.79 -9.58 -36.87
N SER G 571 28.55 -10.23 -35.99
CA SER G 571 29.63 -11.10 -36.43
C SER G 571 29.16 -12.48 -36.89
N GLY G 572 28.09 -13.04 -36.30
CA GLY G 572 27.67 -14.38 -36.69
C GLY G 572 27.24 -15.35 -35.60
N LYS G 573 27.37 -14.95 -34.35
CA LYS G 573 27.26 -15.81 -33.18
C LYS G 573 26.13 -16.84 -33.22
N THR G 574 24.89 -16.35 -33.24
CA THR G 574 23.70 -17.20 -33.11
C THR G 574 23.56 -18.23 -34.21
N ALA G 575 24.04 -17.92 -35.42
CA ALA G 575 23.99 -18.91 -36.49
C ALA G 575 25.01 -20.01 -36.25
N LEU G 576 26.17 -19.67 -35.70
CA LEU G 576 27.13 -20.71 -35.40
C LEU G 576 26.56 -21.64 -34.36
N ALA G 577 26.00 -21.07 -33.28
CA ALA G 577 25.47 -21.92 -32.23
C ALA G 577 24.46 -22.89 -32.81
N ALA G 578 23.47 -22.36 -33.55
CA ALA G 578 22.45 -23.24 -34.10
C ALA G 578 23.09 -24.31 -34.97
N GLU G 579 24.10 -23.91 -35.77
CA GLU G 579 24.68 -24.88 -36.68
C GLU G 579 25.32 -26.02 -35.93
N ILE G 580 25.90 -25.73 -34.75
CA ILE G 580 26.50 -26.80 -33.97
C ILE G 580 25.42 -27.71 -33.43
N ALA G 581 24.27 -27.13 -33.06
CA ALA G 581 23.21 -27.97 -32.48
C ALA G 581 22.60 -28.92 -33.49
N LEU G 582 22.30 -28.43 -34.70
CA LEU G 582 21.57 -29.26 -35.68
C LEU G 582 22.35 -30.47 -36.16
N LYS G 583 23.67 -30.42 -36.20
CA LYS G 583 24.52 -31.55 -36.61
C LYS G 583 24.75 -32.57 -35.51
N SER G 584 24.27 -32.32 -34.30
CA SER G 584 24.57 -33.19 -33.16
C SER G 584 23.82 -34.51 -33.24
N GLY G 585 22.53 -34.48 -33.59
CA GLY G 585 21.73 -35.68 -33.50
C GLY G 585 21.22 -36.03 -32.12
N PHE G 586 21.34 -35.12 -31.16
CA PHE G 586 20.85 -35.40 -29.82
C PHE G 586 19.32 -35.40 -29.82
N PRO G 587 18.69 -36.19 -28.94
CA PRO G 587 17.21 -36.26 -28.96
C PRO G 587 16.51 -35.01 -28.46
N PHE G 588 17.09 -34.29 -27.49
CA PHE G 588 16.43 -33.19 -26.80
C PHE G 588 17.21 -31.91 -27.08
N ILE G 589 16.54 -30.91 -27.63
CA ILE G 589 17.16 -29.60 -27.87
C ILE G 589 16.14 -28.52 -27.62
N ARG G 590 16.55 -27.47 -26.91
CA ARG G 590 15.65 -26.32 -26.74
C ARG G 590 16.46 -25.04 -26.64
N LEU G 591 15.79 -23.91 -26.84
CA LEU G 591 16.45 -22.61 -26.68
C LEU G 591 15.56 -21.62 -25.94
N ILE G 592 16.24 -20.79 -25.14
CA ILE G 592 15.64 -19.69 -24.40
C ILE G 592 16.15 -18.39 -25.01
N SER G 593 15.24 -17.52 -25.39
CA SER G 593 15.59 -16.29 -26.10
C SER G 593 14.61 -15.22 -25.66
N PRO G 594 14.89 -13.95 -25.97
CA PRO G 594 13.97 -12.89 -25.59
C PRO G 594 12.58 -13.04 -26.17
N ASN G 595 12.47 -13.66 -27.35
CA ASN G 595 11.18 -13.78 -28.01
C ASN G 595 10.19 -14.54 -27.14
N GLU G 596 10.68 -15.50 -26.37
CA GLU G 596 9.80 -16.36 -25.60
C GLU G 596 9.26 -15.62 -24.38
N LEU G 597 10.01 -14.65 -23.87
CA LEU G 597 9.67 -13.98 -22.62
C LEU G 597 8.98 -12.64 -22.80
N SER G 598 8.59 -12.29 -24.03
CA SER G 598 7.98 -10.99 -24.26
C SER G 598 6.58 -10.92 -23.68
N GLY G 599 6.28 -9.81 -23.01
CA GLY G 599 4.95 -9.55 -22.49
C GLY G 599 4.65 -10.13 -21.12
N MET G 600 5.63 -10.68 -20.43
CA MET G 600 5.42 -11.33 -19.15
C MET G 600 5.77 -10.41 -17.98
N SER G 601 5.20 -10.73 -16.81
CA SER G 601 5.68 -10.14 -15.57
C SER G 601 6.92 -10.90 -15.11
N GLU G 602 7.61 -10.34 -14.12
CA GLU G 602 8.89 -10.90 -13.71
C GLU G 602 8.73 -12.30 -13.13
N SER G 603 7.80 -12.46 -12.18
CA SER G 603 7.59 -13.76 -11.55
C SER G 603 7.32 -14.83 -12.60
N ALA G 604 6.57 -14.46 -13.64
CA ALA G 604 6.30 -15.40 -14.72
C ALA G 604 7.60 -15.81 -15.40
N LYS G 605 8.51 -14.85 -15.59
CA LYS G 605 9.78 -15.16 -16.25
C LYS G 605 10.56 -16.18 -15.43
N ILE G 606 10.67 -15.95 -14.12
CA ILE G 606 11.38 -16.91 -13.28
C ILE G 606 10.75 -18.29 -13.39
N ALA G 607 9.41 -18.35 -13.34
CA ALA G 607 8.75 -19.65 -13.40
C ALA G 607 9.06 -20.38 -14.71
N TYR G 608 9.05 -19.64 -15.82
CA TYR G 608 9.29 -20.25 -17.13
C TYR G 608 10.69 -20.82 -17.22
N ILE G 609 11.69 -20.04 -16.79
CA ILE G 609 13.07 -20.51 -16.87
C ILE G 609 13.23 -21.76 -16.02
N ASP G 610 12.67 -21.75 -14.81
CA ASP G 610 12.88 -22.87 -13.92
C ASP G 610 12.23 -24.14 -14.45
N ASN G 611 11.02 -24.03 -15.01
CA ASN G 611 10.39 -25.21 -15.58
C ASN G 611 11.17 -25.76 -16.76
N THR G 612 11.74 -24.88 -17.59
CA THR G 612 12.52 -25.37 -18.73
C THR G 612 13.72 -26.19 -18.26
N PHE G 613 14.51 -25.64 -17.33
CA PHE G 613 15.62 -26.41 -16.79
C PHE G 613 15.14 -27.70 -16.14
N ARG G 614 13.99 -27.65 -15.46
CA ARG G 614 13.47 -28.87 -14.83
C ARG G 614 13.20 -29.96 -15.85
N ASP G 615 12.63 -29.59 -17.00
CA ASP G 615 12.33 -30.58 -18.04
C ASP G 615 13.59 -31.11 -18.69
N ALA G 616 14.68 -30.35 -18.69
CA ALA G 616 15.91 -30.86 -19.30
C ALA G 616 16.55 -32.02 -18.55
N TYR G 617 16.13 -32.31 -17.32
CA TYR G 617 16.75 -33.31 -16.45
C TYR G 617 16.08 -34.69 -16.49
N LYS G 618 15.31 -35.01 -17.55
CA LYS G 618 14.58 -36.27 -17.60
C LYS G 618 14.83 -37.09 -18.87
N SER G 619 15.93 -36.84 -19.57
CA SER G 619 16.29 -37.59 -20.76
C SER G 619 17.79 -37.86 -20.71
N PRO G 620 18.25 -38.94 -21.35
CA PRO G 620 19.68 -39.29 -21.27
C PRO G 620 20.65 -38.24 -21.82
N LEU G 621 20.30 -37.52 -22.87
CA LEU G 621 21.14 -36.46 -23.44
C LEU G 621 20.33 -35.20 -23.70
N ASN G 622 20.99 -34.05 -23.56
CA ASN G 622 20.25 -32.78 -23.64
C ASN G 622 21.14 -31.63 -24.09
N ILE G 623 20.52 -30.69 -24.81
CA ILE G 623 21.16 -29.43 -25.19
C ILE G 623 20.22 -28.26 -24.90
N LEU G 624 20.82 -27.17 -24.42
CA LEU G 624 20.13 -25.92 -24.18
C LEU G 624 20.93 -24.78 -24.79
N VAL G 625 20.23 -23.86 -25.43
CA VAL G 625 20.82 -22.66 -26.01
C VAL G 625 20.23 -21.44 -25.32
N ILE G 626 21.08 -20.54 -24.86
CA ILE G 626 20.64 -19.30 -24.21
C ILE G 626 21.14 -18.15 -25.07
N ASP G 627 20.21 -17.28 -25.47
CA ASP G 627 20.49 -16.28 -26.48
C ASP G 627 20.52 -14.88 -25.86
N SER G 628 21.63 -14.16 -26.10
CA SER G 628 21.71 -12.73 -25.75
C SER G 628 21.45 -12.53 -24.25
N LEU G 629 22.40 -13.01 -23.44
CA LEU G 629 22.18 -13.00 -22.00
C LEU G 629 21.86 -11.61 -21.49
N GLU G 630 22.53 -10.58 -22.00
CA GLU G 630 22.39 -9.25 -21.41
C GLU G 630 20.98 -8.70 -21.60
N THR G 631 20.25 -9.15 -22.62
CA THR G 631 18.89 -8.66 -22.82
C THR G 631 17.89 -9.34 -21.89
N LEU G 632 18.11 -10.60 -21.54
CA LEU G 632 17.20 -11.28 -20.61
C LEU G 632 17.16 -10.57 -19.26
N VAL G 633 18.26 -9.89 -18.89
CA VAL G 633 18.35 -9.22 -17.60
C VAL G 633 17.89 -7.76 -17.65
N ASP G 634 17.52 -7.25 -18.83
CA ASP G 634 16.94 -5.91 -18.96
C ASP G 634 17.97 -4.81 -18.68
N TRP G 635 19.15 -4.94 -19.28
CA TRP G 635 20.24 -4.00 -19.04
C TRP G 635 20.10 -2.73 -19.86
N VAL G 636 20.11 -1.59 -19.19
CA VAL G 636 20.22 -0.28 -19.84
C VAL G 636 21.30 0.54 -19.14
N PRO G 637 22.24 1.16 -19.84
CA PRO G 637 23.43 1.72 -19.19
C PRO G 637 23.29 3.14 -18.64
N ILE G 638 22.16 3.81 -18.84
CA ILE G 638 22.01 5.17 -18.29
C ILE G 638 21.94 5.13 -16.77
N GLY G 639 21.20 4.19 -16.21
CA GLY G 639 20.98 4.12 -14.79
C GLY G 639 22.27 3.92 -14.01
N PRO G 640 22.82 2.71 -14.08
CA PRO G 640 22.31 1.56 -14.83
C PRO G 640 21.14 0.87 -14.16
N ARG G 641 20.33 0.14 -14.92
CA ARG G 641 19.18 -0.58 -14.40
C ARG G 641 19.22 -2.01 -14.91
N PHE G 642 18.90 -2.95 -14.03
CA PHE G 642 18.81 -4.35 -14.42
C PHE G 642 18.10 -5.11 -13.30
N SER G 643 17.61 -6.30 -13.64
CA SER G 643 16.82 -7.09 -12.71
C SER G 643 17.72 -8.12 -12.03
N ASN G 644 17.86 -8.00 -10.71
CA ASN G 644 18.83 -8.81 -9.98
C ASN G 644 18.34 -10.24 -9.74
N ASN G 645 17.03 -10.41 -9.56
CA ASN G 645 16.48 -11.73 -9.24
C ASN G 645 16.72 -12.72 -10.37
N ILE G 646 16.50 -12.29 -11.60
CA ILE G 646 16.71 -13.17 -12.74
C ILE G 646 18.19 -13.49 -12.86
N LEU G 647 19.05 -12.51 -12.59
CA LEU G 647 20.49 -12.75 -12.67
C LEU G 647 20.91 -13.83 -11.70
N GLN G 648 20.36 -13.81 -10.47
CA GLN G 648 20.76 -14.82 -9.50
C GLN G 648 20.22 -16.19 -9.89
N MET G 649 18.98 -16.23 -10.40
CA MET G 649 18.43 -17.50 -10.87
C MET G 649 19.33 -18.12 -11.93
N LEU G 650 19.70 -17.33 -12.95
CA LEU G 650 20.55 -17.85 -14.01
C LEU G 650 21.90 -18.26 -13.44
N LYS G 651 22.43 -17.47 -12.51
CA LYS G 651 23.76 -17.76 -11.99
C LYS G 651 23.80 -19.11 -11.32
N VAL G 652 22.74 -19.45 -10.55
CA VAL G 652 22.71 -20.76 -9.90
C VAL G 652 22.49 -21.86 -10.93
N ALA G 653 21.62 -21.64 -11.93
CA ALA G 653 21.25 -22.72 -12.83
C ALA G 653 22.43 -23.24 -13.65
N LEU G 654 23.34 -22.35 -14.06
CA LEU G 654 24.43 -22.72 -14.96
C LEU G 654 25.47 -23.64 -14.33
N LYS G 655 25.45 -23.84 -13.01
CA LYS G 655 26.43 -24.66 -12.34
C LYS G 655 25.89 -25.99 -11.86
N ARG G 656 24.58 -26.11 -11.68
CA ARG G 656 23.98 -27.32 -11.14
C ARG G 656 24.11 -28.49 -12.12
N LYS G 657 24.28 -29.70 -11.56
CA LYS G 657 24.46 -30.93 -12.31
C LYS G 657 23.22 -31.80 -12.27
N PRO G 658 22.85 -32.45 -13.38
CA PRO G 658 21.64 -33.26 -13.39
C PRO G 658 21.83 -34.56 -12.63
N PRO G 659 20.76 -35.22 -12.22
CA PRO G 659 20.89 -36.39 -11.36
C PRO G 659 21.05 -37.69 -12.15
N GLN G 660 21.61 -38.69 -11.47
CA GLN G 660 21.58 -40.08 -11.90
C GLN G 660 22.16 -40.25 -13.30
N ASP G 661 23.44 -39.91 -13.45
CA ASP G 661 24.22 -40.20 -14.65
C ASP G 661 23.56 -39.71 -15.94
N ARG G 662 22.85 -38.58 -15.88
CA ARG G 662 22.40 -37.89 -17.08
C ARG G 662 23.33 -36.73 -17.43
N ARG G 663 23.14 -36.19 -18.64
CA ARG G 663 24.08 -35.18 -19.13
C ARG G 663 23.46 -34.22 -20.15
N LEU G 664 23.90 -32.97 -20.05
CA LEU G 664 23.46 -31.92 -20.94
C LEU G 664 24.64 -31.03 -21.31
N LEU G 665 24.43 -30.25 -22.36
CA LEU G 665 25.38 -29.26 -22.85
C LEU G 665 24.64 -27.95 -22.99
N ILE G 666 25.33 -26.86 -22.70
CA ILE G 666 24.75 -25.53 -22.70
C ILE G 666 25.62 -24.64 -23.56
N MET G 667 24.97 -23.81 -24.37
CA MET G 667 25.67 -22.79 -25.14
C MET G 667 24.96 -21.47 -24.90
N THR G 668 25.73 -20.40 -24.75
CA THR G 668 25.17 -19.08 -24.50
C THR G 668 25.92 -18.04 -25.33
N THR G 669 25.21 -16.97 -25.70
CA THR G 669 25.78 -15.97 -26.61
C THR G 669 25.57 -14.56 -26.09
N THR G 670 26.59 -13.70 -26.26
CA THR G 670 26.58 -12.37 -25.67
C THR G 670 27.44 -11.42 -26.49
N SER G 671 27.14 -10.12 -26.38
CA SER G 671 27.87 -9.07 -27.06
C SER G 671 28.44 -8.01 -26.13
N ALA G 672 28.27 -8.15 -24.81
CA ALA G 672 28.65 -7.12 -23.85
C ALA G 672 29.62 -7.66 -22.80
N TYR G 673 30.72 -8.25 -23.27
CA TYR G 673 31.63 -8.97 -22.39
C TYR G 673 32.06 -8.14 -21.18
N SER G 674 32.28 -6.84 -21.38
CA SER G 674 32.72 -5.99 -20.27
C SER G 674 31.69 -5.97 -19.16
N VAL G 675 30.41 -5.91 -19.52
CA VAL G 675 29.37 -5.87 -18.51
C VAL G 675 29.39 -7.15 -17.70
N LEU G 676 29.48 -8.29 -18.38
CA LEU G 676 29.52 -9.55 -17.66
C LEU G 676 30.72 -9.60 -16.73
N GLN G 677 31.85 -9.02 -17.15
CA GLN G 677 33.01 -8.97 -16.27
C GLN G 677 32.72 -8.15 -15.02
N GLN G 678 32.00 -7.03 -15.18
CA GLN G 678 31.68 -6.19 -14.03
C GLN G 678 30.71 -6.86 -13.06
N MET G 679 29.81 -7.71 -13.56
CA MET G 679 28.87 -8.43 -12.70
C MET G 679 29.45 -9.72 -12.13
N ASP G 680 30.75 -9.96 -12.29
CA ASP G 680 31.47 -11.15 -11.81
C ASP G 680 30.60 -12.39 -11.87
N ILE G 681 30.25 -12.84 -13.08
CA ILE G 681 29.73 -14.18 -13.30
C ILE G 681 30.55 -14.92 -14.35
N LEU G 682 31.81 -14.53 -14.54
CA LEU G 682 32.66 -15.21 -15.51
C LEU G 682 33.22 -16.53 -15.00
N SER G 683 32.97 -16.86 -13.74
CA SER G 683 33.44 -18.12 -13.16
C SER G 683 32.52 -19.29 -13.45
N CYS G 684 31.41 -19.07 -14.16
CA CYS G 684 30.47 -20.12 -14.50
C CYS G 684 30.85 -20.90 -15.74
N PHE G 685 31.49 -20.24 -16.71
CA PHE G 685 31.73 -20.82 -18.02
C PHE G 685 33.06 -21.56 -18.05
N ASP G 686 33.07 -22.72 -18.70
CA ASP G 686 34.26 -23.55 -18.74
C ASP G 686 35.20 -23.18 -19.88
N ASN G 687 34.70 -22.52 -20.92
CA ASN G 687 35.55 -22.12 -22.02
C ASN G 687 34.88 -21.00 -22.80
N GLU G 688 35.70 -20.25 -23.52
CA GLU G 688 35.29 -19.05 -24.23
C GLU G 688 35.78 -19.13 -25.67
N ILE G 689 34.94 -18.68 -26.59
CA ILE G 689 35.22 -18.66 -28.02
C ILE G 689 34.99 -17.25 -28.52
N ALA G 690 35.86 -16.79 -29.41
CA ALA G 690 35.81 -15.43 -29.95
C ALA G 690 35.49 -15.47 -31.44
N VAL G 691 34.62 -14.57 -31.86
CA VAL G 691 34.21 -14.49 -33.26
C VAL G 691 34.57 -13.12 -33.81
N PRO G 692 35.51 -13.01 -34.76
CA PRO G 692 35.92 -11.70 -35.26
C PRO G 692 35.16 -11.28 -36.51
N ASN G 693 35.37 -10.03 -36.90
CA ASN G 693 34.78 -9.46 -38.10
C ASN G 693 35.63 -9.84 -39.33
N MET G 694 35.31 -9.24 -40.47
CA MET G 694 36.10 -9.39 -41.69
C MET G 694 37.02 -8.19 -41.83
N THR G 695 38.27 -8.45 -42.25
CA THR G 695 39.24 -7.38 -42.37
C THR G 695 40.16 -7.50 -43.59
N ASN G 696 39.90 -8.44 -44.50
CA ASN G 696 40.70 -8.60 -45.70
C ASN G 696 39.77 -8.65 -46.91
N LEU G 697 40.24 -8.11 -48.05
CA LEU G 697 39.45 -8.09 -49.27
C LEU G 697 39.24 -9.47 -49.88
N ASP G 698 40.16 -10.40 -49.60
CA ASP G 698 40.02 -11.77 -50.09
C ASP G 698 38.76 -12.44 -49.55
N GLU G 699 38.44 -12.16 -48.28
CA GLU G 699 37.23 -12.71 -47.70
C GLU G 699 36.01 -12.20 -48.44
N LEU G 700 36.03 -10.91 -48.79
CA LEU G 700 34.91 -10.34 -49.54
C LEU G 700 34.77 -11.05 -50.87
N ASN G 701 35.90 -11.36 -51.52
CA ASN G 701 35.82 -12.03 -52.81
C ASN G 701 35.17 -13.40 -52.64
N ASN G 702 35.54 -14.12 -51.58
CA ASN G 702 34.92 -15.42 -51.34
C ASN G 702 33.41 -15.30 -51.16
N VAL G 703 32.96 -14.32 -50.37
CA VAL G 703 31.53 -14.19 -50.13
C VAL G 703 30.79 -13.90 -51.44
N MET G 704 31.36 -13.02 -52.27
CA MET G 704 30.72 -12.72 -53.55
C MET G 704 30.65 -13.98 -54.40
N ILE G 705 31.73 -14.76 -54.45
CA ILE G 705 31.68 -15.97 -55.25
C ILE G 705 30.57 -16.87 -54.74
N GLU G 706 30.43 -16.95 -53.42
CA GLU G 706 29.53 -17.95 -52.84
C GLU G 706 28.07 -17.60 -53.07
N SER G 707 27.72 -16.33 -53.28
CA SER G 707 26.32 -15.95 -53.34
C SER G 707 25.83 -15.64 -54.77
N ASN G 708 26.67 -15.85 -55.78
CA ASN G 708 26.29 -15.67 -57.19
C ASN G 708 25.94 -14.22 -57.49
N PHE G 709 26.89 -13.33 -57.17
CA PHE G 709 26.64 -11.90 -57.35
C PHE G 709 26.56 -11.54 -58.83
N LEU G 710 27.67 -11.72 -59.54
CA LEU G 710 27.71 -11.52 -60.99
C LEU G 710 29.06 -12.00 -61.52
N ASP G 711 29.17 -12.01 -62.84
CA ASP G 711 30.29 -12.62 -63.55
C ASP G 711 31.62 -12.05 -63.08
N ASP G 712 32.70 -12.74 -63.45
CA ASP G 712 34.02 -12.43 -62.91
C ASP G 712 34.45 -11.00 -63.28
N ALA G 713 34.16 -10.58 -64.51
CA ALA G 713 34.63 -9.28 -64.98
C ALA G 713 34.25 -8.14 -64.04
N GLY G 714 33.08 -8.21 -63.40
CA GLY G 714 32.63 -7.16 -62.51
C GLY G 714 33.22 -7.31 -61.12
N ARG G 715 33.23 -8.56 -60.65
CA ARG G 715 33.77 -8.82 -59.32
C ARG G 715 35.22 -8.37 -59.24
N VAL G 716 35.94 -8.37 -60.37
CA VAL G 716 37.31 -7.85 -60.34
C VAL G 716 37.28 -6.34 -60.10
N LYS G 717 36.28 -5.66 -60.68
CA LYS G 717 36.21 -4.20 -60.60
C LYS G 717 35.90 -3.74 -59.18
N VAL G 718 35.05 -4.49 -58.47
CA VAL G 718 34.73 -4.11 -57.10
C VAL G 718 35.99 -4.09 -56.25
N ILE G 719 36.78 -5.17 -56.35
CA ILE G 719 38.00 -5.28 -55.57
C ILE G 719 38.99 -4.19 -55.97
N ASN G 720 39.12 -3.94 -57.28
CA ASN G 720 40.06 -2.93 -57.74
C ASN G 720 39.70 -1.54 -57.19
N GLU G 721 38.41 -1.21 -57.18
CA GLU G 721 38.01 0.12 -56.72
C GLU G 721 38.24 0.26 -55.22
N LEU G 722 37.83 -0.76 -54.45
CA LEU G 722 38.09 -0.72 -53.02
C LEU G 722 39.57 -0.75 -52.68
N SER G 723 40.43 -1.22 -53.59
CA SER G 723 41.85 -1.35 -53.26
C SER G 723 42.45 -0.02 -52.82
N ARG G 724 42.01 1.10 -53.40
CA ARG G 724 42.48 2.41 -53.00
C ARG G 724 41.36 3.32 -52.53
N SER G 725 40.11 2.85 -52.47
CA SER G 725 39.09 3.63 -51.78
C SER G 725 39.29 3.59 -50.27
N CYS G 726 39.32 2.39 -49.70
CA CYS G 726 39.47 2.22 -48.25
C CYS G 726 39.95 0.79 -47.98
N PRO G 727 41.26 0.54 -47.95
CA PRO G 727 41.75 -0.84 -47.85
C PRO G 727 41.68 -1.46 -46.47
N ASN G 728 41.27 -0.71 -45.45
CA ASN G 728 41.38 -1.15 -44.06
C ASN G 728 40.01 -1.33 -43.43
N PHE G 729 39.08 -1.96 -44.14
CA PHE G 729 37.70 -1.88 -43.70
C PHE G 729 37.44 -2.88 -42.58
N ASN G 730 36.27 -2.79 -41.98
CA ASN G 730 35.98 -3.55 -40.77
C ASN G 730 34.45 -3.66 -40.66
N VAL G 731 33.91 -4.79 -41.12
CA VAL G 731 32.47 -4.99 -41.17
C VAL G 731 32.15 -6.44 -40.84
N GLY G 732 30.94 -6.65 -40.33
CA GLY G 732 30.46 -7.97 -40.01
C GLY G 732 29.89 -8.64 -41.24
N ILE G 733 29.36 -9.85 -41.03
CA ILE G 733 28.84 -10.64 -42.15
C ILE G 733 27.40 -10.27 -42.46
N LYS G 734 26.58 -10.00 -41.44
CA LYS G 734 25.19 -9.66 -41.65
C LYS G 734 25.05 -8.44 -42.57
N LYS G 735 25.84 -7.41 -42.29
CA LYS G 735 25.77 -6.19 -43.10
C LYS G 735 26.25 -6.47 -44.50
N THR G 736 27.34 -7.25 -44.62
CA THR G 736 27.89 -7.52 -45.93
C THR G 736 26.85 -8.25 -46.77
N LEU G 737 26.12 -9.19 -46.15
CA LEU G 737 25.15 -9.99 -46.90
C LEU G 737 23.82 -9.27 -47.01
N THR G 738 23.72 -8.06 -46.46
CA THR G 738 22.53 -7.25 -46.63
C THR G 738 22.76 -6.08 -47.58
N ASN G 739 24.02 -5.86 -47.99
CA ASN G 739 24.30 -4.85 -49.02
C ASN G 739 24.36 -5.42 -50.44
N ILE G 740 24.77 -6.68 -50.59
CA ILE G 740 24.72 -7.37 -51.89
C ILE G 740 23.28 -7.54 -52.36
N GLU G 741 22.38 -7.85 -51.43
CA GLU G 741 20.98 -8.05 -51.80
C GLU G 741 20.40 -6.77 -52.40
N THR G 742 20.75 -5.62 -51.84
CA THR G 742 20.15 -4.38 -52.31
C THR G 742 20.86 -3.93 -53.58
N ALA G 743 22.16 -4.21 -53.68
CA ALA G 743 22.90 -3.83 -54.88
C ALA G 743 22.34 -4.55 -56.10
N ARG G 744 21.98 -5.83 -55.96
CA ARG G 744 21.54 -6.60 -57.12
C ARG G 744 20.32 -5.97 -57.80
N HIS G 745 19.45 -5.31 -57.05
CA HIS G 745 18.21 -4.78 -57.61
C HIS G 745 18.31 -3.33 -58.04
N ASP G 746 19.51 -2.77 -58.10
CA ASP G 746 19.72 -1.41 -58.54
C ASP G 746 20.12 -1.40 -60.03
N GLU G 747 20.28 -0.21 -60.58
CA GLU G 747 20.61 -0.07 -61.99
C GLU G 747 22.11 -0.05 -62.25
N ASP G 748 22.92 0.33 -61.25
CA ASP G 748 24.38 0.37 -61.35
C ASP G 748 24.98 -0.47 -60.23
N PRO G 749 24.92 -1.81 -60.34
CA PRO G 749 25.40 -2.65 -59.23
C PRO G 749 26.79 -2.32 -58.73
N VAL G 750 27.74 -2.13 -59.66
CA VAL G 750 29.14 -1.96 -59.31
C VAL G 750 29.34 -0.67 -58.53
N ASN G 751 28.70 0.42 -58.96
CA ASN G 751 28.90 1.69 -58.29
C ASN G 751 28.13 1.79 -56.98
N GLU G 752 27.14 0.93 -56.77
CA GLU G 752 26.29 0.98 -55.58
C GLU G 752 26.91 0.21 -54.41
N LEU G 753 27.49 -0.97 -54.70
CA LEU G 753 28.06 -1.75 -53.60
C LEU G 753 29.29 -1.08 -53.02
N VAL G 754 30.07 -0.40 -53.84
CA VAL G 754 31.32 0.17 -53.35
C VAL G 754 30.99 1.32 -52.41
N GLU G 755 30.00 2.13 -52.76
CA GLU G 755 29.62 3.24 -51.90
C GLU G 755 29.09 2.72 -50.58
N LEU G 756 28.20 1.72 -50.63
CA LEU G 756 27.67 1.19 -49.38
C LEU G 756 28.79 0.64 -48.49
N MET G 757 29.84 0.07 -49.11
CA MET G 757 30.93 -0.46 -48.30
C MET G 757 31.77 0.66 -47.73
N THR G 758 31.97 1.75 -48.49
CA THR G 758 32.69 2.89 -47.93
C THR G 758 31.95 3.42 -46.71
N GLN G 759 30.63 3.55 -46.82
CA GLN G 759 29.85 4.09 -45.71
C GLN G 759 29.95 3.21 -44.48
N SER G 760 29.81 1.89 -44.64
CA SER G 760 29.82 1.03 -43.44
C SER G 760 31.16 1.10 -42.70
N ALA G 761 32.28 1.06 -43.42
CA ALA G 761 33.59 1.06 -42.78
C ALA G 761 33.83 2.33 -41.96
MG MG H . 32.70 -24.25 -4.50
PB ADP I . 5.04 -39.54 19.38
O1B ADP I . 4.43 -39.52 18.00
O2B ADP I . 6.54 -39.43 19.42
O3B ADP I . 4.33 -38.63 20.36
PA ADP I . 4.01 -42.20 19.17
O1A ADP I . 3.06 -42.86 20.14
O2A ADP I . 3.50 -41.73 17.84
O3A ADP I . 4.75 -41.01 19.98
O5' ADP I . 5.22 -43.23 18.89
C5' ADP I . 5.27 -44.53 19.44
C4' ADP I . 5.42 -45.59 18.35
O4' ADP I . 6.81 -45.92 18.21
C3' ADP I . 4.75 -46.91 18.65
O3' ADP I . 4.50 -47.67 17.47
C2' ADP I . 5.78 -47.62 19.50
O2' ADP I . 5.70 -49.04 19.33
C1' ADP I . 7.11 -47.07 19.02
N9 ADP I . 7.99 -46.67 20.14
C8 ADP I . 8.47 -45.42 20.34
N7 ADP I . 9.24 -45.38 21.44
C5 ADP I . 9.27 -46.62 21.95
C6 ADP I . 9.91 -47.25 23.11
N6 ADP I . 10.69 -46.53 23.94
N1 ADP I . 9.70 -48.56 23.31
C2 ADP I . 8.92 -49.29 22.48
N3 ADP I . 8.30 -48.78 21.40
C4 ADP I . 8.45 -47.47 21.09
H5'1 ADP I . 4.36 -44.74 19.99
H5'2 ADP I . 6.07 -44.60 20.16
H4' ADP I . 5.02 -45.19 17.40
H3' ADP I . 3.83 -46.77 19.23
HO3' ADP I . 4.07 -48.50 17.71
H2' ADP I . 5.62 -47.37 20.57
HO2' ADP I . 4.82 -49.35 19.61
H1' ADP I . 7.62 -47.84 18.41
H8 ADP I . 8.27 -44.55 19.72
HN61 ADP I . 10.85 -45.53 23.79
HN62 ADP I . 11.10 -47.00 24.73
H2 ADP I . 8.78 -50.34 22.68
PG ATP J . 34.30 -22.80 -7.41
O1G ATP J . 32.86 -23.17 -7.57
O2G ATP J . 34.82 -22.11 -8.58
O3G ATP J . 34.53 -22.05 -6.11
PB ATP J . 35.84 -25.04 -6.15
O1B ATP J . 37.11 -24.41 -5.64
O2B ATP J . 34.74 -25.40 -5.16
O3B ATP J . 35.18 -24.13 -7.26
PA ATP J . 35.74 -27.85 -7.10
O1A ATP J . 34.70 -27.85 -8.15
O2A ATP J . 35.29 -28.36 -5.73
O3A ATP J . 36.24 -26.35 -6.98
O5' ATP J . 36.99 -28.72 -7.46
C5' ATP J . 37.51 -28.83 -8.79
C4' ATP J . 37.62 -30.27 -9.17
O4' ATP J . 38.94 -30.74 -8.83
C3' ATP J . 36.66 -31.24 -8.48
O3' ATP J . 35.87 -31.92 -9.45
C2' ATP J . 37.55 -32.27 -7.78
O2' ATP J . 37.07 -33.60 -7.90
C1' ATP J . 38.84 -32.13 -8.58
N9 ATP J . 40.05 -32.56 -7.90
C8 ATP J . 40.90 -33.57 -8.27
N7 ATP J . 41.93 -33.73 -7.46
C5 ATP J . 41.77 -32.73 -6.53
C6 ATP J . 42.53 -32.34 -5.41
N6 ATP J . 43.65 -32.95 -5.02
N1 ATP J . 42.09 -31.30 -4.68
C2 ATP J . 40.98 -30.68 -5.05
N3 ATP J . 40.17 -30.95 -6.08
C4 ATP J . 40.62 -32.00 -6.77
H5'1 ATP J . 38.40 -28.43 -8.84
H5'2 ATP J . 36.92 -28.38 -9.42
H4' ATP J . 37.49 -30.35 -10.13
H3' ATP J . 36.08 -30.80 -7.84
HO3' ATP J . 35.32 -32.44 -9.07
H2' ATP J . 37.68 -32.04 -6.84
HO2' ATP J . 37.04 -33.77 -8.72
H1' ATP J . 38.75 -32.62 -9.42
H8 ATP J . 40.74 -34.12 -8.99
HN61 ATP J . 43.64 -33.79 -4.83
HN62 ATP J . 44.39 -32.51 -4.96
H2 ATP J . 40.72 -29.97 -4.52
MG MG K . 31.30 -10.93 24.15
PB ADP L . -3.76 -13.25 42.74
O1B ADP L . -4.24 -14.28 41.75
O2B ADP L . -2.32 -12.84 42.60
O3B ADP L . -4.71 -12.10 42.92
PA ADP L . -4.47 -15.44 44.45
O1A ADP L . -5.42 -15.27 45.61
O2A ADP L . -4.95 -16.05 43.16
O3A ADP L . -3.79 -14.00 44.17
O5' ADP L . -3.24 -16.34 44.98
C5' ADP L . -3.24 -17.75 44.80
C4' ADP L . -3.06 -18.42 46.15
O4' ADP L . -1.82 -17.98 46.73
C3' ADP L . -4.10 -18.13 47.19
O3' ADP L . -5.23 -19.00 47.07
C2' ADP L . -3.37 -18.36 48.49
O2' ADP L . -3.52 -19.71 48.93
C1' ADP L . -1.91 -18.03 48.16
N9 ADP L . -1.52 -16.73 48.72
C8 ADP L . -1.18 -15.65 47.98
N7 ADP L . -0.87 -14.60 48.78
C5 ADP L . -1.02 -15.00 50.06
C6 ADP L . -0.85 -14.38 51.38
N6 ADP L . -0.45 -13.09 51.51
N1 ADP L . -1.10 -15.13 52.47
C2 ADP L . -1.49 -16.41 52.37
N3 ADP L . -1.66 -17.04 51.19
C4 ADP L . -1.44 -16.40 50.01
H5'1 ADP L . -2.41 -18.02 44.14
H5'2 ADP L . -4.17 -18.08 44.33
H4' ADP L . -3.02 -19.51 45.99
H3' ADP L . -4.42 -17.08 47.13
HO3' ADP L . -5.89 -18.78 47.75
H2' ADP L . -3.74 -17.67 49.26
HO2' ADP L . -4.45 -19.88 49.12
H1' ADP L . -1.27 -18.83 48.54
H8 ADP L . -1.16 -15.63 46.90
HN61 ADP L . -0.28 -12.54 50.69
HN62 ADP L . -0.35 -12.68 52.41
H2 ADP L . -1.68 -16.97 53.27
PG ATP M . 34.12 -11.68 21.53
O1G ATP M . 34.45 -12.61 20.43
O2G ATP M . 34.84 -10.35 21.42
O3G ATP M . 32.62 -11.53 21.70
PB ATP M . 35.14 -11.83 24.32
O1B ATP M . 36.24 -10.88 24.07
O2B ATP M . 33.93 -11.39 25.15
O3B ATP M . 34.62 -12.29 22.92
PA ATP M . 35.18 -14.33 25.91
O1A ATP M . 34.50 -15.34 25.09
O2A ATP M . 34.32 -13.69 27.00
O3A ATP M . 35.71 -13.20 24.94
O5' ATP M . 36.50 -14.88 26.58
C5' ATP M . 37.34 -15.84 25.92
C4' ATP M . 37.53 -17.06 26.79
O4' ATP M . 38.65 -16.84 27.67
C3' ATP M . 36.35 -17.43 27.70
O3' ATP M . 36.00 -18.81 27.60
C2' ATP M . 36.90 -17.21 29.12
O2' ATP M . 36.33 -18.11 30.06
C1' ATP M . 38.37 -17.51 28.88
N9 ATP M . 39.28 -17.00 29.91
C8 ATP M . 40.21 -17.72 30.59
N7 ATP M . 40.89 -17.01 31.47
C5 ATP M . 40.37 -15.73 31.33
C6 ATP M . 40.67 -14.51 31.98
N6 ATP M . 41.61 -14.38 32.92
N1 ATP M . 39.97 -13.42 31.61
C2 ATP M . 39.03 -13.55 30.67
N3 ATP M . 38.66 -14.64 29.99
C4 ATP M . 39.37 -15.71 30.38
H5'1 ATP M . 38.21 -15.43 25.75
H5'2 ATP M . 36.95 -16.11 25.07
H4' ATP M . 37.71 -17.82 26.22
H3' ATP M . 35.57 -16.88 27.54
HO3' ATP M . 36.70 -19.24 27.81
H2' ATP M . 36.77 -16.29 29.42
HO2' ATP M . 36.58 -18.89 29.83
H1' ATP M . 38.50 -18.46 28.79
H8 ATP M . 40.34 -18.62 30.46
HN61 ATP M . 41.47 -14.70 33.71
HN62 ATP M . 42.34 -13.97 32.75
H2 ATP M . 38.57 -12.76 30.45
MG MG N . 19.07 16.99 32.24
PB ADP O . -20.46 18.02 35.71
O1B ADP O . -20.32 16.52 35.81
O2B ADP O . -19.21 18.75 35.32
O3B ADP O . -21.69 18.47 34.96
PA ADP O . -21.76 17.72 38.20
O1A ADP O . -23.05 18.52 38.20
O2A ADP O . -21.79 16.26 37.85
O3A ADP O . -20.73 18.49 37.23
O5' ADP O . -21.10 17.90 39.65
C5' ADP O . -21.06 16.84 40.59
C4' ADP O . -21.53 17.30 41.96
O4' ADP O . -20.57 18.21 42.52
C3' ADP O . -22.84 18.06 42.00
O3' ADP O . -23.96 17.17 42.05
C2' ADP O . -22.70 18.88 43.27
O2' ADP O . -23.10 18.11 44.41
C1' ADP O . -21.21 19.19 43.32
N9 ADP O . -20.92 20.52 42.75
C8 ADP O . -20.14 20.72 41.67
N7 ADP O . -20.06 22.03 41.37
C5 ADP O . -20.78 22.70 42.27
C6 ADP O . -21.11 24.12 42.52
N6 ADP O . -20.62 25.08 41.71
N1 ADP O . -21.91 24.41 43.57
C2 ADP O . -22.41 23.45 44.37
N3 ADP O . -22.14 22.14 44.20
C4 ADP O . -21.36 21.71 43.18
H5'1 ADP O . -20.03 16.47 40.68
H5'2 ADP O . -21.68 16.01 40.26
H4' ADP O . -21.63 16.43 42.62
H3' ADP O . -22.91 18.74 41.13
HO3' ADP O . -24.78 17.67 42.09
H2' ADP O . -23.29 19.81 43.19
HO2' ADP O . -24.05 17.93 44.37
H1' ADP O . -20.87 19.14 44.36
H8 ADP O . -19.65 19.93 41.11
HN61 ADP O . -20.02 24.84 40.94
HN62 ADP O . -20.85 26.04 41.89
H2 ADP O . -23.04 23.74 45.20
PG ATP P . 22.57 15.45 31.65
O1G ATP P . 23.75 14.57 31.44
O2G ATP P . 22.50 16.57 30.64
O3G ATP P . 21.28 14.65 31.72
PB ATP P . 22.53 17.61 33.72
O1B ATP P . 23.59 18.47 33.18
O2B ATP P . 21.06 18.05 33.58
O3B ATP P . 22.67 16.18 33.08
PA ATP P . 21.92 16.86 36.51
O1A ATP P . 21.05 15.78 36.05
O2A ATP P . 21.22 18.11 37.05
O3A ATP P . 22.80 17.29 35.26
O5' ATP P . 22.98 16.34 37.57
C5' ATP P . 23.56 17.23 38.53
C4' ATP P . 23.56 16.58 39.90
O4' ATP P . 24.37 17.37 40.80
C3' ATP P . 22.18 16.48 40.57
O3' ATP P . 22.09 15.27 41.33
C2' ATP P . 22.16 17.70 41.49
O2' ATP P . 21.28 17.51 42.60
C1' ATP P . 23.62 17.71 41.95
N9 ATP P . 24.07 19.01 42.43
C8 ATP P . 24.75 19.26 43.59
N7 ATP P . 25.05 20.52 43.79
C5 ATP P . 24.55 21.15 42.66
C6 ATP P . 24.56 22.50 42.25
N6 ATP P . 25.09 23.49 42.96
N1 ATP P . 23.99 22.78 41.06
C2 ATP P . 23.46 21.80 40.35
N3 ATP P . 23.39 20.49 40.62
C4 ATP P . 23.96 20.23 41.80
H5'1 ATP P . 23.05 18.05 38.57
H5'2 ATP P . 24.47 17.43 38.26
H4' ATP P . 23.93 15.69 39.82
H3' ATP P . 21.45 16.51 39.94
HO3' ATP P . 21.32 15.24 41.68
H2' ATP P . 21.91 18.51 41.03
HO2' ATP P . 21.28 18.25 43.03
H1' ATP P . 23.74 17.06 42.65
H8 ATP P . 24.96 18.58 44.21
HN61 ATP P . 25.95 23.56 43.02
HN62 ATP P . 24.57 24.06 43.35
H2 ATP P . 23.07 22.05 39.53
MG MG Q . 5.62 38.54 13.38
PB ADP R . -32.51 30.74 3.69
O1B ADP R . -32.52 29.54 4.63
O2B ADP R . -31.38 31.71 3.91
O3B ADP R . -32.75 30.36 2.25
PA ADP R . -34.75 31.32 5.37
O1A ADP R . -36.18 31.28 4.89
O2A ADP R . -34.24 30.19 6.21
O3A ADP R . -33.82 31.60 4.08
O5' ADP R . -34.58 32.68 6.22
C5' ADP R . -34.73 32.71 7.64
C4' ADP R . -35.67 33.84 7.99
O4' ADP R . -35.02 35.09 7.74
C3' ADP R . -36.98 33.91 7.22
O3' ADP R . -37.99 33.09 7.81
C2' ADP R . -37.34 35.38 7.29
O2' ADP R . -38.25 35.64 8.37
C1' ADP R . -36.01 36.10 7.50
N9 ADP R . -35.69 36.87 6.29
C8 ADP R . -34.72 36.54 5.42
N7 ADP R . -34.66 37.43 4.41
C5 ADP R . -35.61 38.35 4.64
C6 ADP R . -36.09 39.56 3.96
N6 ADP R . -35.52 39.97 2.81
N1 ADP R . -37.10 40.25 4.51
C2 ADP R . -37.69 39.86 5.66
N3 ADP R . -37.31 38.76 6.34
C4 ADP R . -36.30 37.99 5.88
H5'1 ADP R . -33.76 32.88 8.10
H5'2 ADP R . -35.13 31.75 7.99
H4' ADP R . -35.92 33.77 9.06
H3' ADP R . -36.81 33.63 6.18
HO3' ADP R . -38.78 33.12 7.25
H2' ADP R . -37.78 35.70 6.34
HO2' ADP R . -39.10 35.23 8.17
H1' ADP R . -36.10 36.76 8.37
H8 ADP R . -34.07 35.67 5.52
HN61 ADP R . -34.76 39.46 2.39
HN62 ADP R . -35.85 40.80 2.36
H2 ADP R . -38.50 40.45 6.05
PG ATP S . 8.85 38.10 15.33
O1G ATP S . 9.59 37.47 16.46
O2G ATP S . 9.73 38.24 14.11
O3G ATP S . 7.52 37.37 15.02
PB ATP S . 7.70 40.86 15.09
O1B ATP S . 8.63 41.62 14.23
O2B ATP S . 6.37 40.38 14.47
O3B ATP S . 8.41 39.61 15.71
PA ATP S . 6.07 41.99 17.26
O1A ATP S . 5.45 40.67 17.50
O2A ATP S . 5.22 43.01 16.51
O3A ATP S . 7.36 41.72 16.39
O5' ATP S . 6.59 42.63 18.62
C5' ATP S . 6.72 44.07 18.76
C4' ATP S . 6.19 44.48 20.13
O4' ATP S . 6.60 45.85 20.39
C3' ATP S . 4.67 44.47 20.26
O3' ATP S . 4.25 44.07 21.56
C2' ATP S . 4.28 45.94 20.05
O2' ATP S . 3.08 46.26 20.75
C1' ATP S . 5.47 46.65 20.67
N9 ATP S . 5.72 47.97 20.10
C8 ATP S . 5.72 49.16 20.76
N7 ATP S . 5.97 50.20 20.01
C5 ATP S . 6.15 49.65 18.75
C6 ATP S . 6.47 50.23 17.50
N6 ATP S . 6.63 51.54 17.30
N1 ATP S . 6.59 49.40 16.44
C2 ATP S . 6.42 48.08 16.63
N3 ATP S . 6.14 47.43 17.77
C4 ATP S . 6.01 48.27 18.79
H5'1 ATP S . 6.21 44.50 18.06
H5'2 ATP S . 7.66 44.31 18.68
H4' ATP S . 6.55 43.89 20.81
H3' ATP S . 4.22 43.92 19.60
HO3' ATP S . 4.59 44.63 22.11
H2' ATP S . 4.18 46.17 19.11
HO2' ATP S . 3.24 46.14 21.57
H1' ATP S . 5.34 46.73 21.62
H8 ATP S . 5.53 49.23 21.68
HN61 ATP S . 5.98 52.08 17.46
HN62 ATP S . 7.37 51.84 17.00
H2 ATP S . 6.52 47.56 15.88
MG MG T . 0.38 36.82 -17.58
PB ADP U . -30.52 14.66 -29.04
O1B ADP U . -31.00 14.25 -27.67
O2B ADP U . -29.29 15.52 -29.07
O3B ADP U . -30.47 13.50 -29.99
PA ADP U . -32.97 15.85 -28.70
O1A ADP U . -33.88 14.65 -28.78
O2A ADP U . -32.51 16.36 -27.36
O3A ADP U . -31.69 15.57 -29.63
O5' ADP U . -33.71 17.10 -29.39
C5' ADP U . -35.10 17.29 -29.13
C4' ADP U . -35.53 18.71 -29.45
O4' ADP U . -34.50 19.35 -30.21
C3' ADP U . -36.80 18.79 -30.27
O3' ADP U . -37.81 19.50 -29.53
C2' ADP U . -36.44 19.50 -31.56
O2' ADP U . -37.36 20.51 -31.96
C1' ADP U . -35.04 20.07 -31.30
N9 ADP U . -34.18 19.85 -32.48
C8 ADP U . -32.92 19.37 -32.46
N7 ADP U . -32.42 19.27 -33.71
C5 ADP U . -33.37 19.68 -34.56
C6 ADP U . -33.50 19.84 -36.03
N6 ADP U . -32.47 19.51 -36.85
N1 ADP U . -34.66 20.31 -36.51
C2 ADP U . -35.70 20.64 -35.71
N3 ADP U . -35.65 20.52 -34.37
C4 ADP U . -34.53 20.05 -33.75
H5'1 ADP U . -35.30 17.08 -28.07
H5'2 ADP U . -35.67 16.57 -29.72
H4' ADP U . -35.69 19.26 -28.51
H3' ADP U . -37.17 17.78 -30.51
HO3' ADP U . -38.65 19.44 -29.99
H2' ADP U . -36.36 18.74 -32.35
HO2' ADP U . -38.19 20.10 -32.23
H1' ADP U . -35.12 21.14 -31.08
H8 ADP U . -32.39 19.10 -31.55
HN61 ADP U . -31.61 19.16 -36.45
HN62 ADP U . -32.56 19.62 -37.84
H2 ADP U . -36.60 21.01 -36.16
PG ATP V . 2.81 38.87 -15.32
O1G ATP V . 1.91 37.71 -15.11
O2G ATP V . 3.22 39.52 -14.05
O3G ATP V . 3.96 38.50 -16.22
PB ATP V . 1.52 40.42 -17.58
O1B ATP V . 2.69 40.50 -18.50
O2B ATP V . 0.36 39.46 -17.91
O3B ATP V . 2.03 40.04 -16.11
PA ATP V . -0.56 42.52 -17.54
O1A ATP V . -1.49 41.55 -16.93
O2A ATP V . -0.75 42.71 -19.04
O3A ATP V . 0.89 41.86 -17.35
O5' ATP V . -0.56 43.93 -16.84
C5' ATP V . -0.29 45.13 -17.59
C4' ATP V . -1.42 46.10 -17.40
O4' ATP V . -1.15 47.29 -18.17
C3' ATP V . -2.79 45.59 -17.89
O3' ATP V . -3.82 45.93 -16.97
C2' ATP V . -3.00 46.32 -19.23
O2' ATP V . -4.38 46.60 -19.48
C1' ATP V . -2.25 47.62 -18.98
N9 ATP V . -1.75 48.23 -20.21
C8 ATP V . -1.98 49.51 -20.65
N7 ATP V . -1.43 49.77 -21.81
C5 ATP V . -0.76 48.60 -22.14
C6 ATP V . 0.03 48.23 -23.25
N6 ATP V . 0.30 49.05 -24.27
N1 ATP V . 0.53 46.99 -23.26
C2 ATP V . 0.27 46.16 -22.25
N3 ATP V . -0.47 46.40 -21.16
C4 ATP V . -0.97 47.63 -21.17
H5'1 ATP V . -0.18 44.92 -18.53
H5'2 ATP V . 0.54 45.51 -17.26
H4' ATP V . -1.51 46.31 -16.46
H3' ATP V . -2.81 44.63 -18.03
HO3' ATP V . -4.56 45.64 -17.26
H2' ATP V . -2.63 45.82 -19.96
HO2' ATP V . -4.80 45.86 -19.53
H1' ATP V . -2.82 48.25 -18.52
H8 ATP V . -2.52 50.11 -20.19
HN61 ATP V . -0.34 49.44 -24.69
HN62 ATP V . 1.11 49.18 -24.52
H2 ATP V . 0.64 45.32 -22.30
MG MG W . 7.51 14.39 -37.88
PB ADP X . -16.37 -17.21 -37.58
O1B ADP X . -17.41 -17.30 -36.50
O2B ADP X . -15.81 -15.83 -37.71
O3B ADP X . -15.30 -18.29 -37.56
PA ADP X . -18.75 -17.23 -38.94
O1A ADP X . -19.41 -18.59 -38.82
O2A ADP X . -19.10 -16.16 -37.94
O3A ADP X . -17.16 -17.42 -38.95
O5' ADP X . -19.03 -16.73 -40.44
C5' ADP X . -20.30 -17.06 -40.99
C4' ADP X . -20.65 -16.24 -42.23
O4' ADP X . -19.48 -15.94 -42.98
C3' ADP X . -21.60 -17.00 -43.14
O3' ADP X . -22.80 -16.24 -43.29
C2' ADP X . -20.87 -17.16 -44.46
O2' ADP X . -21.67 -16.97 -45.62
C1' ADP X . -19.67 -16.21 -44.36
N9 ADP X . -18.43 -16.87 -44.82
C8 ADP X . -17.22 -16.76 -44.25
N7 ADP X . -16.30 -17.52 -44.91
C5 ADP X . -16.94 -18.13 -45.92
C6 ADP X . -16.58 -19.07 -47.00
N6 ADP X . -15.30 -19.50 -47.13
N1 ADP X . -17.55 -19.47 -47.85
C2 ADP X . -18.82 -19.04 -47.74
N3 ADP X . -19.22 -18.18 -46.77
C4 ADP X . -18.35 -17.72 -45.85
H5'1 ADP X . -21.07 -16.89 -40.23
H5'2 ADP X . -20.32 -18.12 -41.24
H4' ADP X . -21.13 -15.30 -41.91
H3' ADP X . -21.83 -17.99 -42.71
HO3' ADP X . -23.45 -16.74 -43.79
H2' ADP X . -20.49 -18.18 -44.46
HO2' ADP X . -22.31 -17.69 -45.69
H1' ADP X . -19.87 -15.29 -44.94
H8 ADP X . -17.00 -16.15 -43.39
HN61 ADP X . -14.59 -19.20 -46.49
HN62 ADP X . -15.06 -20.15 -47.87
H2 ADP X . -19.55 -19.39 -48.44
PG ATP Y . 9.10 17.87 -36.91
O1G ATP Y . 9.42 16.52 -36.39
O2G ATP Y . 7.69 18.29 -36.53
O3G ATP Y . 10.14 18.84 -36.52
PB ATP Y . 9.27 16.88 -39.75
O1B ATP Y . 10.72 16.65 -40.07
O2B ATP Y . 8.41 15.64 -39.47
O3B ATP Y . 9.12 17.87 -38.54
PA ATP Y . 7.24 17.60 -41.74
O1A ATP Y . 6.24 18.37 -40.96
O2A ATP Y . 6.88 16.14 -41.98
O3A ATP Y . 8.59 17.67 -40.94
O5' ATP Y . 7.52 18.24 -43.16
C5' ATP Y . 7.60 19.67 -43.36
C4' ATP Y . 6.52 20.11 -44.33
O4' ATP Y . 7.13 20.44 -45.60
C3' ATP Y . 5.41 19.10 -44.64
O3' ATP Y . 4.14 19.73 -44.56
C2' ATP Y . 5.66 18.69 -46.09
O2' ATP Y . 4.44 18.44 -46.78
C1' ATP Y . 6.32 19.95 -46.65
N9 ATP Y . 7.19 19.70 -47.80
C8 ATP Y . 7.13 20.29 -49.03
N7 ATP Y . 8.01 19.86 -49.88
C5 ATP Y . 8.75 18.94 -49.15
C6 ATP Y . 9.85 18.13 -49.49
N6 ATP Y . 10.45 18.13 -50.68
N1 ATP Y . 10.34 17.32 -48.52
C2 ATP Y . 9.77 17.32 -47.32
N3 ATP Y . 8.72 18.04 -46.90
C4 ATP Y . 8.24 18.81 -47.87
H5'1 ATP Y . 8.47 19.89 -43.73
H5'2 ATP Y . 7.47 20.13 -42.53
H4' ATP Y . 6.10 20.90 -43.96
H3' ATP Y . 5.44 18.33 -44.05
HO3' ATP Y . 4.14 20.36 -45.13
H2' ATP Y . 6.24 17.93 -46.14
HO2' ATP Y . 4.01 19.17 -46.78
H1' ATP Y . 5.65 20.61 -46.89
H8 ATP Y . 6.47 20.91 -49.26
HN61 ATP Y . 10.04 17.76 -51.35
HN62 ATP Y . 11.23 18.46 -50.78
H2 ATP Y . 10.14 16.75 -46.70
MG MG Z . 21.81 -12.90 -31.92
PB ADP AA . -0.53 -41.68 -16.10
O1B ADP AA . -1.80 -40.87 -16.16
O2B ADP AA . 0.74 -40.99 -16.51
O3B ADP AA . -0.39 -42.45 -14.81
PA ADP AA . -2.14 -42.96 -17.96
O1A ADP AA . -3.09 -43.76 -17.09
O2A ADP AA . -2.60 -41.63 -18.47
O3A ADP AA . -0.74 -42.85 -17.19
O5' ADP AA . -1.84 -43.89 -19.24
C5' ADP AA . -2.92 -44.59 -19.83
C4' ADP AA . -2.59 -45.10 -21.23
O4' ADP AA . -1.18 -45.14 -21.43
C3' ADP AA . -3.13 -46.50 -21.47
O3' ADP AA . -4.09 -46.52 -22.52
C2' ADP AA . -1.91 -47.35 -21.79
O2' ADP AA . -2.13 -48.17 -22.94
C1' ADP AA . -0.79 -46.35 -22.06
N9 ADP AA . 0.47 -46.80 -21.42
C8 ADP AA . 1.25 -46.00 -20.65
N7 ADP AA . 2.32 -46.69 -20.21
C5 ADP AA . 2.24 -47.94 -20.68
C6 ADP AA . 3.05 -49.17 -20.58
N6 ADP AA . 4.19 -49.17 -19.86
N1 ADP AA . 2.62 -50.27 -21.23
C2 ADP AA . 1.48 -50.26 -21.95
N3 ADP AA . 0.70 -49.18 -22.07
C4 ADP AA . 1.01 -48.01 -21.48
H5'1 ADP AA . -3.80 -43.93 -19.89
H5'2 ADP AA . -3.18 -45.42 -19.18
H4' ADP AA . -3.05 -44.42 -21.96
H3' ADP AA . -3.58 -46.90 -20.54
HO3' ADP AA . -4.50 -47.39 -22.57
H2' ADP AA . -1.65 -47.96 -20.92
HO2' ADP AA . -2.79 -48.85 -22.71
H1' ADP AA . -0.66 -46.22 -23.13
H8 ADP AA . 1.05 -44.97 -20.43
HN61 ADP AA . 4.50 -48.33 -19.38
HN62 ADP AA . 4.75 -50.01 -19.80
H2 ADP AA . 1.18 -51.18 -22.44
PG ATP BA . 23.25 -9.69 -33.76
O1G ATP BA . 21.91 -9.33 -34.28
O2G ATP BA . 24.17 -8.54 -33.75
O3G ATP BA . 23.16 -10.38 -32.40
PB ATP BA . 24.38 -12.30 -34.73
O1B ATP BA . 25.79 -12.40 -34.29
O2B ATP BA . 23.33 -13.08 -33.94
O3B ATP BA . 23.93 -10.79 -34.73
PA ATP BA . 23.37 -13.66 -37.14
O1A ATP BA . 22.05 -12.98 -37.29
O2A ATP BA . 23.32 -15.04 -36.49
O3A ATP BA . 24.27 -12.70 -36.27
O5' ATP BA . 24.12 -13.87 -38.51
C5' ATP BA . 23.92 -12.99 -39.64
C4' ATP BA . 23.56 -13.80 -40.85
O4' ATP BA . 24.77 -14.24 -41.51
C3' ATP BA . 22.74 -15.08 -40.60
O3' ATP BA . 21.55 -15.06 -41.39
C2' ATP BA . 23.62 -16.21 -41.11
O2' ATP BA . 22.86 -17.25 -41.74
C1' ATP BA . 24.48 -15.46 -42.14
N9 ATP BA . 25.73 -16.11 -42.50
C8 ATP BA . 26.19 -16.41 -43.75
N7 ATP BA . 27.36 -16.99 -43.78
C5 ATP BA . 27.71 -17.06 -42.44
C6 ATP BA . 28.86 -17.56 -41.79
N6 ATP BA . 29.90 -18.12 -42.42
N1 ATP BA . 28.91 -17.47 -40.45
C2 ATP BA . 27.88 -16.92 -39.81
N3 ATP BA . 26.75 -16.42 -40.31
C4 ATP BA . 26.73 -16.52 -41.64
H5'1 ATP BA . 24.73 -12.50 -39.82
H5'2 ATP BA . 23.19 -12.37 -39.47
H4' ATP BA . 23.05 -13.24 -41.45
H3' ATP BA . 22.53 -15.18 -39.67
HO3' ATP BA . 21.10 -15.77 -41.21
H2' ATP BA . 24.17 -16.59 -40.40
HO2' ATP BA . 23.42 -17.82 -42.01
H1' ATP BA . 23.96 -15.32 -42.95
H8 ATP BA . 25.69 -16.24 -44.52
HN61 ATP BA . 30.43 -17.62 -42.88
HN62 ATP BA . 30.02 -18.97 -42.37
H2 ATP BA . 27.96 -16.88 -38.89
#